data_8I07
#
_entry.id   8I07
#
_cell.length_a   189.299
_cell.length_b   189.299
_cell.length_c   246.982
_cell.angle_alpha   90.000
_cell.angle_beta   90.000
_cell.angle_gamma   90.000
#
_symmetry.space_group_name_H-M   'P 41 21 2'
#
loop_
_entity.id
_entity.type
_entity.pdbx_description
1 polymer 'Glyoxylate carboligase'
2 non-polymer 'MAGNESIUM ION'
3 non-polymer 'FLAVIN-ADENINE DINUCLEOTIDE'
4 non-polymer 'THIAMINE DIPHOSPHATE'
5 non-polymer 2-oxidanylethanal
6 non-polymer UBIQUINONE-1
7 water water
#
_entity_poly.entity_id   1
_entity_poly.type   'polypeptide(L)'
_entity_poly.pdbx_seq_one_letter_code
;GMAKMRAVDAAMYVLEKEGITTAFGVPGAAINPFYSAMRKHGGIRHILARHVEGASHMAEGYTRATAGNIGVCLGTSGPA
GTDMITALYSASADSIPILCITGQAPRARLHKEDFQAVDIEAIAKPVSKMAVTVREAALVPRVLQQAFHLMRSGRPGPVL
VDLPFDVQVAEIEFDPDMYEPLPVYKPAASRMQIEKAVEMLIQAERPVIVAGGGVINADAAALLQQFAELTSVPVIPTLM
GWGCIPDDHELMAGMVGLQTAHRYGNATLLASDMVFGIGNRFAQRHTGSVEKYTEGRKIVHIDIEPTQIGRVLCPDLGIV
SDAKAALTLLVEVAQEMQKAGRLPCRKEWVADCQQRKRTLLRKTHFDNVPVKPQRVYEEMNKAFGRDVCYVTTIGLSQIA
AAQMLHVFKDRHWINCGQAGPLGWTIPAALGVCAADPKRNVVAISGDFDFQFLIEELAVGAQFNIPYIHVLVNNAYLGLI
RQSQMAFDMDYCVQLAFENINSSEVNGYGVDHVKVAEGLGCKAIRVFKPEDIAPAFEQAKALMAQYRVPVVVEVILERVT
NISMGSELDNVMEFEDIADNAADAPTETCFMHYE
;
_entity_poly.pdbx_strand_id   A,B,C,D,E,F
#
# COMPACT_ATOMS: atom_id res chain seq x y z
N GLY A 1 -16.28 -16.60 31.87
CA GLY A 1 -14.99 -17.26 31.93
C GLY A 1 -13.86 -16.51 31.20
N MET A 2 -13.24 -17.18 30.23
CA MET A 2 -12.18 -16.57 29.43
C MET A 2 -12.69 -15.33 28.71
N ALA A 3 -11.89 -14.26 28.76
CA ALA A 3 -12.25 -13.05 28.03
C ALA A 3 -11.00 -12.22 27.80
N LYS A 4 -11.02 -11.44 26.71
CA LYS A 4 -9.97 -10.48 26.46
C LYS A 4 -10.17 -9.26 27.35
N MET A 5 -9.09 -8.79 27.96
CA MET A 5 -9.15 -7.65 28.86
C MET A 5 -7.75 -7.05 28.96
N ARG A 6 -7.66 -5.84 29.49
CA ARG A 6 -6.33 -5.29 29.70
C ARG A 6 -5.64 -6.05 30.83
N ALA A 7 -4.31 -6.08 30.80
CA ALA A 7 -3.59 -6.75 31.87
C ALA A 7 -3.92 -6.14 33.24
N VAL A 8 -4.18 -4.82 33.29
CA VAL A 8 -4.61 -4.24 34.58
C VAL A 8 -5.98 -4.74 34.99
N ASP A 9 -6.88 -5.06 34.04
CA ASP A 9 -8.16 -5.65 34.42
C ASP A 9 -7.96 -7.03 35.01
N ALA A 10 -7.06 -7.82 34.43
CA ALA A 10 -6.72 -9.10 35.04
C ALA A 10 -6.14 -8.89 36.43
N ALA A 11 -5.34 -7.84 36.61
CA ALA A 11 -4.75 -7.58 37.92
C ALA A 11 -5.83 -7.33 38.97
N MET A 12 -6.91 -6.61 38.59
CA MET A 12 -7.99 -6.35 39.54
C MET A 12 -8.66 -7.64 39.98
N TYR A 13 -8.86 -8.58 39.06
CA TYR A 13 -9.39 -9.89 39.44
C TYR A 13 -8.43 -10.64 40.35
N VAL A 14 -7.12 -10.58 40.07
CA VAL A 14 -6.17 -11.26 40.94
C VAL A 14 -6.21 -10.65 42.34
N LEU A 15 -6.19 -9.31 42.42
CA LEU A 15 -6.21 -8.68 43.74
C LEU A 15 -7.46 -9.08 44.51
N GLU A 16 -8.61 -9.11 43.82
CA GLU A 16 -9.83 -9.55 44.46
C GLU A 16 -9.68 -10.97 44.99
N LYS A 17 -9.16 -11.90 44.17
CA LYS A 17 -9.05 -13.29 44.60
C LYS A 17 -8.07 -13.44 45.75
N GLU A 18 -7.13 -12.52 45.88
CA GLU A 18 -6.14 -12.55 46.93
C GLU A 18 -6.60 -11.82 48.19
N GLY A 19 -7.86 -11.39 48.23
CA GLY A 19 -8.43 -10.79 49.41
C GLY A 19 -8.28 -9.29 49.55
N ILE A 20 -7.83 -8.59 48.51
CA ILE A 20 -7.61 -7.15 48.61
C ILE A 20 -8.96 -6.44 48.53
N THR A 21 -9.23 -5.57 49.50
CA THR A 21 -10.43 -4.74 49.50
C THR A 21 -10.10 -3.26 49.58
N THR A 22 -8.84 -2.89 49.80
CA THR A 22 -8.45 -1.53 50.13
C THR A 22 -7.10 -1.22 49.47
N ALA A 23 -6.93 0.03 49.09
CA ALA A 23 -5.66 0.51 48.54
C ALA A 23 -5.48 1.96 48.96
N PHE A 24 -4.23 2.34 49.23
CA PHE A 24 -3.83 3.70 49.54
C PHE A 24 -2.88 4.19 48.45
N GLY A 25 -3.05 5.42 47.97
CA GLY A 25 -2.20 5.77 46.84
C GLY A 25 -2.35 7.20 46.39
N VAL A 26 -1.59 7.51 45.34
CA VAL A 26 -1.54 8.81 44.68
C VAL A 26 -1.46 8.53 43.18
N PRO A 27 -2.51 8.82 42.39
CA PRO A 27 -2.45 8.53 40.96
C PRO A 27 -1.48 9.46 40.23
N GLY A 28 -1.10 9.03 39.03
CA GLY A 28 -0.31 9.85 38.11
C GLY A 28 -0.48 9.28 36.72
N ALA A 29 0.11 9.96 35.74
CA ALA A 29 -0.13 9.58 34.35
C ALA A 29 0.28 8.14 34.06
N ALA A 30 1.40 7.69 34.62
CA ALA A 30 1.92 6.38 34.27
C ALA A 30 1.14 5.24 34.92
N ILE A 31 0.36 5.52 35.96
CA ILE A 31 -0.42 4.48 36.61
C ILE A 31 -1.91 4.66 36.37
N ASN A 32 -2.30 5.59 35.49
CA ASN A 32 -3.72 5.78 35.20
C ASN A 32 -4.41 4.52 34.71
N PRO A 33 -3.82 3.69 33.82
CA PRO A 33 -4.57 2.49 33.38
C PRO A 33 -4.96 1.59 34.53
N PHE A 34 -4.08 1.48 35.53
CA PHE A 34 -4.42 0.71 36.71
C PHE A 34 -5.59 1.34 37.47
N TYR A 35 -5.55 2.67 37.64
CA TYR A 35 -6.67 3.33 38.31
C TYR A 35 -7.94 3.14 37.50
N SER A 36 -7.84 3.17 36.18
CA SER A 36 -9.00 2.94 35.33
C SER A 36 -9.56 1.54 35.54
N ALA A 37 -8.69 0.55 35.67
CA ALA A 37 -9.17 -0.81 35.90
C ALA A 37 -9.78 -0.95 37.29
N MET A 38 -9.21 -0.27 38.27
CA MET A 38 -9.75 -0.30 39.63
C MET A 38 -11.12 0.35 39.69
N ARG A 39 -11.32 1.45 38.96
CA ARG A 39 -12.66 2.06 38.88
C ARG A 39 -13.65 1.10 38.24
N LYS A 40 -13.26 0.51 37.11
CA LYS A 40 -14.17 -0.38 36.39
C LYS A 40 -14.53 -1.60 37.24
N HIS A 41 -13.60 -2.07 38.06
CA HIS A 41 -13.84 -3.30 38.80
C HIS A 41 -14.72 -3.06 40.02
N GLY A 42 -14.49 -1.97 40.74
CA GLY A 42 -15.22 -1.70 41.97
C GLY A 42 -14.75 -2.63 43.08
N GLY A 43 -15.14 -2.28 44.29
CA GLY A 43 -14.83 -3.21 45.37
C GLY A 43 -13.40 -3.20 45.87
N ILE A 44 -12.50 -2.40 45.31
CA ILE A 44 -11.36 -1.90 46.06
C ILE A 44 -11.66 -0.46 46.45
N ARG A 45 -11.70 -0.19 47.75
CA ARG A 45 -11.84 1.18 48.24
C ARG A 45 -10.47 1.87 48.22
N HIS A 46 -10.35 2.96 47.47
CA HIS A 46 -9.09 3.70 47.38
C HIS A 46 -9.12 4.90 48.32
N ILE A 47 -8.04 5.07 49.08
CA ILE A 47 -7.84 6.23 49.95
C ILE A 47 -6.71 7.06 49.37
N LEU A 48 -7.00 8.32 49.06
CA LEU A 48 -6.04 9.22 48.45
C LEU A 48 -5.19 9.87 49.53
N ALA A 49 -3.89 9.60 49.50
CA ALA A 49 -2.98 10.19 50.48
C ALA A 49 -2.52 11.56 50.01
N ARG A 50 -1.95 12.33 50.93
CA ARG A 50 -1.39 13.64 50.57
C ARG A 50 0.14 13.65 50.64
N HIS A 51 0.75 12.48 50.61
CA HIS A 51 2.17 12.27 50.34
C HIS A 51 2.27 10.81 49.98
N VAL A 52 3.09 10.49 48.97
CA VAL A 52 3.24 9.07 48.64
C VAL A 52 3.80 8.31 49.83
N GLU A 53 4.67 8.96 50.63
CA GLU A 53 5.12 8.28 51.84
C GLU A 53 3.96 8.04 52.79
N GLY A 54 2.97 8.93 52.81
CA GLY A 54 1.78 8.67 53.61
C GLY A 54 1.02 7.45 53.13
N ALA A 55 0.90 7.29 51.80
CA ALA A 55 0.16 6.12 51.31
C ALA A 55 0.88 4.84 51.71
N SER A 56 2.21 4.88 51.73
CA SER A 56 2.98 3.66 52.00
C SER A 56 2.93 3.29 53.47
N HIS A 57 2.87 4.27 54.37
CA HIS A 57 2.75 3.92 55.77
C HIS A 57 1.32 3.58 56.14
N MET A 58 0.32 4.14 55.44
CA MET A 58 -1.04 3.65 55.65
C MET A 58 -1.12 2.16 55.33
N ALA A 59 -0.44 1.74 54.24
CA ALA A 59 -0.45 0.33 53.88
C ALA A 59 0.18 -0.52 54.97
N GLU A 60 1.27 -0.04 55.55
CA GLU A 60 1.88 -0.75 56.68
C GLU A 60 0.93 -0.87 57.85
N GLY A 61 0.24 0.22 58.20
CA GLY A 61 -0.70 0.15 59.31
C GLY A 61 -1.85 -0.81 59.03
N TYR A 62 -2.31 -0.82 57.78
CA TYR A 62 -3.37 -1.75 57.37
C TYR A 62 -2.91 -3.20 57.51
N THR A 63 -1.69 -3.50 57.05
CA THR A 63 -1.17 -4.86 57.20
C THR A 63 -1.12 -5.24 58.68
N ARG A 64 -0.61 -4.35 59.52
CA ARG A 64 -0.30 -4.71 60.90
C ARG A 64 -1.56 -4.84 61.77
N ALA A 65 -2.68 -4.24 61.34
CA ALA A 65 -3.88 -4.16 62.17
C ALA A 65 -4.51 -5.52 62.40
N THR A 66 -4.43 -6.43 61.43
CA THR A 66 -5.23 -7.65 61.48
C THR A 66 -4.53 -8.75 60.71
N ALA A 67 -4.43 -9.94 61.32
CA ALA A 67 -3.73 -11.05 60.68
C ALA A 67 -4.35 -11.36 59.33
N GLY A 68 -3.49 -11.56 58.32
CA GLY A 68 -3.94 -11.81 56.95
C GLY A 68 -4.10 -10.58 56.07
N ASN A 69 -4.12 -9.38 56.63
CA ASN A 69 -4.22 -8.17 55.81
C ASN A 69 -2.93 -7.97 55.01
N ILE A 70 -3.07 -7.44 53.81
CA ILE A 70 -1.93 -6.93 53.06
C ILE A 70 -2.29 -5.55 52.54
N GLY A 71 -1.71 -4.52 53.15
CA GLY A 71 -1.92 -3.17 52.68
C GLY A 71 -1.30 -2.95 51.31
N VAL A 72 -1.99 -2.18 50.48
CA VAL A 72 -1.58 -1.92 49.11
C VAL A 72 -1.31 -0.43 48.97
N CYS A 73 -0.14 -0.10 48.39
CA CYS A 73 0.28 1.27 48.13
C CYS A 73 0.46 1.44 46.63
N LEU A 74 -0.24 2.42 46.04
CA LEU A 74 -0.21 2.65 44.60
C LEU A 74 0.45 4.00 44.30
N GLY A 75 1.24 4.05 43.24
CA GLY A 75 1.82 5.31 42.86
C GLY A 75 2.25 5.31 41.42
N THR A 76 2.65 6.48 40.95
CA THR A 76 3.04 6.66 39.56
C THR A 76 4.53 6.32 39.41
N SER A 77 5.12 6.68 38.27
CA SER A 77 6.51 6.37 37.99
C SER A 77 7.43 7.33 38.73
N GLY A 78 8.74 7.17 38.55
CA GLY A 78 9.66 8.19 39.00
C GLY A 78 9.67 8.39 40.51
N PRO A 79 9.45 9.62 40.95
CA PRO A 79 9.59 9.92 42.39
C PRO A 79 8.57 9.20 43.29
N ALA A 80 7.45 8.72 42.76
CA ALA A 80 6.53 7.95 43.58
C ALA A 80 7.20 6.70 44.13
N GLY A 81 7.88 5.92 43.27
CA GLY A 81 8.56 4.74 43.77
C GLY A 81 9.66 5.07 44.77
N THR A 82 10.43 6.14 44.52
CA THR A 82 11.48 6.50 45.47
C THR A 82 10.91 7.01 46.80
N ASP A 83 9.69 7.55 46.79
CA ASP A 83 9.00 7.90 48.03
C ASP A 83 8.46 6.67 48.79
N MET A 84 8.56 5.45 48.22
CA MET A 84 8.06 4.27 48.91
C MET A 84 9.17 3.47 49.60
N ILE A 85 10.44 3.83 49.38
CA ILE A 85 11.55 3.02 49.84
C ILE A 85 11.59 2.94 51.35
N THR A 86 11.30 4.07 52.02
CA THR A 86 11.32 4.07 53.48
C THR A 86 10.30 3.08 54.04
N ALA A 87 9.11 3.00 53.44
CA ALA A 87 8.11 2.04 53.92
C ALA A 87 8.48 0.61 53.58
N LEU A 88 9.08 0.39 52.40
CA LEU A 88 9.55 -0.96 52.09
C LEU A 88 10.60 -1.39 53.10
N TYR A 89 11.48 -0.48 53.48
CA TYR A 89 12.48 -0.77 54.49
C TYR A 89 11.82 -1.08 55.84
N SER A 90 10.86 -0.26 56.24
CA SER A 90 10.20 -0.46 57.53
C SER A 90 9.44 -1.78 57.58
N ALA A 91 8.73 -2.13 56.50
CA ALA A 91 8.02 -3.39 56.48
C ALA A 91 8.98 -4.59 56.44
N SER A 92 10.02 -4.53 55.59
CA SER A 92 11.04 -5.58 55.58
C SER A 92 11.66 -5.75 56.96
N ALA A 93 11.99 -4.64 57.61
CA ALA A 93 12.71 -4.70 58.88
C ALA A 93 11.91 -5.42 59.96
N ASP A 94 10.58 -5.28 59.93
CA ASP A 94 9.69 -5.88 60.92
C ASP A 94 9.07 -7.19 60.43
N SER A 95 9.47 -7.70 59.26
CA SER A 95 8.97 -8.97 58.72
C SER A 95 7.48 -8.93 58.42
N ILE A 96 7.00 -7.80 57.89
CA ILE A 96 5.60 -7.74 57.50
C ILE A 96 5.50 -7.30 56.05
N PRO A 97 4.45 -7.68 55.33
CA PRO A 97 4.30 -7.31 53.93
C PRO A 97 3.48 -6.05 53.70
N ILE A 98 3.87 -5.31 52.65
CA ILE A 98 2.98 -4.43 51.91
C ILE A 98 3.23 -4.69 50.43
N LEU A 99 2.23 -4.43 49.62
CA LEU A 99 2.35 -4.57 48.18
C LEU A 99 2.35 -3.16 47.58
N CYS A 100 3.51 -2.75 47.07
CA CYS A 100 3.67 -1.49 46.37
C CYS A 100 3.54 -1.75 44.87
N ILE A 101 2.76 -0.90 44.20
CA ILE A 101 2.58 -0.99 42.74
C ILE A 101 2.87 0.40 42.16
N THR A 102 3.80 0.45 41.22
CA THR A 102 4.19 1.70 40.59
C THR A 102 3.95 1.62 39.09
N GLY A 103 3.57 2.76 38.49
CA GLY A 103 3.64 2.88 37.06
C GLY A 103 5.06 3.07 36.57
N GLN A 104 5.26 2.84 35.28
CA GLN A 104 6.59 2.92 34.70
C GLN A 104 6.48 3.39 33.25
N ALA A 105 7.60 3.85 32.71
CA ALA A 105 7.68 4.19 31.29
C ALA A 105 7.47 2.94 30.44
N PRO A 106 7.02 3.11 29.21
CA PRO A 106 6.81 1.95 28.33
C PRO A 106 8.10 1.15 28.14
N ARG A 107 7.92 -0.15 27.91
CA ARG A 107 9.04 -1.08 27.83
C ARG A 107 10.16 -0.60 26.92
N ALA A 108 9.81 -0.06 25.76
CA ALA A 108 10.82 0.27 24.77
C ALA A 108 11.56 1.55 25.11
N ARG A 109 11.15 2.26 26.16
CA ARG A 109 11.78 3.51 26.54
C ARG A 109 12.48 3.42 27.89
N LEU A 110 12.69 2.20 28.40
CA LEU A 110 13.24 2.03 29.74
C LEU A 110 14.67 2.55 29.84
N HIS A 111 15.42 2.56 28.74
CA HIS A 111 16.80 3.01 28.83
C HIS A 111 17.05 4.32 28.11
N LYS A 112 16.03 4.91 27.51
CA LYS A 112 16.06 6.32 27.18
C LYS A 112 16.04 7.09 28.49
N GLU A 113 15.90 8.39 28.42
CA GLU A 113 15.79 9.09 29.69
C GLU A 113 14.37 9.61 29.85
N ASP A 114 13.40 8.71 29.81
CA ASP A 114 12.01 9.14 29.75
C ASP A 114 11.71 10.02 30.97
N PHE A 115 10.80 10.98 30.78
CA PHE A 115 10.35 11.81 31.88
C PHE A 115 9.91 10.97 33.07
N GLN A 116 10.40 11.31 34.27
CA GLN A 116 10.01 10.60 35.50
C GLN A 116 10.11 9.08 35.38
N ALA A 117 11.19 8.59 34.78
CA ALA A 117 11.43 7.15 34.69
C ALA A 117 12.70 6.84 35.48
N VAL A 118 12.62 5.87 36.40
CA VAL A 118 13.73 5.57 37.29
C VAL A 118 13.81 4.06 37.45
N ASP A 119 15.02 3.56 37.72
CA ASP A 119 15.26 2.12 37.87
C ASP A 119 14.89 1.70 39.29
N ILE A 120 13.57 1.71 39.57
CA ILE A 120 13.05 1.41 40.90
C ILE A 120 13.31 -0.05 41.27
N GLU A 121 13.38 -0.93 40.27
CA GLU A 121 13.74 -2.32 40.52
C GLU A 121 15.07 -2.42 41.27
N ALA A 122 16.10 -1.70 40.81
CA ALA A 122 17.40 -1.75 41.48
C ALA A 122 17.36 -1.06 42.83
N ILE A 123 16.65 0.06 42.93
CA ILE A 123 16.63 0.81 44.18
C ILE A 123 15.94 0.02 45.28
N ALA A 124 14.85 -0.67 44.96
CA ALA A 124 14.02 -1.34 45.95
C ALA A 124 14.47 -2.76 46.25
N LYS A 125 15.39 -3.32 45.48
CA LYS A 125 15.82 -4.69 45.69
C LYS A 125 16.31 -4.96 47.11
N PRO A 126 17.12 -4.09 47.72
CA PRO A 126 17.62 -4.37 49.07
C PRO A 126 16.56 -4.34 50.16
N VAL A 127 15.37 -3.76 49.92
CA VAL A 127 14.36 -3.65 50.97
C VAL A 127 13.06 -4.36 50.60
N SER A 128 13.15 -5.41 49.78
CA SER A 128 11.95 -6.15 49.42
C SER A 128 12.30 -7.61 49.20
N LYS A 129 11.30 -8.48 49.39
CA LYS A 129 11.44 -9.88 48.99
C LYS A 129 11.44 -10.05 47.48
N MET A 130 10.80 -9.13 46.76
CA MET A 130 10.83 -9.15 45.30
C MET A 130 10.50 -7.74 44.82
N ALA A 131 11.28 -7.24 43.87
CA ALA A 131 10.99 -5.98 43.20
C ALA A 131 11.23 -6.22 41.73
N VAL A 132 10.19 -6.11 40.92
CA VAL A 132 10.28 -6.55 39.52
C VAL A 132 9.53 -5.58 38.63
N THR A 133 10.18 -5.19 37.54
CA THR A 133 9.51 -4.54 36.44
C THR A 133 8.92 -5.62 35.53
N VAL A 134 7.60 -5.59 35.34
CA VAL A 134 6.92 -6.64 34.58
C VAL A 134 7.08 -6.34 33.09
N ARG A 135 7.60 -7.32 32.35
CA ARG A 135 8.02 -7.12 30.97
C ARG A 135 7.04 -7.65 29.94
N GLU A 136 5.99 -8.36 30.35
CA GLU A 136 4.98 -8.85 29.41
C GLU A 136 3.62 -8.71 30.05
N ALA A 137 2.62 -8.31 29.27
CA ALA A 137 1.29 -8.14 29.81
C ALA A 137 0.76 -9.43 30.42
N ALA A 138 1.03 -10.58 29.78
CA ALA A 138 0.54 -11.84 30.30
C ALA A 138 1.17 -12.23 31.63
N LEU A 139 2.33 -11.67 31.97
CA LEU A 139 2.97 -11.95 33.25
C LEU A 139 2.38 -11.14 34.41
N VAL A 140 1.56 -10.13 34.15
CA VAL A 140 1.05 -9.30 35.25
C VAL A 140 0.32 -10.15 36.28
N PRO A 141 -0.66 -10.98 35.91
CA PRO A 141 -1.27 -11.86 36.93
C PRO A 141 -0.31 -12.85 37.58
N ARG A 142 0.70 -13.35 36.85
CA ARG A 142 1.61 -14.33 37.44
C ARG A 142 2.60 -13.68 38.40
N VAL A 143 3.03 -12.47 38.11
CA VAL A 143 3.89 -11.77 39.04
C VAL A 143 3.14 -11.45 40.33
N LEU A 144 1.86 -11.07 40.22
CA LEU A 144 1.06 -10.83 41.41
C LEU A 144 0.84 -12.12 42.18
N GLN A 145 0.61 -13.22 41.46
CA GLN A 145 0.41 -14.51 42.10
C GLN A 145 1.63 -14.91 42.92
N GLN A 146 2.82 -14.76 42.33
CA GLN A 146 4.06 -15.00 43.07
C GLN A 146 4.25 -13.99 44.20
N ALA A 147 3.85 -12.73 44.00
CA ALA A 147 4.05 -11.74 45.05
C ALA A 147 3.28 -12.12 46.31
N PHE A 148 2.07 -12.64 46.15
CA PHE A 148 1.27 -12.98 47.32
C PHE A 148 1.83 -14.20 48.03
N HIS A 149 2.40 -15.15 47.26
CA HIS A 149 3.07 -16.28 47.89
C HIS A 149 4.22 -15.79 48.78
N LEU A 150 5.05 -14.88 48.25
CA LEU A 150 6.22 -14.38 48.98
C LEU A 150 5.83 -13.53 50.17
N MET A 151 4.78 -12.72 50.02
CA MET A 151 4.39 -11.86 51.13
C MET A 151 3.87 -12.67 52.31
N ARG A 152 3.32 -13.87 52.07
CA ARG A 152 2.78 -14.68 53.15
C ARG A 152 3.71 -15.79 53.62
N SER A 153 4.72 -16.19 52.82
CA SER A 153 5.53 -17.38 53.10
C SER A 153 6.79 -17.04 53.89
N GLY A 154 7.34 -18.06 54.57
CA GLY A 154 8.63 -17.93 55.22
C GLY A 154 8.64 -16.75 56.16
N ARG A 155 9.75 -16.00 56.16
CA ARG A 155 9.76 -14.72 56.83
C ARG A 155 9.03 -13.70 55.94
N PRO A 156 7.91 -13.13 56.39
CA PRO A 156 7.16 -12.24 55.50
C PRO A 156 7.94 -10.98 55.20
N GLY A 157 7.66 -10.40 54.02
CA GLY A 157 8.20 -9.10 53.67
C GLY A 157 7.52 -8.52 52.46
N PRO A 158 7.83 -7.26 52.14
CA PRO A 158 7.10 -6.54 51.10
C PRO A 158 7.59 -6.86 49.69
N VAL A 159 6.71 -6.54 48.73
CA VAL A 159 6.99 -6.72 47.31
C VAL A 159 6.67 -5.40 46.60
N LEU A 160 7.45 -5.07 45.57
CA LEU A 160 7.17 -3.93 44.71
C LEU A 160 7.00 -4.45 43.28
N VAL A 161 5.88 -4.11 42.65
CA VAL A 161 5.62 -4.50 41.28
C VAL A 161 5.54 -3.23 40.44
N ASP A 162 6.39 -3.15 39.42
CA ASP A 162 6.56 -1.95 38.59
C ASP A 162 5.98 -2.25 37.21
N LEU A 163 5.04 -1.43 36.75
CA LEU A 163 4.23 -1.75 35.59
C LEU A 163 4.44 -0.75 34.46
N PRO A 164 5.18 -1.13 33.41
CA PRO A 164 5.30 -0.23 32.27
C PRO A 164 3.93 0.07 31.67
N PHE A 165 3.76 1.31 31.23
CA PHE A 165 2.44 1.77 30.76
C PHE A 165 1.91 0.87 29.65
N ASP A 166 2.76 0.48 28.69
CA ASP A 166 2.26 -0.35 27.60
C ASP A 166 1.89 -1.75 28.09
N VAL A 167 2.60 -2.26 29.11
CA VAL A 167 2.26 -3.56 29.66
C VAL A 167 0.90 -3.51 30.36
N GLN A 168 0.55 -2.38 30.97
CA GLN A 168 -0.73 -2.28 31.66
C GLN A 168 -1.91 -2.32 30.69
N VAL A 169 -1.81 -1.58 29.58
CA VAL A 169 -2.94 -1.43 28.67
C VAL A 169 -3.04 -2.56 27.66
N ALA A 170 -1.99 -3.38 27.50
CA ALA A 170 -2.00 -4.44 26.50
C ALA A 170 -3.05 -5.49 26.83
N GLU A 171 -3.65 -6.02 25.76
CA GLU A 171 -4.71 -7.00 25.86
C GLU A 171 -4.15 -8.39 26.07
N ILE A 172 -4.69 -9.11 27.07
CA ILE A 172 -4.42 -10.52 27.27
C ILE A 172 -5.76 -11.24 27.42
N GLU A 173 -5.71 -12.56 27.37
CA GLU A 173 -6.86 -13.39 27.70
C GLU A 173 -6.72 -13.94 29.10
N PHE A 174 -7.78 -13.85 29.89
CA PHE A 174 -7.69 -14.19 31.30
C PHE A 174 -9.03 -14.71 31.77
N ASP A 175 -8.99 -15.74 32.60
CA ASP A 175 -10.19 -16.37 33.15
C ASP A 175 -10.14 -16.29 34.66
N PRO A 176 -10.84 -15.32 35.27
CA PRO A 176 -10.80 -15.21 36.73
C PRO A 176 -11.28 -16.44 37.46
N ASP A 177 -12.22 -17.21 36.89
CA ASP A 177 -12.70 -18.43 37.53
C ASP A 177 -11.61 -19.48 37.68
N MET A 178 -10.57 -19.44 36.83
CA MET A 178 -9.50 -20.41 36.90
C MET A 178 -8.30 -19.95 37.75
N TYR A 179 -8.34 -18.74 38.29
CA TYR A 179 -7.20 -18.25 39.07
C TYR A 179 -7.24 -18.82 40.48
N GLU A 180 -6.11 -19.34 40.94
CA GLU A 180 -6.02 -19.77 42.33
C GLU A 180 -4.77 -19.24 42.98
N PRO A 181 -4.88 -18.73 44.22
CA PRO A 181 -3.68 -18.36 44.98
C PRO A 181 -2.77 -19.56 45.20
N LEU A 182 -1.47 -19.29 45.22
CA LEU A 182 -0.48 -20.31 45.48
C LEU A 182 -0.51 -20.72 46.95
N PRO A 183 -0.08 -21.95 47.26
CA PRO A 183 0.06 -22.37 48.66
C PRO A 183 1.14 -21.56 49.36
N VAL A 184 0.94 -21.36 50.66
CA VAL A 184 1.87 -20.62 51.51
C VAL A 184 2.88 -21.61 52.08
N TYR A 185 4.15 -21.26 52.02
CA TYR A 185 5.20 -22.10 52.57
C TYR A 185 5.49 -21.69 54.01
N LYS A 186 5.35 -22.62 54.93
CA LYS A 186 5.76 -22.42 56.31
C LYS A 186 6.34 -23.72 56.85
N PRO A 187 7.62 -23.77 57.17
CA PRO A 187 8.17 -24.95 57.83
C PRO A 187 7.59 -25.09 59.22
N ALA A 188 7.57 -26.34 59.71
CA ALA A 188 6.95 -26.70 60.98
C ALA A 188 7.91 -27.56 61.78
N ALA A 189 7.97 -27.31 63.08
CA ALA A 189 8.86 -28.07 63.95
C ALA A 189 8.38 -29.51 64.05
N SER A 190 9.32 -30.45 64.05
CA SER A 190 8.98 -31.85 64.29
C SER A 190 8.76 -32.10 65.79
N ARG A 191 8.04 -33.18 66.09
CA ARG A 191 7.87 -33.56 67.49
C ARG A 191 9.21 -33.76 68.19
N MET A 192 10.23 -34.26 67.48
CA MET A 192 11.53 -34.46 68.13
C MET A 192 12.14 -33.13 68.58
N GLN A 193 12.01 -32.08 67.77
CA GLN A 193 12.50 -30.76 68.17
C GLN A 193 11.74 -30.27 69.40
N ILE A 194 10.40 -30.38 69.39
CA ILE A 194 9.59 -29.80 70.44
C ILE A 194 9.74 -30.56 71.76
N GLU A 195 9.86 -31.90 71.69
CA GLU A 195 10.06 -32.66 72.94
C GLU A 195 11.38 -32.29 73.59
N LYS A 196 12.42 -32.07 72.78
CA LYS A 196 13.69 -31.60 73.31
C LYS A 196 13.56 -30.22 73.94
N ALA A 197 12.78 -29.34 73.32
CA ALA A 197 12.64 -28.02 73.91
C ALA A 197 11.92 -28.11 75.25
N VAL A 198 10.87 -28.94 75.33
CA VAL A 198 10.11 -29.04 76.56
C VAL A 198 10.94 -29.72 77.64
N GLU A 199 11.81 -30.67 77.27
CA GLU A 199 12.71 -31.28 78.26
C GLU A 199 13.64 -30.23 78.85
N MET A 200 14.22 -29.38 78.01
CA MET A 200 15.11 -28.33 78.48
C MET A 200 14.35 -27.33 79.37
N LEU A 201 13.10 -27.02 79.02
CA LEU A 201 12.31 -26.12 79.84
C LEU A 201 11.99 -26.73 81.20
N ILE A 202 11.66 -28.03 81.22
CA ILE A 202 11.40 -28.72 82.48
C ILE A 202 12.64 -28.73 83.37
N GLN A 203 13.84 -28.84 82.78
CA GLN A 203 15.05 -28.84 83.58
C GLN A 203 15.41 -27.48 84.17
N ALA A 204 14.96 -26.38 83.56
CA ALA A 204 15.28 -25.06 84.08
C ALA A 204 14.49 -24.77 85.36
N GLU A 205 15.13 -24.06 86.28
CA GLU A 205 14.49 -23.70 87.53
C GLU A 205 13.90 -22.31 87.56
N ARG A 206 14.39 -21.40 86.71
CA ARG A 206 13.84 -20.04 86.62
C ARG A 206 13.73 -19.63 85.16
N PRO A 207 12.87 -20.30 84.38
CA PRO A 207 12.72 -19.97 82.97
C PRO A 207 11.79 -18.78 82.71
N VAL A 208 12.03 -18.11 81.58
CA VAL A 208 11.09 -17.13 81.05
C VAL A 208 10.90 -17.45 79.58
N ILE A 209 9.69 -17.20 79.07
CA ILE A 209 9.43 -17.20 77.62
C ILE A 209 9.59 -15.77 77.11
N VAL A 210 10.36 -15.59 76.04
CA VAL A 210 10.41 -14.31 75.34
C VAL A 210 9.59 -14.50 74.08
N ALA A 211 8.45 -13.80 74.04
CA ALA A 211 7.47 -13.92 72.97
C ALA A 211 7.64 -12.75 72.01
N GLY A 212 8.01 -13.04 70.76
CA GLY A 212 8.37 -12.02 69.81
C GLY A 212 7.27 -11.76 68.79
N GLY A 213 7.58 -10.84 67.87
CA GLY A 213 6.62 -10.50 66.84
C GLY A 213 6.25 -11.69 65.96
N GLY A 214 7.11 -12.71 65.89
CA GLY A 214 6.73 -13.88 65.12
C GLY A 214 5.48 -14.58 65.63
N VAL A 215 5.22 -14.51 66.95
CA VAL A 215 4.00 -15.09 67.49
C VAL A 215 2.78 -14.36 66.94
N ILE A 216 2.86 -13.03 66.89
CA ILE A 216 1.76 -12.24 66.35
C ILE A 216 1.67 -12.41 64.83
N ASN A 217 2.83 -12.41 64.17
CA ASN A 217 2.85 -12.67 62.72
C ASN A 217 2.14 -13.97 62.38
N ALA A 218 2.32 -14.99 63.21
CA ALA A 218 1.73 -16.30 62.96
C ALA A 218 0.29 -16.38 63.48
N ASP A 219 -0.24 -15.33 64.09
CA ASP A 219 -1.58 -15.32 64.66
C ASP A 219 -1.74 -16.41 65.73
N ALA A 220 -0.75 -16.50 66.61
CA ALA A 220 -0.65 -17.58 67.59
C ALA A 220 -0.70 -17.08 69.03
N ALA A 221 -1.26 -15.90 69.28
CA ALA A 221 -1.25 -15.33 70.62
C ALA A 221 -1.98 -16.22 71.63
N ALA A 222 -3.16 -16.72 71.27
CA ALA A 222 -3.90 -17.56 72.22
C ALA A 222 -3.10 -18.81 72.58
N LEU A 223 -2.43 -19.41 71.59
CA LEU A 223 -1.61 -20.59 71.88
C LEU A 223 -0.41 -20.23 72.74
N LEU A 224 0.17 -19.05 72.51
CA LEU A 224 1.31 -18.65 73.31
C LEU A 224 0.89 -18.52 74.76
N GLN A 225 -0.27 -17.92 75.00
CA GLN A 225 -0.76 -17.79 76.37
C GLN A 225 -1.08 -19.15 76.97
N GLN A 226 -1.71 -20.03 76.19
CA GLN A 226 -2.05 -21.36 76.70
C GLN A 226 -0.79 -22.14 77.08
N PHE A 227 0.26 -22.05 76.26
CA PHE A 227 1.48 -22.78 76.59
C PHE A 227 2.11 -22.25 77.88
N ALA A 228 2.11 -20.93 78.07
CA ALA A 228 2.64 -20.36 79.31
C ALA A 228 1.79 -20.75 80.51
N GLU A 229 0.46 -20.79 80.34
CA GLU A 229 -0.40 -21.17 81.46
C GLU A 229 -0.18 -22.64 81.86
N LEU A 230 -0.09 -23.53 80.87
CA LEU A 230 0.14 -24.95 81.17
C LEU A 230 1.48 -25.18 81.86
N THR A 231 2.54 -24.47 81.42
CA THR A 231 3.85 -24.65 82.02
C THR A 231 4.08 -23.72 83.20
N SER A 232 3.20 -22.75 83.43
CA SER A 232 3.38 -21.79 84.52
C SER A 232 4.70 -21.02 84.38
N VAL A 233 5.05 -20.65 83.16
CA VAL A 233 6.32 -19.98 82.86
C VAL A 233 6.03 -18.50 82.59
N PRO A 234 6.69 -17.58 83.30
CA PRO A 234 6.47 -16.16 83.03
C PRO A 234 6.86 -15.77 81.61
N VAL A 235 6.14 -14.77 81.07
CA VAL A 235 6.28 -14.33 79.69
C VAL A 235 6.80 -12.89 79.66
N ILE A 236 7.86 -12.70 78.87
CA ILE A 236 8.39 -11.38 78.53
C ILE A 236 8.19 -11.18 77.04
N PRO A 237 7.20 -10.39 76.64
CA PRO A 237 7.09 -10.02 75.22
C PRO A 237 8.23 -9.08 74.82
N THR A 238 8.70 -9.24 73.58
CA THR A 238 9.47 -8.17 72.96
C THR A 238 8.53 -7.01 72.64
N LEU A 239 9.12 -5.87 72.27
CA LEU A 239 8.28 -4.75 71.83
C LEU A 239 7.34 -5.21 70.71
N MET A 240 7.82 -6.09 69.81
CA MET A 240 7.00 -6.53 68.70
C MET A 240 6.05 -7.68 69.07
N GLY A 241 6.31 -8.38 70.17
CA GLY A 241 5.36 -9.33 70.70
C GLY A 241 4.38 -8.79 71.71
N TRP A 242 4.52 -7.51 72.08
CA TRP A 242 3.72 -6.93 73.14
C TRP A 242 2.25 -7.01 72.79
N GLY A 243 1.44 -7.49 73.74
CA GLY A 243 0.04 -7.78 73.50
C GLY A 243 -0.29 -9.25 73.29
N CYS A 244 0.70 -10.11 73.03
CA CYS A 244 0.34 -11.50 72.77
C CYS A 244 -0.05 -12.26 74.04
N ILE A 245 0.21 -11.69 75.20
CA ILE A 245 -0.45 -12.10 76.45
C ILE A 245 -0.88 -10.81 77.14
N PRO A 246 -2.06 -10.75 77.76
CA PRO A 246 -2.52 -9.46 78.30
C PRO A 246 -1.59 -8.95 79.39
N ASP A 247 -1.45 -7.62 79.45
CA ASP A 247 -0.57 -7.01 80.44
C ASP A 247 -1.02 -7.27 81.88
N ASP A 248 -2.29 -7.60 82.10
CA ASP A 248 -2.75 -7.92 83.45
C ASP A 248 -2.77 -9.42 83.73
N HIS A 249 -2.27 -10.24 82.81
CA HIS A 249 -2.13 -11.67 83.06
C HIS A 249 -1.09 -11.93 84.16
N GLU A 250 -1.35 -12.91 85.02
CA GLU A 250 -0.45 -13.13 86.15
C GLU A 250 0.94 -13.56 85.69
N LEU A 251 1.07 -14.16 84.51
CA LEU A 251 2.38 -14.57 84.01
C LEU A 251 3.08 -13.53 83.17
N MET A 252 2.47 -12.37 82.89
CA MET A 252 3.15 -11.34 82.11
C MET A 252 4.17 -10.65 83.01
N ALA A 253 5.44 -10.77 82.65
CA ALA A 253 6.51 -10.39 83.55
C ALA A 253 7.16 -9.05 83.19
N GLY A 254 6.58 -8.31 82.23
CA GLY A 254 7.15 -7.04 81.79
C GLY A 254 8.00 -7.19 80.55
N MET A 255 8.51 -6.06 80.06
CA MET A 255 9.38 -6.05 78.88
C MET A 255 10.82 -5.83 79.27
N VAL A 256 11.73 -6.24 78.38
CA VAL A 256 13.16 -6.26 78.62
C VAL A 256 13.88 -5.44 77.54
N GLY A 257 14.93 -4.73 77.93
CA GLY A 257 15.75 -4.04 76.94
C GLY A 257 16.41 -2.80 77.50
N LEU A 258 16.98 -2.02 76.57
CA LEU A 258 17.73 -0.82 76.89
C LEU A 258 16.88 0.43 77.00
N GLN A 259 15.67 0.41 76.44
CA GLN A 259 14.84 1.61 76.37
C GLN A 259 13.36 1.27 76.61
N THR A 260 12.72 0.56 75.69
CA THR A 260 11.31 0.20 75.90
C THR A 260 11.25 -1.06 76.76
N ALA A 261 11.41 -0.87 78.06
CA ALA A 261 11.56 -1.97 79.00
C ALA A 261 11.20 -1.50 80.41
N HIS A 262 10.92 -2.47 81.28
CA HIS A 262 10.56 -2.20 82.66
C HIS A 262 11.71 -2.60 83.58
N ARG A 263 11.81 -1.92 84.73
CA ARG A 263 12.82 -2.31 85.71
C ARG A 263 12.58 -3.74 86.19
N TYR A 264 11.31 -4.14 86.38
CA TYR A 264 11.02 -5.51 86.74
C TYR A 264 11.33 -6.50 85.62
N GLY A 265 11.14 -6.09 84.36
CA GLY A 265 11.42 -7.00 83.28
C GLY A 265 12.90 -7.32 83.18
N ASN A 266 13.74 -6.28 83.22
CA ASN A 266 15.18 -6.52 83.16
C ASN A 266 15.65 -7.30 84.38
N ALA A 267 15.08 -7.02 85.54
CA ALA A 267 15.51 -7.73 86.73
C ALA A 267 15.11 -9.20 86.67
N THR A 268 13.90 -9.47 86.15
CA THR A 268 13.49 -10.86 85.98
C THR A 268 14.37 -11.57 84.95
N LEU A 269 14.70 -10.91 83.84
CA LEU A 269 15.52 -11.62 82.85
C LEU A 269 16.90 -11.94 83.42
N LEU A 270 17.50 -10.99 84.12
CA LEU A 270 18.82 -11.22 84.72
C LEU A 270 18.79 -12.27 85.84
N ALA A 271 17.64 -12.49 86.50
CA ALA A 271 17.50 -13.52 87.52
C ALA A 271 17.20 -14.90 86.95
N SER A 272 16.81 -14.99 85.68
CA SER A 272 16.35 -16.24 85.09
C SER A 272 17.53 -17.11 84.70
N ASP A 273 17.28 -18.42 84.53
CA ASP A 273 18.30 -19.35 84.05
C ASP A 273 17.99 -19.95 82.68
N MET A 274 16.91 -19.54 82.02
CA MET A 274 16.66 -19.97 80.66
C MET A 274 15.78 -18.93 79.98
N VAL A 275 16.06 -18.69 78.70
CA VAL A 275 15.23 -17.85 77.85
C VAL A 275 14.70 -18.75 76.73
N PHE A 276 13.39 -18.98 76.73
CA PHE A 276 12.70 -19.81 75.74
C PHE A 276 12.17 -18.82 74.70
N GLY A 277 12.93 -18.60 73.63
CA GLY A 277 12.55 -17.61 72.62
C GLY A 277 11.64 -18.14 71.54
N ILE A 278 10.47 -17.54 71.38
CA ILE A 278 9.48 -17.99 70.40
C ILE A 278 9.15 -16.82 69.50
N GLY A 279 9.58 -16.89 68.24
CA GLY A 279 9.26 -15.84 67.29
C GLY A 279 9.92 -14.51 67.56
N ASN A 280 11.00 -14.50 68.36
CA ASN A 280 11.79 -13.30 68.59
C ASN A 280 13.08 -13.41 67.76
N ARG A 281 13.93 -12.38 67.86
CA ARG A 281 15.22 -12.47 67.19
C ARG A 281 16.37 -11.88 68.02
N PHE A 282 16.16 -11.64 69.31
CA PHE A 282 17.23 -11.16 70.19
C PHE A 282 17.88 -9.86 69.68
N ALA A 283 17.04 -8.85 69.47
CA ALA A 283 17.50 -7.59 68.89
C ALA A 283 18.43 -6.86 69.84
N GLN A 284 19.32 -6.04 69.27
CA GLN A 284 20.33 -5.35 70.06
C GLN A 284 19.70 -4.44 71.12
N ARG A 285 18.60 -3.76 70.80
CA ARG A 285 17.98 -2.92 71.84
C ARG A 285 17.28 -3.74 72.90
N HIS A 286 17.01 -5.03 72.63
CA HIS A 286 16.46 -5.96 73.61
C HIS A 286 17.51 -6.59 74.52
N THR A 287 18.69 -6.94 73.98
CA THR A 287 19.71 -7.70 74.72
C THR A 287 20.79 -6.86 75.37
N GLY A 288 21.11 -5.68 74.82
CA GLY A 288 22.42 -5.15 75.18
C GLY A 288 23.51 -6.08 74.65
N SER A 289 24.63 -6.15 75.36
CA SER A 289 25.66 -7.11 74.96
C SER A 289 25.16 -8.53 75.15
N VAL A 290 25.32 -9.35 74.10
CA VAL A 290 24.79 -10.70 74.17
C VAL A 290 25.49 -11.50 75.26
N GLU A 291 26.75 -11.18 75.55
CA GLU A 291 27.45 -11.92 76.60
C GLU A 291 26.76 -11.78 77.95
N LYS A 292 26.23 -10.58 78.25
CA LYS A 292 25.55 -10.37 79.52
C LYS A 292 24.14 -10.96 79.48
N TYR A 293 23.47 -10.85 78.33
CA TYR A 293 22.12 -11.37 78.20
C TYR A 293 22.07 -12.88 78.38
N THR A 294 23.04 -13.60 77.80
CA THR A 294 23.04 -15.06 77.83
C THR A 294 23.77 -15.64 79.03
N GLU A 295 24.35 -14.81 79.88
CA GLU A 295 25.19 -15.32 80.96
C GLU A 295 24.37 -16.18 81.92
N GLY A 296 24.79 -17.43 82.09
CA GLY A 296 24.12 -18.31 83.05
C GLY A 296 22.77 -18.83 82.61
N ARG A 297 22.42 -18.71 81.33
CA ARG A 297 21.11 -19.05 80.81
C ARG A 297 21.25 -19.99 79.64
N LYS A 298 20.47 -21.07 79.62
CA LYS A 298 20.24 -21.78 78.36
C LYS A 298 19.27 -20.97 77.49
N ILE A 299 19.52 -20.96 76.18
CA ILE A 299 18.74 -20.17 75.23
C ILE A 299 18.12 -21.11 74.21
N VAL A 300 16.79 -21.06 74.10
CA VAL A 300 16.06 -21.71 73.02
C VAL A 300 15.57 -20.63 72.07
N HIS A 301 15.57 -20.92 70.77
CA HIS A 301 15.14 -19.95 69.78
C HIS A 301 14.36 -20.67 68.69
N ILE A 302 13.07 -20.35 68.56
CA ILE A 302 12.22 -20.86 67.49
C ILE A 302 11.92 -19.71 66.53
N ASP A 303 12.27 -19.90 65.25
CA ASP A 303 12.15 -18.84 64.27
C ASP A 303 11.78 -19.48 62.93
N ILE A 304 10.96 -18.79 62.15
CA ILE A 304 10.58 -19.33 60.85
C ILE A 304 11.73 -19.27 59.84
N GLU A 305 12.75 -18.46 60.10
CA GLU A 305 13.83 -18.18 59.14
C GLU A 305 15.13 -18.81 59.60
N PRO A 306 15.67 -19.78 58.86
CA PRO A 306 16.89 -20.45 59.34
C PRO A 306 18.05 -19.50 59.62
N THR A 307 18.24 -18.46 58.82
CA THR A 307 19.42 -17.61 59.00
C THR A 307 19.21 -16.52 60.04
N GLN A 308 18.06 -16.52 60.73
CA GLN A 308 17.92 -15.73 61.95
C GLN A 308 18.45 -16.44 63.18
N ILE A 309 18.71 -17.74 63.09
CA ILE A 309 19.05 -18.54 64.26
C ILE A 309 20.58 -18.61 64.33
N GLY A 310 21.16 -17.99 65.36
CA GLY A 310 22.60 -17.86 65.47
C GLY A 310 23.18 -16.61 64.85
N ARG A 311 22.34 -15.66 64.42
CA ARG A 311 22.84 -14.46 63.76
C ARG A 311 23.52 -13.51 64.76
N VAL A 312 22.96 -13.36 65.95
CA VAL A 312 23.52 -12.43 66.93
C VAL A 312 24.01 -13.15 68.17
N LEU A 313 23.61 -14.39 68.41
CA LEU A 313 24.10 -15.18 69.52
C LEU A 313 23.79 -16.63 69.21
N CYS A 314 24.51 -17.54 69.86
CA CYS A 314 24.35 -18.96 69.58
C CYS A 314 23.35 -19.56 70.56
N PRO A 315 22.19 -20.03 70.11
CA PRO A 315 21.26 -20.71 71.02
C PRO A 315 21.77 -22.08 71.43
N ASP A 316 21.31 -22.54 72.59
CA ASP A 316 21.52 -23.93 72.98
C ASP A 316 20.69 -24.89 72.12
N LEU A 317 19.53 -24.46 71.61
CA LEU A 317 18.76 -25.41 70.80
C LEU A 317 18.60 -24.96 69.35
N GLY A 318 17.74 -23.99 69.05
CA GLY A 318 17.63 -23.61 67.65
C GLY A 318 16.69 -24.43 66.77
N ILE A 319 15.48 -23.93 66.52
CA ILE A 319 14.47 -24.69 65.80
C ILE A 319 13.84 -23.81 64.72
N VAL A 320 13.80 -24.33 63.48
CA VAL A 320 13.16 -23.65 62.36
C VAL A 320 11.67 -24.03 62.34
N SER A 321 10.79 -23.05 62.58
CA SER A 321 9.36 -23.34 62.56
C SER A 321 8.55 -22.07 62.52
N ASP A 322 7.43 -22.12 61.80
CA ASP A 322 6.35 -21.19 62.04
C ASP A 322 5.93 -21.25 63.51
N ALA A 323 5.67 -20.08 64.11
CA ALA A 323 5.35 -20.03 65.54
C ALA A 323 4.00 -20.69 65.87
N LYS A 324 3.02 -20.62 64.97
CA LYS A 324 1.76 -21.31 65.25
C LYS A 324 1.95 -22.82 65.21
N ALA A 325 2.62 -23.33 64.17
CA ALA A 325 2.85 -24.77 64.11
C ALA A 325 3.62 -25.23 65.34
N ALA A 326 4.64 -24.47 65.75
CA ALA A 326 5.45 -24.85 66.90
C ALA A 326 4.63 -24.83 68.20
N LEU A 327 3.80 -23.80 68.39
CA LEU A 327 3.06 -23.69 69.64
C LEU A 327 1.94 -24.72 69.73
N THR A 328 1.34 -25.09 68.59
CA THR A 328 0.40 -26.19 68.58
C THR A 328 1.04 -27.45 69.15
N LEU A 329 2.24 -27.78 68.68
CA LEU A 329 2.96 -28.94 69.21
C LEU A 329 3.44 -28.72 70.64
N LEU A 330 3.84 -27.50 71.00
CA LEU A 330 4.27 -27.25 72.37
C LEU A 330 3.12 -27.45 73.36
N VAL A 331 1.91 -27.00 73.00
CA VAL A 331 0.77 -27.23 73.87
C VAL A 331 0.48 -28.71 73.99
N GLU A 332 0.54 -29.45 72.88
CA GLU A 332 0.24 -30.88 72.94
C GLU A 332 1.25 -31.61 73.82
N VAL A 333 2.54 -31.32 73.65
CA VAL A 333 3.56 -31.98 74.45
C VAL A 333 3.46 -31.57 75.92
N ALA A 334 3.21 -30.29 76.20
CA ALA A 334 3.06 -29.88 77.59
C ALA A 334 1.86 -30.57 78.24
N GLN A 335 0.79 -30.82 77.48
CA GLN A 335 -0.35 -31.54 78.02
C GLN A 335 0.00 -32.99 78.32
N GLU A 336 0.76 -33.64 77.44
CA GLU A 336 1.25 -34.98 77.75
C GLU A 336 2.16 -34.96 78.98
N MET A 337 3.00 -33.92 79.11
CA MET A 337 3.86 -33.83 80.28
C MET A 337 3.06 -33.61 81.55
N GLN A 338 1.94 -32.87 81.46
CA GLN A 338 1.12 -32.63 82.64
C GLN A 338 0.44 -33.90 83.12
N LYS A 339 -0.09 -34.70 82.18
CA LYS A 339 -0.71 -35.96 82.55
C LYS A 339 0.29 -36.93 83.16
N ALA A 340 1.54 -36.85 82.74
CA ALA A 340 2.58 -37.71 83.29
C ALA A 340 3.13 -37.21 84.62
N GLY A 341 2.69 -36.04 85.07
CA GLY A 341 3.22 -35.50 86.31
C GLY A 341 4.61 -34.92 86.20
N ARG A 342 5.04 -34.56 84.99
CA ARG A 342 6.43 -34.21 84.76
C ARG A 342 6.70 -32.72 84.66
N LEU A 343 5.67 -31.88 84.75
CA LEU A 343 5.90 -30.44 84.75
C LEU A 343 6.15 -29.96 86.17
N PRO A 344 7.32 -29.37 86.45
CA PRO A 344 7.57 -28.89 87.82
C PRO A 344 6.65 -27.74 88.21
N CYS A 345 6.34 -27.69 89.50
CA CYS A 345 5.66 -26.54 90.08
C CYS A 345 6.59 -25.33 90.04
N ARG A 346 6.01 -24.15 89.79
CA ARG A 346 6.84 -22.96 89.64
C ARG A 346 6.35 -21.82 90.51
N LYS A 347 5.66 -22.14 91.61
CA LYS A 347 5.06 -21.11 92.47
C LYS A 347 6.11 -20.14 93.00
N GLU A 348 7.29 -20.65 93.38
CA GLU A 348 8.31 -19.77 93.97
C GLU A 348 8.84 -18.79 92.93
N TRP A 349 9.20 -19.29 91.75
CA TRP A 349 9.76 -18.43 90.72
C TRP A 349 8.73 -17.41 90.25
N VAL A 350 7.49 -17.86 90.03
CA VAL A 350 6.43 -16.93 89.65
C VAL A 350 6.21 -15.89 90.74
N ALA A 351 6.31 -16.29 92.01
CA ALA A 351 6.15 -15.32 93.10
C ALA A 351 7.30 -14.31 93.12
N ASP A 352 8.53 -14.75 92.87
CA ASP A 352 9.65 -13.81 92.81
C ASP A 352 9.47 -12.82 91.67
N CYS A 353 8.97 -13.29 90.52
CA CYS A 353 8.78 -12.37 89.40
C CYS A 353 7.69 -11.37 89.70
N GLN A 354 6.62 -11.80 90.37
CA GLN A 354 5.52 -10.90 90.68
C GLN A 354 5.93 -9.87 91.72
N GLN A 355 6.79 -10.23 92.67
CA GLN A 355 7.26 -9.23 93.64
C GLN A 355 8.12 -8.17 92.99
N ARG A 356 8.95 -8.55 92.01
CA ARG A 356 9.68 -7.52 91.29
C ARG A 356 8.72 -6.59 90.57
N LYS A 357 7.67 -7.17 89.99
CA LYS A 357 6.72 -6.38 89.21
C LYS A 357 5.92 -5.44 90.11
N ARG A 358 5.77 -5.79 91.39
CA ARG A 358 5.04 -4.93 92.31
C ARG A 358 5.89 -3.79 92.85
N THR A 359 7.21 -3.94 92.88
CA THR A 359 8.06 -3.00 93.60
C THR A 359 8.97 -2.16 92.71
N LEU A 360 9.36 -2.64 91.52
CA LEU A 360 10.39 -1.95 90.73
C LEU A 360 9.72 -1.06 89.67
N LEU A 361 9.22 0.08 90.12
CA LEU A 361 8.34 0.91 89.31
C LEU A 361 8.99 2.27 89.00
N ARG A 362 8.30 3.06 88.18
CA ARG A 362 8.69 4.44 87.85
C ARG A 362 7.49 5.34 88.08
N LYS A 363 7.73 6.50 88.68
CA LYS A 363 6.66 7.42 88.99
C LYS A 363 5.97 7.94 87.73
N THR A 364 4.64 8.00 87.76
CA THR A 364 3.87 8.70 86.74
C THR A 364 2.99 9.82 87.26
N HIS A 365 2.60 9.82 88.55
CA HIS A 365 1.59 10.77 89.02
C HIS A 365 2.26 12.09 89.39
N PHE A 366 2.58 12.88 88.36
CA PHE A 366 3.19 14.19 88.55
C PHE A 366 2.15 15.29 88.39
N ASP A 367 2.13 16.21 89.36
CA ASP A 367 1.27 17.40 89.30
C ASP A 367 1.97 18.58 88.65
N ASN A 368 3.15 18.38 88.10
CA ASN A 368 3.97 19.49 87.64
C ASN A 368 3.31 20.27 86.51
N VAL A 369 3.52 21.57 86.53
CA VAL A 369 3.26 22.49 85.43
C VAL A 369 4.57 23.21 85.15
N PRO A 370 5.11 23.14 83.94
CA PRO A 370 4.59 22.42 82.76
C PRO A 370 4.54 20.90 82.95
N VAL A 371 3.70 20.24 82.15
CA VAL A 371 3.38 18.84 82.38
C VAL A 371 4.60 17.93 82.20
N LYS A 372 4.67 16.89 83.05
CA LYS A 372 5.67 15.82 82.86
C LYS A 372 5.06 14.72 82.01
N PRO A 373 5.78 14.26 80.98
CA PRO A 373 5.17 13.31 80.04
C PRO A 373 4.69 12.04 80.71
N GLN A 374 5.34 11.57 81.78
CA GLN A 374 4.91 10.30 82.34
C GLN A 374 3.46 10.39 82.87
N ARG A 375 3.03 11.59 83.27
CA ARG A 375 1.64 11.80 83.67
C ARG A 375 0.67 11.63 82.52
N VAL A 376 1.07 11.98 81.29
CA VAL A 376 0.18 11.80 80.15
C VAL A 376 -0.17 10.32 79.99
N TYR A 377 0.82 9.43 80.13
CA TYR A 377 0.56 8.01 79.92
C TYR A 377 -0.32 7.44 81.02
N GLU A 378 -0.16 7.92 82.26
CA GLU A 378 -1.09 7.51 83.31
C GLU A 378 -2.53 7.88 82.93
N GLU A 379 -2.72 9.12 82.46
CA GLU A 379 -4.08 9.53 82.10
C GLU A 379 -4.63 8.74 80.92
N MET A 380 -3.77 8.36 79.97
CA MET A 380 -4.22 7.54 78.86
C MET A 380 -4.69 6.17 79.33
N ASN A 381 -3.96 5.56 80.27
CA ASN A 381 -4.38 4.27 80.80
C ASN A 381 -5.75 4.39 81.45
N LYS A 382 -6.01 5.50 82.17
CA LYS A 382 -7.30 5.65 82.83
C LYS A 382 -8.41 5.99 81.82
N ALA A 383 -8.10 6.78 80.80
CA ALA A 383 -9.17 7.28 79.94
C ALA A 383 -9.65 6.25 78.92
N PHE A 384 -8.76 5.41 78.42
CA PHE A 384 -9.12 4.54 77.32
C PHE A 384 -9.38 3.13 77.85
N GLY A 385 -10.16 2.40 77.10
CA GLY A 385 -10.57 1.10 77.57
C GLY A 385 -9.50 0.05 77.36
N ARG A 386 -9.84 -1.13 77.83
CA ARG A 386 -8.98 -2.27 77.69
C ARG A 386 -8.74 -2.60 76.22
N ASP A 387 -9.65 -2.21 75.34
CA ASP A 387 -9.55 -2.53 73.92
C ASP A 387 -8.81 -1.46 73.12
N VAL A 388 -8.16 -0.50 73.79
CA VAL A 388 -7.43 0.55 73.07
C VAL A 388 -6.35 -0.08 72.19
N CYS A 389 -6.10 0.54 71.04
CA CYS A 389 -5.07 0.11 70.10
C CYS A 389 -4.13 1.29 69.88
N TYR A 390 -2.91 1.20 70.40
CA TYR A 390 -1.96 2.31 70.29
C TYR A 390 -1.15 2.19 69.02
N VAL A 391 -0.86 3.36 68.42
CA VAL A 391 -0.03 3.48 67.23
C VAL A 391 1.03 4.52 67.50
N THR A 392 2.29 4.17 67.29
CA THR A 392 3.38 5.08 67.61
C THR A 392 4.62 4.70 66.80
N THR A 393 5.64 5.57 66.86
CA THR A 393 6.86 5.43 66.06
C THR A 393 8.13 5.45 66.91
N ILE A 394 8.64 6.63 67.26
CA ILE A 394 9.95 6.74 67.89
C ILE A 394 10.06 8.12 68.54
N GLY A 395 10.92 8.22 69.54
CA GLY A 395 11.09 9.43 70.33
C GLY A 395 10.93 9.13 71.82
N LEU A 396 11.23 10.15 72.64
CA LEU A 396 10.95 9.99 74.06
C LEU A 396 9.46 9.77 74.28
N SER A 397 8.64 10.37 73.43
CA SER A 397 7.21 10.12 73.41
C SER A 397 6.93 8.63 73.38
N GLN A 398 7.52 7.93 72.40
CA GLN A 398 7.25 6.50 72.19
C GLN A 398 7.95 5.63 73.23
N ILE A 399 9.17 6.00 73.64
CA ILE A 399 9.89 5.15 74.59
C ILE A 399 9.18 5.14 75.94
N ALA A 400 8.86 6.32 76.47
CA ALA A 400 8.15 6.37 77.73
C ALA A 400 6.75 5.78 77.60
N ALA A 401 6.14 5.89 76.41
CA ALA A 401 4.84 5.26 76.20
C ALA A 401 4.93 3.75 76.36
N ALA A 402 5.97 3.12 75.78
CA ALA A 402 6.13 1.68 75.92
C ALA A 402 6.47 1.29 77.35
N GLN A 403 7.14 2.17 78.09
CA GLN A 403 7.43 1.93 79.51
C GLN A 403 6.20 2.00 80.40
N MET A 404 5.16 2.74 79.99
CA MET A 404 4.13 3.16 80.94
C MET A 404 2.71 2.90 80.49
N LEU A 405 2.44 2.70 79.20
CA LEU A 405 1.11 2.30 78.76
C LEU A 405 0.93 0.79 78.93
N HIS A 406 -0.31 0.33 78.84
CA HIS A 406 -0.59 -1.09 78.91
C HIS A 406 -1.57 -1.50 77.83
N VAL A 407 -1.37 -2.72 77.37
CA VAL A 407 -2.03 -3.27 76.20
C VAL A 407 -2.51 -4.68 76.56
N PHE A 408 -3.62 -5.11 75.94
CA PHE A 408 -4.28 -6.33 76.41
C PHE A 408 -4.68 -7.29 75.30
N LYS A 409 -4.23 -7.08 74.07
CA LYS A 409 -4.54 -7.99 72.98
C LYS A 409 -3.47 -7.81 71.91
N ASP A 410 -3.28 -8.86 71.10
CA ASP A 410 -2.29 -8.75 70.04
C ASP A 410 -2.79 -7.82 68.95
N ARG A 411 -1.85 -7.11 68.33
CA ARG A 411 -2.12 -6.06 67.36
C ARG A 411 -2.84 -4.85 67.95
N HIS A 412 -2.67 -4.63 69.25
CA HIS A 412 -3.04 -3.36 69.87
C HIS A 412 -1.84 -2.52 70.26
N TRP A 413 -0.61 -2.96 69.92
CA TRP A 413 0.56 -2.10 69.89
C TRP A 413 1.09 -2.13 68.45
N ILE A 414 0.93 -1.02 67.73
CA ILE A 414 1.29 -0.92 66.32
C ILE A 414 2.46 0.04 66.22
N ASN A 415 3.66 -0.48 65.97
CA ASN A 415 4.89 0.29 66.17
C ASN A 415 5.93 -0.24 65.20
N CYS A 416 6.56 0.64 64.43
CA CYS A 416 7.60 0.24 63.49
C CYS A 416 8.90 0.11 64.28
N GLY A 417 9.07 -1.05 64.92
CA GLY A 417 10.10 -1.18 65.95
C GLY A 417 11.54 -1.20 65.44
N GLN A 418 11.76 -1.68 64.22
CA GLN A 418 13.15 -1.78 63.79
C GLN A 418 13.62 -0.55 62.99
N ALA A 419 12.76 0.05 62.17
CA ALA A 419 13.15 1.17 61.33
C ALA A 419 12.80 2.54 61.91
N GLY A 420 11.68 2.67 62.60
CA GLY A 420 11.36 3.92 63.26
C GLY A 420 11.37 5.20 62.42
N PRO A 421 10.84 5.18 61.20
CA PRO A 421 10.81 6.42 60.38
C PRO A 421 9.87 7.47 60.95
N LEU A 422 10.40 8.69 61.16
CA LEU A 422 9.55 9.77 61.62
C LEU A 422 8.48 10.08 60.58
N GLY A 423 7.30 10.51 61.05
CA GLY A 423 6.14 10.68 60.21
C GLY A 423 5.28 9.45 60.03
N TRP A 424 5.71 8.30 60.56
CA TRP A 424 4.97 7.06 60.39
C TRP A 424 3.61 7.09 61.06
N THR A 425 3.46 7.83 62.17
CA THR A 425 2.37 7.56 63.11
C THR A 425 1.00 7.90 62.53
N ILE A 426 0.84 9.10 61.98
CA ILE A 426 -0.47 9.50 61.47
C ILE A 426 -0.94 8.57 60.34
N PRO A 427 -0.16 8.40 59.28
CA PRO A 427 -0.62 7.48 58.21
C PRO A 427 -0.81 6.05 58.69
N ALA A 428 0.04 5.56 59.59
CA ALA A 428 -0.14 4.19 60.08
C ALA A 428 -1.45 4.08 60.85
N ALA A 429 -1.77 5.10 61.65
CA ALA A 429 -3.01 5.09 62.39
C ALA A 429 -4.21 5.12 61.45
N LEU A 430 -4.13 5.94 60.39
CA LEU A 430 -5.22 5.94 59.40
C LEU A 430 -5.38 4.57 58.75
N GLY A 431 -4.27 3.89 58.48
CA GLY A 431 -4.36 2.57 57.87
C GLY A 431 -4.97 1.53 58.79
N VAL A 432 -4.68 1.60 60.08
CA VAL A 432 -5.34 0.72 61.04
C VAL A 432 -6.84 1.01 61.07
N CYS A 433 -7.22 2.30 61.05
CA CYS A 433 -8.65 2.63 61.06
C CYS A 433 -9.35 2.14 59.81
N ALA A 434 -8.67 2.23 58.66
CA ALA A 434 -9.24 1.69 57.43
C ALA A 434 -9.37 0.18 57.51
N ALA A 435 -8.43 -0.50 58.17
CA ALA A 435 -8.56 -1.96 58.28
C ALA A 435 -9.71 -2.35 59.21
N ASP A 436 -9.99 -1.54 60.22
CA ASP A 436 -10.97 -1.91 61.25
C ASP A 436 -11.64 -0.64 61.77
N PRO A 437 -12.76 -0.24 61.15
CA PRO A 437 -13.45 0.96 61.61
C PRO A 437 -13.96 0.89 63.05
N LYS A 438 -14.10 -0.31 63.61
CA LYS A 438 -14.48 -0.43 65.02
C LYS A 438 -13.30 -0.42 65.98
N ARG A 439 -12.06 -0.40 65.48
CA ARG A 439 -10.91 -0.35 66.38
C ARG A 439 -10.83 0.99 67.09
N ASN A 440 -10.51 0.94 68.39
CA ASN A 440 -10.35 2.14 69.23
C ASN A 440 -8.89 2.60 69.15
N VAL A 441 -8.60 3.36 68.09
CA VAL A 441 -7.22 3.71 67.75
C VAL A 441 -6.82 4.98 68.47
N VAL A 442 -5.70 4.91 69.20
CA VAL A 442 -5.10 6.06 69.84
C VAL A 442 -3.63 6.10 69.45
N ALA A 443 -3.20 7.18 68.80
CA ALA A 443 -1.81 7.37 68.40
C ALA A 443 -1.07 8.22 69.43
N ILE A 444 0.25 8.02 69.51
CA ILE A 444 1.13 8.82 70.35
C ILE A 444 2.28 9.35 69.49
N SER A 445 2.47 10.66 69.46
CA SER A 445 3.59 11.28 68.75
C SER A 445 4.21 12.35 69.62
N GLY A 446 5.53 12.56 69.44
CA GLY A 446 6.13 13.84 69.77
C GLY A 446 5.90 14.87 68.66
N ASP A 447 6.28 16.13 68.93
CA ASP A 447 6.00 17.19 67.97
C ASP A 447 6.72 16.97 66.64
N PHE A 448 7.96 16.48 66.67
CA PHE A 448 8.74 16.37 65.43
C PHE A 448 8.16 15.28 64.53
N ASP A 449 7.87 14.11 65.11
CA ASP A 449 7.21 13.04 64.37
C ASP A 449 5.88 13.51 63.79
N PHE A 450 5.11 14.26 64.58
CA PHE A 450 3.80 14.75 64.14
C PHE A 450 3.94 15.68 62.93
N GLN A 451 5.03 16.45 62.86
CA GLN A 451 5.20 17.43 61.79
C GLN A 451 5.60 16.80 60.45
N PHE A 452 6.36 15.69 60.45
CA PHE A 452 6.90 15.14 59.20
C PHE A 452 5.82 14.98 58.13
N LEU A 453 4.74 14.29 58.48
CA LEU A 453 3.65 13.98 57.57
C LEU A 453 2.33 14.54 58.10
N ILE A 454 2.40 15.76 58.63
CA ILE A 454 1.25 16.37 59.30
C ILE A 454 0.09 16.53 58.33
N GLU A 455 0.38 16.69 57.02
CA GLU A 455 -0.70 16.91 56.06
C GLU A 455 -1.62 15.71 55.94
N GLU A 456 -1.20 14.52 56.37
CA GLU A 456 -2.06 13.36 56.30
C GLU A 456 -3.30 13.49 57.20
N LEU A 457 -3.30 14.43 58.15
CA LEU A 457 -4.53 14.66 58.91
C LEU A 457 -5.70 15.01 57.98
N ALA A 458 -5.42 15.69 56.86
CA ALA A 458 -6.47 16.04 55.91
C ALA A 458 -7.02 14.80 55.19
N VAL A 459 -6.26 13.70 55.17
CA VAL A 459 -6.83 12.46 54.66
C VAL A 459 -7.92 11.96 55.58
N GLY A 460 -7.68 12.03 56.90
CA GLY A 460 -8.72 11.65 57.85
C GLY A 460 -9.92 12.56 57.76
N ALA A 461 -9.70 13.85 57.50
CA ALA A 461 -10.81 14.78 57.36
C ALA A 461 -11.60 14.49 56.08
N GLN A 462 -10.92 14.37 54.94
CA GLN A 462 -11.65 14.20 53.68
C GLN A 462 -12.44 12.92 53.67
N PHE A 463 -11.92 11.86 54.31
CA PHE A 463 -12.56 10.56 54.26
C PHE A 463 -13.30 10.21 55.55
N ASN A 464 -13.35 11.12 56.50
CA ASN A 464 -13.95 10.87 57.81
C ASN A 464 -13.44 9.57 58.42
N ILE A 465 -12.15 9.58 58.74
CA ILE A 465 -11.54 8.43 59.40
C ILE A 465 -11.16 8.90 60.80
N PRO A 466 -11.97 8.59 61.81
CA PRO A 466 -11.74 9.15 63.14
C PRO A 466 -10.82 8.29 64.01
N TYR A 467 -9.97 8.97 64.79
CA TYR A 467 -9.16 8.36 65.82
C TYR A 467 -8.66 9.52 66.69
N ILE A 468 -8.07 9.19 67.84
CA ILE A 468 -7.49 10.21 68.73
C ILE A 468 -5.98 10.19 68.61
N HIS A 469 -5.37 11.35 68.41
CA HIS A 469 -3.92 11.48 68.34
C HIS A 469 -3.45 12.25 69.56
N VAL A 470 -2.73 11.56 70.45
CA VAL A 470 -2.08 12.22 71.58
C VAL A 470 -0.73 12.77 71.11
N LEU A 471 -0.53 14.07 71.28
CA LEU A 471 0.64 14.80 70.80
C LEU A 471 1.32 15.41 72.01
N VAL A 472 2.52 14.94 72.34
CA VAL A 472 3.24 15.44 73.52
C VAL A 472 4.35 16.35 73.02
N ASN A 473 4.21 17.65 73.30
CA ASN A 473 4.98 18.69 72.62
C ASN A 473 6.01 19.28 73.57
N ASN A 474 7.30 19.02 73.30
CA ASN A 474 8.37 19.63 74.06
C ASN A 474 9.19 20.63 73.24
N ALA A 475 8.73 20.99 72.05
CA ALA A 475 9.51 21.84 71.13
C ALA A 475 10.95 21.36 71.01
N TYR A 476 11.14 20.05 70.97
CA TYR A 476 12.47 19.45 70.95
C TYR A 476 12.43 18.17 70.12
N LEU A 477 13.56 17.82 69.49
CA LEU A 477 13.82 16.41 69.18
C LEU A 477 14.39 15.81 70.47
N GLY A 478 13.49 15.41 71.36
CA GLY A 478 13.90 15.15 72.73
C GLY A 478 14.84 13.96 72.86
N LEU A 479 14.58 12.90 72.09
CA LEU A 479 15.47 11.75 72.16
C LEU A 479 16.88 12.14 71.70
N ILE A 480 16.98 13.01 70.71
CA ILE A 480 18.31 13.36 70.21
C ILE A 480 19.00 14.29 71.18
N ARG A 481 18.24 15.20 71.81
CA ARG A 481 18.79 15.99 72.91
C ARG A 481 19.39 15.09 73.97
N GLN A 482 18.64 14.06 74.38
CA GLN A 482 19.14 13.18 75.44
C GLN A 482 20.39 12.42 74.98
N SER A 483 20.40 11.92 73.75
CA SER A 483 21.59 11.22 73.28
C SER A 483 22.77 12.18 73.09
N GLN A 484 22.53 13.48 72.93
CA GLN A 484 23.65 14.41 72.81
C GLN A 484 24.31 14.71 74.14
N MET A 485 23.70 14.31 75.26
CA MET A 485 24.31 14.60 76.56
C MET A 485 25.70 13.98 76.67
N ALA A 486 25.90 12.83 76.02
CA ALA A 486 27.22 12.18 75.98
C ALA A 486 28.26 13.02 75.22
N PHE A 487 27.83 13.96 74.39
CA PHE A 487 28.74 14.87 73.71
C PHE A 487 28.73 16.24 74.37
N ASP A 488 28.14 16.36 75.55
CA ASP A 488 28.13 17.60 76.32
C ASP A 488 27.65 18.77 75.44
N MET A 489 26.54 18.55 74.74
CA MET A 489 26.01 19.56 73.84
C MET A 489 24.50 19.41 73.72
N ASP A 490 23.89 20.48 73.26
CA ASP A 490 22.45 20.55 72.95
C ASP A 490 22.40 21.39 71.67
N TYR A 491 22.26 20.72 70.52
CA TYR A 491 22.69 21.34 69.27
C TYR A 491 21.83 20.87 68.11
N CYS A 492 21.16 21.82 67.44
CA CYS A 492 20.30 21.54 66.30
C CYS A 492 19.16 20.60 66.65
N VAL A 493 18.66 20.65 67.88
CA VAL A 493 17.57 19.78 68.32
C VAL A 493 16.35 20.56 68.80
N GLN A 494 16.39 21.90 68.80
CA GLN A 494 15.28 22.71 69.30
C GLN A 494 14.40 23.18 68.15
N LEU A 495 13.08 23.15 68.39
CA LEU A 495 12.07 23.53 67.42
C LEU A 495 11.32 24.79 67.81
N ALA A 496 11.63 25.39 68.95
CA ALA A 496 10.92 26.55 69.47
C ALA A 496 11.20 27.80 68.64
N PHE A 497 10.18 28.67 68.57
CA PHE A 497 10.31 30.04 68.08
C PHE A 497 9.08 30.82 68.52
N GLU A 498 9.19 32.14 68.55
CA GLU A 498 8.05 32.98 68.89
C GLU A 498 7.12 33.00 67.68
N ASN A 499 5.99 32.34 67.80
CA ASN A 499 5.05 32.24 66.68
C ASN A 499 4.34 33.59 66.51
N ILE A 500 4.53 34.22 65.35
CA ILE A 500 4.01 35.57 65.12
C ILE A 500 2.50 35.61 65.07
N ASN A 501 1.83 34.47 64.93
CA ASN A 501 0.38 34.39 64.94
C ASN A 501 -0.20 33.88 66.25
N SER A 502 0.63 33.42 67.19
CA SER A 502 0.09 32.74 68.38
C SER A 502 1.01 32.99 69.56
N SER A 503 0.82 34.11 70.26
CA SER A 503 1.59 34.33 71.47
C SER A 503 1.24 33.31 72.55
N GLU A 504 0.10 32.63 72.42
CA GLU A 504 -0.34 31.64 73.40
C GLU A 504 0.44 30.34 73.38
N VAL A 505 1.23 30.04 72.34
CA VAL A 505 2.07 28.85 72.42
C VAL A 505 3.35 29.14 73.19
N ASN A 506 3.57 30.39 73.58
CA ASN A 506 4.61 30.76 74.52
C ASN A 506 6.01 30.36 74.04
N GLY A 507 6.29 30.63 72.77
CA GLY A 507 7.59 30.36 72.23
C GLY A 507 7.84 28.92 71.87
N TYR A 508 6.83 28.07 71.87
CA TYR A 508 7.01 26.67 71.50
C TYR A 508 7.03 26.47 69.99
N GLY A 509 6.79 27.50 69.22
CA GLY A 509 6.92 27.39 67.77
C GLY A 509 5.58 27.08 67.11
N VAL A 510 5.52 25.93 66.44
CA VAL A 510 4.32 25.59 65.67
C VAL A 510 3.11 25.53 66.58
N ASP A 511 1.98 26.06 66.06
CA ASP A 511 0.67 26.02 66.72
C ASP A 511 -0.09 24.84 66.12
N HIS A 512 -0.04 23.69 66.82
CA HIS A 512 -0.60 22.45 66.27
C HIS A 512 -2.13 22.47 66.26
N VAL A 513 -2.74 23.22 67.18
CA VAL A 513 -4.20 23.37 67.13
C VAL A 513 -4.61 24.05 65.85
N LYS A 514 -3.98 25.21 65.52
CA LYS A 514 -4.34 25.90 64.30
C LYS A 514 -4.03 25.05 63.05
N VAL A 515 -2.93 24.30 63.07
CA VAL A 515 -2.60 23.49 61.90
C VAL A 515 -3.61 22.37 61.73
N ALA A 516 -3.91 21.67 62.83
CA ALA A 516 -4.84 20.55 62.73
C ALA A 516 -6.21 21.02 62.28
N GLU A 517 -6.62 22.22 62.75
CA GLU A 517 -7.93 22.74 62.37
C GLU A 517 -7.95 23.16 60.91
N GLY A 518 -6.87 23.75 60.41
CA GLY A 518 -6.82 24.08 59.00
C GLY A 518 -6.87 22.85 58.12
N LEU A 519 -6.35 21.74 58.59
CA LEU A 519 -6.39 20.49 57.85
C LEU A 519 -7.73 19.77 57.99
N GLY A 520 -8.71 20.40 58.66
CA GLY A 520 -10.06 19.86 58.74
C GLY A 520 -10.34 18.99 59.94
N CYS A 521 -9.45 18.93 60.92
CA CYS A 521 -9.62 18.07 62.08
C CYS A 521 -9.99 18.91 63.32
N LYS A 522 -10.22 18.23 64.43
CA LYS A 522 -10.43 18.90 65.71
C LYS A 522 -9.18 18.76 66.56
N ALA A 523 -8.98 19.71 67.46
CA ALA A 523 -7.79 19.77 68.29
C ALA A 523 -8.08 20.46 69.61
N ILE A 524 -7.43 19.99 70.68
CA ILE A 524 -7.49 20.54 72.03
C ILE A 524 -6.06 20.64 72.56
N ARG A 525 -5.72 21.79 73.15
CA ARG A 525 -4.42 21.99 73.81
C ARG A 525 -4.58 21.98 75.34
N VAL A 526 -3.67 21.29 76.03
CA VAL A 526 -3.70 21.10 77.48
C VAL A 526 -2.39 21.62 78.07
N PHE A 527 -2.49 22.54 79.02
CA PHE A 527 -1.32 23.02 79.76
C PHE A 527 -1.18 22.44 81.15
N LYS A 528 -2.28 21.98 81.77
CA LYS A 528 -2.20 21.58 83.17
C LYS A 528 -2.52 20.10 83.30
N PRO A 529 -1.84 19.38 84.20
CA PRO A 529 -2.03 17.92 84.27
C PRO A 529 -3.46 17.51 84.54
N GLU A 530 -4.19 18.29 85.34
CA GLU A 530 -5.56 17.97 85.71
C GLU A 530 -6.54 18.16 84.57
N ASP A 531 -6.14 18.87 83.50
CA ASP A 531 -6.96 19.07 82.32
C ASP A 531 -6.81 17.97 81.28
N ILE A 532 -5.88 17.02 81.48
CA ILE A 532 -5.70 15.96 80.50
C ILE A 532 -6.93 15.06 80.42
N ALA A 533 -7.37 14.54 81.55
CA ALA A 533 -8.50 13.62 81.52
C ALA A 533 -9.75 14.24 80.89
N PRO A 534 -10.17 15.44 81.28
CA PRO A 534 -11.33 16.04 80.59
C PRO A 534 -11.09 16.23 79.10
N ALA A 535 -9.85 16.53 78.69
CA ALA A 535 -9.57 16.68 77.27
C ALA A 535 -9.76 15.37 76.52
N PHE A 536 -9.32 14.26 77.11
CA PHE A 536 -9.57 12.97 76.46
C PHE A 536 -11.06 12.69 76.35
N GLU A 537 -11.85 13.14 77.33
CA GLU A 537 -13.30 12.94 77.23
C GLU A 537 -13.91 13.84 76.17
N GLN A 538 -13.49 15.10 76.08
CA GLN A 538 -14.02 15.92 75.00
C GLN A 538 -13.59 15.39 73.64
N ALA A 539 -12.37 14.84 73.55
CA ALA A 539 -11.90 14.32 72.28
C ALA A 539 -12.76 13.17 71.80
N LYS A 540 -13.18 12.30 72.72
CA LYS A 540 -14.08 11.21 72.34
C LYS A 540 -15.40 11.74 71.82
N ALA A 541 -15.92 12.79 72.45
CA ALA A 541 -17.18 13.37 72.00
C ALA A 541 -17.03 14.03 70.64
N LEU A 542 -15.96 14.81 70.44
CA LEU A 542 -15.73 15.46 69.16
C LEU A 542 -15.56 14.43 68.05
N MET A 543 -14.93 13.29 68.38
CA MET A 543 -14.75 12.23 67.38
C MET A 543 -16.10 11.67 66.95
N ALA A 544 -16.95 11.36 67.92
CA ALA A 544 -18.28 10.82 67.60
C ALA A 544 -19.09 11.85 66.82
N GLN A 545 -18.94 13.13 67.17
CA GLN A 545 -19.76 14.16 66.56
C GLN A 545 -19.33 14.47 65.13
N TYR A 546 -18.02 14.65 64.90
CA TYR A 546 -17.52 15.07 63.60
C TYR A 546 -16.89 13.96 62.77
N ARG A 547 -16.58 12.80 63.37
CA ARG A 547 -16.00 11.66 62.64
C ARG A 547 -14.75 12.06 61.85
N VAL A 548 -13.83 12.76 62.52
CA VAL A 548 -12.53 13.15 61.99
C VAL A 548 -11.47 12.86 63.04
N PRO A 549 -10.19 12.87 62.70
CA PRO A 549 -9.17 12.77 63.74
C PRO A 549 -9.31 13.93 64.72
N VAL A 550 -9.08 13.64 66.00
CA VAL A 550 -9.04 14.64 67.05
C VAL A 550 -7.66 14.61 67.70
N VAL A 551 -6.96 15.74 67.67
CA VAL A 551 -5.63 15.88 68.24
C VAL A 551 -5.75 16.47 69.64
N VAL A 552 -5.17 15.79 70.64
CA VAL A 552 -5.00 16.31 71.99
C VAL A 552 -3.53 16.60 72.18
N GLU A 553 -3.16 17.89 72.18
CA GLU A 553 -1.78 18.33 72.34
C GLU A 553 -1.55 18.67 73.81
N VAL A 554 -0.58 18.01 74.43
CA VAL A 554 -0.18 18.33 75.79
C VAL A 554 1.14 19.07 75.73
N ILE A 555 1.19 20.27 76.32
CA ILE A 555 2.42 21.05 76.37
C ILE A 555 3.27 20.49 77.50
N LEU A 556 4.46 20.00 77.16
CA LEU A 556 5.34 19.38 78.13
C LEU A 556 6.37 20.37 78.62
N GLU A 557 6.96 20.05 79.77
CA GLU A 557 8.23 20.68 80.11
C GLU A 557 9.24 20.38 78.99
N ARG A 558 10.12 21.34 78.73
CA ARG A 558 11.00 21.22 77.56
C ARG A 558 11.90 19.99 77.65
N VAL A 559 12.34 19.64 78.85
CA VAL A 559 13.45 18.69 79.03
C VAL A 559 13.05 17.64 80.08
N THR A 560 12.90 16.40 79.64
CA THR A 560 12.72 15.25 80.53
C THR A 560 13.61 14.13 80.03
N ASN A 561 14.49 13.61 80.89
CA ASN A 561 15.35 12.49 80.53
C ASN A 561 14.64 11.17 80.87
N ILE A 562 14.29 10.39 79.84
CA ILE A 562 13.61 9.11 80.00
C ILE A 562 14.61 8.02 80.36
N SER A 563 14.17 7.03 81.15
CA SER A 563 15.11 6.00 81.62
C SER A 563 15.59 5.14 80.46
N MET A 564 16.90 4.88 80.42
CA MET A 564 17.51 4.06 79.37
C MET A 564 18.98 3.85 79.75
N GLY A 565 19.60 2.86 79.11
CA GLY A 565 21.01 2.61 79.35
C GLY A 565 21.60 1.71 78.27
N SER A 566 22.84 1.29 78.48
CA SER A 566 23.53 0.49 77.48
C SER A 566 23.53 -1.01 77.78
N GLU A 567 23.12 -1.42 78.97
CA GLU A 567 22.99 -2.83 79.33
C GLU A 567 21.75 -3.01 80.18
N LEU A 568 21.26 -4.25 80.25
CA LEU A 568 20.08 -4.52 81.08
C LEU A 568 20.35 -4.15 82.54
N ASP A 569 21.59 -4.27 82.98
CA ASP A 569 21.94 -3.99 84.36
C ASP A 569 22.47 -2.57 84.55
N ASN A 570 22.31 -1.70 83.55
CA ASN A 570 22.87 -0.35 83.62
C ASN A 570 21.88 0.74 83.24
N VAL A 571 20.58 0.43 83.15
CA VAL A 571 19.60 1.45 82.78
C VAL A 571 19.57 2.53 83.86
N MET A 572 19.85 3.77 83.47
CA MET A 572 19.83 4.88 84.40
C MET A 572 18.40 5.37 84.61
N GLU A 573 18.04 5.62 85.87
CA GLU A 573 16.76 6.20 86.22
C GLU A 573 17.00 7.68 86.56
N PHE A 574 16.76 8.56 85.58
CA PHE A 574 16.91 10.00 85.81
C PHE A 574 15.77 10.57 86.63
N GLU A 575 14.54 10.25 86.24
CA GLU A 575 13.34 10.72 86.91
C GLU A 575 13.03 9.81 88.10
N ASP A 576 12.07 10.25 88.93
CA ASP A 576 11.77 9.53 90.16
C ASP A 576 11.34 8.09 89.85
N ILE A 577 11.89 7.15 90.63
CA ILE A 577 11.38 5.78 90.63
C ILE A 577 10.19 5.74 91.57
N ALA A 578 9.50 4.59 91.62
CA ALA A 578 8.43 4.40 92.59
C ALA A 578 8.44 2.96 93.07
N ASP A 579 8.00 2.75 94.32
CA ASP A 579 7.81 1.39 94.83
C ASP A 579 6.43 1.20 95.44
N ASN A 580 5.49 2.09 95.09
CA ASN A 580 4.17 2.16 95.69
C ASN A 580 3.19 2.59 94.62
N ALA A 581 1.95 2.14 94.75
CA ALA A 581 0.94 2.42 93.74
C ALA A 581 0.63 3.92 93.63
N ALA A 582 0.74 4.67 94.72
CA ALA A 582 0.32 6.07 94.66
C ALA A 582 1.15 6.84 93.65
N ASP A 583 2.44 6.51 93.53
CA ASP A 583 3.28 7.17 92.54
C ASP A 583 3.07 6.59 91.14
N ALA A 584 2.68 5.32 91.04
CA ALA A 584 2.49 4.65 89.74
C ALA A 584 1.15 3.92 89.74
N PRO A 585 0.05 4.67 89.72
CA PRO A 585 -1.26 4.05 89.98
C PRO A 585 -1.86 3.23 88.85
N THR A 586 -1.33 3.25 87.62
CA THR A 586 -1.93 2.49 86.54
C THR A 586 -1.19 1.20 86.21
N GLU A 587 -0.21 0.78 87.02
CA GLU A 587 0.27 -0.60 86.89
C GLU A 587 -0.91 -1.56 87.05
N THR A 588 -0.90 -2.64 86.27
CA THR A 588 -2.02 -3.57 86.29
C THR A 588 -2.17 -4.26 87.64
N CYS A 589 -1.09 -4.35 88.41
CA CYS A 589 -1.20 -4.90 89.76
C CYS A 589 -2.14 -4.07 90.62
N PHE A 590 -2.26 -2.77 90.32
CA PHE A 590 -3.02 -1.87 91.16
C PHE A 590 -4.34 -1.44 90.56
N MET A 591 -4.52 -1.62 89.25
CA MET A 591 -5.65 -1.06 88.55
C MET A 591 -6.29 -2.13 87.68
N HIS A 592 -7.62 -2.19 87.74
CA HIS A 592 -8.40 -3.08 86.90
C HIS A 592 -8.69 -2.38 85.58
N TYR A 593 -8.33 -3.01 84.48
CA TYR A 593 -8.49 -2.40 83.16
C TYR A 593 -9.79 -2.89 82.56
N GLU A 594 -10.80 -2.02 82.63
CA GLU A 594 -12.00 -2.10 81.82
C GLU A 594 -12.75 -3.41 82.02
N GLY B 1 24.99 -36.42 70.01
CA GLY B 1 24.86 -35.38 71.03
C GLY B 1 25.57 -34.09 70.65
N MET B 2 25.25 -33.00 71.35
CA MET B 2 25.89 -31.72 71.07
C MET B 2 27.36 -31.73 71.47
N ALA B 3 28.17 -31.01 70.71
CA ALA B 3 29.60 -30.99 70.99
C ALA B 3 30.21 -29.72 70.42
N LYS B 4 31.29 -29.27 71.08
CA LYS B 4 32.14 -28.24 70.49
C LYS B 4 32.84 -28.79 69.26
N MET B 5 32.83 -28.01 68.19
CA MET B 5 33.50 -28.36 66.94
C MET B 5 33.62 -27.09 66.12
N ARG B 6 34.48 -27.11 65.11
CA ARG B 6 34.56 -25.97 64.20
C ARG B 6 33.30 -25.89 63.35
N ALA B 7 33.00 -24.68 62.88
CA ALA B 7 31.87 -24.55 61.97
C ALA B 7 32.02 -25.48 60.77
N VAL B 8 33.24 -25.68 60.25
CA VAL B 8 33.36 -26.57 59.10
C VAL B 8 33.07 -28.02 59.47
N ASP B 9 33.33 -28.41 60.73
CA ASP B 9 32.91 -29.75 61.16
C ASP B 9 31.39 -29.87 61.15
N ALA B 10 30.70 -28.87 61.69
CA ALA B 10 29.25 -28.87 61.64
C ALA B 10 28.75 -28.88 60.19
N ALA B 11 29.46 -28.19 59.31
CA ALA B 11 29.10 -28.22 57.89
C ALA B 11 29.19 -29.64 57.34
N MET B 12 30.17 -30.43 57.78
CA MET B 12 30.29 -31.79 57.25
C MET B 12 29.09 -32.65 57.68
N TYR B 13 28.61 -32.49 58.92
CA TYR B 13 27.43 -33.24 59.35
C TYR B 13 26.20 -32.82 58.57
N VAL B 14 26.05 -31.52 58.31
CA VAL B 14 24.90 -31.05 57.54
C VAL B 14 24.93 -31.64 56.14
N LEU B 15 26.10 -31.61 55.49
CA LEU B 15 26.20 -32.18 54.15
C LEU B 15 25.85 -33.65 54.17
N GLU B 16 26.32 -34.38 55.19
CA GLU B 16 26.02 -35.80 55.28
C GLU B 16 24.52 -36.04 55.42
N LYS B 17 23.86 -35.26 56.29
CA LYS B 17 22.42 -35.44 56.48
C LYS B 17 21.64 -35.06 55.24
N GLU B 18 22.15 -34.14 54.43
CA GLU B 18 21.48 -33.72 53.21
C GLU B 18 21.81 -34.64 52.04
N GLY B 19 22.48 -35.76 52.29
CA GLY B 19 22.73 -36.75 51.28
C GLY B 19 23.98 -36.57 50.44
N ILE B 20 24.84 -35.59 50.74
CA ILE B 20 26.08 -35.46 49.99
C ILE B 20 27.02 -36.63 50.28
N THR B 21 27.61 -37.18 49.23
CA THR B 21 28.63 -38.23 49.35
C THR B 21 29.85 -37.94 48.50
N THR B 22 29.82 -36.91 47.66
CA THR B 22 30.82 -36.67 46.64
C THR B 22 31.05 -35.17 46.51
N ALA B 23 32.28 -34.78 46.22
CA ALA B 23 32.59 -33.39 45.95
C ALA B 23 33.72 -33.34 44.92
N PHE B 24 33.72 -32.28 44.13
CA PHE B 24 34.72 -32.03 43.10
C PHE B 24 35.36 -30.69 43.41
N GLY B 25 36.68 -30.63 43.43
CA GLY B 25 37.23 -29.35 43.84
C GLY B 25 38.71 -29.20 43.57
N VAL B 26 39.19 -28.03 43.95
CA VAL B 26 40.60 -27.64 43.93
C VAL B 26 40.85 -26.93 45.25
N PRO B 27 41.65 -27.50 46.16
CA PRO B 27 41.92 -26.83 47.43
C PRO B 27 42.79 -25.59 47.26
N GLY B 28 42.73 -24.74 48.28
CA GLY B 28 43.59 -23.58 48.41
C GLY B 28 43.63 -23.18 49.86
N ALA B 29 44.55 -22.25 50.17
CA ALA B 29 44.81 -21.92 51.56
C ALA B 29 43.54 -21.44 52.27
N ALA B 30 42.67 -20.70 51.56
CA ALA B 30 41.52 -20.09 52.20
C ALA B 30 40.38 -21.08 52.48
N ILE B 31 40.40 -22.25 51.84
CA ILE B 31 39.40 -23.29 52.05
C ILE B 31 40.00 -24.52 52.74
N ASN B 32 41.26 -24.46 53.17
CA ASN B 32 41.87 -25.59 53.86
C ASN B 32 41.09 -26.07 55.08
N PRO B 33 40.55 -25.21 55.96
CA PRO B 33 39.80 -25.77 57.10
C PRO B 33 38.62 -26.64 56.68
N PHE B 34 37.93 -26.27 55.60
CA PHE B 34 36.86 -27.12 55.10
C PHE B 34 37.42 -28.47 54.66
N TYR B 35 38.54 -28.45 53.94
CA TYR B 35 39.15 -29.71 53.51
C TYR B 35 39.60 -30.52 54.71
N SER B 36 40.11 -29.85 55.74
CA SER B 36 40.50 -30.57 56.94
C SER B 36 39.31 -31.24 57.60
N ALA B 37 38.17 -30.53 57.68
CA ALA B 37 36.97 -31.11 58.26
C ALA B 37 36.43 -32.24 57.39
N MET B 38 36.51 -32.09 56.07
CA MET B 38 36.08 -33.16 55.18
C MET B 38 36.94 -34.41 55.38
N ARG B 39 38.25 -34.24 55.55
CA ARG B 39 39.12 -35.39 55.78
C ARG B 39 38.79 -36.07 57.10
N LYS B 40 38.57 -35.29 58.16
CA LYS B 40 38.29 -35.88 59.46
C LYS B 40 36.95 -36.62 59.47
N HIS B 41 35.97 -36.10 58.75
CA HIS B 41 34.65 -36.70 58.77
C HIS B 41 34.59 -37.95 57.92
N GLY B 42 35.27 -37.96 56.78
CA GLY B 42 35.27 -39.13 55.92
C GLY B 42 33.94 -39.32 55.23
N GLY B 43 33.93 -40.21 54.26
CA GLY B 43 32.66 -40.48 53.62
C GLY B 43 32.08 -39.35 52.79
N ILE B 44 32.83 -38.30 52.49
CA ILE B 44 32.66 -37.57 51.24
C ILE B 44 33.88 -37.88 50.39
N ARG B 45 33.64 -38.49 49.23
CA ARG B 45 34.71 -38.78 48.27
C ARG B 45 34.99 -37.51 47.46
N HIS B 46 36.23 -37.02 47.51
CA HIS B 46 36.64 -35.81 46.78
C HIS B 46 37.38 -36.19 45.50
N ILE B 47 36.99 -35.57 44.39
CA ILE B 47 37.68 -35.71 43.10
C ILE B 47 38.41 -34.40 42.83
N LEU B 48 39.74 -34.47 42.70
CA LEU B 48 40.55 -33.28 42.42
C LEU B 48 40.50 -32.97 40.93
N ALA B 49 40.03 -31.79 40.58
CA ALA B 49 39.95 -31.40 39.17
C ALA B 49 41.27 -30.74 38.74
N ARG B 50 41.44 -30.57 37.44
CA ARG B 50 42.64 -29.88 36.94
C ARG B 50 42.31 -28.52 36.35
N HIS B 51 41.16 -27.97 36.72
CA HIS B 51 40.73 -26.60 36.48
C HIS B 51 39.51 -26.42 37.37
N VAL B 52 39.39 -25.26 38.00
CA VAL B 52 38.20 -25.04 38.83
C VAL B 52 36.94 -25.12 37.99
N GLU B 53 37.00 -24.66 36.74
CA GLU B 53 35.82 -24.79 35.88
C GLU B 53 35.53 -26.26 35.64
N GLY B 54 36.56 -27.10 35.60
CA GLY B 54 36.33 -28.53 35.47
C GLY B 54 35.55 -29.07 36.65
N ALA B 55 35.95 -28.72 37.87
CA ALA B 55 35.22 -29.18 39.05
C ALA B 55 33.77 -28.71 39.01
N SER B 56 33.54 -27.48 38.55
CA SER B 56 32.18 -26.94 38.57
C SER B 56 31.28 -27.68 37.57
N HIS B 57 31.82 -28.08 36.41
CA HIS B 57 31.01 -28.82 35.46
C HIS B 57 30.88 -30.29 35.82
N MET B 58 31.87 -30.85 36.55
CA MET B 58 31.68 -32.18 37.14
C MET B 58 30.48 -32.16 38.08
N ALA B 59 30.34 -31.09 38.87
CA ALA B 59 29.22 -30.98 39.78
C ALA B 59 27.90 -30.95 39.01
N GLU B 60 27.86 -30.21 37.89
CA GLU B 60 26.66 -30.20 37.05
C GLU B 60 26.31 -31.59 36.56
N GLY B 61 27.30 -32.32 36.05
CA GLY B 61 27.01 -33.65 35.52
C GLY B 61 26.57 -34.60 36.60
N TYR B 62 27.13 -34.46 37.81
CA TYR B 62 26.72 -35.29 38.93
C TYR B 62 25.27 -35.05 39.30
N THR B 63 24.87 -33.79 39.38
CA THR B 63 23.46 -33.44 39.61
C THR B 63 22.56 -34.05 38.54
N ARG B 64 22.92 -33.86 37.28
CA ARG B 64 22.02 -34.22 36.18
C ARG B 64 21.87 -35.72 36.03
N ALA B 65 22.82 -36.51 36.53
CA ALA B 65 22.81 -37.95 36.29
C ALA B 65 21.60 -38.64 36.94
N THR B 66 21.20 -38.21 38.13
CA THR B 66 20.28 -39.01 38.95
C THR B 66 19.38 -38.10 39.76
N ALA B 67 18.08 -38.36 39.75
CA ALA B 67 17.16 -37.50 40.49
C ALA B 67 17.56 -37.46 41.95
N GLY B 68 17.51 -36.27 42.53
CA GLY B 68 17.91 -36.06 43.91
C GLY B 68 19.39 -35.75 44.13
N ASN B 69 20.25 -35.99 43.15
CA ASN B 69 21.67 -35.67 43.29
C ASN B 69 21.90 -34.15 43.34
N ILE B 70 22.86 -33.74 44.16
CA ILE B 70 23.33 -32.36 44.14
C ILE B 70 24.86 -32.39 44.08
N GLY B 71 25.41 -32.04 42.92
CA GLY B 71 26.86 -31.94 42.81
C GLY B 71 27.39 -30.79 43.64
N VAL B 72 28.56 -31.00 44.24
CA VAL B 72 29.22 -30.04 45.12
C VAL B 72 30.58 -29.69 44.52
N CYS B 73 30.87 -28.40 44.39
CA CYS B 73 32.10 -27.89 43.82
C CYS B 73 32.80 -27.04 44.87
N LEU B 74 34.06 -27.34 45.16
CA LEU B 74 34.84 -26.66 46.19
C LEU B 74 35.99 -25.89 45.57
N GLY B 75 36.25 -24.69 46.08
CA GLY B 75 37.36 -23.89 45.60
C GLY B 75 37.82 -22.94 46.69
N THR B 76 38.96 -22.31 46.42
CA THR B 76 39.51 -21.36 47.38
C THR B 76 38.92 -19.96 47.10
N SER B 77 39.53 -18.92 47.66
CA SER B 77 39.05 -17.55 47.49
C SER B 77 39.42 -17.02 46.10
N GLY B 78 39.10 -15.75 45.84
CA GLY B 78 39.57 -15.07 44.66
C GLY B 78 39.16 -15.73 43.35
N PRO B 79 40.16 -16.05 42.51
CA PRO B 79 39.86 -16.56 41.16
C PRO B 79 39.09 -17.88 41.13
N ALA B 80 39.13 -18.68 42.19
CA ALA B 80 38.36 -19.93 42.17
C ALA B 80 36.87 -19.65 42.02
N GLY B 81 36.34 -18.67 42.76
CA GLY B 81 34.94 -18.34 42.61
C GLY B 81 34.60 -17.76 41.25
N THR B 82 35.46 -16.87 40.73
CA THR B 82 35.19 -16.32 39.40
C THR B 82 35.24 -17.41 38.33
N ASP B 83 36.00 -18.48 38.59
CA ASP B 83 36.05 -19.64 37.69
C ASP B 83 34.80 -20.52 37.79
N MET B 84 33.93 -20.31 38.78
CA MET B 84 32.70 -21.09 38.91
C MET B 84 31.49 -20.41 38.28
N ILE B 85 31.64 -19.17 37.81
CA ILE B 85 30.48 -18.41 37.35
C ILE B 85 29.85 -19.07 36.13
N THR B 86 30.66 -19.58 35.21
CA THR B 86 30.07 -20.16 34.01
C THR B 86 29.19 -21.37 34.35
N ALA B 87 29.60 -22.20 35.32
CA ALA B 87 28.77 -23.32 35.76
C ALA B 87 27.52 -22.84 36.50
N LEU B 88 27.65 -21.82 37.36
CA LEU B 88 26.48 -21.32 38.03
C LEU B 88 25.46 -20.82 37.01
N TYR B 89 25.94 -20.14 35.97
CA TYR B 89 25.05 -19.71 34.90
C TYR B 89 24.43 -20.91 34.19
N SER B 90 25.25 -21.90 33.83
CA SER B 90 24.75 -23.06 33.11
C SER B 90 23.73 -23.85 33.95
N ALA B 91 23.99 -23.98 35.25
CA ALA B 91 23.04 -24.69 36.12
C ALA B 91 21.74 -23.91 36.28
N SER B 92 21.85 -22.60 36.59
CA SER B 92 20.67 -21.76 36.68
C SER B 92 19.84 -21.86 35.42
N ALA B 93 20.50 -21.76 34.26
CA ALA B 93 19.78 -21.63 33.00
C ALA B 93 18.95 -22.87 32.67
N ASP B 94 19.40 -24.04 33.13
CA ASP B 94 18.67 -25.30 32.92
C ASP B 94 17.82 -25.70 34.14
N SER B 95 17.68 -24.82 35.12
CA SER B 95 16.88 -25.11 36.32
C SER B 95 17.40 -26.31 37.11
N ILE B 96 18.71 -26.44 37.24
CA ILE B 96 19.25 -27.51 38.08
C ILE B 96 20.25 -26.95 39.08
N PRO B 97 20.40 -27.59 40.23
CA PRO B 97 21.30 -27.10 41.28
C PRO B 97 22.70 -27.68 41.23
N ILE B 98 23.64 -26.85 41.65
CA ILE B 98 24.92 -27.30 42.17
C ILE B 98 25.18 -26.48 43.41
N LEU B 99 25.93 -27.02 44.35
CA LEU B 99 26.33 -26.27 45.54
C LEU B 99 27.81 -25.92 45.39
N CYS B 100 28.10 -24.63 45.21
CA CYS B 100 29.47 -24.15 45.20
C CYS B 100 29.84 -23.62 46.58
N ILE B 101 31.04 -23.98 47.04
CA ILE B 101 31.58 -23.50 48.31
C ILE B 101 32.96 -22.90 48.04
N THR B 102 33.16 -21.67 48.45
CA THR B 102 34.44 -21.00 48.27
C THR B 102 34.99 -20.57 49.63
N GLY B 103 36.31 -20.62 49.76
CA GLY B 103 36.95 -19.95 50.87
C GLY B 103 37.01 -18.46 50.65
N GLN B 104 37.28 -17.73 51.73
CA GLN B 104 37.23 -16.27 51.66
C GLN B 104 38.16 -15.70 52.73
N ALA B 105 38.52 -14.44 52.55
CA ALA B 105 39.33 -13.75 53.56
C ALA B 105 38.53 -13.63 54.86
N PRO B 106 39.22 -13.45 55.98
CA PRO B 106 38.51 -13.26 57.26
C PRO B 106 37.63 -12.03 57.24
N ARG B 107 36.54 -12.10 58.01
CA ARG B 107 35.55 -11.01 58.02
C ARG B 107 36.21 -9.65 58.22
N ALA B 108 37.20 -9.57 59.10
CA ALA B 108 37.77 -8.26 59.43
C ALA B 108 38.46 -7.64 58.22
N ARG B 109 38.80 -8.44 57.22
CA ARG B 109 39.62 -7.99 56.11
C ARG B 109 38.88 -7.98 54.78
N LEU B 110 37.54 -8.00 54.81
CA LEU B 110 36.79 -8.08 53.56
C LEU B 110 36.80 -6.80 52.75
N HIS B 111 37.14 -5.65 53.34
CA HIS B 111 37.21 -4.43 52.55
C HIS B 111 38.61 -3.86 52.44
N LYS B 112 39.58 -4.47 53.11
CA LYS B 112 40.97 -4.34 52.75
C LYS B 112 41.19 -5.11 51.45
N GLU B 113 42.22 -4.77 50.70
CA GLU B 113 42.44 -5.49 49.44
C GLU B 113 43.26 -6.74 49.69
N ASP B 114 42.72 -7.64 50.50
CA ASP B 114 43.49 -8.81 50.90
C ASP B 114 43.79 -9.67 49.69
N PHE B 115 44.90 -10.42 49.77
CA PHE B 115 45.33 -11.25 48.67
C PHE B 115 44.22 -12.22 48.22
N GLN B 116 43.99 -12.28 46.92
CA GLN B 116 43.00 -13.18 46.33
C GLN B 116 41.64 -13.12 47.04
N ALA B 117 41.17 -11.90 47.36
CA ALA B 117 39.85 -11.73 47.95
C ALA B 117 38.98 -10.92 46.99
N VAL B 118 37.82 -11.47 46.64
CA VAL B 118 36.91 -10.85 45.68
C VAL B 118 35.48 -10.87 46.25
N ASP B 119 34.65 -9.93 45.80
CA ASP B 119 33.24 -9.86 46.17
C ASP B 119 32.43 -10.87 45.32
N ILE B 120 32.69 -12.16 45.57
CA ILE B 120 32.01 -13.22 44.82
C ILE B 120 30.50 -13.18 45.05
N GLU B 121 30.08 -12.76 46.24
CA GLU B 121 28.66 -12.61 46.52
C GLU B 121 27.96 -11.79 45.44
N ALA B 122 28.54 -10.65 45.08
CA ALA B 122 27.94 -9.77 44.08
C ALA B 122 28.07 -10.33 42.67
N ILE B 123 29.19 -10.96 42.35
CA ILE B 123 29.41 -11.49 41.01
C ILE B 123 28.42 -12.62 40.71
N ALA B 124 28.17 -13.48 41.69
CA ALA B 124 27.39 -14.70 41.49
C ALA B 124 25.89 -14.48 41.68
N LYS B 125 25.48 -13.36 42.27
CA LYS B 125 24.07 -13.14 42.55
C LYS B 125 23.19 -13.26 41.30
N PRO B 126 23.56 -12.70 40.14
CA PRO B 126 22.72 -12.86 38.94
C PRO B 126 22.56 -14.30 38.46
N VAL B 127 23.44 -15.23 38.84
CA VAL B 127 23.34 -16.59 38.30
C VAL B 127 23.17 -17.64 39.40
N SER B 128 22.50 -17.29 40.49
CA SER B 128 22.23 -18.24 41.55
C SER B 128 20.91 -17.91 42.24
N LYS B 129 20.33 -18.93 42.88
CA LYS B 129 19.18 -18.70 43.75
C LYS B 129 19.59 -18.08 45.07
N MET B 130 20.83 -18.31 45.49
CA MET B 130 21.41 -17.66 46.65
C MET B 130 22.93 -17.66 46.48
N ALA B 131 23.55 -16.52 46.80
CA ALA B 131 25.00 -16.43 46.88
C ALA B 131 25.30 -15.57 48.09
N VAL B 132 25.96 -16.14 49.09
CA VAL B 132 26.02 -15.48 50.39
C VAL B 132 27.39 -15.71 51.00
N THR B 133 27.96 -14.65 51.58
CA THR B 133 29.14 -14.75 52.42
C THR B 133 28.64 -14.94 53.85
N VAL B 134 29.04 -16.04 54.49
CA VAL B 134 28.52 -16.34 55.83
C VAL B 134 29.26 -15.50 56.86
N ARG B 135 28.51 -14.75 57.67
CA ARG B 135 29.09 -13.74 58.54
C ARG B 135 29.31 -14.22 59.97
N GLU B 136 28.71 -15.33 60.37
CA GLU B 136 28.88 -15.85 61.72
C GLU B 136 29.11 -17.35 61.63
N ALA B 137 29.96 -17.88 62.51
CA ALA B 137 30.23 -19.31 62.49
C ALA B 137 28.96 -20.10 62.75
N ALA B 138 28.12 -19.64 63.67
CA ALA B 138 26.89 -20.35 63.99
C ALA B 138 25.93 -20.39 62.81
N LEU B 139 26.09 -19.51 61.83
CA LEU B 139 25.20 -19.50 60.68
C LEU B 139 25.57 -20.51 59.61
N VAL B 140 26.77 -21.10 59.66
CA VAL B 140 27.19 -22.01 58.60
C VAL B 140 26.19 -23.16 58.42
N PRO B 141 25.82 -23.91 59.45
CA PRO B 141 24.79 -24.94 59.26
C PRO B 141 23.45 -24.39 58.80
N ARG B 142 23.07 -23.19 59.24
CA ARG B 142 21.78 -22.63 58.85
C ARG B 142 21.81 -22.15 57.40
N VAL B 143 22.93 -21.56 56.96
CA VAL B 143 23.02 -21.18 55.55
C VAL B 143 22.95 -22.43 54.66
N LEU B 144 23.61 -23.51 55.07
CA LEU B 144 23.56 -24.73 54.28
C LEU B 144 22.18 -25.35 54.30
N GLN B 145 21.51 -25.27 55.45
CA GLN B 145 20.16 -25.78 55.57
C GLN B 145 19.23 -25.07 54.60
N GLN B 146 19.32 -23.74 54.56
CA GLN B 146 18.51 -22.98 53.62
C GLN B 146 18.91 -23.26 52.17
N ALA B 147 20.21 -23.47 51.91
CA ALA B 147 20.65 -23.71 50.54
C ALA B 147 20.00 -24.96 49.97
N PHE B 148 19.95 -26.04 50.75
CA PHE B 148 19.35 -27.27 50.25
C PHE B 148 17.84 -27.12 50.05
N HIS B 149 17.17 -26.35 50.88
CA HIS B 149 15.77 -26.00 50.60
C HIS B 149 15.66 -25.31 49.24
N LEU B 150 16.50 -24.30 48.98
CA LEU B 150 16.40 -23.54 47.73
C LEU B 150 16.75 -24.39 46.52
N MET B 151 17.74 -25.28 46.64
CA MET B 151 18.16 -26.07 45.50
C MET B 151 17.11 -27.09 45.08
N ARG B 152 16.23 -27.50 46.00
CA ARG B 152 15.21 -28.49 45.70
C ARG B 152 13.84 -27.89 45.43
N SER B 153 13.57 -26.69 45.91
CA SER B 153 12.22 -26.12 45.92
C SER B 153 11.94 -25.30 44.68
N GLY B 154 10.65 -25.21 44.33
CA GLY B 154 10.22 -24.35 43.25
C GLY B 154 10.93 -24.71 41.96
N ARG B 155 11.34 -23.68 41.22
CA ARG B 155 12.26 -23.88 40.11
C ARG B 155 13.67 -24.07 40.67
N PRO B 156 14.28 -25.23 40.50
CA PRO B 156 15.60 -25.45 41.12
C PRO B 156 16.68 -24.60 40.48
N GLY B 157 17.72 -24.34 41.27
CA GLY B 157 18.88 -23.61 40.81
C GLY B 157 20.02 -23.69 41.81
N PRO B 158 21.19 -23.22 41.41
CA PRO B 158 22.40 -23.39 42.22
C PRO B 158 22.52 -22.36 43.34
N VAL B 159 23.40 -22.67 44.29
CA VAL B 159 23.73 -21.81 45.42
C VAL B 159 25.24 -21.73 45.55
N LEU B 160 25.76 -20.55 45.89
CA LEU B 160 27.16 -20.39 46.26
C LEU B 160 27.24 -19.94 47.71
N VAL B 161 28.02 -20.67 48.51
CA VAL B 161 28.24 -20.33 49.91
C VAL B 161 29.70 -19.96 50.06
N ASP B 162 29.95 -18.75 50.52
CA ASP B 162 31.28 -18.16 50.59
C ASP B 162 31.67 -18.10 52.06
N LEU B 163 32.82 -18.68 52.42
CA LEU B 163 33.18 -18.93 53.82
C LEU B 163 34.44 -18.19 54.24
N PRO B 164 34.33 -17.09 54.99
CA PRO B 164 35.53 -16.45 55.52
C PRO B 164 36.32 -17.41 56.39
N PHE B 165 37.65 -17.29 56.31
CA PHE B 165 38.52 -18.24 56.98
C PHE B 165 38.27 -18.29 58.49
N ASP B 166 38.10 -17.13 59.13
CA ASP B 166 37.87 -17.15 60.57
C ASP B 166 36.53 -17.79 60.90
N VAL B 167 35.54 -17.60 60.04
CA VAL B 167 34.23 -18.21 60.26
C VAL B 167 34.32 -19.74 60.18
N GLN B 168 35.19 -20.26 59.31
CA GLN B 168 35.30 -21.72 59.15
C GLN B 168 35.85 -22.37 60.42
N VAL B 169 36.90 -21.76 61.01
CA VAL B 169 37.63 -22.40 62.10
C VAL B 169 37.04 -22.10 63.48
N ALA B 170 36.16 -21.12 63.59
CA ALA B 170 35.62 -20.77 64.91
C ALA B 170 34.80 -21.94 65.47
N GLU B 171 34.86 -22.12 66.79
CA GLU B 171 34.11 -23.18 67.42
C GLU B 171 32.65 -22.80 67.61
N ILE B 172 31.78 -23.80 67.47
CA ILE B 172 30.37 -23.64 67.74
C ILE B 172 29.90 -24.92 68.44
N GLU B 173 28.73 -24.82 69.06
CA GLU B 173 28.05 -25.98 69.61
C GLU B 173 27.03 -26.46 68.58
N PHE B 174 27.11 -27.74 68.23
CA PHE B 174 26.23 -28.27 67.19
C PHE B 174 25.89 -29.71 67.54
N ASP B 175 24.63 -30.05 67.40
CA ASP B 175 24.18 -31.41 67.67
C ASP B 175 23.75 -32.03 66.36
N PRO B 176 24.57 -32.91 65.76
CA PRO B 176 24.15 -33.55 64.50
C PRO B 176 22.86 -34.33 64.62
N ASP B 177 22.59 -34.93 65.78
CA ASP B 177 21.38 -35.73 65.94
C ASP B 177 20.10 -34.89 65.86
N MET B 178 20.18 -33.60 66.15
CA MET B 178 19.02 -32.72 66.07
C MET B 178 18.84 -32.05 64.72
N TYR B 179 19.81 -32.14 63.81
CA TYR B 179 19.64 -31.47 62.52
C TYR B 179 18.58 -32.15 61.68
N GLU B 180 17.69 -31.37 61.07
CA GLU B 180 16.72 -31.93 60.13
C GLU B 180 16.67 -31.06 58.88
N PRO B 181 16.67 -31.66 57.69
CA PRO B 181 16.49 -30.89 56.46
C PRO B 181 15.13 -30.21 56.43
N LEU B 182 15.09 -29.04 55.81
CA LEU B 182 13.83 -28.32 55.67
C LEU B 182 12.87 -29.02 54.69
N PRO B 183 11.57 -28.80 54.84
CA PRO B 183 10.62 -29.27 53.82
C PRO B 183 10.87 -28.60 52.48
N VAL B 184 10.60 -29.34 51.42
CA VAL B 184 10.74 -28.84 50.05
C VAL B 184 9.42 -28.25 49.62
N TYR B 185 9.45 -27.04 49.05
CA TYR B 185 8.26 -26.38 48.56
C TYR B 185 8.05 -26.74 47.09
N LYS B 186 6.89 -27.36 46.79
CA LYS B 186 6.47 -27.72 45.43
C LYS B 186 4.97 -27.48 45.31
N PRO B 187 4.53 -26.45 44.60
CA PRO B 187 3.10 -26.26 44.37
C PRO B 187 2.51 -27.38 43.54
N ALA B 188 1.22 -27.65 43.76
CA ALA B 188 0.51 -28.71 43.06
C ALA B 188 -0.75 -28.16 42.40
N ALA B 189 -1.02 -28.62 41.18
CA ALA B 189 -2.27 -28.27 40.51
C ALA B 189 -3.47 -28.86 41.24
N SER B 190 -4.54 -28.08 41.32
CA SER B 190 -5.82 -28.59 41.83
C SER B 190 -6.53 -29.44 40.79
N ARG B 191 -7.49 -30.23 41.26
CA ARG B 191 -8.34 -31.01 40.35
C ARG B 191 -9.09 -30.12 39.36
N MET B 192 -9.53 -28.92 39.77
CA MET B 192 -10.24 -28.06 38.83
C MET B 192 -9.37 -27.72 37.63
N GLN B 193 -8.08 -27.49 37.85
CA GLN B 193 -7.21 -27.14 36.74
C GLN B 193 -6.93 -28.34 35.84
N ILE B 194 -6.67 -29.50 36.44
CA ILE B 194 -6.37 -30.69 35.65
C ILE B 194 -7.59 -31.13 34.86
N GLU B 195 -8.80 -30.98 35.41
CA GLU B 195 -9.99 -31.35 34.66
C GLU B 195 -10.19 -30.42 33.48
N LYS B 196 -9.90 -29.13 33.65
CA LYS B 196 -9.99 -28.21 32.53
C LYS B 196 -8.97 -28.57 31.44
N ALA B 197 -7.75 -28.92 31.86
CA ALA B 197 -6.74 -29.27 30.86
C ALA B 197 -7.13 -30.54 30.11
N VAL B 198 -7.61 -31.57 30.82
CA VAL B 198 -8.02 -32.78 30.14
C VAL B 198 -9.22 -32.52 29.24
N GLU B 199 -10.13 -31.63 29.64
CA GLU B 199 -11.25 -31.30 28.77
C GLU B 199 -10.79 -30.62 27.49
N MET B 200 -9.80 -29.71 27.59
CA MET B 200 -9.29 -29.10 26.37
C MET B 200 -8.61 -30.14 25.48
N LEU B 201 -7.90 -31.09 26.10
CA LEU B 201 -7.23 -32.13 25.33
C LEU B 201 -8.24 -33.03 24.62
N ILE B 202 -9.36 -33.34 25.27
CA ILE B 202 -10.39 -34.17 24.66
C ILE B 202 -10.98 -33.48 23.44
N GLN B 203 -11.11 -32.16 23.49
CA GLN B 203 -11.71 -31.44 22.37
C GLN B 203 -10.77 -31.35 21.17
N ALA B 204 -9.46 -31.43 21.40
CA ALA B 204 -8.50 -31.30 20.30
C ALA B 204 -8.61 -32.50 19.37
N GLU B 205 -8.40 -32.25 18.07
CA GLU B 205 -8.44 -33.32 17.11
C GLU B 205 -7.06 -33.89 16.78
N ARG B 206 -5.99 -33.08 16.89
CA ARG B 206 -4.63 -33.54 16.61
C ARG B 206 -3.67 -33.01 17.68
N PRO B 207 -3.84 -33.46 18.92
CA PRO B 207 -3.00 -32.97 20.02
C PRO B 207 -1.58 -33.56 20.02
N VAL B 208 -0.64 -32.80 20.58
CA VAL B 208 0.67 -33.32 20.95
C VAL B 208 0.97 -32.89 22.37
N ILE B 209 1.63 -33.75 23.13
CA ILE B 209 2.25 -33.38 24.39
C ILE B 209 3.69 -32.94 24.11
N VAL B 210 4.09 -31.78 24.60
CA VAL B 210 5.49 -31.39 24.60
C VAL B 210 6.01 -31.56 26.02
N ALA B 211 6.86 -32.56 26.22
CA ALA B 211 7.39 -32.94 27.52
C ALA B 211 8.77 -32.30 27.69
N GLY B 212 8.87 -31.33 28.60
CA GLY B 212 10.09 -30.56 28.80
C GLY B 212 10.93 -31.09 29.95
N GLY B 213 11.99 -30.34 30.27
CA GLY B 213 12.93 -30.80 31.29
C GLY B 213 12.33 -30.82 32.68
N GLY B 214 11.26 -30.05 32.91
CA GLY B 214 10.60 -30.12 34.20
C GLY B 214 10.04 -31.49 34.52
N VAL B 215 9.70 -32.29 33.49
CA VAL B 215 9.26 -33.67 33.74
C VAL B 215 10.39 -34.49 34.32
N ILE B 216 11.59 -34.33 33.78
CA ILE B 216 12.74 -35.06 34.30
C ILE B 216 13.18 -34.47 35.64
N ASN B 217 13.14 -33.13 35.75
CA ASN B 217 13.44 -32.46 37.01
C ASN B 217 12.54 -32.99 38.12
N ALA B 218 11.27 -33.22 37.82
CA ALA B 218 10.30 -33.71 38.80
C ALA B 218 10.38 -35.22 39.01
N ASP B 219 11.23 -35.94 38.27
CA ASP B 219 11.35 -37.40 38.36
C ASP B 219 10.02 -38.07 38.00
N ALA B 220 9.41 -37.61 36.92
CA ALA B 220 8.06 -38.00 36.56
C ALA B 220 7.98 -38.63 35.17
N ALA B 221 9.08 -39.21 34.67
CA ALA B 221 9.05 -39.75 33.32
C ALA B 221 8.05 -40.89 33.19
N ALA B 222 7.95 -41.76 34.19
CA ALA B 222 7.03 -42.89 34.04
C ALA B 222 5.58 -42.43 33.98
N LEU B 223 5.23 -41.41 34.79
CA LEU B 223 3.88 -40.83 34.73
C LEU B 223 3.66 -40.11 33.41
N LEU B 224 4.68 -39.43 32.88
CA LEU B 224 4.50 -38.79 31.59
C LEU B 224 4.10 -39.82 30.52
N GLN B 225 4.84 -40.93 30.46
CA GLN B 225 4.54 -41.95 29.46
C GLN B 225 3.18 -42.58 29.72
N GLN B 226 2.84 -42.82 30.98
CA GLN B 226 1.56 -43.43 31.29
C GLN B 226 0.40 -42.54 30.90
N PHE B 227 0.52 -41.22 31.13
CA PHE B 227 -0.52 -40.29 30.71
C PHE B 227 -0.67 -40.26 29.19
N ALA B 228 0.45 -40.30 28.46
CA ALA B 228 0.38 -40.33 27.01
C ALA B 228 -0.23 -41.64 26.51
N GLU B 229 0.06 -42.75 27.18
CA GLU B 229 -0.51 -44.03 26.78
C GLU B 229 -2.02 -44.07 27.04
N LEU B 230 -2.49 -43.49 28.15
CA LEU B 230 -3.92 -43.51 28.46
C LEU B 230 -4.73 -42.70 27.45
N THR B 231 -4.20 -41.56 27.01
CA THR B 231 -4.89 -40.67 26.10
C THR B 231 -4.50 -40.90 24.64
N SER B 232 -3.54 -41.77 24.39
CA SER B 232 -3.07 -42.06 23.04
C SER B 232 -2.62 -40.78 22.32
N VAL B 233 -1.93 -39.90 23.04
CA VAL B 233 -1.45 -38.63 22.50
C VAL B 233 0.03 -38.73 22.19
N PRO B 234 0.47 -38.39 20.98
CA PRO B 234 1.90 -38.40 20.66
C PRO B 234 2.69 -37.43 21.53
N VAL B 235 3.94 -37.80 21.83
CA VAL B 235 4.81 -37.01 22.70
C VAL B 235 5.99 -36.47 21.89
N ILE B 236 6.23 -35.17 22.03
CA ILE B 236 7.41 -34.48 21.50
C ILE B 236 8.25 -33.98 22.67
N PRO B 237 9.33 -34.66 23.03
CA PRO B 237 10.21 -34.11 24.07
C PRO B 237 10.89 -32.85 23.56
N THR B 238 11.06 -31.87 24.46
CA THR B 238 12.06 -30.84 24.17
C THR B 238 13.44 -31.47 24.25
N LEU B 239 14.46 -30.72 23.85
CA LEU B 239 15.82 -31.24 24.01
C LEU B 239 16.09 -31.59 25.47
N MET B 240 15.55 -30.80 26.41
CA MET B 240 15.74 -31.10 27.82
C MET B 240 14.80 -32.18 28.36
N GLY B 241 13.70 -32.46 27.68
CA GLY B 241 12.88 -33.59 28.09
C GLY B 241 13.23 -34.89 27.42
N TRP B 242 14.19 -34.86 26.49
CA TRP B 242 14.50 -36.04 25.69
C TRP B 242 14.86 -37.21 26.60
N GLY B 243 14.28 -38.36 26.32
CA GLY B 243 14.42 -39.54 27.13
C GLY B 243 13.28 -39.81 28.10
N CYS B 244 12.41 -38.83 28.36
CA CYS B 244 11.33 -39.07 29.33
C CYS B 244 10.28 -40.03 28.79
N ILE B 245 10.25 -40.28 27.49
CA ILE B 245 9.59 -41.46 26.94
C ILE B 245 10.60 -42.08 25.98
N PRO B 246 10.69 -43.41 25.87
CA PRO B 246 11.73 -43.99 25.00
C PRO B 246 11.57 -43.62 23.53
N ASP B 247 12.71 -43.45 22.85
CA ASP B 247 12.68 -43.10 21.44
C ASP B 247 12.03 -44.16 20.55
N ASP B 248 11.91 -45.41 21.03
CA ASP B 248 11.18 -46.42 20.27
C ASP B 248 9.74 -46.64 20.74
N HIS B 249 9.23 -45.81 21.65
CA HIS B 249 7.81 -45.85 22.00
C HIS B 249 6.96 -45.43 20.81
N GLU B 250 5.82 -46.13 20.62
CA GLU B 250 4.97 -45.86 19.47
C GLU B 250 4.39 -44.44 19.48
N LEU B 251 4.31 -43.80 20.65
CA LEU B 251 3.83 -42.43 20.72
C LEU B 251 4.93 -41.39 20.67
N MET B 252 6.21 -41.77 20.62
CA MET B 252 7.23 -40.74 20.54
C MET B 252 7.31 -40.21 19.11
N ALA B 253 7.06 -38.93 18.94
CA ALA B 253 6.83 -38.35 17.62
C ALA B 253 8.00 -37.55 17.08
N GLY B 254 9.11 -37.50 17.81
CA GLY B 254 10.28 -36.75 17.38
C GLY B 254 10.44 -35.49 18.20
N MET B 255 11.55 -34.79 17.93
CA MET B 255 11.82 -33.48 18.51
C MET B 255 11.57 -32.37 17.51
N VAL B 256 11.35 -31.18 18.05
CA VAL B 256 10.90 -30.00 17.30
C VAL B 256 11.88 -28.87 17.55
N GLY B 257 12.12 -28.06 16.54
CA GLY B 257 12.89 -26.84 16.72
C GLY B 257 13.68 -26.44 15.48
N LEU B 258 14.53 -25.44 15.68
CA LEU B 258 15.34 -24.85 14.62
C LEU B 258 16.63 -25.62 14.32
N GLN B 259 17.10 -26.47 15.24
CA GLN B 259 18.40 -27.12 15.09
C GLN B 259 18.37 -28.57 15.58
N THR B 260 18.28 -28.78 16.91
CA THR B 260 18.22 -30.15 17.43
C THR B 260 16.80 -30.66 17.26
N ALA B 261 16.44 -30.98 16.02
CA ALA B 261 15.06 -31.35 15.70
C ALA B 261 15.03 -32.28 14.50
N HIS B 262 13.90 -32.97 14.37
CA HIS B 262 13.63 -33.86 13.25
C HIS B 262 12.69 -33.23 12.24
N ARG B 263 12.84 -33.64 10.98
CA ARG B 263 11.89 -33.17 9.97
C ARG B 263 10.49 -33.67 10.29
N TYR B 264 10.36 -34.92 10.76
CA TYR B 264 9.04 -35.41 11.11
C TYR B 264 8.50 -34.74 12.37
N GLY B 265 9.39 -34.35 13.29
CA GLY B 265 8.93 -33.63 14.47
C GLY B 265 8.33 -32.29 14.10
N ASN B 266 9.05 -31.51 13.28
CA ASN B 266 8.52 -30.20 12.92
C ASN B 266 7.23 -30.32 12.10
N ALA B 267 7.15 -31.34 11.23
CA ALA B 267 5.94 -31.51 10.44
C ALA B 267 4.75 -31.86 11.32
N THR B 268 4.95 -32.74 12.30
CA THR B 268 3.87 -33.12 13.21
C THR B 268 3.41 -31.92 14.05
N LEU B 269 4.33 -31.14 14.60
CA LEU B 269 3.89 -29.98 15.36
C LEU B 269 3.07 -29.04 14.48
N LEU B 270 3.57 -28.76 13.27
CA LEU B 270 2.89 -27.82 12.40
C LEU B 270 1.53 -28.34 11.96
N ALA B 271 1.34 -29.67 11.95
CA ALA B 271 0.04 -30.25 11.65
C ALA B 271 -0.88 -30.35 12.86
N SER B 272 -0.38 -30.16 14.08
CA SER B 272 -1.18 -30.34 15.29
C SER B 272 -2.14 -29.17 15.50
N ASP B 273 -3.20 -29.41 16.27
CA ASP B 273 -4.11 -28.34 16.68
C ASP B 273 -4.05 -28.05 18.17
N MET B 274 -3.23 -28.76 18.94
CA MET B 274 -3.04 -28.46 20.35
C MET B 274 -1.65 -28.88 20.81
N VAL B 275 -1.02 -28.04 21.62
CA VAL B 275 0.25 -28.36 22.26
C VAL B 275 0.02 -28.36 23.77
N PHE B 276 0.19 -29.52 24.37
CA PHE B 276 0.00 -29.73 25.80
C PHE B 276 1.39 -29.78 26.44
N GLY B 277 1.89 -28.61 26.82
CA GLY B 277 3.23 -28.46 27.38
C GLY B 277 3.32 -28.76 28.86
N ILE B 278 4.09 -29.79 29.21
CA ILE B 278 4.28 -30.21 30.59
C ILE B 278 5.75 -30.01 30.94
N GLY B 279 6.03 -29.03 31.78
CA GLY B 279 7.42 -28.89 32.22
C GLY B 279 8.37 -28.32 31.18
N ASN B 280 7.85 -27.74 30.11
CA ASN B 280 8.66 -27.08 29.10
C ASN B 280 8.55 -25.58 29.34
N ARG B 281 9.25 -24.80 28.51
CA ARG B 281 9.14 -23.34 28.61
C ARG B 281 9.07 -22.68 27.24
N PHE B 282 8.90 -23.44 26.16
CA PHE B 282 8.78 -22.87 24.81
C PHE B 282 9.98 -21.99 24.46
N ALA B 283 11.18 -22.58 24.55
CA ALA B 283 12.41 -21.84 24.24
C ALA B 283 12.45 -21.42 22.76
N GLN B 284 13.12 -20.29 22.51
CA GLN B 284 13.19 -19.74 21.16
C GLN B 284 13.75 -20.74 20.15
N ARG B 285 14.73 -21.58 20.56
CA ARG B 285 15.30 -22.60 19.66
C ARG B 285 14.29 -23.68 19.32
N HIS B 286 13.30 -23.90 20.17
CA HIS B 286 12.23 -24.87 19.99
C HIS B 286 11.10 -24.35 19.12
N THR B 287 10.73 -23.07 19.27
CA THR B 287 9.54 -22.52 18.62
C THR B 287 9.80 -21.73 17.35
N GLY B 288 10.99 -21.12 17.18
CA GLY B 288 11.05 -20.12 16.14
C GLY B 288 10.18 -18.94 16.54
N SER B 289 9.65 -18.21 15.56
CA SER B 289 8.70 -17.15 15.89
C SER B 289 7.46 -17.75 16.55
N VAL B 290 7.07 -17.17 17.69
CA VAL B 290 6.00 -17.77 18.49
C VAL B 290 4.66 -17.69 17.76
N GLU B 291 4.47 -16.69 16.91
CA GLU B 291 3.22 -16.59 16.16
C GLU B 291 3.05 -17.77 15.21
N LYS B 292 4.15 -18.26 14.61
CA LYS B 292 4.06 -19.41 13.72
C LYS B 292 3.87 -20.69 14.52
N TYR B 293 4.64 -20.86 15.58
CA TYR B 293 4.51 -22.06 16.41
C TYR B 293 3.11 -22.19 16.96
N THR B 294 2.48 -21.06 17.25
CA THR B 294 1.21 -21.02 17.94
C THR B 294 0.01 -21.02 17.00
N GLU B 295 0.23 -20.86 15.69
CA GLU B 295 -0.87 -20.63 14.76
C GLU B 295 -1.82 -21.82 14.72
N GLY B 296 -3.11 -21.55 14.94
CA GLY B 296 -4.10 -22.61 14.83
C GLY B 296 -4.07 -23.65 15.93
N ARG B 297 -3.42 -23.37 17.06
CA ARG B 297 -3.22 -24.36 18.12
C ARG B 297 -3.66 -23.82 19.47
N LYS B 298 -4.38 -24.63 20.22
CA LYS B 298 -4.55 -24.35 21.65
C LYS B 298 -3.27 -24.71 22.40
N ILE B 299 -2.90 -23.90 23.39
CA ILE B 299 -1.66 -24.10 24.15
C ILE B 299 -2.00 -24.29 25.63
N VAL B 300 -1.53 -25.40 26.20
CA VAL B 300 -1.56 -25.64 27.63
C VAL B 300 -0.11 -25.62 28.11
N HIS B 301 0.11 -25.03 29.29
CA HIS B 301 1.46 -24.93 29.85
C HIS B 301 1.41 -25.18 31.35
N ILE B 302 2.03 -26.28 31.78
CA ILE B 302 2.17 -26.62 33.20
C ILE B 302 3.63 -26.41 33.56
N ASP B 303 3.88 -25.50 34.51
CA ASP B 303 5.22 -25.14 34.93
C ASP B 303 5.21 -24.89 36.43
N ILE B 304 6.32 -25.23 37.10
CA ILE B 304 6.37 -25.06 38.55
C ILE B 304 6.55 -23.60 38.94
N GLU B 305 6.97 -22.75 38.01
CA GLU B 305 7.34 -21.37 38.30
C GLU B 305 6.32 -20.42 37.69
N PRO B 306 5.59 -19.65 38.48
CA PRO B 306 4.53 -18.81 37.88
C PRO B 306 5.02 -17.86 36.80
N THR B 307 6.20 -17.28 36.94
CA THR B 307 6.63 -16.24 36.01
C THR B 307 7.23 -16.82 34.73
N GLN B 308 7.30 -18.15 34.61
CA GLN B 308 7.59 -18.78 33.34
C GLN B 308 6.37 -18.90 32.44
N ILE B 309 5.17 -18.69 32.97
CA ILE B 309 3.92 -18.92 32.25
C ILE B 309 3.47 -17.59 31.66
N GLY B 310 3.46 -17.48 30.34
CA GLY B 310 3.24 -16.21 29.67
C GLY B 310 4.49 -15.40 29.39
N ARG B 311 5.68 -15.93 29.70
CA ARG B 311 6.90 -15.18 29.47
C ARG B 311 7.21 -15.00 27.99
N VAL B 312 7.00 -16.04 27.17
CA VAL B 312 7.30 -15.94 25.75
C VAL B 312 6.06 -16.06 24.87
N LEU B 313 4.95 -16.61 25.36
CA LEU B 313 3.69 -16.64 24.62
C LEU B 313 2.55 -16.81 25.61
N CYS B 314 1.34 -16.48 25.18
CA CYS B 314 0.22 -16.49 26.12
C CYS B 314 -0.51 -17.81 25.96
N PRO B 315 -0.45 -18.71 26.95
CA PRO B 315 -1.14 -19.99 26.81
C PRO B 315 -2.64 -19.85 26.93
N ASP B 316 -3.37 -20.80 26.35
CA ASP B 316 -4.81 -20.87 26.55
C ASP B 316 -5.18 -21.32 27.96
N LEU B 317 -4.29 -22.04 28.65
CA LEU B 317 -4.60 -22.46 30.01
C LEU B 317 -3.54 -21.94 30.97
N GLY B 318 -2.45 -22.65 31.18
CA GLY B 318 -1.49 -22.12 32.14
C GLY B 318 -1.74 -22.50 33.59
N ILE B 319 -0.92 -23.41 34.12
CA ILE B 319 -1.13 -24.03 35.42
C ILE B 319 0.19 -24.09 36.17
N VAL B 320 0.22 -23.56 37.39
CA VAL B 320 1.40 -23.64 38.24
C VAL B 320 1.39 -24.96 38.99
N SER B 321 2.37 -25.82 38.72
CA SER B 321 2.43 -27.10 39.41
C SER B 321 3.76 -27.77 39.17
N ASP B 322 4.25 -28.48 40.20
CA ASP B 322 5.28 -29.48 40.00
C ASP B 322 4.77 -30.50 38.99
N ALA B 323 5.67 -30.95 38.11
CA ALA B 323 5.24 -31.84 37.03
C ALA B 323 4.80 -33.20 37.56
N LYS B 324 5.40 -33.69 38.65
CA LYS B 324 4.96 -34.98 39.16
C LYS B 324 3.57 -34.88 39.80
N ALA B 325 3.34 -33.83 40.57
CA ALA B 325 2.01 -33.66 41.16
C ALA B 325 0.94 -33.52 40.08
N ALA B 326 1.23 -32.77 39.02
CA ALA B 326 0.27 -32.60 37.92
C ALA B 326 0.03 -33.91 37.15
N LEU B 327 1.09 -34.70 36.93
CA LEU B 327 0.93 -35.93 36.16
C LEU B 327 0.30 -37.04 36.99
N THR B 328 0.50 -37.03 38.30
CA THR B 328 -0.25 -37.95 39.14
C THR B 328 -1.75 -37.73 38.98
N LEU B 329 -2.16 -36.46 39.00
CA LEU B 329 -3.56 -36.10 38.89
C LEU B 329 -4.07 -36.20 37.46
N LEU B 330 -3.23 -35.89 36.47
CA LEU B 330 -3.62 -36.10 35.08
C LEU B 330 -3.87 -37.58 34.80
N VAL B 331 -3.07 -38.45 35.38
CA VAL B 331 -3.29 -39.87 35.16
C VAL B 331 -4.60 -40.31 35.80
N GLU B 332 -4.92 -39.77 36.98
CA GLU B 332 -6.15 -40.16 37.64
C GLU B 332 -7.38 -39.68 36.88
N VAL B 333 -7.36 -38.44 36.40
CA VAL B 333 -8.49 -37.90 35.64
C VAL B 333 -8.61 -38.60 34.29
N ALA B 334 -7.49 -38.88 33.63
CA ALA B 334 -7.57 -39.62 32.38
C ALA B 334 -8.18 -41.00 32.60
N GLN B 335 -7.87 -41.64 33.74
CA GLN B 335 -8.46 -42.93 34.02
C GLN B 335 -9.95 -42.81 34.24
N GLU B 336 -10.38 -41.73 34.89
CA GLU B 336 -11.82 -41.49 35.08
C GLU B 336 -12.51 -41.27 33.74
N MET B 337 -11.89 -40.48 32.86
CA MET B 337 -12.45 -40.28 31.54
C MET B 337 -12.45 -41.57 30.72
N GLN B 338 -11.58 -42.51 31.04
CA GLN B 338 -11.55 -43.79 30.34
C GLN B 338 -12.64 -44.74 30.85
N LYS B 339 -12.94 -44.72 32.15
CA LYS B 339 -14.04 -45.55 32.66
C LYS B 339 -15.38 -45.08 32.11
N ALA B 340 -15.59 -43.77 32.08
CA ALA B 340 -16.55 -43.19 31.15
C ALA B 340 -15.98 -43.33 29.74
N GLY B 341 -16.85 -43.30 28.76
CA GLY B 341 -16.33 -43.42 27.41
C GLY B 341 -15.98 -42.08 26.80
N ARG B 342 -15.25 -41.24 27.54
CA ARG B 342 -15.07 -39.86 27.13
C ARG B 342 -13.73 -39.57 26.45
N LEU B 343 -12.80 -40.51 26.41
CA LEU B 343 -11.50 -40.27 25.75
C LEU B 343 -11.60 -40.59 24.26
N PRO B 344 -11.36 -39.63 23.37
CA PRO B 344 -11.44 -39.91 21.93
C PRO B 344 -10.42 -40.95 21.49
N CYS B 345 -10.81 -41.78 20.53
CA CYS B 345 -9.85 -42.63 19.85
C CYS B 345 -8.95 -41.79 18.96
N ARG B 346 -7.66 -42.10 18.93
CA ARG B 346 -6.68 -41.27 18.23
C ARG B 346 -5.99 -42.00 17.10
N LYS B 347 -6.55 -43.14 16.65
CA LYS B 347 -5.77 -44.06 15.82
C LYS B 347 -5.27 -43.40 14.54
N GLU B 348 -6.05 -42.49 13.97
CA GLU B 348 -5.66 -41.90 12.68
C GLU B 348 -4.61 -40.82 12.83
N TRP B 349 -4.73 -39.99 13.89
CA TRP B 349 -3.73 -38.96 14.14
C TRP B 349 -2.38 -39.58 14.48
N VAL B 350 -2.39 -40.62 15.31
CA VAL B 350 -1.16 -41.35 15.64
C VAL B 350 -0.54 -41.93 14.37
N ALA B 351 -1.36 -42.57 13.53
CA ALA B 351 -0.80 -43.15 12.31
C ALA B 351 -0.23 -42.07 11.40
N ASP B 352 -0.87 -40.90 11.34
CA ASP B 352 -0.30 -39.82 10.54
C ASP B 352 1.07 -39.43 11.07
N CYS B 353 1.23 -39.41 12.40
CA CYS B 353 2.51 -39.03 12.99
C CYS B 353 3.56 -40.10 12.73
N GLN B 354 3.17 -41.37 12.83
CA GLN B 354 4.10 -42.45 12.57
C GLN B 354 4.51 -42.50 11.10
N GLN B 355 3.61 -42.15 10.18
CA GLN B 355 3.98 -42.16 8.77
C GLN B 355 5.01 -41.08 8.45
N ARG B 356 4.94 -39.92 9.12
CA ARG B 356 6.00 -38.93 8.96
C ARG B 356 7.34 -39.50 9.41
N LYS B 357 7.34 -40.32 10.46
CA LYS B 357 8.59 -40.90 10.94
C LYS B 357 9.17 -41.92 9.97
N ARG B 358 8.36 -42.54 9.11
CA ARG B 358 8.91 -43.46 8.14
C ARG B 358 9.48 -42.75 6.92
N THR B 359 9.18 -41.47 6.73
CA THR B 359 9.43 -40.78 5.48
C THR B 359 10.39 -39.62 5.56
N LEU B 360 10.22 -38.72 6.53
CA LEU B 360 10.94 -37.43 6.56
C LEU B 360 12.25 -37.58 7.33
N LEU B 361 13.26 -38.15 6.66
CA LEU B 361 14.51 -38.55 7.31
C LEU B 361 15.69 -37.78 6.72
N ARG B 362 16.87 -38.06 7.27
CA ARG B 362 18.14 -37.51 6.81
C ARG B 362 19.13 -38.65 6.64
N LYS B 363 19.87 -38.64 5.53
CA LYS B 363 20.81 -39.72 5.28
C LYS B 363 21.90 -39.75 6.35
N THR B 364 22.24 -40.96 6.80
CA THR B 364 23.41 -41.17 7.65
C THR B 364 24.43 -42.14 7.07
N HIS B 365 24.06 -42.98 6.10
CA HIS B 365 24.92 -44.10 5.66
C HIS B 365 25.83 -43.62 4.53
N PHE B 366 26.85 -42.85 4.90
CA PHE B 366 27.85 -42.33 3.97
C PHE B 366 29.12 -43.18 4.05
N ASP B 367 29.63 -43.58 2.88
CA ASP B 367 30.91 -44.28 2.81
C ASP B 367 32.05 -43.34 2.45
N ASN B 368 31.78 -42.03 2.45
CA ASN B 368 32.78 -41.04 2.04
C ASN B 368 34.03 -41.12 2.90
N VAL B 369 35.16 -40.79 2.28
CA VAL B 369 36.41 -40.52 2.97
C VAL B 369 36.93 -39.20 2.42
N PRO B 370 37.16 -38.19 3.26
CA PRO B 370 37.04 -38.19 4.72
C PRO B 370 35.59 -38.37 5.20
N VAL B 371 35.47 -38.84 6.45
CA VAL B 371 34.19 -39.29 6.98
C VAL B 371 33.17 -38.16 7.07
N LYS B 372 31.93 -38.48 6.74
CA LYS B 372 30.80 -37.60 7.01
C LYS B 372 30.36 -37.77 8.46
N PRO B 373 30.17 -36.69 9.21
CA PRO B 373 29.82 -36.84 10.63
C PRO B 373 28.55 -37.65 10.85
N GLN B 374 27.57 -37.57 9.96
CA GLN B 374 26.33 -38.28 10.25
C GLN B 374 26.53 -39.80 10.26
N ARG B 375 27.55 -40.31 9.58
CA ARG B 375 27.88 -41.73 9.67
C ARG B 375 28.36 -42.12 11.06
N VAL B 376 29.02 -41.20 11.78
CA VAL B 376 29.49 -41.51 13.12
C VAL B 376 28.30 -41.82 14.03
N TYR B 377 27.26 -40.99 13.95
CA TYR B 377 26.09 -41.19 14.81
C TYR B 377 25.36 -42.47 14.45
N GLU B 378 25.31 -42.81 13.17
CA GLU B 378 24.76 -44.10 12.80
C GLU B 378 25.51 -45.22 13.52
N GLU B 379 26.85 -45.18 13.47
CA GLU B 379 27.63 -46.25 14.08
C GLU B 379 27.49 -46.25 15.59
N MET B 380 27.31 -45.06 16.21
CA MET B 380 27.10 -45.02 17.66
C MET B 380 25.81 -45.73 18.03
N ASN B 381 24.73 -45.48 17.28
CA ASN B 381 23.46 -46.17 17.56
C ASN B 381 23.61 -47.67 17.46
N LYS B 382 24.43 -48.16 16.52
CA LYS B 382 24.59 -49.60 16.38
C LYS B 382 25.48 -50.20 17.46
N ALA B 383 26.55 -49.49 17.85
CA ALA B 383 27.57 -50.06 18.72
C ALA B 383 27.14 -50.11 20.19
N PHE B 384 26.40 -49.11 20.67
CA PHE B 384 26.10 -49.05 22.09
C PHE B 384 24.67 -49.57 22.34
N GLY B 385 24.44 -50.03 23.56
CA GLY B 385 23.16 -50.61 23.90
C GLY B 385 22.13 -49.54 24.18
N ARG B 386 20.90 -49.98 24.43
CA ARG B 386 19.84 -49.00 24.66
C ARG B 386 20.00 -48.29 26.00
N ASP B 387 20.86 -48.80 26.88
CA ASP B 387 21.18 -48.19 28.16
C ASP B 387 22.21 -47.05 28.05
N VAL B 388 22.67 -46.73 26.84
CA VAL B 388 23.73 -45.75 26.69
C VAL B 388 23.28 -44.38 27.22
N CYS B 389 24.22 -43.66 27.83
CA CYS B 389 23.98 -42.31 28.35
C CYS B 389 24.94 -41.33 27.68
N TYR B 390 24.39 -40.42 26.87
CA TYR B 390 25.19 -39.49 26.09
C TYR B 390 25.38 -38.16 26.84
N VAL B 391 26.57 -37.58 26.71
CA VAL B 391 26.94 -36.32 27.32
C VAL B 391 27.52 -35.45 26.22
N THR B 392 27.00 -34.23 26.08
CA THR B 392 27.47 -33.37 25.00
C THR B 392 27.11 -31.93 25.33
N THR B 393 27.63 -31.00 24.53
CA THR B 393 27.49 -29.58 24.83
C THR B 393 26.89 -28.81 23.66
N ILE B 394 27.71 -28.47 22.66
CA ILE B 394 27.29 -27.57 21.59
C ILE B 394 28.29 -27.70 20.44
N GLY B 395 27.86 -27.30 19.26
CA GLY B 395 28.61 -27.47 18.02
C GLY B 395 27.80 -28.24 17.00
N LEU B 396 28.32 -28.25 15.77
CA LEU B 396 27.73 -29.17 14.79
C LEU B 396 27.79 -30.58 15.32
N SER B 397 28.83 -30.89 16.08
CA SER B 397 28.98 -32.21 16.68
C SER B 397 27.76 -32.56 17.52
N GLN B 398 27.27 -31.59 18.30
CA GLN B 398 26.15 -31.84 19.19
C GLN B 398 24.81 -31.72 18.48
N ILE B 399 24.67 -30.76 17.55
CA ILE B 399 23.40 -30.59 16.86
C ILE B 399 23.07 -31.84 16.04
N ALA B 400 24.02 -32.30 15.23
CA ALA B 400 23.76 -33.50 14.44
C ALA B 400 23.59 -34.71 15.33
N ALA B 401 24.28 -34.74 16.48
CA ALA B 401 24.07 -35.85 17.40
C ALA B 401 22.64 -35.88 17.89
N ALA B 402 22.08 -34.71 18.25
CA ALA B 402 20.70 -34.67 18.71
C ALA B 402 19.73 -35.04 17.60
N GLN B 403 20.08 -34.76 16.34
CA GLN B 403 19.22 -35.14 15.22
C GLN B 403 19.25 -36.63 14.92
N MET B 404 20.31 -37.34 15.31
CA MET B 404 20.54 -38.67 14.77
C MET B 404 20.83 -39.75 15.80
N LEU B 405 21.22 -39.41 17.03
CA LEU B 405 21.35 -40.42 18.06
C LEU B 405 19.98 -40.73 18.66
N HIS B 406 19.88 -41.84 19.39
CA HIS B 406 18.63 -42.17 20.09
C HIS B 406 18.91 -42.58 21.52
N VAL B 407 17.99 -42.22 22.41
CA VAL B 407 18.08 -42.52 23.83
C VAL B 407 16.75 -43.06 24.30
N PHE B 408 16.81 -43.84 25.38
CA PHE B 408 15.68 -44.68 25.79
C PHE B 408 15.34 -44.57 27.26
N LYS B 409 15.93 -43.62 27.98
CA LYS B 409 15.59 -43.42 29.39
C LYS B 409 15.87 -41.98 29.77
N ASP B 410 15.12 -41.46 30.74
CA ASP B 410 15.37 -40.10 31.19
C ASP B 410 16.73 -40.04 31.90
N ARG B 411 17.39 -38.89 31.77
CA ARG B 411 18.76 -38.67 32.22
C ARG B 411 19.76 -39.55 31.47
N HIS B 412 19.43 -40.01 30.26
CA HIS B 412 20.44 -40.57 29.39
C HIS B 412 20.78 -39.65 28.22
N TRP B 413 20.23 -38.43 28.19
CA TRP B 413 20.76 -37.32 27.41
C TRP B 413 21.15 -36.24 28.40
N ILE B 414 22.46 -35.99 28.53
CA ILE B 414 22.99 -35.04 29.52
C ILE B 414 23.63 -33.90 28.73
N ASN B 415 23.00 -32.74 28.75
CA ASN B 415 23.33 -31.69 27.80
C ASN B 415 22.97 -30.35 28.42
N CYS B 416 23.88 -29.39 28.36
CA CYS B 416 23.67 -28.06 28.93
C CYS B 416 22.95 -27.23 27.88
N GLY B 417 21.63 -27.43 27.78
CA GLY B 417 20.91 -26.99 26.60
C GLY B 417 20.79 -25.49 26.45
N GLN B 418 20.76 -24.76 27.56
CA GLN B 418 20.52 -23.32 27.45
C GLN B 418 21.78 -22.47 27.40
N ALA B 419 22.86 -22.85 28.08
CA ALA B 419 24.08 -22.05 28.12
C ALA B 419 25.18 -22.57 27.20
N GLY B 420 25.32 -23.89 27.02
CA GLY B 420 26.28 -24.45 26.09
C GLY B 420 27.73 -23.99 26.22
N PRO B 421 28.32 -24.00 27.42
CA PRO B 421 29.72 -23.57 27.55
C PRO B 421 30.68 -24.60 26.97
N LEU B 422 31.52 -24.17 26.03
CA LEU B 422 32.56 -25.06 25.50
C LEU B 422 33.46 -25.55 26.64
N GLY B 423 33.88 -26.81 26.54
CA GLY B 423 34.64 -27.47 27.59
C GLY B 423 33.80 -28.20 28.62
N TRP B 424 32.47 -28.09 28.53
CA TRP B 424 31.58 -28.72 29.50
C TRP B 424 31.64 -30.25 29.43
N THR B 425 31.89 -30.82 28.25
CA THR B 425 31.58 -32.23 28.02
C THR B 425 32.44 -33.17 28.88
N ILE B 426 33.77 -33.03 28.82
CA ILE B 426 34.62 -33.96 29.55
C ILE B 426 34.32 -33.93 31.04
N PRO B 427 34.36 -32.76 31.69
CA PRO B 427 34.05 -32.76 33.13
C PRO B 427 32.62 -33.18 33.45
N ALA B 428 31.64 -32.83 32.63
CA ALA B 428 30.29 -33.31 32.90
C ALA B 428 30.23 -34.84 32.82
N ALA B 429 30.91 -35.42 31.83
CA ALA B 429 30.89 -36.87 31.69
C ALA B 429 31.55 -37.54 32.89
N LEU B 430 32.66 -36.98 33.38
CA LEU B 430 33.29 -37.53 34.57
C LEU B 430 32.37 -37.43 35.79
N GLY B 431 31.60 -36.34 35.89
CA GLY B 431 30.67 -36.20 36.99
C GLY B 431 29.52 -37.19 36.92
N VAL B 432 29.02 -37.47 35.71
CA VAL B 432 28.01 -38.50 35.56
C VAL B 432 28.56 -39.86 35.98
N CYS B 433 29.81 -40.18 35.57
CA CYS B 433 30.39 -41.46 35.95
C CYS B 433 30.61 -41.56 37.45
N ALA B 434 30.96 -40.45 38.11
CA ALA B 434 31.11 -40.48 39.55
C ALA B 434 29.78 -40.71 40.25
N ALA B 435 28.70 -40.11 39.71
CA ALA B 435 27.37 -40.35 40.26
C ALA B 435 26.92 -41.79 40.10
N ASP B 436 27.32 -42.44 39.00
CA ASP B 436 26.82 -43.78 38.67
C ASP B 436 27.91 -44.57 37.95
N PRO B 437 28.71 -45.34 38.69
CA PRO B 437 29.78 -46.13 38.07
C PRO B 437 29.27 -47.23 37.15
N LYS B 438 27.98 -47.57 37.21
CA LYS B 438 27.39 -48.53 36.30
C LYS B 438 26.79 -47.90 35.06
N ARG B 439 26.74 -46.57 34.97
CA ARG B 439 26.21 -45.90 33.79
C ARG B 439 27.15 -46.12 32.59
N ASN B 440 26.56 -46.38 31.42
CA ASN B 440 27.28 -46.56 30.16
C ASN B 440 27.41 -45.19 29.49
N VAL B 441 28.43 -44.44 29.89
CA VAL B 441 28.57 -43.04 29.50
C VAL B 441 29.37 -42.96 28.20
N VAL B 442 28.82 -42.27 27.22
CA VAL B 442 29.47 -41.99 25.95
C VAL B 442 29.32 -40.50 25.67
N ALA B 443 30.43 -39.78 25.64
CA ALA B 443 30.45 -38.36 25.34
C ALA B 443 30.60 -38.12 23.85
N ILE B 444 30.15 -36.95 23.39
CA ILE B 444 30.35 -36.48 22.03
C ILE B 444 30.85 -35.04 22.10
N SER B 445 31.98 -34.77 21.46
CA SER B 445 32.53 -33.42 21.34
C SER B 445 33.04 -33.23 19.92
N GLY B 446 33.00 -31.98 19.45
CA GLY B 446 33.90 -31.54 18.39
C GLY B 446 35.28 -31.19 18.96
N ASP B 447 36.23 -30.91 18.06
CA ASP B 447 37.61 -30.68 18.49
C ASP B 447 37.73 -29.43 19.37
N PHE B 448 37.00 -28.35 19.07
CA PHE B 448 37.16 -27.12 19.85
C PHE B 448 36.67 -27.32 21.28
N ASP B 449 35.44 -27.83 21.43
CA ASP B 449 34.90 -28.21 22.73
C ASP B 449 35.89 -29.09 23.50
N PHE B 450 36.44 -30.08 22.81
CA PHE B 450 37.37 -31.02 23.44
C PHE B 450 38.63 -30.33 23.98
N GLN B 451 39.08 -29.25 23.34
CA GLN B 451 40.33 -28.63 23.75
C GLN B 451 40.18 -27.71 24.97
N PHE B 452 39.02 -27.06 25.15
CA PHE B 452 38.88 -26.06 26.22
C PHE B 452 39.38 -26.61 27.55
N LEU B 453 38.88 -27.76 27.96
CA LEU B 453 39.20 -28.37 29.24
C LEU B 453 39.78 -29.76 29.02
N ILE B 454 40.65 -29.89 28.02
CA ILE B 454 41.22 -31.18 27.65
C ILE B 454 41.97 -31.82 28.82
N GLU B 455 42.56 -31.00 29.70
CA GLU B 455 43.35 -31.54 30.81
C GLU B 455 42.52 -32.35 31.79
N GLU B 456 41.19 -32.18 31.81
CA GLU B 456 40.35 -32.97 32.71
C GLU B 456 40.39 -34.47 32.38
N LEU B 457 40.86 -34.87 31.18
CA LEU B 457 41.07 -36.29 30.91
C LEU B 457 42.02 -36.93 31.93
N ALA B 458 43.00 -36.18 32.42
CA ALA B 458 43.91 -36.71 33.45
C ALA B 458 43.21 -36.94 34.79
N VAL B 459 42.08 -36.26 35.06
CA VAL B 459 41.28 -36.61 36.24
C VAL B 459 40.72 -38.01 36.10
N GLY B 460 40.20 -38.33 34.91
CA GLY B 460 39.75 -39.70 34.67
C GLY B 460 40.88 -40.70 34.75
N ALA B 461 42.08 -40.30 34.33
CA ALA B 461 43.21 -41.23 34.43
C ALA B 461 43.62 -41.42 35.88
N GLN B 462 43.75 -40.32 36.65
CA GLN B 462 44.25 -40.43 38.02
C GLN B 462 43.27 -41.19 38.91
N PHE B 463 41.97 -40.96 38.73
CA PHE B 463 40.96 -41.59 39.57
C PHE B 463 40.34 -42.83 38.94
N ASN B 464 40.82 -43.25 37.77
CA ASN B 464 40.28 -44.42 37.07
C ASN B 464 38.76 -44.33 36.94
N ILE B 465 38.33 -43.34 36.16
CA ILE B 465 36.93 -43.07 35.90
C ILE B 465 36.70 -43.33 34.41
N PRO B 466 36.24 -44.53 34.04
CA PRO B 466 36.15 -44.88 32.61
C PRO B 466 34.86 -44.43 31.93
N TYR B 467 35.03 -44.00 30.68
CA TYR B 467 33.92 -43.70 29.76
C TYR B 467 34.54 -43.62 28.38
N ILE B 468 33.69 -43.57 27.36
CA ILE B 468 34.15 -43.46 25.99
C ILE B 468 33.81 -42.07 25.50
N HIS B 469 34.80 -41.37 24.97
CA HIS B 469 34.59 -40.03 24.43
C HIS B 469 34.72 -40.06 22.91
N VAL B 470 33.61 -39.82 22.22
CA VAL B 470 33.62 -39.76 20.77
C VAL B 470 33.98 -38.34 20.37
N LEU B 471 35.03 -38.19 19.58
CA LEU B 471 35.57 -36.88 19.21
C LEU B 471 35.56 -36.76 17.70
N VAL B 472 34.77 -35.85 17.16
CA VAL B 472 34.63 -35.72 15.72
C VAL B 472 35.36 -34.45 15.30
N ASN B 473 36.44 -34.60 14.53
CA ASN B 473 37.44 -33.56 14.35
C ASN B 473 37.41 -33.02 12.93
N ASN B 474 36.93 -31.79 12.76
CA ASN B 474 36.95 -31.11 11.47
C ASN B 474 37.99 -29.98 11.42
N ALA B 475 38.85 -29.87 12.44
CA ALA B 475 39.80 -28.76 12.55
C ALA B 475 39.10 -27.40 12.33
N TYR B 476 37.91 -27.28 12.91
CA TYR B 476 37.05 -26.12 12.69
C TYR B 476 36.23 -25.84 13.94
N LEU B 477 35.89 -24.56 14.15
CA LEU B 477 34.69 -24.19 14.88
C LEU B 477 33.54 -24.30 13.87
N GLY B 478 33.08 -25.53 13.64
CA GLY B 478 32.23 -25.75 12.49
C GLY B 478 30.92 -24.98 12.56
N LEU B 479 30.29 -24.96 13.74
CA LEU B 479 29.02 -24.26 13.87
C LEU B 479 29.19 -22.78 13.60
N ILE B 480 30.31 -22.20 14.00
CA ILE B 480 30.53 -20.78 13.73
C ILE B 480 30.85 -20.54 12.26
N ARG B 481 31.58 -21.47 11.63
CA ARG B 481 31.76 -21.38 10.18
C ARG B 481 30.42 -21.35 9.48
N GLN B 482 29.53 -22.27 9.86
CA GLN B 482 28.23 -22.31 9.19
C GLN B 482 27.44 -21.02 9.42
N SER B 483 27.47 -20.48 10.66
CA SER B 483 26.76 -19.23 10.90
C SER B 483 27.43 -18.04 10.19
N GLN B 484 28.70 -18.14 9.84
CA GLN B 484 29.33 -17.05 9.10
C GLN B 484 28.95 -17.03 7.63
N MET B 485 28.30 -18.08 7.12
CA MET B 485 27.92 -18.07 5.71
C MET B 485 27.01 -16.89 5.40
N ALA B 486 26.20 -16.46 6.38
CA ALA B 486 25.34 -15.30 6.18
C ALA B 486 26.14 -14.02 5.99
N PHE B 487 27.39 -13.97 6.46
CA PHE B 487 28.25 -12.82 6.30
C PHE B 487 29.27 -12.98 5.16
N ASP B 488 29.11 -14.01 4.32
CA ASP B 488 30.01 -14.23 3.18
C ASP B 488 31.47 -14.30 3.60
N MET B 489 31.74 -15.05 4.67
CA MET B 489 33.11 -15.12 5.16
C MET B 489 33.35 -16.43 5.87
N ASP B 490 34.63 -16.77 5.99
CA ASP B 490 35.12 -17.92 6.77
C ASP B 490 36.34 -17.37 7.50
N TYR B 491 36.13 -16.92 8.74
CA TYR B 491 37.05 -15.98 9.37
C TYR B 491 37.26 -16.33 10.84
N CYS B 492 38.51 -16.59 11.22
CA CYS B 492 38.88 -16.88 12.60
C CYS B 492 38.18 -18.12 13.15
N VAL B 493 37.89 -19.11 12.31
CA VAL B 493 37.21 -20.32 12.76
C VAL B 493 37.99 -21.59 12.42
N GLN B 494 39.16 -21.47 11.81
CA GLN B 494 39.96 -22.63 11.46
C GLN B 494 40.99 -22.91 12.54
N LEU B 495 41.11 -24.19 12.90
CA LEU B 495 42.07 -24.66 13.90
C LEU B 495 43.22 -25.43 13.29
N ALA B 496 43.25 -25.60 11.97
CA ALA B 496 44.26 -26.43 11.32
C ALA B 496 45.64 -25.76 11.31
N PHE B 497 46.67 -26.60 11.39
CA PHE B 497 48.05 -26.19 11.12
C PHE B 497 48.86 -27.45 10.88
N GLU B 498 50.00 -27.29 10.19
CA GLU B 498 50.89 -28.44 10.03
C GLU B 498 51.60 -28.67 11.36
N ASN B 499 51.32 -29.81 11.98
CA ASN B 499 51.87 -30.12 13.30
C ASN B 499 53.26 -30.69 13.11
N ILE B 500 54.28 -29.98 13.60
CA ILE B 500 55.66 -30.35 13.28
C ILE B 500 56.06 -31.67 13.90
N ASN B 501 55.28 -32.19 14.83
CA ASN B 501 55.56 -33.48 15.47
C ASN B 501 54.73 -34.64 14.92
N SER B 502 53.75 -34.37 14.05
CA SER B 502 52.75 -35.39 13.71
C SER B 502 52.31 -35.15 12.26
N SER B 503 53.06 -35.72 11.32
CA SER B 503 52.61 -35.68 9.93
C SER B 503 51.32 -36.47 9.73
N GLU B 504 51.03 -37.46 10.59
CA GLU B 504 49.89 -38.34 10.36
C GLU B 504 48.54 -37.67 10.62
N VAL B 505 48.49 -36.49 11.25
CA VAL B 505 47.21 -35.76 11.34
C VAL B 505 46.94 -34.93 10.10
N ASN B 506 47.87 -34.90 9.14
CA ASN B 506 47.61 -34.35 7.81
C ASN B 506 47.17 -32.88 7.85
N GLY B 507 47.85 -32.08 8.66
CA GLY B 507 47.56 -30.66 8.69
C GLY B 507 46.36 -30.27 9.51
N TYR B 508 45.78 -31.20 10.28
CA TYR B 508 44.61 -30.91 11.09
C TYR B 508 44.94 -30.19 12.39
N GLY B 509 46.22 -30.02 12.72
CA GLY B 509 46.56 -29.28 13.91
C GLY B 509 46.85 -30.18 15.09
N VAL B 510 46.09 -30.02 16.18
CA VAL B 510 46.38 -30.76 17.40
C VAL B 510 46.31 -32.25 17.13
N ASP B 511 47.26 -33.00 17.71
CA ASP B 511 47.25 -34.46 17.68
C ASP B 511 46.57 -34.96 18.95
N HIS B 512 45.27 -35.26 18.84
CA HIS B 512 44.47 -35.59 20.02
C HIS B 512 44.86 -36.94 20.62
N VAL B 513 45.35 -37.88 19.81
CA VAL B 513 45.80 -39.16 20.35
C VAL B 513 47.01 -38.94 21.26
N LYS B 514 48.00 -38.19 20.79
CA LYS B 514 49.17 -37.95 21.63
C LYS B 514 48.80 -37.16 22.89
N VAL B 515 47.93 -36.16 22.76
CA VAL B 515 47.55 -35.40 23.96
C VAL B 515 46.85 -36.30 24.96
N ALA B 516 45.87 -37.08 24.49
CA ALA B 516 45.10 -37.93 25.39
C ALA B 516 45.97 -38.99 26.03
N GLU B 517 46.89 -39.56 25.25
CA GLU B 517 47.80 -40.55 25.86
C GLU B 517 48.77 -39.88 26.82
N GLY B 518 49.20 -38.65 26.51
CA GLY B 518 50.03 -37.93 27.47
C GLY B 518 49.30 -37.68 28.77
N LEU B 519 47.97 -37.53 28.71
CA LEU B 519 47.16 -37.29 29.88
C LEU B 519 46.75 -38.58 30.59
N GLY B 520 47.27 -39.74 30.16
CA GLY B 520 47.06 -40.99 30.84
C GLY B 520 45.90 -41.83 30.34
N CYS B 521 45.23 -41.41 29.29
CA CYS B 521 44.07 -42.10 28.74
C CYS B 521 44.46 -42.93 27.51
N LYS B 522 43.50 -43.70 27.01
CA LYS B 522 43.65 -44.44 25.76
C LYS B 522 42.95 -43.70 24.62
N ALA B 523 43.40 -43.95 23.39
CA ALA B 523 42.85 -43.20 22.27
C ALA B 523 43.05 -43.97 20.98
N ILE B 524 42.08 -43.80 20.07
CA ILE B 524 42.10 -44.45 18.76
C ILE B 524 41.68 -43.42 17.72
N ARG B 525 42.45 -43.30 16.64
CA ARG B 525 42.11 -42.41 15.54
C ARG B 525 41.52 -43.21 14.39
N VAL B 526 40.43 -42.71 13.81
CA VAL B 526 39.70 -43.36 12.73
C VAL B 526 39.64 -42.43 11.52
N PHE B 527 40.08 -42.92 10.36
CA PHE B 527 40.01 -42.17 9.10
C PHE B 527 38.92 -42.67 8.16
N LYS B 528 38.51 -43.92 8.26
CA LYS B 528 37.60 -44.49 7.27
C LYS B 528 36.31 -44.91 7.94
N PRO B 529 35.17 -44.75 7.27
CA PRO B 529 33.88 -45.03 7.92
C PRO B 529 33.75 -46.46 8.41
N GLU B 530 34.31 -47.43 7.69
CA GLU B 530 34.13 -48.82 8.09
C GLU B 530 35.00 -49.17 9.28
N ASP B 531 35.90 -48.29 9.67
CA ASP B 531 36.71 -48.50 10.86
C ASP B 531 36.08 -47.95 12.14
N ILE B 532 34.95 -47.24 12.06
CA ILE B 532 34.34 -46.69 13.27
C ILE B 532 33.84 -47.81 14.18
N ALA B 533 33.10 -48.78 13.62
CA ALA B 533 32.54 -49.82 14.47
C ALA B 533 33.60 -50.63 15.20
N PRO B 534 34.65 -51.14 14.53
CA PRO B 534 35.71 -51.84 15.29
C PRO B 534 36.38 -50.97 16.34
N ALA B 535 36.50 -49.67 16.08
CA ALA B 535 37.09 -48.77 17.07
C ALA B 535 36.25 -48.74 18.35
N PHE B 536 34.94 -48.61 18.21
CA PHE B 536 34.07 -48.62 19.38
C PHE B 536 34.15 -49.94 20.13
N GLU B 537 34.30 -51.05 19.41
CA GLU B 537 34.44 -52.34 20.09
C GLU B 537 35.75 -52.42 20.85
N GLN B 538 36.85 -51.99 20.22
CA GLN B 538 38.13 -51.98 20.92
C GLN B 538 38.08 -51.02 22.11
N ALA B 539 37.37 -49.89 21.96
CA ALA B 539 37.29 -48.91 23.05
C ALA B 539 36.60 -49.51 24.27
N LYS B 540 35.55 -50.32 24.05
CA LYS B 540 34.92 -51.03 25.16
C LYS B 540 35.91 -51.97 25.84
N ALA B 541 36.73 -52.65 25.03
CA ALA B 541 37.67 -53.61 25.62
C ALA B 541 38.77 -52.90 26.41
N LEU B 542 39.26 -51.77 25.88
CA LEU B 542 40.27 -51.00 26.60
C LEU B 542 39.71 -50.43 27.89
N MET B 543 38.48 -49.91 27.85
CA MET B 543 37.89 -49.34 29.06
C MET B 543 37.74 -50.39 30.14
N ALA B 544 37.33 -51.61 29.77
CA ALA B 544 37.13 -52.66 30.77
C ALA B 544 38.43 -53.04 31.47
N GLN B 545 39.54 -53.02 30.73
CA GLN B 545 40.82 -53.45 31.27
C GLN B 545 41.56 -52.36 32.02
N TYR B 546 41.67 -51.16 31.44
CA TYR B 546 42.45 -50.07 32.02
C TYR B 546 41.64 -49.12 32.88
N ARG B 547 40.32 -49.11 32.73
CA ARG B 547 39.45 -48.28 33.56
C ARG B 547 39.89 -46.82 33.57
N VAL B 548 40.12 -46.29 32.37
CA VAL B 548 40.39 -44.87 32.13
C VAL B 548 39.54 -44.42 30.95
N PRO B 549 39.38 -43.12 30.73
CA PRO B 549 38.69 -42.67 29.53
C PRO B 549 39.39 -43.18 28.27
N VAL B 550 38.58 -43.52 27.28
CA VAL B 550 39.05 -43.95 25.97
C VAL B 550 38.48 -43.00 24.94
N VAL B 551 39.36 -42.31 24.21
CA VAL B 551 38.96 -41.33 23.21
C VAL B 551 38.96 -41.99 21.84
N VAL B 552 37.86 -41.85 21.11
CA VAL B 552 37.79 -42.34 19.74
C VAL B 552 37.68 -41.09 18.87
N GLU B 553 38.77 -40.73 18.22
CA GLU B 553 38.78 -39.57 17.33
C GLU B 553 38.46 -40.00 15.91
N VAL B 554 37.47 -39.35 15.30
CA VAL B 554 37.11 -39.62 13.93
C VAL B 554 37.48 -38.38 13.12
N ILE B 555 38.33 -38.57 12.11
CA ILE B 555 38.73 -37.47 11.25
C ILE B 555 37.61 -37.22 10.24
N LEU B 556 37.03 -36.02 10.31
CA LEU B 556 35.90 -35.63 9.48
C LEU B 556 36.37 -34.87 8.26
N GLU B 557 35.53 -34.88 7.22
CA GLU B 557 35.71 -33.88 6.19
C GLU B 557 35.63 -32.52 6.85
N ARG B 558 36.35 -31.56 6.28
CA ARG B 558 36.51 -30.28 6.96
C ARG B 558 35.19 -29.50 7.05
N VAL B 559 34.29 -29.67 6.09
CA VAL B 559 33.11 -28.80 5.99
C VAL B 559 31.88 -29.66 5.73
N THR B 560 30.95 -29.67 6.67
CA THR B 560 29.61 -30.25 6.55
C THR B 560 28.59 -29.26 7.08
N ASN B 561 27.59 -28.91 6.28
CA ASN B 561 26.56 -27.98 6.73
C ASN B 561 25.38 -28.78 7.28
N ILE B 562 25.16 -28.66 8.60
CA ILE B 562 24.10 -29.40 9.29
C ILE B 562 22.77 -28.68 9.10
N SER B 563 21.68 -29.45 9.04
CA SER B 563 20.36 -28.88 8.79
C SER B 563 19.90 -28.00 9.96
N MET B 564 19.36 -26.83 9.62
CA MET B 564 18.88 -25.88 10.62
C MET B 564 18.18 -24.73 9.89
N GLY B 565 17.41 -23.96 10.66
CA GLY B 565 16.70 -22.83 10.08
C GLY B 565 16.23 -21.86 11.14
N SER B 566 15.52 -20.83 10.70
CA SER B 566 15.02 -19.78 11.57
C SER B 566 13.56 -19.98 12.01
N GLU B 567 12.85 -20.88 11.35
CA GLU B 567 11.46 -21.20 11.64
C GLU B 567 11.27 -22.69 11.47
N LEU B 568 10.20 -23.22 12.07
CA LEU B 568 9.92 -24.64 11.94
C LEU B 568 9.71 -25.04 10.48
N ASP B 569 9.18 -24.12 9.67
CA ASP B 569 8.82 -24.44 8.30
C ASP B 569 9.88 -24.03 7.28
N ASN B 570 11.05 -23.56 7.71
CA ASN B 570 12.09 -23.26 6.74
C ASN B 570 13.45 -23.84 7.15
N VAL B 571 13.46 -24.95 7.89
CA VAL B 571 14.72 -25.63 8.18
C VAL B 571 15.34 -26.11 6.86
N MET B 572 16.58 -25.71 6.63
CA MET B 572 17.25 -25.95 5.35
C MET B 572 18.03 -27.27 5.41
N GLU B 573 17.86 -28.10 4.40
CA GLU B 573 18.57 -29.38 4.30
C GLU B 573 19.70 -29.22 3.29
N PHE B 574 20.93 -29.04 3.78
CA PHE B 574 22.09 -28.96 2.89
C PHE B 574 22.57 -30.34 2.46
N GLU B 575 22.70 -31.25 3.43
CA GLU B 575 23.10 -32.62 3.17
C GLU B 575 21.91 -33.44 2.68
N ASP B 576 22.19 -34.61 2.11
CA ASP B 576 21.14 -35.42 1.52
C ASP B 576 20.07 -35.77 2.55
N ILE B 577 18.80 -35.60 2.18
CA ILE B 577 17.69 -36.10 2.97
C ILE B 577 17.58 -37.59 2.67
N ALA B 578 16.74 -38.30 3.41
CA ALA B 578 16.51 -39.72 3.19
C ALA B 578 15.02 -40.01 3.36
N ASP B 579 14.54 -41.05 2.68
CA ASP B 579 13.16 -41.45 2.85
C ASP B 579 13.01 -42.95 3.09
N ASN B 580 14.10 -43.63 3.41
CA ASN B 580 14.02 -45.07 3.64
C ASN B 580 15.22 -45.49 4.48
N ALA B 581 15.13 -46.72 4.98
CA ALA B 581 16.09 -47.26 5.95
C ALA B 581 17.47 -47.56 5.37
N ALA B 582 17.59 -47.75 4.04
CA ALA B 582 18.92 -47.98 3.53
C ALA B 582 19.81 -46.76 3.71
N ASP B 583 19.24 -45.56 3.60
CA ASP B 583 20.01 -44.33 3.82
C ASP B 583 20.03 -43.86 5.27
N ALA B 584 19.03 -44.23 6.07
CA ALA B 584 18.94 -43.85 7.48
C ALA B 584 18.60 -45.07 8.32
N PRO B 585 19.54 -46.01 8.46
CA PRO B 585 19.22 -47.34 9.00
C PRO B 585 18.98 -47.38 10.49
N THR B 586 19.26 -46.32 11.26
CA THR B 586 19.18 -46.45 12.72
C THR B 586 17.96 -45.76 13.34
N GLU B 587 17.01 -45.27 12.55
CA GLU B 587 15.75 -44.85 13.14
C GLU B 587 15.14 -46.02 13.88
N THR B 588 14.49 -45.72 15.02
CA THR B 588 13.97 -46.81 15.85
C THR B 588 12.91 -47.62 15.13
N CYS B 589 12.25 -47.05 14.12
CA CYS B 589 11.32 -47.84 13.34
C CYS B 589 12.03 -48.96 12.58
N PHE B 590 13.32 -48.79 12.30
CA PHE B 590 14.07 -49.62 11.37
C PHE B 590 14.98 -50.64 12.03
N MET B 591 15.28 -50.50 13.32
CA MET B 591 16.15 -51.47 13.98
C MET B 591 15.72 -51.62 15.44
N HIS B 592 15.97 -52.80 15.99
CA HIS B 592 15.67 -53.08 17.38
C HIS B 592 16.83 -52.61 18.25
N TYR B 593 16.52 -51.85 19.29
CA TYR B 593 17.55 -51.35 20.20
C TYR B 593 17.56 -52.21 21.45
N GLU B 594 18.51 -53.15 21.50
CA GLU B 594 19.10 -53.69 22.74
C GLU B 594 18.22 -53.83 23.95
N GLY C 1 -45.69 -4.78 -34.07
CA GLY C 1 -45.33 -3.40 -33.75
C GLY C 1 -44.19 -2.84 -34.57
N MET C 2 -43.55 -3.69 -35.38
CA MET C 2 -42.42 -3.25 -36.20
C MET C 2 -42.89 -2.11 -37.12
N ALA C 3 -42.09 -1.05 -37.17
CA ALA C 3 -42.50 0.17 -37.87
C ALA C 3 -41.26 1.01 -38.19
N LYS C 4 -41.41 1.86 -39.20
CA LYS C 4 -40.35 2.80 -39.56
C LYS C 4 -40.45 4.04 -38.69
N MET C 5 -39.32 4.49 -38.14
CA MET C 5 -39.29 5.61 -37.22
C MET C 5 -37.87 6.15 -37.12
N ARG C 6 -37.76 7.38 -36.62
CA ARG C 6 -36.44 7.95 -36.36
C ARG C 6 -35.74 7.19 -35.25
N ALA C 7 -34.41 7.20 -35.27
CA ALA C 7 -33.67 6.56 -34.19
C ALA C 7 -34.02 7.17 -32.84
N VAL C 8 -34.35 8.47 -32.79
CA VAL C 8 -34.75 9.02 -31.50
C VAL C 8 -36.12 8.50 -31.07
N ASP C 9 -37.00 8.15 -32.03
CA ASP C 9 -38.28 7.55 -31.66
C ASP C 9 -38.06 6.18 -31.02
N ALA C 10 -37.19 5.36 -31.61
CA ALA C 10 -36.88 4.07 -31.00
C ALA C 10 -36.29 4.27 -29.62
N ALA C 11 -35.46 5.32 -29.46
CA ALA C 11 -34.85 5.59 -28.17
C ALA C 11 -35.89 5.91 -27.11
N MET C 12 -36.99 6.57 -27.48
CA MET C 12 -38.07 6.83 -26.53
C MET C 12 -38.73 5.53 -26.09
N TYR C 13 -38.89 4.56 -27.01
CA TYR C 13 -39.45 3.29 -26.57
C TYR C 13 -38.50 2.55 -25.64
N VAL C 14 -37.20 2.59 -25.95
CA VAL C 14 -36.22 1.93 -25.09
C VAL C 14 -36.19 2.56 -23.71
N LEU C 15 -36.21 3.89 -23.63
CA LEU C 15 -36.22 4.53 -22.32
C LEU C 15 -37.48 4.18 -21.56
N GLU C 16 -38.61 4.08 -22.27
CA GLU C 16 -39.86 3.73 -21.60
C GLU C 16 -39.80 2.32 -21.03
N LYS C 17 -39.35 1.35 -21.84
CA LYS C 17 -39.27 -0.04 -21.39
C LYS C 17 -38.23 -0.21 -20.30
N GLU C 18 -37.32 0.74 -20.19
CA GLU C 18 -36.22 0.68 -19.27
C GLU C 18 -36.52 1.44 -17.97
N GLY C 19 -37.75 1.90 -17.80
CA GLY C 19 -38.22 2.48 -16.55
C GLY C 19 -38.24 4.00 -16.50
N ILE C 20 -37.68 4.69 -17.48
CA ILE C 20 -37.58 6.14 -17.41
C ILE C 20 -38.97 6.78 -17.46
N THR C 21 -39.21 7.74 -16.56
CA THR C 21 -40.41 8.56 -16.61
C THR C 21 -40.11 10.04 -16.49
N THR C 22 -38.84 10.41 -16.26
CA THR C 22 -38.43 11.76 -15.93
C THR C 22 -37.10 12.05 -16.60
N ALA C 23 -36.94 13.31 -17.03
CA ALA C 23 -35.64 13.77 -17.51
C ALA C 23 -35.46 15.23 -17.11
N PHE C 24 -34.22 15.61 -16.81
CA PHE C 24 -33.85 16.99 -16.52
C PHE C 24 -32.90 17.47 -17.62
N GLY C 25 -33.11 18.69 -18.12
CA GLY C 25 -32.24 19.05 -19.23
C GLY C 25 -32.38 20.48 -19.69
N VAL C 26 -31.59 20.81 -20.71
CA VAL C 26 -31.57 22.09 -21.40
C VAL C 26 -31.49 21.77 -22.89
N PRO C 27 -32.52 22.04 -23.66
CA PRO C 27 -32.48 21.74 -25.11
C PRO C 27 -31.54 22.68 -25.85
N GLY C 28 -31.11 22.22 -27.02
CA GLY C 28 -30.36 23.01 -27.97
C GLY C 28 -30.56 22.43 -29.35
N ALA C 29 -30.04 23.16 -30.35
CA ALA C 29 -30.30 22.78 -31.74
C ALA C 29 -29.80 21.37 -32.06
N ALA C 30 -28.68 20.94 -31.46
CA ALA C 30 -28.12 19.63 -31.79
C ALA C 30 -28.90 18.48 -31.17
N ILE C 31 -29.66 18.73 -30.12
CA ILE C 31 -30.46 17.72 -29.45
C ILE C 31 -31.95 17.91 -29.70
N ASN C 32 -32.33 18.83 -30.59
CA ASN C 32 -33.74 19.02 -30.90
C ASN C 32 -34.44 17.76 -31.40
N PRO C 33 -33.86 16.93 -32.27
CA PRO C 33 -34.61 15.71 -32.68
C PRO C 33 -34.97 14.82 -31.50
N PHE C 34 -34.10 14.72 -30.51
CA PHE C 34 -34.43 13.95 -29.32
C PHE C 34 -35.59 14.57 -28.57
N TYR C 35 -35.58 15.90 -28.40
CA TYR C 35 -36.70 16.55 -27.75
C TYR C 35 -37.96 16.38 -28.56
N SER C 36 -37.83 16.42 -29.88
CA SER C 36 -39.00 16.25 -30.75
C SER C 36 -39.61 14.86 -30.56
N ALA C 37 -38.77 13.84 -30.39
CA ALA C 37 -39.29 12.49 -30.18
C ALA C 37 -39.89 12.33 -28.79
N MET C 38 -39.28 12.95 -27.78
CA MET C 38 -39.80 12.88 -26.42
C MET C 38 -41.18 13.53 -26.34
N ARG C 39 -41.40 14.61 -27.09
CA ARG C 39 -42.70 15.26 -27.10
C ARG C 39 -43.76 14.36 -27.74
N LYS C 40 -43.41 13.72 -28.85
CA LYS C 40 -44.36 12.86 -29.54
C LYS C 40 -44.71 11.64 -28.70
N HIS C 41 -43.72 11.09 -28.00
CA HIS C 41 -43.97 9.88 -27.21
C HIS C 41 -44.87 10.17 -26.02
N GLY C 42 -44.68 11.30 -25.36
CA GLY C 42 -45.35 11.56 -24.09
C GLY C 42 -44.77 10.64 -23.03
N GLY C 43 -45.23 10.82 -21.81
CA GLY C 43 -44.85 9.84 -20.82
C GLY C 43 -43.46 9.98 -20.23
N ILE C 44 -42.65 10.95 -20.71
CA ILE C 44 -41.47 11.39 -19.97
C ILE C 44 -41.70 12.85 -19.58
N ARG C 45 -41.79 13.12 -18.29
CA ARG C 45 -41.87 14.49 -17.79
C ARG C 45 -40.50 15.15 -17.86
N HIS C 46 -40.39 16.28 -18.56
CA HIS C 46 -39.13 16.99 -18.67
C HIS C 46 -39.13 18.19 -17.72
N ILE C 47 -38.05 18.31 -16.94
CA ILE C 47 -37.84 19.46 -16.05
C ILE C 47 -36.76 20.32 -16.68
N LEU C 48 -37.10 21.57 -16.98
CA LEU C 48 -36.13 22.47 -17.60
C LEU C 48 -35.26 23.12 -16.53
N ALA C 49 -33.95 22.83 -16.58
CA ALA C 49 -32.96 23.38 -15.65
C ALA C 49 -32.54 24.78 -16.09
N ARG C 50 -31.93 25.54 -15.17
CA ARG C 50 -31.41 26.86 -15.50
C ARG C 50 -29.89 26.92 -15.49
N HIS C 51 -29.25 25.75 -15.52
CA HIS C 51 -27.85 25.58 -15.82
C HIS C 51 -27.71 24.10 -16.13
N VAL C 52 -26.90 23.76 -17.15
CA VAL C 52 -26.78 22.36 -17.50
C VAL C 52 -26.22 21.57 -16.31
N GLU C 53 -25.35 22.20 -15.51
CA GLU C 53 -24.87 21.50 -14.31
C GLU C 53 -26.01 21.25 -13.34
N GLY C 54 -27.01 22.13 -13.32
CA GLY C 54 -28.18 21.89 -12.48
C GLY C 54 -28.96 20.68 -12.94
N ALA C 55 -29.12 20.53 -14.26
CA ALA C 55 -29.85 19.36 -14.76
C ALA C 55 -29.12 18.08 -14.39
N SER C 56 -27.78 18.13 -14.39
CA SER C 56 -27.03 16.89 -14.16
C SER C 56 -27.05 16.51 -12.68
N HIS C 57 -27.02 17.48 -11.77
CA HIS C 57 -27.15 17.13 -10.35
C HIS C 57 -28.59 16.78 -9.99
N MET C 58 -29.57 17.33 -10.74
CA MET C 58 -30.94 16.88 -10.53
C MET C 58 -31.06 15.40 -10.86
N ALA C 59 -30.36 14.96 -11.90
CA ALA C 59 -30.38 13.53 -12.24
C ALA C 59 -29.78 12.70 -11.12
N GLU C 60 -28.68 13.17 -10.53
CA GLU C 60 -28.07 12.44 -9.43
C GLU C 60 -29.04 12.29 -8.27
N GLY C 61 -29.73 13.38 -7.90
CA GLY C 61 -30.64 13.31 -6.77
C GLY C 61 -31.83 12.41 -7.06
N TYR C 62 -32.31 12.43 -8.30
CA TYR C 62 -33.37 11.50 -8.71
C TYR C 62 -32.91 10.05 -8.58
N THR C 63 -31.67 9.75 -8.98
CA THR C 63 -31.17 8.38 -8.84
C THR C 63 -31.09 7.98 -7.37
N ARG C 64 -30.50 8.84 -6.54
CA ARG C 64 -30.25 8.50 -5.14
C ARG C 64 -31.54 8.42 -4.33
N ALA C 65 -32.63 9.02 -4.82
CA ALA C 65 -33.86 9.11 -4.02
C ALA C 65 -34.50 7.74 -3.76
N THR C 66 -34.48 6.85 -4.74
CA THR C 66 -35.25 5.61 -4.67
C THR C 66 -34.51 4.51 -5.42
N ALA C 67 -34.38 3.34 -4.81
CA ALA C 67 -33.64 2.25 -5.44
C ALA C 67 -34.26 1.94 -6.80
N GLY C 68 -33.41 1.73 -7.80
CA GLY C 68 -33.85 1.45 -9.16
C GLY C 68 -34.08 2.67 -10.02
N ASN C 69 -34.11 3.87 -9.46
CA ASN C 69 -34.20 5.08 -10.27
C ASN C 69 -32.91 5.28 -11.05
N ILE C 70 -33.05 5.82 -12.27
CA ILE C 70 -31.92 6.32 -13.05
C ILE C 70 -32.27 7.72 -13.56
N GLY C 71 -31.67 8.74 -12.96
CA GLY C 71 -31.88 10.10 -13.42
C GLY C 71 -31.29 10.30 -14.81
N VAL C 72 -31.99 11.08 -15.63
CA VAL C 72 -31.61 11.33 -17.02
C VAL C 72 -31.35 12.83 -17.19
N CYS C 73 -30.19 13.15 -17.75
CA CYS C 73 -29.75 14.52 -17.99
C CYS C 73 -29.54 14.71 -19.48
N LEU C 74 -30.27 15.65 -20.08
CA LEU C 74 -30.25 15.92 -21.52
C LEU C 74 -29.57 17.24 -21.83
N GLY C 75 -28.75 17.27 -22.89
CA GLY C 75 -28.15 18.52 -23.28
C GLY C 75 -27.79 18.56 -24.75
N THR C 76 -27.44 19.77 -25.21
CA THR C 76 -27.03 19.94 -26.58
C THR C 76 -25.55 19.58 -26.74
N SER C 77 -24.94 19.98 -27.84
CA SER C 77 -23.56 19.64 -28.14
C SER C 77 -22.61 20.58 -27.39
N GLY C 78 -21.30 20.38 -27.58
CA GLY C 78 -20.32 21.32 -27.11
C GLY C 78 -20.35 21.56 -25.61
N PRO C 79 -20.57 22.82 -25.20
CA PRO C 79 -20.47 23.18 -23.78
C PRO C 79 -21.44 22.42 -22.86
N ALA C 80 -22.59 21.97 -23.34
CA ALA C 80 -23.49 21.22 -22.45
C ALA C 80 -22.82 19.95 -21.94
N GLY C 81 -22.12 19.22 -22.80
CA GLY C 81 -21.45 18.01 -22.34
C GLY C 81 -20.34 18.30 -21.36
N THR C 82 -19.52 19.32 -21.64
CA THR C 82 -18.47 19.68 -20.69
C THR C 82 -19.07 20.18 -19.37
N ASP C 83 -20.30 20.72 -19.40
CA ASP C 83 -20.98 21.10 -18.17
C ASP C 83 -21.49 19.91 -17.37
N MET C 84 -21.48 18.69 -17.94
CA MET C 84 -21.95 17.51 -17.22
C MET C 84 -20.84 16.74 -16.54
N ILE C 85 -19.58 17.12 -16.77
CA ILE C 85 -18.46 16.33 -16.30
C ILE C 85 -18.44 16.25 -14.79
N THR C 86 -18.78 17.36 -14.11
CA THR C 86 -18.75 17.34 -12.65
C THR C 86 -19.76 16.33 -12.10
N ALA C 87 -20.95 16.25 -12.70
CA ALA C 87 -21.95 15.29 -12.23
C ALA C 87 -21.56 13.86 -12.54
N LEU C 88 -20.97 13.62 -13.72
CA LEU C 88 -20.48 12.28 -14.05
C LEU C 88 -19.40 11.84 -13.07
N TYR C 89 -18.51 12.75 -12.71
CA TYR C 89 -17.50 12.46 -11.70
C TYR C 89 -18.15 12.17 -10.36
N SER C 90 -19.07 13.03 -9.95
CA SER C 90 -19.74 12.85 -8.66
C SER C 90 -20.51 11.54 -8.61
N ALA C 91 -21.24 11.19 -9.68
CA ALA C 91 -21.97 9.93 -9.66
C ALA C 91 -21.03 8.72 -9.67
N SER C 92 -20.00 8.76 -10.53
CA SER C 92 -19.02 7.67 -10.55
C SER C 92 -18.37 7.47 -9.19
N ALA C 93 -18.02 8.57 -8.52
CA ALA C 93 -17.29 8.48 -7.26
C ALA C 93 -18.10 7.80 -6.16
N ASP C 94 -19.42 7.96 -6.20
CA ASP C 94 -20.33 7.35 -5.23
C ASP C 94 -20.96 6.05 -5.73
N SER C 95 -20.48 5.50 -6.84
CA SER C 95 -20.99 4.25 -7.41
C SER C 95 -22.50 4.30 -7.69
N ILE C 96 -22.98 5.43 -8.23
CA ILE C 96 -24.39 5.49 -8.59
C ILE C 96 -24.53 5.97 -10.04
N PRO C 97 -25.59 5.60 -10.72
CA PRO C 97 -25.71 5.95 -12.14
C PRO C 97 -26.53 7.22 -12.40
N ILE C 98 -26.14 7.95 -13.44
CA ILE C 98 -27.04 8.81 -14.18
C ILE C 98 -26.81 8.50 -15.65
N LEU C 99 -27.82 8.75 -16.46
CA LEU C 99 -27.70 8.65 -17.91
C LEU C 99 -27.68 10.06 -18.49
N CYS C 100 -26.54 10.45 -19.06
CA CYS C 100 -26.41 11.72 -19.78
C CYS C 100 -26.54 11.48 -21.28
N ILE C 101 -27.31 12.36 -21.93
CA ILE C 101 -27.51 12.30 -23.37
C ILE C 101 -27.23 13.68 -23.94
N THR C 102 -26.25 13.76 -24.84
CA THR C 102 -25.87 15.02 -25.48
C THR C 102 -26.09 14.93 -26.99
N GLY C 103 -26.50 16.03 -27.60
CA GLY C 103 -26.46 16.14 -29.04
C GLY C 103 -25.03 16.31 -29.52
N GLN C 104 -24.85 16.09 -30.82
CA GLN C 104 -23.52 16.15 -31.41
C GLN C 104 -23.66 16.59 -32.86
N ALA C 105 -22.55 17.07 -33.43
CA ALA C 105 -22.51 17.39 -34.85
C ALA C 105 -22.64 16.11 -35.69
N PRO C 106 -23.09 16.23 -36.94
CA PRO C 106 -23.23 15.05 -37.80
C PRO C 106 -21.90 14.35 -38.01
N ARG C 107 -21.98 13.02 -38.19
CA ARG C 107 -20.79 12.18 -38.31
C ARG C 107 -19.77 12.75 -39.27
N ALA C 108 -20.19 13.15 -40.47
CA ALA C 108 -19.23 13.53 -41.49
C ALA C 108 -18.45 14.79 -41.10
N ARG C 109 -18.97 15.58 -40.17
CA ARG C 109 -18.34 16.82 -39.75
C ARG C 109 -17.63 16.70 -38.41
N LEU C 110 -17.43 15.47 -37.91
CA LEU C 110 -16.84 15.28 -36.59
C LEU C 110 -15.37 15.70 -36.52
N HIS C 111 -14.69 15.80 -37.66
CA HIS C 111 -13.29 16.22 -37.68
C HIS C 111 -13.11 17.68 -38.12
N LYS C 112 -14.20 18.43 -38.30
CA LYS C 112 -14.16 19.67 -39.07
C LYS C 112 -14.29 20.94 -38.24
N GLU C 113 -14.14 20.86 -36.91
CA GLU C 113 -14.27 22.05 -36.06
C GLU C 113 -15.65 22.69 -36.20
N ASP C 114 -16.68 21.86 -36.25
CA ASP C 114 -18.03 22.36 -36.34
C ASP C 114 -18.38 23.18 -35.10
N PHE C 115 -19.30 24.13 -35.27
CA PHE C 115 -19.73 24.99 -34.18
C PHE C 115 -20.25 24.16 -33.00
N GLN C 116 -19.79 24.49 -31.79
CA GLN C 116 -20.17 23.80 -30.54
C GLN C 116 -20.06 22.28 -30.66
N ALA C 117 -18.95 21.79 -31.20
CA ALA C 117 -18.68 20.37 -31.35
C ALA C 117 -17.40 20.05 -30.61
N VAL C 118 -17.46 19.11 -29.67
CA VAL C 118 -16.33 18.76 -28.83
C VAL C 118 -16.27 17.25 -28.70
N ASP C 119 -15.07 16.73 -28.44
CA ASP C 119 -14.82 15.30 -28.28
C ASP C 119 -15.22 14.89 -26.86
N ILE C 120 -16.54 14.91 -26.62
CA ILE C 120 -17.05 14.61 -25.28
C ILE C 120 -16.74 13.16 -24.90
N GLU C 121 -16.68 12.27 -25.89
CA GLU C 121 -16.31 10.89 -25.62
C GLU C 121 -14.98 10.81 -24.87
N ALA C 122 -13.95 11.51 -25.36
CA ALA C 122 -12.64 11.48 -24.70
C ALA C 122 -12.66 12.20 -23.35
N ILE C 123 -13.43 13.30 -23.24
CA ILE C 123 -13.43 14.04 -21.99
C ILE C 123 -14.11 13.24 -20.88
N ALA C 124 -15.19 12.55 -21.19
CA ALA C 124 -16.01 11.86 -20.20
C ALA C 124 -15.55 10.44 -19.88
N LYS C 125 -14.63 9.88 -20.66
CA LYS C 125 -14.19 8.50 -20.44
C LYS C 125 -13.67 8.26 -19.03
N PRO C 126 -12.84 9.12 -18.44
CA PRO C 126 -12.33 8.88 -17.08
C PRO C 126 -13.40 8.88 -15.98
N VAL C 127 -14.57 9.46 -16.21
CA VAL C 127 -15.58 9.57 -15.17
C VAL C 127 -16.89 8.88 -15.56
N SER C 128 -16.80 7.83 -16.36
CA SER C 128 -18.00 7.11 -16.76
C SER C 128 -17.69 5.64 -16.95
N LYS C 129 -18.72 4.80 -16.79
CA LYS C 129 -18.60 3.39 -17.17
C LYS C 129 -18.60 3.21 -18.68
N MET C 130 -19.23 4.14 -19.40
CA MET C 130 -19.21 4.13 -20.86
C MET C 130 -19.50 5.53 -21.35
N ALA C 131 -18.75 5.96 -22.36
CA ALA C 131 -18.98 7.24 -23.00
C ALA C 131 -18.79 7.00 -24.49
N VAL C 132 -19.88 7.06 -25.25
CA VAL C 132 -19.84 6.61 -26.64
C VAL C 132 -20.58 7.62 -27.51
N THR C 133 -19.94 8.00 -28.62
CA THR C 133 -20.63 8.66 -29.71
C THR C 133 -21.23 7.60 -30.62
N VAL C 134 -22.55 7.61 -30.77
CA VAL C 134 -23.23 6.58 -31.54
C VAL C 134 -23.02 6.82 -33.03
N ARG C 135 -22.51 5.81 -33.73
CA ARG C 135 -22.08 5.93 -35.11
C ARG C 135 -23.15 5.56 -36.13
N GLU C 136 -24.17 4.80 -35.75
CA GLU C 136 -25.19 4.39 -36.69
C GLU C 136 -26.56 4.53 -36.05
N ALA C 137 -27.54 4.92 -36.87
CA ALA C 137 -28.91 5.05 -36.37
C ALA C 137 -29.38 3.75 -35.73
N ALA C 138 -29.08 2.61 -36.34
CA ALA C 138 -29.52 1.33 -35.80
C ALA C 138 -28.88 1.02 -34.46
N LEU C 139 -27.72 1.60 -34.16
CA LEU C 139 -27.06 1.32 -32.89
C LEU C 139 -27.68 2.05 -31.71
N VAL C 140 -28.52 3.08 -31.97
CA VAL C 140 -29.03 3.90 -30.87
C VAL C 140 -29.73 3.05 -29.82
N PRO C 141 -30.71 2.20 -30.17
CA PRO C 141 -31.33 1.33 -29.13
C PRO C 141 -30.35 0.38 -28.47
N ARG C 142 -29.33 -0.09 -29.21
CA ARG C 142 -28.41 -1.07 -28.64
C ARG C 142 -27.46 -0.43 -27.63
N VAL C 143 -26.96 0.77 -27.94
CA VAL C 143 -26.09 1.42 -26.96
C VAL C 143 -26.89 1.79 -25.72
N LEU C 144 -28.13 2.24 -25.89
CA LEU C 144 -28.96 2.49 -24.72
C LEU C 144 -29.17 1.21 -23.93
N GLN C 145 -29.38 0.09 -24.64
CA GLN C 145 -29.60 -1.18 -23.98
C GLN C 145 -28.37 -1.60 -23.20
N GLN C 146 -27.19 -1.46 -23.81
CA GLN C 146 -25.95 -1.74 -23.11
C GLN C 146 -25.72 -0.76 -21.95
N ALA C 147 -26.14 0.49 -22.12
CA ALA C 147 -25.94 1.49 -21.07
C ALA C 147 -26.73 1.14 -19.81
N PHE C 148 -27.97 0.69 -19.96
CA PHE C 148 -28.75 0.36 -18.78
C PHE C 148 -28.22 -0.87 -18.07
N HIS C 149 -27.68 -1.84 -18.82
CA HIS C 149 -27.02 -2.97 -18.18
C HIS C 149 -25.83 -2.51 -17.34
N LEU C 150 -25.01 -1.62 -17.90
CA LEU C 150 -23.84 -1.14 -17.19
C LEU C 150 -24.23 -0.31 -15.98
N MET C 151 -25.30 0.49 -16.09
CA MET C 151 -25.65 1.36 -14.96
C MET C 151 -26.18 0.56 -13.78
N ARG C 152 -26.73 -0.64 -14.02
CA ARG C 152 -27.28 -1.45 -12.95
C ARG C 152 -26.34 -2.55 -12.45
N SER C 153 -25.28 -2.89 -13.21
CA SER C 153 -24.48 -4.08 -12.96
C SER C 153 -23.21 -3.77 -12.19
N GLY C 154 -22.65 -4.81 -11.57
CA GLY C 154 -21.36 -4.67 -10.91
C GLY C 154 -21.37 -3.51 -9.95
N ARG C 155 -20.27 -2.75 -9.93
CA ARG C 155 -20.30 -1.45 -9.28
C ARG C 155 -21.06 -0.49 -10.18
N PRO C 156 -22.18 0.08 -9.73
CA PRO C 156 -22.94 0.98 -10.61
C PRO C 156 -22.14 2.23 -10.93
N GLY C 157 -22.45 2.83 -12.09
CA GLY C 157 -21.78 4.03 -12.52
C GLY C 157 -22.50 4.67 -13.68
N PRO C 158 -22.20 5.94 -13.96
CA PRO C 158 -22.91 6.68 -15.00
C PRO C 158 -22.44 6.35 -16.41
N VAL C 159 -23.28 6.72 -17.37
CA VAL C 159 -23.01 6.56 -18.80
C VAL C 159 -23.35 7.86 -19.50
N LEU C 160 -22.52 8.24 -20.47
CA LEU C 160 -22.83 9.35 -21.37
C LEU C 160 -23.00 8.82 -22.78
N VAL C 161 -24.10 9.21 -23.42
CA VAL C 161 -24.45 8.78 -24.77
C VAL C 161 -24.53 10.01 -25.65
N ASP C 162 -23.65 10.10 -26.64
CA ASP C 162 -23.46 11.27 -27.49
C ASP C 162 -24.04 10.95 -28.86
N LEU C 163 -24.99 11.78 -29.31
CA LEU C 163 -25.81 11.45 -30.48
C LEU C 163 -25.62 12.43 -31.63
N PRO C 164 -24.92 12.05 -32.68
CA PRO C 164 -24.80 12.93 -33.84
C PRO C 164 -26.17 13.23 -34.44
N PHE C 165 -26.31 14.46 -34.94
CA PHE C 165 -27.63 14.93 -35.35
C PHE C 165 -28.19 14.08 -36.48
N ASP C 166 -27.37 13.71 -37.47
CA ASP C 166 -27.89 12.86 -38.53
C ASP C 166 -28.25 11.48 -38.01
N VAL C 167 -27.52 10.97 -37.02
CA VAL C 167 -27.86 9.68 -36.43
C VAL C 167 -29.22 9.73 -35.76
N GLN C 168 -29.56 10.87 -35.13
CA GLN C 168 -30.84 10.98 -34.43
C GLN C 168 -32.02 10.92 -35.38
N VAL C 169 -31.93 11.63 -36.52
CA VAL C 169 -33.08 11.73 -37.42
C VAL C 169 -33.15 10.59 -38.44
N ALA C 170 -32.11 9.78 -38.56
CA ALA C 170 -32.11 8.71 -39.57
C ALA C 170 -33.21 7.71 -39.28
N GLU C 171 -33.86 7.24 -40.33
CA GLU C 171 -34.95 6.29 -40.18
C GLU C 171 -34.42 4.86 -40.02
N ILE C 172 -35.06 4.11 -39.12
CA ILE C 172 -34.76 2.70 -38.90
C ILE C 172 -36.07 1.97 -38.67
N GLU C 173 -36.02 0.65 -38.84
CA GLU C 173 -37.16 -0.20 -38.49
C GLU C 173 -36.95 -0.73 -37.07
N PHE C 174 -37.98 -0.58 -36.24
CA PHE C 174 -37.86 -0.93 -34.82
C PHE C 174 -39.20 -1.42 -34.31
N ASP C 175 -39.15 -2.43 -33.44
CA ASP C 175 -40.34 -3.10 -32.90
C ASP C 175 -40.30 -3.01 -31.38
N PRO C 176 -40.98 -2.03 -30.77
CA PRO C 176 -40.91 -1.91 -29.31
C PRO C 176 -41.38 -3.17 -28.57
N ASP C 177 -42.34 -3.91 -29.15
CA ASP C 177 -42.81 -5.14 -28.51
C ASP C 177 -41.70 -6.16 -28.36
N MET C 178 -40.68 -6.12 -29.23
CA MET C 178 -39.56 -7.06 -29.13
C MET C 178 -38.40 -6.57 -28.26
N TYR C 179 -38.40 -5.32 -27.80
CA TYR C 179 -37.29 -4.86 -26.96
C TYR C 179 -37.34 -5.51 -25.58
N GLU C 180 -36.17 -5.95 -25.07
CA GLU C 180 -36.10 -6.44 -23.70
C GLU C 180 -34.81 -5.96 -23.05
N PRO C 181 -34.89 -5.45 -21.82
CA PRO C 181 -33.66 -5.08 -21.10
C PRO C 181 -32.76 -6.28 -20.89
N LEU C 182 -31.47 -6.02 -20.91
CA LEU C 182 -30.47 -7.04 -20.63
C LEU C 182 -30.55 -7.48 -19.17
N PRO C 183 -30.15 -8.72 -18.87
CA PRO C 183 -30.02 -9.14 -17.47
C PRO C 183 -28.96 -8.31 -16.76
N VAL C 184 -29.15 -8.10 -15.46
CA VAL C 184 -28.19 -7.38 -14.65
C VAL C 184 -27.19 -8.36 -14.06
N TYR C 185 -25.91 -8.06 -14.20
CA TYR C 185 -24.86 -8.87 -13.60
C TYR C 185 -24.62 -8.45 -12.15
N LYS C 186 -24.64 -9.42 -11.25
CA LYS C 186 -24.33 -9.23 -9.84
C LYS C 186 -23.74 -10.52 -9.28
N PRO C 187 -22.45 -10.55 -9.00
CA PRO C 187 -21.86 -11.71 -8.33
C PRO C 187 -22.45 -11.88 -6.93
N ALA C 188 -22.52 -13.15 -6.49
CA ALA C 188 -23.09 -13.49 -5.19
C ALA C 188 -22.11 -14.33 -4.39
N ALA C 189 -22.06 -14.09 -3.08
CA ALA C 189 -21.20 -14.86 -2.20
C ALA C 189 -21.68 -16.31 -2.08
N SER C 190 -20.73 -17.25 -2.07
CA SER C 190 -21.04 -18.65 -1.82
C SER C 190 -21.27 -18.91 -0.33
N ARG C 191 -21.95 -20.02 -0.03
CA ARG C 191 -22.14 -20.39 1.36
C ARG C 191 -20.81 -20.58 2.07
N MET C 192 -19.80 -21.10 1.38
CA MET C 192 -18.50 -21.28 2.02
C MET C 192 -17.91 -19.93 2.45
N GLN C 193 -18.12 -18.88 1.65
CA GLN C 193 -17.64 -17.55 2.06
C GLN C 193 -18.40 -17.06 3.28
N ILE C 194 -19.73 -17.12 3.24
CA ILE C 194 -20.51 -16.55 4.34
C ILE C 194 -20.30 -17.35 5.62
N GLU C 195 -20.12 -18.67 5.55
CA GLU C 195 -19.91 -19.43 6.77
C GLU C 195 -18.59 -19.07 7.43
N LYS C 196 -17.55 -18.82 6.61
CA LYS C 196 -16.29 -18.33 7.15
C LYS C 196 -16.47 -16.96 7.79
N ALA C 197 -17.33 -16.12 7.22
CA ALA C 197 -17.49 -14.78 7.76
C ALA C 197 -18.20 -14.83 9.11
N VAL C 198 -19.29 -15.58 9.19
CA VAL C 198 -20.00 -15.71 10.46
C VAL C 198 -19.12 -16.41 11.49
N GLU C 199 -18.29 -17.36 11.04
CA GLU C 199 -17.39 -18.05 11.94
C GLU C 199 -16.41 -17.08 12.61
N MET C 200 -15.82 -16.16 11.83
CA MET C 200 -14.97 -15.13 12.42
C MET C 200 -15.76 -14.16 13.28
N LEU C 201 -17.01 -13.88 12.92
CA LEU C 201 -17.80 -12.95 13.71
C LEU C 201 -18.12 -13.54 15.09
N ILE C 202 -18.44 -14.83 15.13
CA ILE C 202 -18.73 -15.51 16.38
C ILE C 202 -17.51 -15.50 17.30
N GLN C 203 -16.31 -15.66 16.73
CA GLN C 203 -15.11 -15.69 17.56
C GLN C 203 -14.69 -14.29 18.03
N ALA C 204 -15.17 -13.23 17.39
CA ALA C 204 -14.83 -11.89 17.87
C ALA C 204 -15.59 -11.58 19.16
N GLU C 205 -14.93 -10.85 20.06
CA GLU C 205 -15.55 -10.50 21.34
C GLU C 205 -16.13 -9.09 21.37
N ARG C 206 -15.64 -8.17 20.55
CA ARG C 206 -16.19 -6.82 20.46
C ARG C 206 -16.29 -6.43 18.99
N PRO C 207 -17.13 -7.10 18.23
CA PRO C 207 -17.30 -6.77 16.81
C PRO C 207 -18.19 -5.57 16.55
N VAL C 208 -17.94 -4.91 15.41
CA VAL C 208 -18.86 -3.93 14.86
C VAL C 208 -19.06 -4.25 13.39
N ILE C 209 -20.26 -3.98 12.89
CA ILE C 209 -20.56 -3.98 11.46
C ILE C 209 -20.44 -2.55 10.96
N VAL C 210 -19.63 -2.33 9.93
CA VAL C 210 -19.57 -1.04 9.25
C VAL C 210 -20.41 -1.19 7.97
N ALA C 211 -21.57 -0.54 7.95
CA ALA C 211 -22.52 -0.65 6.85
C ALA C 211 -22.32 0.53 5.90
N GLY C 212 -21.81 0.24 4.70
CA GLY C 212 -21.49 1.26 3.73
C GLY C 212 -22.60 1.49 2.72
N GLY C 213 -22.29 2.35 1.75
CA GLY C 213 -23.28 2.70 0.75
C GLY C 213 -23.70 1.55 -0.14
N GLY C 214 -22.86 0.52 -0.27
CA GLY C 214 -23.25 -0.63 -1.06
C GLY C 214 -24.49 -1.34 -0.52
N VAL C 215 -24.72 -1.25 0.80
CA VAL C 215 -25.95 -1.81 1.37
C VAL C 215 -27.16 -1.08 0.82
N ILE C 216 -27.08 0.25 0.74
CA ILE C 216 -28.21 1.02 0.21
C ILE C 216 -28.31 0.83 -1.29
N ASN C 217 -27.17 0.79 -1.97
CA ASN C 217 -27.14 0.55 -3.40
C ASN C 217 -27.88 -0.75 -3.75
N ALA C 218 -27.69 -1.78 -2.93
CA ALA C 218 -28.29 -3.08 -3.15
C ALA C 218 -29.72 -3.18 -2.61
N ASP C 219 -30.23 -2.10 -2.01
CA ASP C 219 -31.58 -2.09 -1.44
C ASP C 219 -31.72 -3.14 -0.35
N ALA C 220 -30.66 -3.30 0.46
CA ALA C 220 -30.56 -4.36 1.46
C ALA C 220 -30.65 -3.84 2.90
N ALA C 221 -31.23 -2.66 3.11
CA ALA C 221 -31.25 -2.07 4.45
C ALA C 221 -31.99 -2.94 5.46
N ALA C 222 -33.15 -3.49 5.07
CA ALA C 222 -33.90 -4.31 6.02
C ALA C 222 -33.11 -5.56 6.39
N LEU C 223 -32.45 -6.19 5.42
CA LEU C 223 -31.62 -7.36 5.72
C LEU C 223 -30.42 -7.00 6.58
N LEU C 224 -29.87 -5.80 6.39
CA LEU C 224 -28.74 -5.41 7.22
C LEU C 224 -29.16 -5.31 8.68
N GLN C 225 -30.26 -4.62 8.93
CA GLN C 225 -30.76 -4.50 10.29
C GLN C 225 -31.10 -5.88 10.86
N GLN C 226 -31.70 -6.75 10.05
CA GLN C 226 -32.04 -8.07 10.54
C GLN C 226 -30.80 -8.87 10.92
N PHE C 227 -29.73 -8.77 10.12
CA PHE C 227 -28.52 -9.49 10.45
C PHE C 227 -27.88 -8.96 11.73
N ALA C 228 -27.91 -7.64 11.93
CA ALA C 228 -27.35 -7.08 13.17
C ALA C 228 -28.19 -7.50 14.37
N GLU C 229 -29.52 -7.55 14.22
CA GLU C 229 -30.39 -7.96 15.32
C GLU C 229 -30.17 -9.42 15.71
N LEU C 230 -30.06 -10.32 14.71
CA LEU C 230 -29.85 -11.73 15.00
C LEU C 230 -28.53 -11.99 15.72
N THR C 231 -27.50 -11.20 15.42
CA THR C 231 -26.18 -11.41 15.99
C THR C 231 -25.86 -10.48 17.15
N SER C 232 -26.72 -9.49 17.44
CA SER C 232 -26.47 -8.50 18.48
C SER C 232 -25.15 -7.75 18.27
N VAL C 233 -24.84 -7.43 17.01
CA VAL C 233 -23.60 -6.73 16.67
C VAL C 233 -23.93 -5.27 16.42
N PRO C 234 -23.29 -4.33 17.14
CA PRO C 234 -23.53 -2.90 16.88
C PRO C 234 -23.12 -2.52 15.45
N VAL C 235 -23.87 -1.57 14.89
CA VAL C 235 -23.71 -1.12 13.51
C VAL C 235 -23.17 0.31 13.50
N ILE C 236 -22.11 0.52 12.72
CA ILE C 236 -21.52 1.83 12.43
C ILE C 236 -21.78 2.08 10.95
N PRO C 237 -22.78 2.88 10.58
CA PRO C 237 -22.91 3.26 9.16
C PRO C 237 -21.76 4.15 8.72
N THR C 238 -21.31 3.96 7.47
CA THR C 238 -20.50 5.02 6.87
C THR C 238 -21.42 6.18 6.53
N LEU C 239 -20.81 7.31 6.14
CA LEU C 239 -21.63 8.44 5.73
C LEU C 239 -22.56 8.05 4.59
N MET C 240 -22.11 7.15 3.69
CA MET C 240 -22.95 6.73 2.58
C MET C 240 -23.91 5.60 2.94
N GLY C 241 -23.63 4.87 4.01
CA GLY C 241 -24.57 3.91 4.56
C GLY C 241 -25.55 4.47 5.56
N TRP C 242 -25.43 5.74 5.91
CA TRP C 242 -26.23 6.31 6.99
C TRP C 242 -27.71 6.20 6.66
N GLY C 243 -28.50 5.77 7.65
CA GLY C 243 -29.91 5.49 7.47
C GLY C 243 -30.26 4.04 7.18
N CYS C 244 -29.28 3.18 6.90
CA CYS C 244 -29.61 1.79 6.62
C CYS C 244 -30.02 1.02 7.88
N ILE C 245 -29.75 1.56 9.06
CA ILE C 245 -30.43 1.14 10.28
C ILE C 245 -30.89 2.42 10.97
N PRO C 246 -32.05 2.47 11.61
CA PRO C 246 -32.50 3.74 12.20
C PRO C 246 -31.55 4.24 13.27
N ASP C 247 -31.40 5.57 13.34
CA ASP C 247 -30.53 6.19 14.33
C ASP C 247 -30.99 5.95 15.77
N ASP C 248 -32.28 5.68 15.99
CA ASP C 248 -32.76 5.37 17.33
C ASP C 248 -32.80 3.87 17.60
N HIS C 249 -32.26 3.05 16.70
CA HIS C 249 -32.14 1.62 16.95
C HIS C 249 -31.09 1.33 18.03
N GLU C 250 -31.37 0.33 18.88
CA GLU C 250 -30.47 0.09 20.01
C GLU C 250 -29.07 -0.26 19.56
N LEU C 251 -28.92 -0.87 18.38
CA LEU C 251 -27.63 -1.34 17.89
C LEU C 251 -26.88 -0.31 17.05
N MET C 252 -27.47 0.85 16.77
CA MET C 252 -26.81 1.87 15.97
C MET C 252 -25.82 2.61 16.87
N ALA C 253 -24.53 2.46 16.58
CA ALA C 253 -23.48 2.90 17.48
C ALA C 253 -22.84 4.22 17.08
N GLY C 254 -23.43 4.96 16.14
CA GLY C 254 -22.84 6.19 15.66
C GLY C 254 -21.97 5.99 14.43
N MET C 255 -21.44 7.11 13.93
CA MET C 255 -20.59 7.15 12.75
C MET C 255 -19.13 7.43 13.14
N VAL C 256 -18.23 7.00 12.27
CA VAL C 256 -16.78 7.00 12.49
C VAL C 256 -16.11 7.83 11.42
N GLY C 257 -15.04 8.54 11.78
CA GLY C 257 -14.24 9.21 10.79
C GLY C 257 -13.58 10.46 11.32
N LEU C 258 -12.96 11.20 10.39
CA LEU C 258 -12.18 12.37 10.70
C LEU C 258 -13.02 13.65 10.80
N GLN C 259 -14.25 13.63 10.29
CA GLN C 259 -15.07 14.84 10.26
C GLN C 259 -16.54 14.52 10.54
N THR C 260 -17.21 13.83 9.63
CA THR C 260 -18.63 13.49 9.82
C THR C 260 -18.68 12.23 10.68
N ALA C 261 -18.45 12.42 11.99
CA ALA C 261 -18.33 11.32 12.92
C ALA C 261 -18.73 11.77 14.32
N HIS C 262 -19.10 10.81 15.16
CA HIS C 262 -19.43 11.07 16.55
C HIS C 262 -18.27 10.64 17.44
N ARG C 263 -18.13 11.31 18.58
CA ARG C 263 -17.09 10.91 19.53
C ARG C 263 -17.33 9.49 20.00
N TYR C 264 -18.59 9.08 20.16
CA TYR C 264 -18.89 7.72 20.59
C TYR C 264 -18.67 6.71 19.46
N GLY C 265 -18.85 7.12 18.21
CA GLY C 265 -18.57 6.22 17.11
C GLY C 265 -17.09 5.90 17.02
N ASN C 266 -16.26 6.94 17.04
CA ASN C 266 -14.82 6.71 17.00
C ASN C 266 -14.35 5.93 18.22
N ALA C 267 -14.89 6.23 19.41
CA ALA C 267 -14.44 5.51 20.59
C ALA C 267 -14.88 4.06 20.54
N THR C 268 -16.10 3.79 20.04
CA THR C 268 -16.51 2.41 19.92
C THR C 268 -15.67 1.65 18.91
N LEU C 269 -15.28 2.30 17.80
CA LEU C 269 -14.50 1.60 16.80
C LEU C 269 -13.10 1.29 17.32
N LEU C 270 -12.45 2.27 17.98
CA LEU C 270 -11.13 2.00 18.54
C LEU C 270 -11.17 0.90 19.61
N ALA C 271 -12.31 0.74 20.30
CA ALA C 271 -12.43 -0.31 21.32
C ALA C 271 -12.79 -1.68 20.74
N SER C 272 -13.24 -1.74 19.49
CA SER C 272 -13.68 -2.99 18.87
C SER C 272 -12.49 -3.88 18.53
N ASP C 273 -12.76 -5.18 18.38
CA ASP C 273 -11.73 -6.14 17.95
C ASP C 273 -12.02 -6.75 16.59
N MET C 274 -13.08 -6.32 15.90
CA MET C 274 -13.30 -6.71 14.52
C MET C 274 -14.19 -5.69 13.83
N VAL C 275 -13.90 -5.43 12.56
CA VAL C 275 -14.75 -4.60 11.70
C VAL C 275 -15.33 -5.49 10.60
N PHE C 276 -16.64 -5.61 10.57
CA PHE C 276 -17.33 -6.48 9.61
C PHE C 276 -17.92 -5.56 8.55
N GLY C 277 -17.11 -5.27 7.52
CA GLY C 277 -17.49 -4.30 6.51
C GLY C 277 -18.35 -4.86 5.41
N ILE C 278 -19.55 -4.30 5.25
CA ILE C 278 -20.52 -4.76 4.27
C ILE C 278 -20.84 -3.59 3.36
N GLY C 279 -20.40 -3.65 2.11
CA GLY C 279 -20.78 -2.64 1.17
C GLY C 279 -20.09 -1.30 1.39
N ASN C 280 -19.01 -1.27 2.18
CA ASN C 280 -18.20 -0.08 2.40
C ASN C 280 -16.92 -0.20 1.60
N ARG C 281 -16.06 0.82 1.72
CA ARG C 281 -14.76 0.77 1.06
C ARG C 281 -13.63 1.35 1.89
N PHE C 282 -13.82 1.62 3.18
CA PHE C 282 -12.76 2.12 4.04
C PHE C 282 -12.12 3.38 3.47
N ALA C 283 -12.97 4.39 3.26
CA ALA C 283 -12.51 5.66 2.69
C ALA C 283 -11.59 6.39 3.66
N GLN C 284 -10.70 7.21 3.10
CA GLN C 284 -9.68 7.86 3.91
C GLN C 284 -10.29 8.76 4.98
N ARG C 285 -11.38 9.47 4.66
CA ARG C 285 -12.02 10.31 5.67
C ARG C 285 -12.70 9.48 6.77
N HIS C 286 -12.93 8.19 6.50
CA HIS C 286 -13.49 7.27 7.50
C HIS C 286 -12.41 6.64 8.37
N THR C 287 -11.25 6.29 7.80
CA THR C 287 -10.27 5.49 8.53
C THR C 287 -9.17 6.30 9.19
N GLY C 288 -8.89 7.52 8.73
CA GLY C 288 -7.58 8.00 9.14
C GLY C 288 -6.51 7.10 8.55
N SER C 289 -5.35 7.04 9.21
CA SER C 289 -4.32 6.10 8.79
C SER C 289 -4.78 4.67 8.99
N VAL C 290 -4.65 3.85 7.95
CA VAL C 290 -5.21 2.50 8.00
C VAL C 290 -4.52 1.67 9.06
N GLU C 291 -3.23 1.91 9.31
CA GLU C 291 -2.54 1.15 10.34
C GLU C 291 -3.15 1.38 11.71
N LYS C 292 -3.65 2.60 11.96
CA LYS C 292 -4.33 2.86 13.22
C LYS C 292 -5.75 2.31 13.22
N TYR C 293 -6.41 2.36 12.06
CA TYR C 293 -7.78 1.87 11.95
C TYR C 293 -7.88 0.35 12.15
N THR C 294 -6.86 -0.40 11.73
CA THR C 294 -6.90 -1.85 11.79
C THR C 294 -6.17 -2.43 13.00
N GLU C 295 -5.53 -1.60 13.82
CA GLU C 295 -4.72 -2.11 14.91
C GLU C 295 -5.56 -2.97 15.86
N GLY C 296 -5.16 -4.23 16.02
CA GLY C 296 -5.86 -5.12 16.93
C GLY C 296 -7.19 -5.65 16.46
N ARG C 297 -7.51 -5.56 15.17
CA ARG C 297 -8.84 -5.90 14.68
C ARG C 297 -8.74 -6.79 13.44
N LYS C 298 -9.52 -7.87 13.44
CA LYS C 298 -9.76 -8.59 12.20
C LYS C 298 -10.73 -7.80 11.33
N ILE C 299 -10.53 -7.87 10.02
CA ILE C 299 -11.30 -7.10 9.05
C ILE C 299 -11.92 -8.06 8.04
N VAL C 300 -13.25 -8.04 7.96
CA VAL C 300 -13.99 -8.63 6.86
C VAL C 300 -14.44 -7.50 5.95
N HIS C 301 -14.45 -7.74 4.64
CA HIS C 301 -14.86 -6.72 3.67
C HIS C 301 -15.65 -7.42 2.56
N ILE C 302 -16.94 -7.09 2.44
CA ILE C 302 -17.79 -7.62 1.38
C ILE C 302 -18.10 -6.47 0.44
N ASP C 303 -17.75 -6.64 -0.83
CA ASP C 303 -17.86 -5.58 -1.83
C ASP C 303 -18.19 -6.20 -3.17
N ILE C 304 -19.04 -5.53 -3.95
CA ILE C 304 -19.45 -6.11 -5.22
C ILE C 304 -18.31 -6.06 -6.24
N GLU C 305 -17.28 -5.25 -6.01
CA GLU C 305 -16.24 -4.95 -6.98
C GLU C 305 -14.92 -5.55 -6.52
N PRO C 306 -14.37 -6.54 -7.24
CA PRO C 306 -13.16 -7.20 -6.73
C PRO C 306 -11.99 -6.25 -6.52
N THR C 307 -11.83 -5.22 -7.34
CA THR C 307 -10.64 -4.39 -7.19
C THR C 307 -10.81 -3.33 -6.12
N GLN C 308 -11.97 -3.27 -5.47
CA GLN C 308 -12.12 -2.49 -4.24
C GLN C 308 -11.57 -3.21 -3.02
N ILE C 309 -11.38 -4.52 -3.09
CA ILE C 309 -10.98 -5.31 -1.92
C ILE C 309 -9.45 -5.35 -1.87
N GLY C 310 -8.87 -4.78 -0.82
CA GLY C 310 -7.44 -4.64 -0.70
C GLY C 310 -6.86 -3.35 -1.28
N ARG C 311 -7.71 -2.46 -1.80
CA ARG C 311 -7.20 -1.24 -2.44
C ARG C 311 -6.51 -0.30 -1.45
N VAL C 312 -6.98 -0.23 -0.19
CA VAL C 312 -6.36 0.65 0.79
C VAL C 312 -5.91 -0.07 2.04
N LEU C 313 -6.36 -1.30 2.28
CA LEU C 313 -5.86 -2.13 3.36
C LEU C 313 -6.19 -3.57 3.01
N CYS C 314 -5.40 -4.51 3.55
CA CYS C 314 -5.62 -5.92 3.24
C CYS C 314 -6.58 -6.52 4.26
N PRO C 315 -7.79 -6.92 3.87
CA PRO C 315 -8.71 -7.56 4.83
C PRO C 315 -8.25 -8.96 5.23
N ASP C 316 -8.69 -9.37 6.43
CA ASP C 316 -8.51 -10.76 6.82
C ASP C 316 -9.36 -11.70 5.98
N LEU C 317 -10.52 -11.26 5.49
CA LEU C 317 -11.34 -12.18 4.69
C LEU C 317 -11.50 -11.67 3.25
N GLY C 318 -12.40 -10.75 2.98
CA GLY C 318 -12.52 -10.31 1.59
C GLY C 318 -13.40 -11.17 0.69
N ILE C 319 -14.59 -10.67 0.36
CA ILE C 319 -15.61 -11.45 -0.33
C ILE C 319 -16.25 -10.59 -1.41
N VAL C 320 -16.27 -11.08 -2.65
CA VAL C 320 -16.90 -10.38 -3.76
C VAL C 320 -18.37 -10.78 -3.79
N SER C 321 -19.26 -9.83 -3.49
CA SER C 321 -20.69 -10.12 -3.57
C SER C 321 -21.50 -8.84 -3.61
N ASP C 322 -22.63 -8.92 -4.31
CA ASP C 322 -23.69 -7.96 -4.07
C ASP C 322 -24.10 -8.01 -2.60
N ALA C 323 -24.35 -6.85 -2.00
CA ALA C 323 -24.63 -6.81 -0.57
C ALA C 323 -25.96 -7.49 -0.22
N LYS C 324 -26.96 -7.41 -1.11
CA LYS C 324 -28.24 -8.07 -0.82
C LYS C 324 -28.10 -9.59 -0.89
N ALA C 325 -27.40 -10.10 -1.91
CA ALA C 325 -27.18 -11.54 -1.98
C ALA C 325 -26.36 -12.01 -0.78
N ALA C 326 -25.37 -11.22 -0.38
CA ALA C 326 -24.56 -11.57 0.79
C ALA C 326 -25.38 -11.56 2.08
N LEU C 327 -26.23 -10.54 2.26
CA LEU C 327 -26.99 -10.40 3.51
C LEU C 327 -28.13 -11.41 3.60
N THR C 328 -28.68 -11.82 2.45
CA THR C 328 -29.66 -12.90 2.48
C THR C 328 -29.05 -14.17 3.06
N LEU C 329 -27.81 -14.46 2.69
CA LEU C 329 -27.13 -15.66 3.15
C LEU C 329 -26.57 -15.48 4.57
N LEU C 330 -26.13 -14.26 4.90
CA LEU C 330 -25.70 -14.01 6.27
C LEU C 330 -26.87 -14.18 7.25
N VAL C 331 -28.07 -13.72 6.88
CA VAL C 331 -29.22 -13.93 7.74
C VAL C 331 -29.52 -15.42 7.89
N GLU C 332 -29.43 -16.16 6.79
CA GLU C 332 -29.77 -17.58 6.83
C GLU C 332 -28.78 -18.35 7.69
N VAL C 333 -27.48 -18.08 7.53
CA VAL C 333 -26.49 -18.75 8.36
C VAL C 333 -26.60 -18.30 9.82
N ALA C 334 -26.95 -17.03 10.06
CA ALA C 334 -27.12 -16.60 11.44
C ALA C 334 -28.33 -17.28 12.09
N GLN C 335 -29.38 -17.52 11.31
CA GLN C 335 -30.53 -18.24 11.87
C GLN C 335 -30.16 -19.68 12.20
N GLU C 336 -29.35 -20.33 11.36
CA GLU C 336 -28.86 -21.66 11.67
C GLU C 336 -27.99 -21.65 12.92
N MET C 337 -27.06 -20.69 13.02
CA MET C 337 -26.20 -20.63 14.20
C MET C 337 -27.00 -20.38 15.46
N GLN C 338 -28.08 -19.61 15.35
CA GLN C 338 -28.94 -19.34 16.49
C GLN C 338 -29.65 -20.59 16.96
N LYS C 339 -30.11 -21.41 16.01
CA LYS C 339 -30.77 -22.66 16.38
C LYS C 339 -29.80 -23.61 17.07
N ALA C 340 -28.54 -23.60 16.66
CA ALA C 340 -27.54 -24.47 17.27
C ALA C 340 -27.00 -23.92 18.58
N GLY C 341 -27.40 -22.72 18.98
CA GLY C 341 -26.89 -22.13 20.19
C GLY C 341 -25.47 -21.61 20.10
N ARG C 342 -24.96 -21.41 18.88
CA ARG C 342 -23.56 -21.04 18.69
C ARG C 342 -23.30 -19.54 18.64
N LEU C 343 -24.34 -18.72 18.65
CA LEU C 343 -24.15 -17.27 18.62
C LEU C 343 -23.86 -16.76 20.02
N PRO C 344 -22.73 -16.10 20.26
CA PRO C 344 -22.43 -15.57 21.60
C PRO C 344 -23.44 -14.52 22.04
N CYS C 345 -23.74 -14.51 23.34
CA CYS C 345 -24.38 -13.35 23.94
C CYS C 345 -23.41 -12.18 23.93
N ARG C 346 -23.93 -10.98 23.69
CA ARG C 346 -23.08 -9.81 23.54
C ARG C 346 -23.55 -8.65 24.39
N LYS C 347 -24.25 -8.96 25.49
CA LYS C 347 -24.87 -7.89 26.26
C LYS C 347 -23.83 -6.94 26.85
N GLU C 348 -22.66 -7.45 27.24
CA GLU C 348 -21.68 -6.56 27.85
C GLU C 348 -21.11 -5.58 26.83
N TRP C 349 -20.75 -6.09 25.65
CA TRP C 349 -20.19 -5.21 24.62
C TRP C 349 -21.23 -4.21 24.15
N VAL C 350 -22.47 -4.66 23.91
CA VAL C 350 -23.53 -3.73 23.54
C VAL C 350 -23.76 -2.69 24.63
N ALA C 351 -23.62 -3.10 25.91
CA ALA C 351 -23.78 -2.14 27.00
C ALA C 351 -22.65 -1.11 27.01
N ASP C 352 -21.42 -1.56 26.73
CA ASP C 352 -20.29 -0.64 26.65
C ASP C 352 -20.46 0.37 25.53
N CYS C 353 -21.04 -0.06 24.41
CA CYS C 353 -21.24 0.86 23.29
C CYS C 353 -22.32 1.86 23.59
N GLN C 354 -23.41 1.42 24.22
CA GLN C 354 -24.50 2.34 24.53
C GLN C 354 -24.08 3.36 25.57
N GLN C 355 -23.18 2.98 26.49
CA GLN C 355 -22.70 3.92 27.49
C GLN C 355 -21.86 5.03 26.87
N ARG C 356 -21.01 4.69 25.89
CA ARG C 356 -20.28 5.73 25.17
C ARG C 356 -21.23 6.66 24.44
N LYS C 357 -22.24 6.07 23.77
CA LYS C 357 -23.20 6.88 23.04
C LYS C 357 -24.00 7.76 23.99
N ARG C 358 -24.18 7.32 25.23
CA ARG C 358 -24.91 8.13 26.20
C ARG C 358 -24.07 9.31 26.70
N THR C 359 -22.74 9.20 26.69
CA THR C 359 -21.93 10.19 27.39
C THR C 359 -21.01 11.03 26.52
N LEU C 360 -20.51 10.52 25.39
CA LEU C 360 -19.50 11.25 24.60
C LEU C 360 -20.19 12.10 23.54
N LEU C 361 -20.67 13.26 23.96
CA LEU C 361 -21.56 14.11 23.16
C LEU C 361 -20.89 15.45 22.84
N ARG C 362 -21.57 16.25 22.02
CA ARG C 362 -21.17 17.61 21.69
C ARG C 362 -22.36 18.53 21.95
N LYS C 363 -22.09 19.71 22.48
CA LYS C 363 -23.19 20.62 22.81
C LYS C 363 -23.87 21.16 21.55
N THR C 364 -25.21 21.24 21.61
CA THR C 364 -25.98 21.92 20.57
C THR C 364 -26.87 23.05 21.09
N HIS C 365 -27.27 23.03 22.37
CA HIS C 365 -28.28 23.98 22.85
C HIS C 365 -27.61 25.31 23.21
N PHE C 366 -27.30 26.08 22.17
CA PHE C 366 -26.65 27.37 22.32
C PHE C 366 -27.68 28.48 22.20
N ASP C 367 -27.72 29.37 23.20
CA ASP C 367 -28.56 30.56 23.16
C ASP C 367 -27.88 31.76 22.52
N ASN C 368 -26.64 31.62 22.03
CA ASN C 368 -25.85 32.77 21.61
C ASN C 368 -26.52 33.52 20.46
N VAL C 369 -26.31 34.83 20.45
CA VAL C 369 -26.58 35.70 19.31
C VAL C 369 -25.29 36.45 18.99
N PRO C 370 -24.77 36.35 17.76
CA PRO C 370 -25.28 35.63 16.59
C PRO C 370 -25.31 34.12 16.80
N VAL C 371 -26.18 33.45 16.04
CA VAL C 371 -26.48 32.05 16.27
C VAL C 371 -25.26 31.16 16.05
N LYS C 372 -25.13 30.15 16.90
CA LYS C 372 -24.15 29.09 16.71
C LYS C 372 -24.75 27.97 15.86
N PRO C 373 -24.04 27.50 14.83
CA PRO C 373 -24.67 26.57 13.88
C PRO C 373 -25.19 25.30 14.53
N GLN C 374 -24.54 24.79 15.59
CA GLN C 374 -25.02 23.53 16.13
C GLN C 374 -26.42 23.68 16.73
N ARG C 375 -26.81 24.89 17.15
CA ARG C 375 -28.18 25.12 17.59
C ARG C 375 -29.19 24.92 16.46
N VAL C 376 -28.78 25.22 15.22
CA VAL C 376 -29.70 25.06 14.08
C VAL C 376 -30.05 23.59 13.88
N TYR C 377 -29.06 22.69 13.98
CA TYR C 377 -29.34 21.27 13.76
C TYR C 377 -30.22 20.70 14.86
N GLU C 378 -30.06 21.18 16.10
CA GLU C 378 -30.96 20.74 17.16
C GLU C 378 -32.40 21.14 16.83
N GLU C 379 -32.62 22.35 16.34
CA GLU C 379 -33.98 22.76 16.01
C GLU C 379 -34.54 21.99 14.81
N MET C 380 -33.67 21.59 13.88
CA MET C 380 -34.14 20.78 12.76
C MET C 380 -34.62 19.41 13.24
N ASN C 381 -33.88 18.78 14.15
CA ASN C 381 -34.33 17.49 14.67
C ASN C 381 -35.69 17.63 15.34
N LYS C 382 -35.91 18.76 16.05
CA LYS C 382 -37.19 18.98 16.73
C LYS C 382 -38.32 19.31 15.75
N ALA C 383 -38.03 20.07 14.68
CA ALA C 383 -39.10 20.61 13.84
C ALA C 383 -39.63 19.57 12.85
N PHE C 384 -38.76 18.74 12.31
CA PHE C 384 -39.12 17.86 11.21
C PHE C 384 -39.42 16.45 11.69
N GLY C 385 -40.15 15.71 10.88
CA GLY C 385 -40.56 14.39 11.27
C GLY C 385 -39.42 13.39 11.17
N ARG C 386 -39.73 12.20 11.68
CA ARG C 386 -38.82 11.08 11.57
C ARG C 386 -38.62 10.65 10.13
N ASP C 387 -39.56 11.00 9.25
CA ASP C 387 -39.47 10.69 7.83
C ASP C 387 -38.76 11.78 7.02
N VAL C 388 -38.08 12.71 7.69
CA VAL C 388 -37.38 13.78 6.97
C VAL C 388 -36.29 13.18 6.10
N CYS C 389 -36.08 13.80 4.93
CA CYS C 389 -35.06 13.40 3.96
C CYS C 389 -34.14 14.59 3.73
N TYR C 390 -32.89 14.47 4.20
CA TYR C 390 -31.93 15.56 4.18
C TYR C 390 -31.09 15.52 2.90
N VAL C 391 -30.82 16.70 2.34
CA VAL C 391 -30.00 16.85 1.15
C VAL C 391 -28.94 17.90 1.42
N THR C 392 -27.68 17.55 1.22
CA THR C 392 -26.58 18.45 1.54
C THR C 392 -25.34 18.04 0.74
N THR C 393 -24.31 18.90 0.79
CA THR C 393 -23.12 18.68 -0.04
C THR C 393 -21.82 18.71 0.75
N ILE C 394 -21.34 19.90 1.12
CA ILE C 394 -20.03 20.03 1.76
C ILE C 394 -19.93 21.39 2.44
N GLY C 395 -19.02 21.49 3.39
CA GLY C 395 -18.84 22.69 4.19
C GLY C 395 -19.00 22.37 5.66
N LEU C 396 -18.67 23.38 6.49
CA LEU C 396 -18.92 23.22 7.92
C LEU C 396 -20.41 22.99 8.18
N SER C 397 -21.26 23.56 7.33
CA SER C 397 -22.69 23.32 7.39
C SER C 397 -23.01 21.83 7.28
N GLN C 398 -22.39 21.15 6.30
CA GLN C 398 -22.65 19.73 6.06
C GLN C 398 -21.96 18.85 7.10
N ILE C 399 -20.75 19.21 7.52
CA ILE C 399 -20.04 18.36 8.49
C ILE C 399 -20.78 18.38 9.82
N ALA C 400 -21.07 19.57 10.33
CA ALA C 400 -21.79 19.65 11.60
C ALA C 400 -23.19 19.05 11.46
N ALA C 401 -23.80 19.17 10.28
CA ALA C 401 -25.11 18.56 10.08
C ALA C 401 -25.02 17.04 10.20
N ALA C 402 -23.97 16.44 9.64
CA ALA C 402 -23.83 14.98 9.75
C ALA C 402 -23.52 14.57 11.18
N GLN C 403 -22.86 15.44 11.95
CA GLN C 403 -22.55 15.18 13.35
C GLN C 403 -23.77 15.26 14.27
N MET C 404 -24.81 16.01 13.88
CA MET C 404 -25.84 16.42 14.83
C MET C 404 -27.27 16.15 14.37
N LEU C 405 -27.51 16.00 13.06
CA LEU C 405 -28.83 15.60 12.59
C LEU C 405 -29.00 14.08 12.76
N HIS C 406 -30.25 13.63 12.66
CA HIS C 406 -30.53 12.21 12.74
C HIS C 406 -31.51 11.78 11.66
N VAL C 407 -31.30 10.55 11.20
CA VAL C 407 -31.99 9.98 10.06
C VAL C 407 -32.46 8.59 10.45
N PHE C 408 -33.56 8.14 9.84
CA PHE C 408 -34.22 6.94 10.32
C PHE C 408 -34.66 5.99 9.20
N LYS C 409 -34.24 6.23 7.97
CA LYS C 409 -34.55 5.34 6.86
C LYS C 409 -33.47 5.51 5.81
N ASP C 410 -33.24 4.45 5.03
CA ASP C 410 -32.22 4.54 4.00
C ASP C 410 -32.72 5.45 2.87
N ARG C 411 -31.76 6.15 2.25
CA ARG C 411 -32.03 7.18 1.24
C ARG C 411 -32.75 8.39 1.83
N HIS C 412 -32.63 8.59 3.13
CA HIS C 412 -33.02 9.84 3.75
C HIS C 412 -31.82 10.70 4.15
N TRP C 413 -30.61 10.28 3.81
CA TRP C 413 -29.44 11.17 3.80
C TRP C 413 -28.90 11.14 2.37
N ILE C 414 -29.15 12.22 1.61
CA ILE C 414 -28.73 12.33 0.21
C ILE C 414 -27.54 13.29 0.17
N ASN C 415 -26.35 12.77 -0.10
CA ASN C 415 -25.11 13.51 0.08
C ASN C 415 -24.09 12.98 -0.93
N CYS C 416 -23.42 13.88 -1.65
CA CYS C 416 -22.38 13.47 -2.60
C CYS C 416 -21.06 13.32 -1.83
N GLY C 417 -20.90 12.15 -1.21
CA GLY C 417 -19.89 12.01 -0.16
C GLY C 417 -18.44 12.02 -0.63
N GLN C 418 -18.18 11.57 -1.86
CA GLN C 418 -16.79 11.47 -2.32
C GLN C 418 -16.32 12.66 -3.14
N ALA C 419 -17.21 13.33 -3.89
CA ALA C 419 -16.82 14.45 -4.75
C ALA C 419 -17.19 15.82 -4.18
N GLY C 420 -18.33 15.96 -3.53
CA GLY C 420 -18.68 17.20 -2.87
C GLY C 420 -18.60 18.47 -3.71
N PRO C 421 -19.18 18.46 -4.92
CA PRO C 421 -19.18 19.68 -5.74
C PRO C 421 -20.13 20.73 -5.19
N LEU C 422 -19.64 21.95 -5.00
CA LEU C 422 -20.50 23.03 -4.54
C LEU C 422 -21.57 23.33 -5.58
N GLY C 423 -22.75 23.72 -5.10
CA GLY C 423 -23.92 23.90 -5.92
C GLY C 423 -24.74 22.64 -6.11
N TRP C 424 -24.26 21.51 -5.63
CA TRP C 424 -24.98 20.26 -5.81
C TRP C 424 -26.34 20.28 -5.13
N THR C 425 -26.51 21.08 -4.07
CA THR C 425 -27.57 20.84 -3.10
C THR C 425 -28.96 21.22 -3.65
N ILE C 426 -29.12 22.42 -4.20
CA ILE C 426 -30.44 22.81 -4.68
C ILE C 426 -30.90 21.87 -5.77
N PRO C 427 -30.15 21.67 -6.86
CA PRO C 427 -30.62 20.74 -7.90
C PRO C 427 -30.80 19.31 -7.39
N ALA C 428 -29.95 18.83 -6.49
CA ALA C 428 -30.12 17.45 -6.03
C ALA C 428 -31.42 17.32 -5.26
N ALA C 429 -31.76 18.32 -4.44
CA ALA C 429 -33.01 18.26 -3.69
C ALA C 429 -34.20 18.34 -4.63
N LEU C 430 -34.11 19.19 -5.66
CA LEU C 430 -35.18 19.21 -6.66
C LEU C 430 -35.33 17.85 -7.34
N GLY C 431 -34.22 17.14 -7.54
CA GLY C 431 -34.31 15.83 -8.17
C GLY C 431 -34.96 14.79 -7.28
N VAL C 432 -34.69 14.85 -5.98
CA VAL C 432 -35.37 13.96 -5.03
C VAL C 432 -36.85 14.27 -5.01
N CYS C 433 -37.21 15.55 -5.02
CA CYS C 433 -38.63 15.92 -4.99
C CYS C 433 -39.34 15.44 -6.25
N ALA C 434 -38.63 15.48 -7.39
CA ALA C 434 -39.20 14.97 -8.63
C ALA C 434 -39.39 13.46 -8.59
N ALA C 435 -38.46 12.73 -7.97
CA ALA C 435 -38.60 11.29 -7.84
C ALA C 435 -39.74 10.91 -6.90
N ASP C 436 -40.02 11.73 -5.89
CA ASP C 436 -40.96 11.37 -4.83
C ASP C 436 -41.63 12.63 -4.27
N PRO C 437 -42.73 13.04 -4.88
CA PRO C 437 -43.44 14.26 -4.42
C PRO C 437 -43.95 14.18 -2.99
N LYS C 438 -44.11 12.98 -2.43
CA LYS C 438 -44.47 12.88 -1.02
C LYS C 438 -43.26 12.97 -0.09
N ARG C 439 -42.04 12.99 -0.61
CA ARG C 439 -40.87 13.01 0.26
C ARG C 439 -40.78 14.32 1.03
N ASN C 440 -40.44 14.22 2.32
CA ASN C 440 -40.27 15.38 3.19
C ASN C 440 -38.82 15.86 3.09
N VAL C 441 -38.54 16.58 2.00
CA VAL C 441 -37.17 16.96 1.68
C VAL C 441 -36.78 18.23 2.42
N VAL C 442 -35.64 18.19 3.10
CA VAL C 442 -35.03 19.36 3.74
C VAL C 442 -33.55 19.40 3.35
N ALA C 443 -33.15 20.44 2.61
CA ALA C 443 -31.75 20.65 2.25
C ALA C 443 -31.02 21.49 3.31
N ILE C 444 -29.70 21.34 3.34
CA ILE C 444 -28.81 22.10 4.22
C ILE C 444 -27.65 22.60 3.37
N SER C 445 -27.45 23.93 3.35
CA SER C 445 -26.33 24.53 2.64
C SER C 445 -25.71 25.64 3.47
N GLY C 446 -24.40 25.81 3.30
CA GLY C 446 -23.77 27.07 3.61
C GLY C 446 -24.04 28.11 2.53
N ASP C 447 -23.65 29.37 2.82
CA ASP C 447 -23.95 30.45 1.88
C ASP C 447 -23.22 30.28 0.54
N PHE C 448 -21.99 29.78 0.57
CA PHE C 448 -21.22 29.66 -0.68
C PHE C 448 -21.77 28.55 -1.56
N ASP C 449 -22.02 27.37 -0.98
CA ASP C 449 -22.69 26.31 -1.73
C ASP C 449 -24.01 26.79 -2.30
N PHE C 450 -24.78 27.54 -1.49
CA PHE C 450 -26.07 28.03 -1.92
C PHE C 450 -25.95 28.93 -3.13
N GLN C 451 -24.86 29.68 -3.24
CA GLN C 451 -24.75 30.67 -4.30
C GLN C 451 -24.35 30.06 -5.65
N PHE C 452 -23.61 28.95 -5.66
CA PHE C 452 -23.05 28.44 -6.92
C PHE C 452 -24.12 28.28 -7.98
N LEU C 453 -25.23 27.62 -7.63
CA LEU C 453 -26.31 27.29 -8.54
C LEU C 453 -27.63 27.83 -7.98
N ILE C 454 -27.57 29.04 -7.44
CA ILE C 454 -28.71 29.64 -6.76
C ILE C 454 -29.89 29.80 -7.71
N GLU C 455 -29.62 29.97 -9.01
CA GLU C 455 -30.69 30.17 -9.99
C GLU C 455 -31.60 28.94 -10.12
N GLU C 456 -31.14 27.76 -9.73
CA GLU C 456 -32.02 26.59 -9.83
C GLU C 456 -33.24 26.72 -8.92
N LEU C 457 -33.24 27.65 -7.96
CA LEU C 457 -34.47 27.88 -7.19
C LEU C 457 -35.64 28.24 -8.10
N ALA C 458 -35.36 28.93 -9.21
CA ALA C 458 -36.42 29.31 -10.15
C ALA C 458 -37.01 28.11 -10.88
N VAL C 459 -36.24 27.02 -11.02
CA VAL C 459 -36.81 25.77 -11.51
C VAL C 459 -37.90 25.30 -10.56
N GLY C 460 -37.63 25.36 -9.26
CA GLY C 460 -38.64 25.01 -8.28
C GLY C 460 -39.83 25.94 -8.27
N ALA C 461 -39.64 27.19 -8.68
CA ALA C 461 -40.78 28.10 -8.76
C ALA C 461 -41.60 27.85 -10.01
N GLN C 462 -40.94 27.65 -11.15
CA GLN C 462 -41.65 27.50 -12.41
C GLN C 462 -42.47 26.22 -12.44
N PHE C 463 -41.84 25.11 -12.11
CA PHE C 463 -42.53 23.87 -11.81
C PHE C 463 -42.74 23.91 -10.32
N ASN C 464 -43.90 23.51 -9.85
CA ASN C 464 -44.17 23.80 -8.44
C ASN C 464 -43.62 22.65 -7.60
N ILE C 465 -42.30 22.73 -7.33
CA ILE C 465 -41.58 21.65 -6.65
C ILE C 465 -41.18 22.14 -5.26
N PRO C 466 -41.97 21.84 -4.24
CA PRO C 466 -41.71 22.43 -2.92
C PRO C 466 -40.78 21.59 -2.05
N TYR C 467 -39.93 22.30 -1.31
CA TYR C 467 -39.12 21.71 -0.25
C TYR C 467 -38.63 22.85 0.62
N ILE C 468 -38.07 22.52 1.78
CA ILE C 468 -37.49 23.53 2.65
C ILE C 468 -35.97 23.46 2.51
N HIS C 469 -35.34 24.63 2.36
CA HIS C 469 -33.89 24.73 2.25
C HIS C 469 -33.37 25.56 3.41
N VAL C 470 -32.60 24.94 4.29
CA VAL C 470 -31.98 25.60 5.43
C VAL C 470 -30.63 26.15 5.00
N LEU C 471 -30.46 27.46 5.13
CA LEU C 471 -29.26 28.16 4.70
C LEU C 471 -28.58 28.74 5.93
N VAL C 472 -27.42 28.20 6.28
CA VAL C 472 -26.64 28.69 7.42
C VAL C 472 -25.55 29.60 6.87
N ASN C 473 -25.70 30.91 7.11
CA ASN C 473 -24.93 31.95 6.45
C ASN C 473 -23.92 32.54 7.42
N ASN C 474 -22.63 32.31 7.17
CA ASN C 474 -21.57 32.94 7.94
C ASN C 474 -20.77 33.94 7.11
N ALA C 475 -21.21 34.24 5.89
CA ALA C 475 -20.46 35.11 4.98
C ALA C 475 -19.01 34.66 4.85
N TYR C 476 -18.81 33.34 4.77
CA TYR C 476 -17.49 32.72 4.79
C TYR C 476 -17.50 31.43 3.97
N LEU C 477 -16.35 31.10 3.39
CA LEU C 477 -16.06 29.70 3.06
C LEU C 477 -15.53 29.08 4.34
N GLY C 478 -16.46 28.71 5.23
CA GLY C 478 -16.08 28.42 6.60
C GLY C 478 -15.16 27.21 6.73
N LEU C 479 -15.43 26.18 5.94
CA LEU C 479 -14.55 25.01 6.01
C LEU C 479 -13.13 25.38 5.55
N ILE C 480 -13.01 26.28 4.57
CA ILE C 480 -11.69 26.61 4.04
C ILE C 480 -10.95 27.54 5.01
N ARG C 481 -11.68 28.45 5.66
CA ARG C 481 -11.08 29.20 6.75
C ARG C 481 -10.49 28.27 7.80
N GLN C 482 -11.23 27.21 8.16
CA GLN C 482 -10.75 26.35 9.23
C GLN C 482 -9.51 25.57 8.79
N SER C 483 -9.51 25.03 7.58
CA SER C 483 -8.30 24.37 7.10
C SER C 483 -7.12 25.33 6.96
N GLN C 484 -7.38 26.63 6.81
CA GLN C 484 -6.29 27.60 6.68
C GLN C 484 -5.62 27.92 8.01
N MET C 485 -6.18 27.48 9.15
CA MET C 485 -5.52 27.72 10.43
C MET C 485 -4.16 27.04 10.50
N ALA C 486 -4.00 25.91 9.80
CA ALA C 486 -2.70 25.26 9.72
C ALA C 486 -1.67 26.14 9.01
N PHE C 487 -2.11 27.11 8.21
CA PHE C 487 -1.23 28.04 7.52
C PHE C 487 -1.21 29.42 8.18
N ASP C 488 -1.83 29.55 9.36
CA ASP C 488 -1.83 30.80 10.11
C ASP C 488 -2.26 31.97 9.24
N MET C 489 -3.36 31.77 8.52
CA MET C 489 -3.88 32.81 7.66
C MET C 489 -5.40 32.68 7.58
N ASP C 490 -6.01 33.72 7.05
CA ASP C 490 -7.44 33.79 6.77
C ASP C 490 -7.48 34.62 5.49
N TYR C 491 -7.58 33.96 4.34
CA TYR C 491 -7.16 34.58 3.08
C TYR C 491 -8.07 34.09 1.96
N CYS C 492 -8.78 35.03 1.32
CA CYS C 492 -9.63 34.73 0.16
C CYS C 492 -10.76 33.77 0.53
N VAL C 493 -11.31 33.91 1.74
CA VAL C 493 -12.38 33.01 2.17
C VAL C 493 -13.58 33.78 2.73
N GLN C 494 -13.55 35.10 2.63
CA GLN C 494 -14.65 35.93 3.14
C GLN C 494 -15.53 36.42 2.00
N LEU C 495 -16.84 36.40 2.23
CA LEU C 495 -17.84 36.81 1.25
C LEU C 495 -18.58 38.08 1.66
N ALA C 496 -18.29 38.63 2.83
CA ALA C 496 -19.02 39.76 3.36
C ALA C 496 -18.75 41.04 2.59
N PHE C 497 -19.78 41.88 2.50
CA PHE C 497 -19.62 43.26 2.02
C PHE C 497 -20.86 44.05 2.43
N GLU C 498 -20.74 45.38 2.39
CA GLU C 498 -21.86 46.25 2.71
C GLU C 498 -22.79 46.24 1.50
N ASN C 499 -23.93 45.58 1.65
CA ASN C 499 -24.88 45.50 0.55
C ASN C 499 -25.57 46.84 0.40
N ILE C 500 -25.39 47.49 -0.76
CA ILE C 500 -25.90 48.84 -0.95
C ILE C 500 -27.42 48.88 -1.03
N ASN C 501 -28.07 47.73 -1.12
CA ASN C 501 -29.53 47.66 -1.14
C ASN C 501 -30.14 47.11 0.14
N SER C 502 -29.32 46.64 1.08
CA SER C 502 -29.87 45.97 2.27
C SER C 502 -28.91 46.21 3.43
N SER C 503 -29.13 47.30 4.16
CA SER C 503 -28.39 47.47 5.42
C SER C 503 -28.83 46.46 6.48
N GLU C 504 -29.98 45.81 6.29
CA GLU C 504 -30.43 44.80 7.27
C GLU C 504 -29.48 43.62 7.36
N VAL C 505 -28.75 43.30 6.29
CA VAL C 505 -27.85 42.16 6.39
C VAL C 505 -26.59 42.50 7.15
N ASN C 506 -26.40 43.79 7.48
CA ASN C 506 -25.34 44.24 8.36
C ASN C 506 -23.98 43.70 7.93
N GLY C 507 -23.67 43.92 6.65
CA GLY C 507 -22.36 43.61 6.12
C GLY C 507 -22.13 42.17 5.76
N TYR C 508 -23.16 41.32 5.80
CA TYR C 508 -22.97 39.90 5.45
C TYR C 508 -22.94 39.67 3.95
N GLY C 509 -23.10 40.71 3.15
CA GLY C 509 -22.93 40.59 1.70
C GLY C 509 -24.26 40.33 1.00
N VAL C 510 -24.38 39.17 0.35
CA VAL C 510 -25.56 38.87 -0.46
C VAL C 510 -26.81 38.80 0.42
N ASP C 511 -27.89 39.38 -0.08
CA ASP C 511 -29.21 39.32 0.56
C ASP C 511 -29.97 38.12 -0.01
N HIS C 512 -29.90 36.98 0.68
CA HIS C 512 -30.48 35.74 0.16
C HIS C 512 -32.01 35.77 0.14
N VAL C 513 -32.64 36.55 1.03
CA VAL C 513 -34.09 36.68 0.99
C VAL C 513 -34.53 37.36 -0.30
N LYS C 514 -33.92 38.49 -0.63
CA LYS C 514 -34.30 39.18 -1.86
C LYS C 514 -33.99 38.33 -3.09
N VAL C 515 -32.86 37.60 -3.08
CA VAL C 515 -32.53 36.77 -4.24
C VAL C 515 -33.56 35.64 -4.38
N ALA C 516 -33.87 34.99 -3.27
CA ALA C 516 -34.80 33.86 -3.36
C ALA C 516 -36.18 34.33 -3.81
N GLU C 517 -36.63 35.49 -3.31
CA GLU C 517 -37.94 36.00 -3.70
C GLU C 517 -37.95 36.43 -5.16
N GLY C 518 -36.86 37.02 -5.64
CA GLY C 518 -36.79 37.37 -7.05
C GLY C 518 -36.83 36.14 -7.95
N LEU C 519 -36.31 35.03 -7.45
CA LEU C 519 -36.39 33.76 -8.17
C LEU C 519 -37.77 33.09 -8.03
N GLY C 520 -38.73 33.74 -7.36
CA GLY C 520 -40.07 33.19 -7.23
C GLY C 520 -40.33 32.28 -6.05
N CYS C 521 -39.38 32.17 -5.11
CA CYS C 521 -39.56 31.33 -3.94
C CYS C 521 -39.89 32.17 -2.71
N LYS C 522 -40.19 31.50 -1.59
CA LYS C 522 -40.38 32.20 -0.34
C LYS C 522 -39.12 32.08 0.52
N ALA C 523 -38.92 33.04 1.41
CA ALA C 523 -37.73 33.03 2.24
C ALA C 523 -37.98 33.76 3.55
N ILE C 524 -37.33 33.26 4.61
CA ILE C 524 -37.41 33.80 5.96
C ILE C 524 -35.99 33.93 6.47
N ARG C 525 -35.66 35.08 7.05
CA ARG C 525 -34.35 35.28 7.69
C ARG C 525 -34.50 35.26 9.22
N VAL C 526 -33.56 34.58 9.88
CA VAL C 526 -33.57 34.38 11.33
C VAL C 526 -32.27 34.94 11.92
N PHE C 527 -32.40 35.79 12.94
CA PHE C 527 -31.25 36.31 13.67
C PHE C 527 -31.06 35.73 15.06
N LYS C 528 -32.13 35.28 15.72
CA LYS C 528 -32.02 34.85 17.11
C LYS C 528 -32.36 33.37 17.24
N PRO C 529 -31.69 32.64 18.16
CA PRO C 529 -31.88 31.19 18.20
C PRO C 529 -33.32 30.78 18.45
N GLU C 530 -34.05 31.55 19.25
CA GLU C 530 -35.43 31.23 19.63
C GLU C 530 -36.41 31.47 18.51
N ASP C 531 -35.99 32.15 17.44
CA ASP C 531 -36.81 32.35 16.25
C ASP C 531 -36.66 31.24 15.20
N ILE C 532 -35.75 30.28 15.42
CA ILE C 532 -35.57 29.22 14.42
C ILE C 532 -36.82 28.35 14.34
N ALA C 533 -37.24 27.79 15.48
CA ALA C 533 -38.38 26.87 15.47
C ALA C 533 -39.63 27.50 14.87
N PRO C 534 -40.05 28.70 15.28
CA PRO C 534 -41.21 29.30 14.61
C PRO C 534 -40.99 29.48 13.12
N ALA C 535 -39.74 29.75 12.71
CA ALA C 535 -39.46 29.95 11.28
C ALA C 535 -39.65 28.66 10.51
N PHE C 536 -39.24 27.52 11.07
CA PHE C 536 -39.47 26.25 10.39
C PHE C 536 -40.96 25.96 10.26
N GLU C 537 -41.77 26.35 11.26
CA GLU C 537 -43.20 26.09 11.18
C GLU C 537 -43.85 26.95 10.10
N GLN C 538 -43.49 28.24 10.00
CA GLN C 538 -44.08 29.03 8.92
C GLN C 538 -43.58 28.57 7.56
N ALA C 539 -42.34 28.07 7.48
CA ALA C 539 -41.85 27.56 6.21
C ALA C 539 -42.73 26.44 5.69
N LYS C 540 -43.16 25.54 6.59
CA LYS C 540 -44.06 24.46 6.20
C LYS C 540 -45.39 25.02 5.70
N ALA C 541 -45.92 26.04 6.38
CA ALA C 541 -47.18 26.63 5.94
C ALA C 541 -47.02 27.32 4.59
N LEU C 542 -45.92 28.08 4.43
CA LEU C 542 -45.67 28.75 3.15
C LEU C 542 -45.52 27.73 2.04
N MET C 543 -44.86 26.61 2.35
CA MET C 543 -44.70 25.56 1.35
C MET C 543 -46.04 24.94 0.99
N ALA C 544 -46.94 24.81 1.97
CA ALA C 544 -48.23 24.22 1.69
C ALA C 544 -49.09 25.12 0.80
N GLN C 545 -48.99 26.44 0.98
CA GLN C 545 -49.88 27.26 0.18
C GLN C 545 -49.28 27.71 -1.15
N TYR C 546 -47.97 27.89 -1.25
CA TYR C 546 -47.38 28.33 -2.52
C TYR C 546 -46.76 27.21 -3.33
N ARG C 547 -46.46 26.07 -2.71
CA ARG C 547 -45.89 24.93 -3.40
C ARG C 547 -44.67 25.34 -4.22
N VAL C 548 -43.73 26.00 -3.54
CA VAL C 548 -42.44 26.40 -4.09
C VAL C 548 -41.38 26.18 -3.02
N PRO C 549 -40.10 26.17 -3.37
CA PRO C 549 -39.08 26.03 -2.32
C PRO C 549 -39.17 27.22 -1.36
N VAL C 550 -38.92 26.94 -0.09
CA VAL C 550 -38.93 27.96 0.96
C VAL C 550 -37.56 27.94 1.62
N VAL C 551 -36.86 29.07 1.58
CA VAL C 551 -35.53 29.19 2.18
C VAL C 551 -35.67 29.78 3.57
N VAL C 552 -35.04 29.14 4.54
CA VAL C 552 -34.89 29.67 5.89
C VAL C 552 -33.42 29.98 6.07
N GLU C 553 -33.05 31.26 6.02
CA GLU C 553 -31.68 31.69 6.23
C GLU C 553 -31.45 31.96 7.72
N VAL C 554 -30.47 31.29 8.32
CA VAL C 554 -30.06 31.60 9.69
C VAL C 554 -28.73 32.34 9.61
N ILE C 555 -28.67 33.52 10.21
CA ILE C 555 -27.45 34.32 10.27
C ILE C 555 -26.60 33.76 11.40
N LEU C 556 -25.49 33.12 11.04
CA LEU C 556 -24.56 32.55 12.01
C LEU C 556 -23.53 33.58 12.44
N GLU C 557 -22.89 33.31 13.58
CA GLU C 557 -21.61 33.97 13.87
C GLU C 557 -20.61 33.65 12.77
N ARG C 558 -19.71 34.59 12.50
CA ARG C 558 -18.83 34.45 11.34
C ARG C 558 -17.94 33.21 11.45
N VAL C 559 -17.53 32.84 12.66
CA VAL C 559 -16.44 31.88 12.85
C VAL C 559 -16.84 30.86 13.91
N THR C 560 -16.98 29.59 13.49
CA THR C 560 -17.15 28.46 14.38
C THR C 560 -16.26 27.34 13.87
N ASN C 561 -15.41 26.78 14.71
CA ASN C 561 -14.57 25.65 14.30
C ASN C 561 -15.28 24.35 14.66
N ILE C 562 -15.67 23.58 13.65
CA ILE C 562 -16.31 22.28 13.85
C ILE C 562 -15.28 21.23 14.23
N SER C 563 -15.68 20.24 15.03
CA SER C 563 -14.75 19.23 15.49
C SER C 563 -14.25 18.36 14.33
N MET C 564 -12.94 18.11 14.31
CA MET C 564 -12.34 17.28 13.26
C MET C 564 -10.88 17.05 13.62
N GLY C 565 -10.28 16.05 12.97
CA GLY C 565 -8.91 15.70 13.26
C GLY C 565 -8.31 14.83 12.17
N SER C 566 -7.04 14.47 12.37
CA SER C 566 -6.28 13.65 11.42
C SER C 566 -6.40 12.15 11.68
N GLU C 567 -6.90 11.75 12.85
CA GLU C 567 -7.01 10.34 13.21
C GLU C 567 -8.23 10.18 14.10
N LEU C 568 -8.74 8.95 14.17
CA LEU C 568 -9.91 8.67 15.00
C LEU C 568 -9.62 9.02 16.46
N ASP C 569 -8.37 8.92 16.88
CA ASP C 569 -8.00 9.24 18.25
C ASP C 569 -7.46 10.65 18.39
N ASN C 570 -7.56 11.47 17.34
CA ASN C 570 -6.99 12.81 17.36
C ASN C 570 -7.98 13.88 16.91
N VAL C 571 -9.28 13.65 17.09
CA VAL C 571 -10.29 14.61 16.68
C VAL C 571 -10.39 15.70 17.76
N MET C 572 -10.09 16.93 17.37
CA MET C 572 -10.07 18.04 18.32
C MET C 572 -11.47 18.61 18.48
N GLU C 573 -11.89 18.79 19.74
CA GLU C 573 -13.16 19.42 20.06
C GLU C 573 -12.88 20.88 20.37
N PHE C 574 -13.16 21.76 19.39
CA PHE C 574 -13.00 23.20 19.60
C PHE C 574 -14.12 23.79 20.43
N GLU C 575 -15.37 23.46 20.08
CA GLU C 575 -16.57 23.91 20.76
C GLU C 575 -16.89 23.01 21.96
N ASP C 576 -17.76 23.50 22.84
CA ASP C 576 -18.06 22.76 24.06
C ASP C 576 -18.56 21.35 23.75
N ILE C 577 -18.05 20.37 24.49
CA ILE C 577 -18.61 19.02 24.45
C ILE C 577 -19.78 18.95 25.43
N ALA C 578 -20.36 17.76 25.60
CA ALA C 578 -21.44 17.56 26.55
C ALA C 578 -21.43 16.11 27.00
N ASP C 579 -21.89 15.90 28.24
CA ASP C 579 -22.08 14.55 28.77
C ASP C 579 -23.48 14.36 29.32
N ASN C 580 -24.34 15.34 29.13
CA ASN C 580 -25.67 15.39 29.67
C ASN C 580 -26.64 15.77 28.57
N ALA C 581 -27.88 15.31 28.69
CA ALA C 581 -28.85 15.57 27.66
C ALA C 581 -29.19 17.06 27.55
N ALA C 582 -29.06 17.82 28.63
CA ALA C 582 -29.47 19.22 28.58
C ALA C 582 -28.67 20.01 27.54
N ASP C 583 -27.38 19.69 27.40
CA ASP C 583 -26.56 20.36 26.41
C ASP C 583 -26.81 19.82 24.99
N ALA C 584 -27.19 18.54 24.88
CA ALA C 584 -27.40 17.88 23.59
C ALA C 584 -28.73 17.15 23.61
N PRO C 585 -29.84 17.89 23.58
CA PRO C 585 -31.16 17.28 23.85
C PRO C 585 -31.74 16.41 22.74
N THR C 586 -31.23 16.47 21.50
CA THR C 586 -31.85 15.73 20.41
C THR C 586 -31.13 14.43 20.05
N GLU C 587 -30.14 14.00 20.83
CA GLU C 587 -29.66 12.63 20.66
C GLU C 587 -30.82 11.66 20.86
N THR C 588 -30.83 10.58 20.06
CA THR C 588 -31.97 9.66 20.12
C THR C 588 -32.08 8.97 21.47
N CYS C 589 -30.99 8.91 22.24
CA CYS C 589 -31.08 8.38 23.59
C CYS C 589 -32.01 9.23 24.45
N PHE C 590 -32.11 10.53 24.16
CA PHE C 590 -32.88 11.44 24.99
C PHE C 590 -34.20 11.86 24.37
N MET C 591 -34.43 11.56 23.09
CA MET C 591 -35.54 12.17 22.38
C MET C 591 -36.22 11.14 21.50
N HIS C 592 -37.55 11.08 21.62
CA HIS C 592 -38.37 10.23 20.76
C HIS C 592 -38.65 10.94 19.45
N TYR C 593 -38.37 10.28 18.34
CA TYR C 593 -38.50 10.91 17.03
C TYR C 593 -39.83 10.51 16.42
N GLU C 594 -40.75 11.48 16.37
CA GLU C 594 -42.01 11.35 15.67
C GLU C 594 -42.85 10.24 16.26
N GLY D 1 -5.58 -22.90 3.41
CA GLY D 1 -4.67 -22.42 4.42
C GLY D 1 -4.27 -20.97 4.25
N MET D 2 -4.88 -20.09 5.05
CA MET D 2 -4.49 -18.68 5.06
C MET D 2 -3.03 -18.55 5.48
N ALA D 3 -2.25 -17.76 4.74
CA ALA D 3 -0.81 -17.78 4.92
C ALA D 3 -0.20 -16.51 4.37
N LYS D 4 1.03 -16.26 4.78
CA LYS D 4 1.80 -15.11 4.35
C LYS D 4 2.72 -15.53 3.20
N MET D 5 2.63 -14.81 2.08
CA MET D 5 3.34 -15.17 0.85
C MET D 5 3.49 -13.92 0.01
N ARG D 6 4.41 -13.96 -0.96
CA ARG D 6 4.53 -12.86 -1.89
C ARG D 6 3.27 -12.72 -2.73
N ALA D 7 3.00 -11.49 -3.20
CA ALA D 7 1.87 -11.29 -4.08
C ALA D 7 1.93 -12.21 -5.30
N VAL D 8 3.13 -12.42 -5.86
CA VAL D 8 3.24 -13.32 -7.01
C VAL D 8 2.98 -14.78 -6.60
N ASP D 9 3.23 -15.14 -5.34
CA ASP D 9 2.84 -16.48 -4.90
C ASP D 9 1.32 -16.63 -4.89
N ALA D 10 0.62 -15.60 -4.42
CA ALA D 10 -0.83 -15.62 -4.46
C ALA D 10 -1.31 -15.66 -5.91
N ALA D 11 -0.59 -14.98 -6.81
CA ALA D 11 -0.94 -15.02 -8.22
C ALA D 11 -0.88 -16.45 -8.77
N MET D 12 0.12 -17.23 -8.36
CA MET D 12 0.19 -18.60 -8.85
C MET D 12 -1.00 -19.43 -8.39
N TYR D 13 -1.49 -19.18 -7.17
CA TYR D 13 -2.65 -19.94 -6.71
C TYR D 13 -3.90 -19.54 -7.49
N VAL D 14 -4.02 -18.26 -7.82
CA VAL D 14 -5.18 -17.81 -8.58
C VAL D 14 -5.17 -18.40 -9.99
N LEU D 15 -4.00 -18.42 -10.63
CA LEU D 15 -3.91 -19.01 -11.96
C LEU D 15 -4.28 -20.49 -11.91
N GLU D 16 -3.81 -21.20 -10.88
CA GLU D 16 -4.13 -22.62 -10.78
C GLU D 16 -5.63 -22.83 -10.63
N LYS D 17 -6.26 -22.06 -9.74
CA LYS D 17 -7.69 -22.18 -9.50
C LYS D 17 -8.50 -21.78 -10.73
N GLU D 18 -7.94 -20.93 -11.59
CA GLU D 18 -8.61 -20.50 -12.81
C GLU D 18 -8.30 -21.41 -14.01
N GLY D 19 -7.63 -22.54 -13.77
CA GLY D 19 -7.39 -23.54 -14.81
C GLY D 19 -6.14 -23.38 -15.65
N ILE D 20 -5.27 -22.40 -15.35
CA ILE D 20 -4.02 -22.26 -16.09
C ILE D 20 -3.07 -23.41 -15.77
N THR D 21 -2.51 -24.03 -16.82
CA THR D 21 -1.47 -25.05 -16.70
C THR D 21 -0.23 -24.76 -17.55
N THR D 22 -0.27 -23.73 -18.39
CA THR D 22 0.73 -23.48 -19.42
C THR D 22 0.95 -21.98 -19.53
N ALA D 23 2.18 -21.60 -19.84
CA ALA D 23 2.47 -20.20 -20.11
C ALA D 23 3.61 -20.14 -21.11
N PHE D 24 3.57 -19.14 -21.97
CA PHE D 24 4.62 -18.87 -22.95
C PHE D 24 5.20 -17.50 -22.64
N GLY D 25 6.53 -17.39 -22.64
CA GLY D 25 7.07 -16.10 -22.25
C GLY D 25 8.55 -15.97 -22.48
N VAL D 26 9.07 -14.83 -22.05
CA VAL D 26 10.49 -14.49 -22.09
C VAL D 26 10.76 -13.78 -20.76
N PRO D 27 11.55 -14.35 -19.86
CA PRO D 27 11.84 -13.68 -18.59
C PRO D 27 12.71 -12.44 -18.78
N GLY D 28 12.66 -11.57 -17.79
CA GLY D 28 13.52 -10.41 -17.68
C GLY D 28 13.61 -9.99 -16.23
N ALA D 29 14.49 -9.01 -15.96
CA ALA D 29 14.76 -8.65 -14.57
C ALA D 29 13.50 -8.20 -13.86
N ALA D 30 12.64 -7.46 -14.56
CA ALA D 30 11.47 -6.87 -13.91
C ALA D 30 10.37 -7.89 -13.62
N ILE D 31 10.41 -9.08 -14.24
CA ILE D 31 9.39 -10.10 -14.06
C ILE D 31 9.93 -11.35 -13.35
N ASN D 32 11.20 -11.32 -12.94
CA ASN D 32 11.80 -12.45 -12.23
C ASN D 32 11.01 -12.88 -11.00
N PRO D 33 10.48 -11.99 -10.16
CA PRO D 33 9.73 -12.50 -8.99
C PRO D 33 8.57 -13.39 -9.39
N PHE D 34 7.91 -13.07 -10.50
CA PHE D 34 6.84 -13.92 -11.01
C PHE D 34 7.39 -15.27 -11.48
N TYR D 35 8.53 -15.26 -12.16
CA TYR D 35 9.11 -16.54 -12.56
C TYR D 35 9.53 -17.36 -11.34
N SER D 36 10.03 -16.67 -10.32
CA SER D 36 10.39 -17.35 -9.08
C SER D 36 9.17 -17.99 -8.43
N ALA D 37 8.05 -17.26 -8.37
CA ALA D 37 6.83 -17.85 -7.83
C ALA D 37 6.36 -19.01 -8.69
N MET D 38 6.49 -18.89 -10.02
CA MET D 38 6.04 -19.98 -10.89
C MET D 38 6.86 -21.25 -10.67
N ARG D 39 8.17 -21.09 -10.52
CA ARG D 39 9.04 -22.24 -10.27
C ARG D 39 8.73 -22.89 -8.92
N LYS D 40 8.55 -22.07 -7.88
CA LYS D 40 8.25 -22.61 -6.56
C LYS D 40 6.91 -23.36 -6.57
N HIS D 41 5.89 -22.78 -7.20
CA HIS D 41 4.59 -23.40 -7.23
C HIS D 41 4.60 -24.69 -8.05
N GLY D 42 5.42 -24.75 -9.10
CA GLY D 42 5.35 -25.87 -10.02
C GLY D 42 3.95 -25.92 -10.60
N GLY D 43 3.69 -26.83 -11.51
CA GLY D 43 2.32 -26.98 -12.00
C GLY D 43 1.92 -26.09 -13.15
N ILE D 44 2.76 -25.13 -13.55
CA ILE D 44 2.59 -24.41 -14.81
C ILE D 44 3.80 -24.74 -15.67
N ARG D 45 3.55 -25.33 -16.84
CA ARG D 45 4.61 -25.61 -17.81
C ARG D 45 4.91 -24.33 -18.60
N HIS D 46 6.12 -23.78 -18.44
CA HIS D 46 6.54 -22.61 -19.20
C HIS D 46 7.28 -23.03 -20.47
N ILE D 47 6.95 -22.39 -21.59
CA ILE D 47 7.63 -22.59 -22.86
C ILE D 47 8.31 -21.28 -23.23
N LEU D 48 9.62 -21.33 -23.42
CA LEU D 48 10.42 -20.14 -23.68
C LEU D 48 10.42 -19.81 -25.17
N ALA D 49 9.84 -18.66 -25.53
CA ALA D 49 9.79 -18.20 -26.91
C ALA D 49 11.13 -17.55 -27.31
N ARG D 50 11.34 -17.41 -28.60
CA ARG D 50 12.55 -16.73 -29.08
C ARG D 50 12.23 -15.37 -29.72
N HIS D 51 11.09 -14.79 -29.34
CA HIS D 51 10.64 -13.42 -29.58
C HIS D 51 9.41 -13.23 -28.71
N VAL D 52 9.30 -12.09 -28.03
CA VAL D 52 8.13 -11.88 -27.20
C VAL D 52 6.87 -11.96 -28.05
N GLU D 53 6.94 -11.51 -29.30
CA GLU D 53 5.76 -11.64 -30.16
C GLU D 53 5.44 -13.10 -30.40
N GLY D 54 6.46 -13.97 -30.43
CA GLY D 54 6.19 -15.39 -30.56
C GLY D 54 5.46 -15.94 -29.35
N ALA D 55 5.86 -15.53 -28.15
CA ALA D 55 5.13 -15.95 -26.96
C ALA D 55 3.68 -15.51 -27.04
N SER D 56 3.44 -14.28 -27.49
CA SER D 56 2.08 -13.76 -27.48
C SER D 56 1.19 -14.48 -28.49
N HIS D 57 1.74 -14.94 -29.62
CA HIS D 57 0.92 -15.67 -30.58
C HIS D 57 0.81 -17.16 -30.23
N MET D 58 1.78 -17.71 -29.50
CA MET D 58 1.57 -19.03 -28.91
C MET D 58 0.36 -18.99 -27.99
N ALA D 59 0.27 -17.95 -27.16
CA ALA D 59 -0.88 -17.84 -26.26
C ALA D 59 -2.18 -17.80 -27.04
N GLU D 60 -2.19 -17.11 -28.18
CA GLU D 60 -3.39 -17.07 -29.03
C GLU D 60 -3.74 -18.45 -29.58
N GLY D 61 -2.74 -19.19 -30.05
CA GLY D 61 -3.04 -20.52 -30.57
C GLY D 61 -3.56 -21.43 -29.48
N TYR D 62 -3.00 -21.30 -28.28
CA TYR D 62 -3.41 -22.13 -27.15
C TYR D 62 -4.88 -21.87 -26.80
N THR D 63 -5.27 -20.60 -26.73
CA THR D 63 -6.67 -20.25 -26.51
C THR D 63 -7.56 -20.83 -27.59
N ARG D 64 -7.19 -20.64 -28.86
CA ARG D 64 -8.08 -21.03 -29.94
C ARG D 64 -8.23 -22.54 -30.05
N ALA D 65 -7.27 -23.29 -29.53
CA ALA D 65 -7.25 -24.74 -29.73
C ALA D 65 -8.44 -25.43 -29.09
N THR D 66 -8.87 -24.95 -27.91
CA THR D 66 -9.81 -25.73 -27.11
C THR D 66 -10.70 -24.79 -26.32
N ALA D 67 -12.01 -25.01 -26.38
CA ALA D 67 -12.93 -24.17 -25.62
C ALA D 67 -12.54 -24.16 -24.15
N GLY D 68 -12.57 -22.98 -23.54
CA GLY D 68 -12.19 -22.80 -22.15
C GLY D 68 -10.72 -22.49 -21.93
N ASN D 69 -9.87 -22.75 -22.91
CA ASN D 69 -8.45 -22.43 -22.78
C ASN D 69 -8.22 -20.92 -22.74
N ILE D 70 -7.23 -20.51 -21.94
CA ILE D 70 -6.77 -19.12 -21.93
C ILE D 70 -5.25 -19.15 -21.96
N GLY D 71 -4.68 -18.78 -23.11
CA GLY D 71 -3.23 -18.73 -23.22
C GLY D 71 -2.66 -17.58 -22.39
N VAL D 72 -1.51 -17.85 -21.77
CA VAL D 72 -0.85 -16.89 -20.88
C VAL D 72 0.49 -16.53 -21.50
N CYS D 73 0.76 -15.24 -21.62
CA CYS D 73 1.99 -14.72 -22.20
C CYS D 73 2.66 -13.81 -21.18
N LEU D 74 3.94 -14.07 -20.89
CA LEU D 74 4.69 -13.37 -19.86
C LEU D 74 5.87 -12.64 -20.49
N GLY D 75 6.18 -11.45 -19.97
CA GLY D 75 7.31 -10.70 -20.48
C GLY D 75 7.78 -9.73 -19.42
N THR D 76 8.97 -9.16 -19.67
CA THR D 76 9.51 -8.19 -18.72
C THR D 76 8.93 -6.80 -18.99
N SER D 77 9.55 -5.75 -18.43
CA SER D 77 9.07 -4.39 -18.59
C SER D 77 9.42 -3.87 -19.99
N GLY D 78 9.01 -2.64 -20.28
CA GLY D 78 9.49 -1.94 -21.45
C GLY D 78 9.09 -2.56 -22.79
N PRO D 79 10.08 -2.88 -23.61
CA PRO D 79 9.78 -3.40 -24.97
C PRO D 79 9.02 -4.73 -24.99
N ALA D 80 9.08 -5.53 -23.92
CA ALA D 80 8.30 -6.78 -23.90
C ALA D 80 6.82 -6.49 -24.09
N GLY D 81 6.28 -5.51 -23.35
CA GLY D 81 4.87 -5.21 -23.48
C GLY D 81 4.53 -4.63 -24.84
N THR D 82 5.39 -3.76 -25.38
CA THR D 82 5.12 -3.21 -26.70
C THR D 82 5.19 -4.30 -27.78
N ASP D 83 6.00 -5.34 -27.56
CA ASP D 83 6.03 -6.49 -28.45
C ASP D 83 4.76 -7.33 -28.38
N MET D 84 3.95 -7.16 -27.33
CA MET D 84 2.69 -7.91 -27.19
C MET D 84 1.50 -7.23 -27.83
N ILE D 85 1.64 -5.97 -28.28
CA ILE D 85 0.48 -5.21 -28.72
C ILE D 85 -0.19 -5.88 -29.92
N THR D 86 0.61 -6.41 -30.85
CA THR D 86 0.02 -6.99 -32.05
C THR D 86 -0.84 -8.21 -31.71
N ALA D 87 -0.44 -9.01 -30.71
CA ALA D 87 -1.27 -10.14 -30.28
C ALA D 87 -2.55 -9.65 -29.60
N LEU D 88 -2.45 -8.62 -28.76
CA LEU D 88 -3.64 -8.14 -28.08
C LEU D 88 -4.65 -7.61 -29.10
N TYR D 89 -4.17 -6.97 -30.15
CA TYR D 89 -5.06 -6.52 -31.23
C TYR D 89 -5.67 -7.71 -31.96
N SER D 90 -4.85 -8.71 -32.27
CA SER D 90 -5.34 -9.89 -32.99
C SER D 90 -6.36 -10.65 -32.16
N ALA D 91 -6.11 -10.82 -30.86
CA ALA D 91 -7.04 -11.54 -30.01
C ALA D 91 -8.33 -10.76 -29.84
N SER D 92 -8.22 -9.45 -29.58
CA SER D 92 -9.41 -8.60 -29.46
C SER D 92 -10.25 -8.64 -30.72
N ALA D 93 -9.59 -8.52 -31.88
CA ALA D 93 -10.31 -8.39 -33.14
C ALA D 93 -11.10 -9.65 -33.47
N ASP D 94 -10.65 -10.81 -32.98
CA ASP D 94 -11.36 -12.07 -33.17
C ASP D 94 -12.24 -12.45 -31.99
N SER D 95 -12.36 -11.61 -30.96
CA SER D 95 -13.21 -11.92 -29.79
C SER D 95 -12.69 -13.13 -28.99
N ILE D 96 -11.37 -13.26 -28.87
CA ILE D 96 -10.85 -14.35 -28.05
C ILE D 96 -9.86 -13.79 -27.04
N PRO D 97 -9.67 -14.47 -25.91
CA PRO D 97 -8.80 -13.92 -24.85
C PRO D 97 -7.39 -14.49 -24.85
N ILE D 98 -6.43 -13.65 -24.50
CA ILE D 98 -5.16 -14.08 -23.94
C ILE D 98 -4.94 -13.24 -22.70
N LEU D 99 -4.16 -13.76 -21.77
CA LEU D 99 -3.74 -13.01 -20.59
C LEU D 99 -2.25 -12.70 -20.73
N CYS D 100 -1.91 -11.42 -20.88
CA CYS D 100 -0.52 -10.99 -20.87
C CYS D 100 -0.15 -10.45 -19.50
N ILE D 101 1.03 -10.82 -19.03
CA ILE D 101 1.55 -10.33 -17.76
C ILE D 101 2.92 -9.73 -18.03
N THR D 102 3.15 -8.50 -17.57
CA THR D 102 4.42 -7.82 -17.77
C THR D 102 4.98 -7.36 -16.43
N GLY D 103 6.30 -7.45 -16.29
CA GLY D 103 6.96 -6.77 -15.19
C GLY D 103 6.99 -5.28 -15.43
N GLN D 104 7.24 -4.52 -14.37
CA GLN D 104 7.18 -3.08 -14.43
C GLN D 104 8.12 -2.50 -13.38
N ALA D 105 8.48 -1.23 -13.57
CA ALA D 105 9.27 -0.53 -12.58
C ALA D 105 8.50 -0.42 -11.27
N PRO D 106 9.19 -0.25 -10.15
CA PRO D 106 8.51 -0.07 -8.86
C PRO D 106 7.62 1.17 -8.87
N ARG D 107 6.56 1.11 -8.06
CA ARG D 107 5.55 2.17 -8.05
C ARG D 107 6.18 3.55 -7.93
N ALA D 108 7.18 3.69 -7.05
CA ALA D 108 7.78 5.00 -6.80
C ALA D 108 8.60 5.50 -7.99
N ARG D 109 8.90 4.64 -8.95
CA ARG D 109 9.72 5.00 -10.10
C ARG D 109 8.92 5.17 -11.39
N LEU D 110 7.58 5.12 -11.32
CA LEU D 110 6.78 5.05 -12.54
C LEU D 110 6.82 6.32 -13.37
N HIS D 111 7.16 7.47 -12.80
CA HIS D 111 7.21 8.69 -13.60
C HIS D 111 8.60 9.27 -13.73
N LYS D 112 9.61 8.60 -13.17
CA LYS D 112 10.96 8.82 -13.63
C LYS D 112 11.06 8.27 -15.05
N GLU D 113 12.24 8.40 -15.62
CA GLU D 113 12.52 7.65 -16.85
C GLU D 113 13.33 6.42 -16.49
N ASP D 114 12.73 5.57 -15.67
CA ASP D 114 13.41 4.35 -15.25
C ASP D 114 13.75 3.53 -16.48
N PHE D 115 14.86 2.82 -16.39
CA PHE D 115 15.30 1.99 -17.50
C PHE D 115 14.21 0.96 -17.89
N GLN D 116 13.96 0.87 -19.20
CA GLN D 116 12.98 -0.08 -19.75
C GLN D 116 11.63 0.01 -19.06
N ALA D 117 11.18 1.22 -18.75
CA ALA D 117 9.84 1.41 -18.21
C ALA D 117 9.01 2.22 -19.20
N VAL D 118 7.77 1.79 -19.41
CA VAL D 118 6.89 2.39 -20.41
C VAL D 118 5.45 2.32 -19.90
N ASP D 119 4.63 3.27 -20.34
CA ASP D 119 3.23 3.32 -19.93
C ASP D 119 2.42 2.33 -20.78
N ILE D 120 2.66 1.05 -20.49
CA ILE D 120 1.99 -0.02 -21.24
C ILE D 120 0.48 0.00 -21.01
N GLU D 121 0.04 0.48 -19.84
CA GLU D 121 -1.40 0.59 -19.57
C GLU D 121 -2.10 1.41 -20.66
N ALA D 122 -1.53 2.57 -21.00
CA ALA D 122 -2.13 3.43 -22.02
C ALA D 122 -1.98 2.86 -23.43
N ILE D 123 -0.84 2.25 -23.73
CA ILE D 123 -0.64 1.73 -25.08
C ILE D 123 -1.62 0.60 -25.39
N ALA D 124 -1.90 -0.25 -24.39
CA ALA D 124 -2.68 -1.46 -24.58
C ALA D 124 -4.18 -1.26 -24.37
N LYS D 125 -4.59 -0.12 -23.81
CA LYS D 125 -6.01 0.11 -23.55
C LYS D 125 -6.88 -0.04 -24.79
N PRO D 126 -6.49 0.49 -25.97
CA PRO D 126 -7.32 0.33 -27.18
C PRO D 126 -7.49 -1.11 -27.64
N VAL D 127 -6.59 -2.03 -27.28
CA VAL D 127 -6.66 -3.39 -27.81
C VAL D 127 -6.88 -4.44 -26.71
N SER D 128 -7.58 -4.08 -25.64
CA SER D 128 -7.84 -5.06 -24.60
C SER D 128 -9.14 -4.73 -23.88
N LYS D 129 -9.74 -5.76 -23.27
CA LYS D 129 -10.87 -5.51 -22.38
C LYS D 129 -10.42 -4.87 -21.07
N MET D 130 -9.18 -5.10 -20.67
CA MET D 130 -8.62 -4.43 -19.51
C MET D 130 -7.10 -4.44 -19.63
N ALA D 131 -6.49 -3.31 -19.28
CA ALA D 131 -5.04 -3.17 -19.22
C ALA D 131 -4.74 -2.31 -18.01
N VAL D 132 -4.09 -2.89 -17.00
CA VAL D 132 -4.02 -2.25 -15.69
C VAL D 132 -2.65 -2.52 -15.06
N THR D 133 -2.03 -1.44 -14.55
CA THR D 133 -0.90 -1.55 -13.64
C THR D 133 -1.44 -1.71 -12.23
N VAL D 134 -1.08 -2.81 -11.57
CA VAL D 134 -1.56 -3.11 -10.23
C VAL D 134 -0.79 -2.26 -9.22
N ARG D 135 -1.50 -1.41 -8.49
CA ARG D 135 -0.87 -0.47 -7.56
C ARG D 135 -0.66 -1.02 -6.16
N GLU D 136 -1.23 -2.17 -5.82
CA GLU D 136 -1.13 -2.69 -4.46
C GLU D 136 -0.93 -4.20 -4.53
N ALA D 137 -0.08 -4.73 -3.65
CA ALA D 137 0.19 -6.16 -3.66
C ALA D 137 -1.07 -6.96 -3.37
N ALA D 138 -1.93 -6.46 -2.48
CA ALA D 138 -3.16 -7.16 -2.14
C ALA D 138 -4.15 -7.17 -3.30
N LEU D 139 -3.99 -6.25 -4.26
CA LEU D 139 -4.85 -6.23 -5.43
C LEU D 139 -4.46 -7.25 -6.49
N VAL D 140 -3.26 -7.83 -6.41
CA VAL D 140 -2.83 -8.76 -7.47
C VAL D 140 -3.81 -9.92 -7.64
N PRO D 141 -4.18 -10.66 -6.58
CA PRO D 141 -5.22 -11.69 -6.79
C PRO D 141 -6.53 -11.15 -7.29
N ARG D 142 -6.93 -9.94 -6.87
CA ARG D 142 -8.24 -9.42 -7.27
C ARG D 142 -8.23 -8.95 -8.72
N VAL D 143 -7.12 -8.35 -9.17
CA VAL D 143 -7.04 -7.98 -10.58
C VAL D 143 -7.11 -9.21 -11.46
N LEU D 144 -6.42 -10.29 -11.08
CA LEU D 144 -6.47 -11.52 -11.86
C LEU D 144 -7.87 -12.13 -11.82
N GLN D 145 -8.52 -12.06 -10.66
CA GLN D 145 -9.88 -12.56 -10.53
C GLN D 145 -10.82 -11.82 -11.48
N GLN D 146 -10.75 -10.49 -11.49
CA GLN D 146 -11.55 -9.72 -12.43
C GLN D 146 -11.16 -10.03 -13.88
N ALA D 147 -9.86 -10.27 -14.12
CA ALA D 147 -9.40 -10.50 -15.48
C ALA D 147 -10.05 -11.74 -16.09
N PHE D 148 -10.08 -12.84 -15.33
CA PHE D 148 -10.70 -14.03 -15.89
C PHE D 148 -12.21 -13.86 -16.09
N HIS D 149 -12.88 -13.07 -15.24
CA HIS D 149 -14.29 -12.80 -15.53
C HIS D 149 -14.43 -12.08 -16.87
N LEU D 150 -13.57 -11.10 -17.14
CA LEU D 150 -13.65 -10.35 -18.39
C LEU D 150 -13.29 -11.21 -19.60
N MET D 151 -12.28 -12.07 -19.46
CA MET D 151 -11.87 -12.87 -20.60
C MET D 151 -12.94 -13.89 -20.99
N ARG D 152 -13.81 -14.29 -20.06
CA ARG D 152 -14.83 -15.28 -20.35
C ARG D 152 -16.22 -14.68 -20.60
N SER D 153 -16.48 -13.45 -20.13
CA SER D 153 -17.82 -12.89 -20.15
C SER D 153 -18.08 -12.08 -21.42
N GLY D 154 -19.36 -11.93 -21.75
CA GLY D 154 -19.76 -11.04 -22.84
C GLY D 154 -19.08 -11.42 -24.14
N ARG D 155 -18.68 -10.40 -24.90
CA ARG D 155 -17.78 -10.65 -26.01
C ARG D 155 -16.38 -10.87 -25.45
N PRO D 156 -15.78 -12.06 -25.62
CA PRO D 156 -14.49 -12.32 -24.99
C PRO D 156 -13.42 -11.42 -25.59
N GLY D 157 -12.39 -11.15 -24.78
CA GLY D 157 -11.27 -10.36 -25.23
C GLY D 157 -10.09 -10.45 -24.29
N PRO D 158 -8.93 -9.96 -24.71
CA PRO D 158 -7.70 -10.15 -23.95
C PRO D 158 -7.53 -9.14 -22.82
N VAL D 159 -6.63 -9.49 -21.90
CA VAL D 159 -6.35 -8.63 -20.75
C VAL D 159 -4.83 -8.55 -20.56
N LEU D 160 -4.35 -7.36 -20.23
CA LEU D 160 -2.94 -7.15 -19.87
C LEU D 160 -2.85 -6.71 -18.41
N VAL D 161 -2.06 -7.44 -17.63
CA VAL D 161 -1.81 -7.12 -16.22
C VAL D 161 -0.35 -6.74 -16.08
N ASP D 162 -0.09 -5.54 -15.57
CA ASP D 162 1.23 -4.95 -15.49
C ASP D 162 1.62 -4.86 -14.02
N LEU D 163 2.75 -5.46 -13.65
CA LEU D 163 3.11 -5.68 -12.25
C LEU D 163 4.39 -4.95 -11.85
N PRO D 164 4.30 -3.85 -11.11
CA PRO D 164 5.52 -3.22 -10.59
C PRO D 164 6.28 -4.20 -9.72
N PHE D 165 7.61 -4.11 -9.79
CA PHE D 165 8.48 -5.08 -9.11
C PHE D 165 8.19 -5.11 -7.61
N ASP D 166 8.01 -3.95 -6.99
CA ASP D 166 7.77 -3.94 -5.55
C ASP D 166 6.42 -4.55 -5.21
N VAL D 167 5.44 -4.42 -6.10
CA VAL D 167 4.14 -5.05 -5.88
C VAL D 167 4.26 -6.57 -5.94
N GLN D 168 5.17 -7.09 -6.77
CA GLN D 168 5.30 -8.54 -6.90
C GLN D 168 5.84 -9.17 -5.64
N VAL D 169 6.88 -8.56 -5.05
CA VAL D 169 7.59 -9.18 -3.93
C VAL D 169 6.97 -8.88 -2.57
N ALA D 170 6.06 -7.90 -2.48
CA ALA D 170 5.49 -7.56 -1.19
C ALA D 170 4.67 -8.72 -0.63
N GLU D 171 4.77 -8.93 0.68
CA GLU D 171 4.02 -9.99 1.34
C GLU D 171 2.56 -9.61 1.54
N ILE D 172 1.69 -10.61 1.47
CA ILE D 172 0.26 -10.40 1.68
C ILE D 172 -0.32 -11.63 2.39
N GLU D 173 -1.48 -11.41 3.01
CA GLU D 173 -2.26 -12.51 3.58
C GLU D 173 -3.17 -13.06 2.50
N PHE D 174 -3.03 -14.33 2.17
CA PHE D 174 -3.86 -14.95 1.15
C PHE D 174 -4.15 -16.40 1.50
N ASP D 175 -5.40 -16.81 1.34
CA ASP D 175 -5.82 -18.19 1.61
C ASP D 175 -6.30 -18.82 0.32
N PRO D 176 -5.51 -19.67 -0.32
CA PRO D 176 -5.95 -20.27 -1.59
C PRO D 176 -7.24 -21.07 -1.48
N ASP D 177 -7.50 -21.71 -0.34
CA ASP D 177 -8.73 -22.50 -0.23
C ASP D 177 -9.99 -21.64 -0.28
N MET D 178 -9.91 -20.36 0.09
CA MET D 178 -11.05 -19.46 0.05
C MET D 178 -11.24 -18.77 -1.29
N TYR D 179 -10.32 -18.92 -2.24
CA TYR D 179 -10.45 -18.25 -3.52
C TYR D 179 -11.50 -18.96 -4.39
N GLU D 180 -12.40 -18.18 -5.01
CA GLU D 180 -13.36 -18.72 -5.96
C GLU D 180 -13.42 -17.86 -7.21
N PRO D 181 -13.41 -18.47 -8.40
CA PRO D 181 -13.56 -17.70 -9.64
C PRO D 181 -14.91 -16.99 -9.69
N LEU D 182 -14.94 -15.80 -10.29
CA LEU D 182 -16.18 -15.06 -10.42
C LEU D 182 -17.12 -15.75 -11.42
N PRO D 183 -18.44 -15.54 -11.28
CA PRO D 183 -19.37 -16.05 -12.30
C PRO D 183 -19.15 -15.37 -13.64
N VAL D 184 -19.46 -16.11 -14.71
CA VAL D 184 -19.31 -15.62 -16.07
C VAL D 184 -20.63 -15.03 -16.53
N TYR D 185 -20.59 -13.81 -17.08
CA TYR D 185 -21.78 -13.13 -17.59
C TYR D 185 -22.00 -13.49 -19.06
N LYS D 186 -23.19 -14.03 -19.36
CA LYS D 186 -23.63 -14.37 -20.70
C LYS D 186 -25.12 -14.09 -20.80
N PRO D 187 -25.55 -13.12 -21.60
CA PRO D 187 -26.99 -12.96 -21.85
C PRO D 187 -27.57 -14.13 -22.62
N ALA D 188 -28.85 -14.38 -22.40
CA ALA D 188 -29.57 -15.47 -23.07
C ALA D 188 -30.83 -14.94 -23.75
N ALA D 189 -31.11 -15.45 -24.94
CA ALA D 189 -32.35 -15.10 -25.63
C ALA D 189 -33.55 -15.62 -24.86
N SER D 190 -34.60 -14.82 -24.83
CA SER D 190 -35.90 -15.25 -24.31
C SER D 190 -36.61 -16.12 -25.33
N ARG D 191 -37.59 -16.89 -24.85
CA ARG D 191 -38.41 -17.67 -25.77
C ARG D 191 -39.15 -16.79 -26.78
N MET D 192 -39.58 -15.58 -26.38
CA MET D 192 -40.27 -14.72 -27.33
C MET D 192 -39.37 -14.38 -28.51
N GLN D 193 -38.07 -14.12 -28.25
CA GLN D 193 -37.15 -13.83 -29.35
C GLN D 193 -37.00 -15.04 -30.25
N ILE D 194 -36.76 -16.21 -29.66
CA ILE D 194 -36.44 -17.39 -30.45
C ILE D 194 -37.65 -17.82 -31.27
N GLU D 195 -38.86 -17.70 -30.71
CA GLU D 195 -40.02 -18.09 -31.49
C GLU D 195 -40.23 -17.17 -32.67
N LYS D 196 -39.99 -15.87 -32.49
CA LYS D 196 -40.11 -14.93 -33.60
C LYS D 196 -39.06 -15.22 -34.66
N ALA D 197 -37.86 -15.65 -34.27
CA ALA D 197 -36.83 -15.97 -35.24
C ALA D 197 -37.22 -17.22 -36.05
N VAL D 198 -37.67 -18.27 -35.36
CA VAL D 198 -38.05 -19.50 -36.07
C VAL D 198 -39.26 -19.26 -36.94
N GLU D 199 -40.17 -18.39 -36.51
CA GLU D 199 -41.33 -18.05 -37.34
C GLU D 199 -40.91 -17.33 -38.61
N MET D 200 -39.89 -16.47 -38.53
CA MET D 200 -39.37 -15.84 -39.75
C MET D 200 -38.67 -16.86 -40.64
N LEU D 201 -37.96 -17.81 -40.02
CA LEU D 201 -37.29 -18.84 -40.81
C LEU D 201 -38.31 -19.72 -41.53
N ILE D 202 -39.44 -20.02 -40.88
CA ILE D 202 -40.46 -20.84 -41.51
C ILE D 202 -41.06 -20.14 -42.72
N GLN D 203 -41.13 -18.79 -42.70
CA GLN D 203 -41.69 -18.08 -43.84
C GLN D 203 -40.70 -17.97 -45.00
N ALA D 204 -39.42 -18.18 -44.76
CA ALA D 204 -38.45 -18.10 -45.84
C ALA D 204 -38.61 -19.26 -46.80
N GLU D 205 -38.41 -19.01 -48.09
CA GLU D 205 -38.43 -20.06 -49.09
C GLU D 205 -37.05 -20.63 -49.40
N ARG D 206 -35.99 -19.83 -49.25
CA ARG D 206 -34.62 -20.28 -49.52
C ARG D 206 -33.70 -19.78 -48.42
N PRO D 207 -33.88 -20.25 -47.19
CA PRO D 207 -33.04 -19.79 -46.09
C PRO D 207 -31.62 -20.36 -46.13
N VAL D 208 -30.68 -19.63 -45.52
CA VAL D 208 -29.39 -20.19 -45.17
C VAL D 208 -29.05 -19.73 -43.76
N ILE D 209 -28.39 -20.60 -43.00
CA ILE D 209 -27.79 -20.20 -41.73
C ILE D 209 -26.36 -19.76 -42.00
N VAL D 210 -25.97 -18.62 -41.43
CA VAL D 210 -24.57 -18.20 -41.46
C VAL D 210 -24.02 -18.37 -40.05
N ALA D 211 -23.14 -19.37 -39.88
CA ALA D 211 -22.60 -19.75 -38.57
C ALA D 211 -21.25 -19.08 -38.39
N GLY D 212 -21.16 -18.16 -37.43
CA GLY D 212 -19.96 -17.37 -37.22
C GLY D 212 -19.10 -17.89 -36.08
N GLY D 213 -18.03 -17.13 -35.80
CA GLY D 213 -17.08 -17.55 -34.79
C GLY D 213 -17.68 -17.66 -33.40
N GLY D 214 -18.78 -16.95 -33.15
CA GLY D 214 -19.43 -17.03 -31.85
C GLY D 214 -20.05 -18.40 -31.55
N VAL D 215 -20.41 -19.16 -32.58
CA VAL D 215 -20.86 -20.54 -32.33
C VAL D 215 -19.71 -21.34 -31.73
N ILE D 216 -18.51 -21.18 -32.27
CA ILE D 216 -17.35 -21.88 -31.72
C ILE D 216 -16.91 -21.25 -30.41
N ASN D 217 -17.04 -19.92 -30.30
CA ASN D 217 -16.72 -19.24 -29.05
C ASN D 217 -17.60 -19.75 -27.92
N ALA D 218 -18.86 -20.02 -28.21
CA ALA D 218 -19.82 -20.50 -27.24
C ALA D 218 -19.74 -22.01 -27.04
N ASP D 219 -18.88 -22.71 -27.80
CA ASP D 219 -18.77 -24.17 -27.75
C ASP D 219 -20.10 -24.84 -28.08
N ALA D 220 -20.73 -24.38 -29.16
CA ALA D 220 -22.08 -24.82 -29.50
C ALA D 220 -22.16 -25.42 -30.91
N ALA D 221 -21.05 -26.00 -31.40
CA ALA D 221 -21.07 -26.52 -32.77
C ALA D 221 -22.08 -27.65 -32.94
N ALA D 222 -22.18 -28.54 -31.95
CA ALA D 222 -23.10 -29.67 -32.10
C ALA D 222 -24.55 -29.20 -32.12
N LEU D 223 -24.89 -28.23 -31.28
CA LEU D 223 -26.23 -27.67 -31.33
C LEU D 223 -26.48 -26.93 -32.64
N LEU D 224 -25.46 -26.27 -33.20
CA LEU D 224 -25.65 -25.58 -34.46
C LEU D 224 -25.96 -26.57 -35.57
N GLN D 225 -25.24 -27.70 -35.59
CA GLN D 225 -25.53 -28.72 -36.59
C GLN D 225 -26.90 -29.33 -36.38
N GLN D 226 -27.27 -29.57 -35.11
CA GLN D 226 -28.57 -30.17 -34.81
C GLN D 226 -29.71 -29.26 -35.23
N PHE D 227 -29.56 -27.95 -35.01
CA PHE D 227 -30.61 -27.01 -35.41
C PHE D 227 -30.76 -26.98 -36.93
N ALA D 228 -29.63 -27.05 -37.65
CA ALA D 228 -29.71 -27.07 -39.11
C ALA D 228 -30.35 -28.35 -39.61
N GLU D 229 -30.02 -29.49 -38.98
CA GLU D 229 -30.62 -30.76 -39.41
C GLU D 229 -32.12 -30.80 -39.17
N LEU D 230 -32.58 -30.31 -38.00
CA LEU D 230 -34.01 -30.35 -37.71
C LEU D 230 -34.82 -29.48 -38.65
N THR D 231 -34.25 -28.35 -39.09
CA THR D 231 -34.92 -27.44 -40.00
C THR D 231 -34.57 -27.67 -41.47
N SER D 232 -33.56 -28.49 -41.76
CA SER D 232 -33.10 -28.72 -43.13
C SER D 232 -32.70 -27.41 -43.82
N VAL D 233 -31.97 -26.57 -43.10
CA VAL D 233 -31.51 -25.28 -43.62
C VAL D 233 -30.02 -25.38 -43.92
N PRO D 234 -29.59 -25.09 -45.14
CA PRO D 234 -28.15 -25.14 -45.45
C PRO D 234 -27.36 -24.16 -44.60
N VAL D 235 -26.12 -24.54 -44.28
CA VAL D 235 -25.28 -23.75 -43.40
C VAL D 235 -24.10 -23.19 -44.20
N ILE D 236 -23.85 -21.90 -44.02
CA ILE D 236 -22.68 -21.22 -44.57
C ILE D 236 -21.85 -20.71 -43.39
N PRO D 237 -20.81 -21.42 -43.01
CA PRO D 237 -19.90 -20.88 -41.99
C PRO D 237 -19.15 -19.68 -42.51
N THR D 238 -18.94 -18.69 -41.65
CA THR D 238 -17.94 -17.68 -41.94
C THR D 238 -16.56 -18.32 -41.80
N LEU D 239 -15.53 -17.57 -42.21
CA LEU D 239 -14.19 -18.11 -42.02
C LEU D 239 -13.92 -18.42 -40.54
N MET D 240 -14.47 -17.64 -39.62
CA MET D 240 -14.27 -17.92 -38.21
C MET D 240 -15.25 -18.96 -37.67
N GLY D 241 -16.36 -19.21 -38.37
CA GLY D 241 -17.21 -20.33 -38.03
C GLY D 241 -16.83 -21.66 -38.68
N TRP D 242 -15.85 -21.66 -39.57
CA TRP D 242 -15.54 -22.84 -40.36
C TRP D 242 -15.24 -24.03 -39.44
N GLY D 243 -15.84 -25.16 -39.75
CA GLY D 243 -15.72 -26.35 -38.93
C GLY D 243 -16.83 -26.57 -37.92
N CYS D 244 -17.71 -25.59 -37.70
CA CYS D 244 -18.78 -25.82 -36.72
C CYS D 244 -19.82 -26.80 -37.25
N ILE D 245 -19.82 -27.06 -38.55
CA ILE D 245 -20.50 -28.22 -39.12
C ILE D 245 -19.52 -28.84 -40.12
N PRO D 246 -19.44 -30.17 -40.21
CA PRO D 246 -18.40 -30.80 -41.04
C PRO D 246 -18.55 -30.43 -42.52
N ASP D 247 -17.41 -30.31 -43.21
CA ASP D 247 -17.45 -29.94 -44.61
C ASP D 247 -18.12 -31.00 -45.49
N ASP D 248 -18.20 -32.25 -45.04
CA ASP D 248 -18.90 -33.27 -45.81
C ASP D 248 -20.35 -33.47 -45.39
N HIS D 249 -20.86 -32.67 -44.44
CA HIS D 249 -22.27 -32.69 -44.10
C HIS D 249 -23.12 -32.27 -45.29
N GLU D 250 -24.27 -32.94 -45.46
CA GLU D 250 -25.09 -32.66 -46.64
C GLU D 250 -25.65 -31.23 -46.64
N LEU D 251 -25.74 -30.58 -45.47
CA LEU D 251 -26.20 -29.21 -45.42
C LEU D 251 -25.08 -28.18 -45.50
N MET D 252 -23.81 -28.58 -45.47
CA MET D 252 -22.74 -27.58 -45.56
C MET D 252 -22.72 -27.03 -46.97
N ALA D 253 -22.98 -25.72 -47.12
CA ALA D 253 -23.24 -25.13 -48.42
C ALA D 253 -22.05 -24.38 -48.98
N GLY D 254 -20.93 -24.33 -48.26
CA GLY D 254 -19.77 -23.58 -48.67
C GLY D 254 -19.61 -22.27 -47.91
N MET D 255 -18.48 -21.62 -48.17
CA MET D 255 -18.21 -20.31 -47.59
C MET D 255 -18.53 -19.20 -48.60
N VAL D 256 -18.70 -18.00 -48.06
CA VAL D 256 -19.16 -16.82 -48.78
C VAL D 256 -18.20 -15.66 -48.51
N GLY D 257 -17.90 -14.87 -49.53
CA GLY D 257 -17.09 -13.68 -49.34
C GLY D 257 -16.36 -13.26 -50.60
N LEU D 258 -15.50 -12.24 -50.42
CA LEU D 258 -14.68 -11.68 -51.48
C LEU D 258 -13.38 -12.44 -51.72
N GLN D 259 -12.94 -13.29 -50.81
CA GLN D 259 -11.66 -13.97 -50.97
C GLN D 259 -11.71 -15.42 -50.49
N THR D 260 -11.81 -15.64 -49.18
CA THR D 260 -11.88 -17.01 -48.65
C THR D 260 -13.32 -17.48 -48.77
N ALA D 261 -13.68 -17.87 -49.99
CA ALA D 261 -15.06 -18.27 -50.26
C ALA D 261 -15.08 -19.17 -51.49
N HIS D 262 -16.23 -19.80 -51.69
CA HIS D 262 -16.46 -20.72 -52.80
C HIS D 262 -17.39 -20.10 -53.83
N ARG D 263 -17.18 -20.45 -55.10
CA ARG D 263 -18.12 -20.02 -56.13
C ARG D 263 -19.53 -20.51 -55.82
N TYR D 264 -19.67 -21.74 -55.32
CA TYR D 264 -21.00 -22.23 -54.99
C TYR D 264 -21.55 -21.58 -53.73
N GLY D 265 -20.69 -21.14 -52.82
CA GLY D 265 -21.18 -20.42 -51.66
C GLY D 265 -21.76 -19.05 -52.02
N ASN D 266 -21.01 -18.26 -52.77
CA ASN D 266 -21.52 -16.95 -53.13
C ASN D 266 -22.80 -17.06 -53.96
N ALA D 267 -22.87 -18.05 -54.85
CA ALA D 267 -24.07 -18.19 -55.65
C ALA D 267 -25.27 -18.59 -54.79
N THR D 268 -25.05 -19.46 -53.79
CA THR D 268 -26.15 -19.83 -52.91
C THR D 268 -26.64 -18.64 -52.08
N LEU D 269 -25.71 -17.82 -51.56
CA LEU D 269 -26.16 -16.67 -50.79
C LEU D 269 -26.96 -15.71 -51.67
N LEU D 270 -26.47 -15.44 -52.89
CA LEU D 270 -27.20 -14.55 -53.78
C LEU D 270 -28.55 -15.11 -54.21
N ALA D 271 -28.71 -16.45 -54.18
CA ALA D 271 -30.01 -17.04 -54.46
C ALA D 271 -30.93 -17.11 -53.24
N SER D 272 -30.40 -16.95 -52.03
CA SER D 272 -31.23 -17.13 -50.85
C SER D 272 -32.17 -15.93 -50.65
N ASP D 273 -33.27 -16.18 -49.93
CA ASP D 273 -34.15 -15.09 -49.51
C ASP D 273 -34.10 -14.81 -48.01
N MET D 274 -33.22 -15.48 -47.26
CA MET D 274 -33.01 -15.13 -45.86
C MET D 274 -31.64 -15.59 -45.39
N VAL D 275 -31.02 -14.79 -44.54
CA VAL D 275 -29.73 -15.10 -43.93
C VAL D 275 -29.94 -15.12 -42.42
N PHE D 276 -29.84 -16.30 -41.82
CA PHE D 276 -30.07 -16.51 -40.40
C PHE D 276 -28.70 -16.54 -39.72
N GLY D 277 -28.23 -15.38 -39.28
CA GLY D 277 -26.88 -15.26 -38.74
C GLY D 277 -26.78 -15.54 -37.25
N ILE D 278 -25.94 -16.49 -36.89
CA ILE D 278 -25.78 -16.94 -35.51
C ILE D 278 -24.31 -16.77 -35.16
N GLY D 279 -24.01 -15.82 -34.28
CA GLY D 279 -22.64 -15.67 -33.85
C GLY D 279 -21.69 -15.12 -34.90
N ASN D 280 -22.23 -14.52 -35.95
CA ASN D 280 -21.42 -13.85 -36.96
C ASN D 280 -21.51 -12.34 -36.75
N ARG D 281 -20.78 -11.58 -37.56
CA ARG D 281 -20.86 -10.13 -37.48
C ARG D 281 -20.91 -9.45 -38.84
N PHE D 282 -21.15 -10.20 -39.92
CA PHE D 282 -21.30 -9.64 -41.26
C PHE D 282 -20.10 -8.77 -41.65
N ALA D 283 -18.90 -9.33 -41.50
CA ALA D 283 -17.67 -8.61 -41.81
C ALA D 283 -17.59 -8.25 -43.29
N GLN D 284 -16.89 -7.15 -43.58
CA GLN D 284 -16.87 -6.60 -44.93
C GLN D 284 -16.29 -7.59 -45.95
N ARG D 285 -15.26 -8.36 -45.57
CA ARG D 285 -14.73 -9.38 -46.47
C ARG D 285 -15.75 -10.49 -46.75
N HIS D 286 -16.74 -10.66 -45.87
CA HIS D 286 -17.79 -11.65 -46.07
C HIS D 286 -18.92 -11.14 -46.95
N THR D 287 -19.27 -9.86 -46.83
CA THR D 287 -20.47 -9.30 -47.43
C THR D 287 -20.24 -8.54 -48.74
N GLY D 288 -19.06 -7.94 -48.94
CA GLY D 288 -19.03 -6.93 -49.98
C GLY D 288 -19.88 -5.74 -49.57
N SER D 289 -20.49 -5.08 -50.55
CA SER D 289 -21.42 -4.00 -50.23
C SER D 289 -22.67 -4.56 -49.57
N VAL D 290 -23.02 -4.01 -48.40
CA VAL D 290 -24.11 -4.59 -47.62
C VAL D 290 -25.44 -4.47 -48.37
N GLU D 291 -25.60 -3.45 -49.19
CA GLU D 291 -26.84 -3.34 -49.96
C GLU D 291 -27.00 -4.50 -50.92
N LYS D 292 -25.90 -4.98 -51.52
CA LYS D 292 -25.97 -6.13 -52.41
C LYS D 292 -26.14 -7.43 -51.62
N TYR D 293 -25.47 -7.52 -50.47
CA TYR D 293 -25.59 -8.73 -49.65
C TYR D 293 -27.03 -8.91 -49.16
N THR D 294 -27.68 -7.83 -48.74
CA THR D 294 -29.02 -7.96 -48.15
C THR D 294 -30.15 -7.95 -49.16
N GLU D 295 -29.88 -7.73 -50.44
CA GLU D 295 -30.95 -7.55 -51.42
C GLU D 295 -31.86 -8.76 -51.45
N GLY D 296 -33.15 -8.53 -51.23
CA GLY D 296 -34.13 -9.60 -51.36
C GLY D 296 -34.15 -10.57 -50.20
N ARG D 297 -33.45 -10.28 -49.12
CA ARG D 297 -33.27 -11.21 -48.01
C ARG D 297 -33.71 -10.61 -46.69
N LYS D 298 -34.45 -11.39 -45.90
CA LYS D 298 -34.60 -11.10 -44.49
C LYS D 298 -33.31 -11.45 -43.75
N ILE D 299 -33.00 -10.70 -42.70
CA ILE D 299 -31.75 -10.86 -41.96
C ILE D 299 -32.06 -11.03 -40.48
N VAL D 300 -31.63 -12.16 -39.90
CA VAL D 300 -31.63 -12.37 -38.46
C VAL D 300 -30.18 -12.34 -38.00
N HIS D 301 -29.94 -11.76 -36.83
CA HIS D 301 -28.59 -11.65 -36.28
C HIS D 301 -28.66 -11.89 -34.78
N ILE D 302 -28.11 -13.01 -34.33
CA ILE D 302 -27.95 -13.31 -32.91
C ILE D 302 -26.48 -13.08 -32.56
N ASP D 303 -26.23 -12.21 -31.58
CA ASP D 303 -24.88 -11.87 -31.16
C ASP D 303 -24.88 -11.65 -29.66
N ILE D 304 -23.77 -12.01 -29.02
CA ILE D 304 -23.70 -11.83 -27.56
C ILE D 304 -23.49 -10.37 -27.17
N GLU D 305 -23.06 -9.53 -28.12
CA GLU D 305 -22.69 -8.14 -27.85
C GLU D 305 -23.74 -7.23 -28.45
N PRO D 306 -24.47 -6.44 -27.65
CA PRO D 306 -25.53 -5.59 -28.23
C PRO D 306 -25.06 -4.61 -29.29
N THR D 307 -23.87 -4.03 -29.16
CA THR D 307 -23.45 -3.00 -30.12
C THR D 307 -22.84 -3.61 -31.39
N GLN D 308 -22.73 -4.93 -31.48
CA GLN D 308 -22.44 -5.59 -32.75
C GLN D 308 -23.66 -5.69 -33.66
N ILE D 309 -24.86 -5.42 -33.15
CA ILE D 309 -26.10 -5.65 -33.89
C ILE D 309 -26.55 -4.35 -34.52
N GLY D 310 -26.56 -4.29 -35.85
CA GLY D 310 -26.78 -3.05 -36.56
C GLY D 310 -25.56 -2.19 -36.76
N ARG D 311 -24.37 -2.67 -36.40
CA ARG D 311 -23.15 -1.90 -36.61
C ARG D 311 -22.83 -1.70 -38.09
N VAL D 312 -23.17 -2.70 -38.93
CA VAL D 312 -22.70 -2.76 -40.30
C VAL D 312 -23.88 -2.80 -41.26
N LEU D 313 -25.00 -3.34 -40.78
CA LEU D 313 -26.26 -3.36 -41.53
C LEU D 313 -27.38 -3.52 -40.53
N CYS D 314 -28.61 -3.36 -41.01
CA CYS D 314 -29.75 -3.32 -40.10
C CYS D 314 -30.56 -4.60 -40.24
N PRO D 315 -30.47 -5.52 -39.29
CA PRO D 315 -31.21 -6.79 -39.39
C PRO D 315 -32.71 -6.58 -39.23
N ASP D 316 -33.46 -7.50 -39.84
CA ASP D 316 -34.90 -7.56 -39.59
C ASP D 316 -35.21 -8.05 -38.18
N LEU D 317 -34.33 -8.84 -37.58
CA LEU D 317 -34.50 -9.30 -36.20
C LEU D 317 -33.12 -9.45 -35.58
N GLY D 318 -32.83 -8.64 -34.57
CA GLY D 318 -31.58 -8.72 -33.84
C GLY D 318 -31.85 -9.22 -32.43
N ILE D 319 -31.04 -10.18 -31.98
CA ILE D 319 -31.22 -10.80 -30.68
C ILE D 319 -29.88 -10.79 -29.97
N VAL D 320 -29.85 -10.31 -28.73
CA VAL D 320 -28.65 -10.35 -27.90
C VAL D 320 -28.65 -11.67 -27.15
N SER D 321 -27.71 -12.56 -27.48
CA SER D 321 -27.65 -13.84 -26.79
C SER D 321 -26.29 -14.51 -27.01
N ASP D 322 -25.83 -15.21 -25.98
CA ASP D 322 -24.80 -16.21 -26.17
C ASP D 322 -25.30 -17.26 -27.16
N ALA D 323 -24.39 -17.73 -28.02
CA ALA D 323 -24.82 -18.64 -29.07
C ALA D 323 -25.29 -19.98 -28.52
N LYS D 324 -24.70 -20.46 -27.42
CA LYS D 324 -25.14 -21.74 -26.89
C LYS D 324 -26.52 -21.63 -26.25
N ALA D 325 -26.75 -20.58 -25.46
CA ALA D 325 -28.07 -20.40 -24.89
C ALA D 325 -29.12 -20.23 -25.99
N ALA D 326 -28.76 -19.56 -27.09
CA ALA D 326 -29.72 -19.35 -28.16
C ALA D 326 -30.01 -20.64 -28.93
N LEU D 327 -28.95 -21.40 -29.25
CA LEU D 327 -29.14 -22.64 -30.01
C LEU D 327 -29.86 -23.69 -29.18
N THR D 328 -29.68 -23.65 -27.86
CA THR D 328 -30.44 -24.57 -27.01
C THR D 328 -31.93 -24.33 -27.15
N LEU D 329 -32.36 -23.07 -27.02
CA LEU D 329 -33.76 -22.72 -27.22
C LEU D 329 -34.20 -22.89 -28.66
N LEU D 330 -33.31 -22.62 -29.62
CA LEU D 330 -33.69 -22.78 -31.03
C LEU D 330 -33.96 -24.25 -31.35
N VAL D 331 -33.19 -25.17 -30.77
CA VAL D 331 -33.43 -26.59 -30.98
C VAL D 331 -34.76 -26.99 -30.35
N GLU D 332 -35.03 -26.50 -29.14
CA GLU D 332 -36.28 -26.86 -28.48
C GLU D 332 -37.48 -26.36 -29.26
N VAL D 333 -37.43 -25.11 -29.73
CA VAL D 333 -38.55 -24.57 -30.50
C VAL D 333 -38.69 -25.30 -31.83
N ALA D 334 -37.57 -25.63 -32.47
CA ALA D 334 -37.67 -26.36 -33.73
C ALA D 334 -38.29 -27.73 -33.53
N GLN D 335 -38.01 -28.38 -32.38
CA GLN D 335 -38.62 -29.67 -32.12
C GLN D 335 -40.12 -29.54 -31.92
N GLU D 336 -40.56 -28.46 -31.26
CA GLU D 336 -41.98 -28.21 -31.08
C GLU D 336 -42.67 -27.90 -32.40
N MET D 337 -42.01 -27.15 -33.28
CA MET D 337 -42.58 -26.89 -34.61
C MET D 337 -42.64 -28.16 -35.44
N GLN D 338 -41.84 -29.17 -35.09
CA GLN D 338 -41.84 -30.44 -35.82
C GLN D 338 -42.94 -31.39 -35.34
N LYS D 339 -43.24 -31.41 -34.04
CA LYS D 339 -44.36 -32.22 -33.57
C LYS D 339 -45.69 -31.70 -34.13
N ALA D 340 -45.83 -30.38 -34.21
CA ALA D 340 -46.77 -29.79 -35.15
C ALA D 340 -46.19 -29.91 -36.55
N GLY D 341 -47.04 -29.94 -37.56
CA GLY D 341 -46.49 -30.05 -38.89
C GLY D 341 -46.11 -28.71 -39.47
N ARG D 342 -45.36 -27.91 -38.73
CA ARG D 342 -45.17 -26.51 -39.10
C ARG D 342 -43.81 -26.21 -39.73
N LEU D 343 -42.86 -27.15 -39.73
CA LEU D 343 -41.59 -26.94 -40.40
C LEU D 343 -41.72 -27.29 -41.87
N PRO D 344 -41.51 -26.36 -42.79
CA PRO D 344 -41.61 -26.69 -44.22
C PRO D 344 -40.56 -27.72 -44.62
N CYS D 345 -40.94 -28.59 -45.55
CA CYS D 345 -39.97 -29.43 -46.24
C CYS D 345 -39.11 -28.57 -47.16
N ARG D 346 -37.82 -28.89 -47.25
CA ARG D 346 -36.89 -28.04 -47.99
C ARG D 346 -36.08 -28.83 -49.00
N LYS D 347 -36.67 -29.91 -49.52
CA LYS D 347 -35.94 -30.81 -50.41
C LYS D 347 -35.39 -30.07 -51.62
N GLU D 348 -36.23 -29.26 -52.27
CA GLU D 348 -35.82 -28.64 -53.53
C GLU D 348 -34.70 -27.65 -53.30
N TRP D 349 -34.83 -26.79 -52.29
CA TRP D 349 -33.83 -25.75 -52.04
C TRP D 349 -32.50 -26.36 -51.61
N VAL D 350 -32.54 -27.37 -50.73
CA VAL D 350 -31.32 -28.05 -50.36
C VAL D 350 -30.69 -28.69 -51.60
N ALA D 351 -31.53 -29.21 -52.50
CA ALA D 351 -31.01 -29.95 -53.64
C ALA D 351 -30.20 -29.05 -54.55
N ASP D 352 -30.72 -27.87 -54.89
CA ASP D 352 -29.91 -27.09 -55.82
C ASP D 352 -28.81 -26.30 -55.13
N CYS D 353 -28.78 -26.23 -53.79
CA CYS D 353 -27.54 -25.85 -53.14
C CYS D 353 -26.47 -26.93 -53.36
N GLN D 354 -26.87 -28.20 -53.24
CA GLN D 354 -25.91 -29.28 -53.50
C GLN D 354 -25.49 -29.31 -54.96
N GLN D 355 -26.40 -28.99 -55.87
CA GLN D 355 -26.06 -29.01 -57.28
C GLN D 355 -25.00 -27.96 -57.62
N ARG D 356 -25.03 -26.80 -56.95
CA ARG D 356 -23.97 -25.83 -57.16
C ARG D 356 -22.63 -26.36 -56.69
N LYS D 357 -22.63 -27.15 -55.61
CA LYS D 357 -21.37 -27.72 -55.11
C LYS D 357 -20.77 -28.71 -56.10
N ARG D 358 -21.61 -29.35 -56.91
CA ARG D 358 -21.10 -30.26 -57.94
C ARG D 358 -20.55 -29.52 -59.16
N THR D 359 -20.89 -28.24 -59.34
CA THR D 359 -20.63 -27.56 -60.61
C THR D 359 -19.65 -26.40 -60.52
N LEU D 360 -19.80 -25.53 -59.51
CA LEU D 360 -19.09 -24.24 -59.50
C LEU D 360 -17.78 -24.41 -58.73
N LEU D 361 -16.77 -24.93 -59.40
CA LEU D 361 -15.53 -25.34 -58.75
C LEU D 361 -14.34 -24.61 -59.38
N ARG D 362 -13.16 -24.85 -58.82
CA ARG D 362 -11.91 -24.31 -59.32
C ARG D 362 -10.92 -25.46 -59.49
N LYS D 363 -10.16 -25.43 -60.58
CA LYS D 363 -9.24 -26.53 -60.84
C LYS D 363 -8.15 -26.58 -59.77
N THR D 364 -7.84 -27.80 -59.30
CA THR D 364 -6.68 -28.00 -58.45
C THR D 364 -5.64 -28.96 -59.01
N HIS D 365 -6.01 -29.81 -59.97
CA HIS D 365 -5.14 -30.93 -60.36
C HIS D 365 -4.20 -30.48 -61.49
N PHE D 366 -3.14 -29.79 -61.10
CA PHE D 366 -2.15 -29.29 -62.04
C PHE D 366 -0.89 -30.15 -61.97
N ASP D 367 -0.43 -30.61 -63.12
CA ASP D 367 0.85 -31.30 -63.23
C ASP D 367 1.99 -30.35 -63.56
N ASN D 368 1.72 -29.05 -63.48
CA ASN D 368 2.68 -28.03 -63.90
C ASN D 368 3.95 -28.07 -63.08
N VAL D 369 5.07 -27.74 -63.73
CA VAL D 369 6.33 -27.46 -63.07
C VAL D 369 6.82 -26.12 -63.63
N PRO D 370 7.05 -25.10 -62.81
CA PRO D 370 6.97 -25.05 -61.34
C PRO D 370 5.54 -25.25 -60.83
N VAL D 371 5.42 -25.73 -59.58
CA VAL D 371 4.13 -26.17 -59.05
C VAL D 371 3.13 -25.02 -58.99
N LYS D 372 1.89 -25.33 -59.27
CA LYS D 372 0.79 -24.41 -59.03
C LYS D 372 0.26 -24.62 -57.61
N PRO D 373 0.03 -23.54 -56.84
CA PRO D 373 -0.33 -23.73 -55.43
C PRO D 373 -1.60 -24.53 -55.21
N GLN D 374 -2.56 -24.48 -56.15
CA GLN D 374 -3.81 -25.24 -55.97
C GLN D 374 -3.53 -26.72 -55.77
N ARG D 375 -2.50 -27.25 -56.45
CA ARG D 375 -2.18 -28.67 -56.34
C ARG D 375 -1.70 -29.05 -54.94
N VAL D 376 -1.06 -28.11 -54.22
CA VAL D 376 -0.64 -28.40 -52.85
C VAL D 376 -1.85 -28.68 -51.97
N TYR D 377 -2.91 -27.86 -52.10
CA TYR D 377 -4.06 -28.04 -51.23
C TYR D 377 -4.78 -29.35 -51.53
N GLU D 378 -4.77 -29.76 -52.79
CA GLU D 378 -5.33 -31.07 -53.15
C GLU D 378 -4.54 -32.19 -52.48
N GLU D 379 -3.21 -32.12 -52.54
CA GLU D 379 -2.44 -33.19 -51.91
C GLU D 379 -2.61 -33.17 -50.39
N MET D 380 -2.78 -31.98 -49.80
CA MET D 380 -3.00 -31.91 -48.36
C MET D 380 -4.30 -32.60 -47.98
N ASN D 381 -5.37 -32.41 -48.76
CA ASN D 381 -6.63 -33.10 -48.46
C ASN D 381 -6.47 -34.61 -48.55
N LYS D 382 -5.62 -35.08 -49.46
CA LYS D 382 -5.47 -36.51 -49.62
C LYS D 382 -4.60 -37.12 -48.53
N ALA D 383 -3.53 -36.42 -48.13
CA ALA D 383 -2.49 -37.00 -47.28
C ALA D 383 -2.88 -37.03 -45.80
N PHE D 384 -3.59 -36.00 -45.33
CA PHE D 384 -3.91 -35.90 -43.92
C PHE D 384 -5.33 -36.38 -43.67
N GLY D 385 -5.58 -36.78 -42.43
CA GLY D 385 -6.86 -37.38 -42.10
C GLY D 385 -7.95 -36.35 -41.85
N ARG D 386 -9.16 -36.87 -41.65
CA ARG D 386 -10.30 -36.02 -41.40
C ARG D 386 -10.14 -35.21 -40.12
N ASP D 387 -9.29 -35.66 -39.20
CA ASP D 387 -9.04 -34.98 -37.93
C ASP D 387 -7.97 -33.90 -38.03
N VAL D 388 -7.50 -33.56 -39.24
CA VAL D 388 -6.42 -32.59 -39.36
C VAL D 388 -6.85 -31.22 -38.81
N CYS D 389 -5.88 -30.50 -38.23
CA CYS D 389 -6.13 -29.18 -37.66
C CYS D 389 -5.18 -28.18 -38.32
N TYR D 390 -5.75 -27.27 -39.12
CA TYR D 390 -4.98 -26.31 -39.91
C TYR D 390 -4.76 -25.01 -39.16
N VAL D 391 -3.58 -24.42 -39.38
CA VAL D 391 -3.17 -23.16 -38.76
C VAL D 391 -2.57 -22.31 -39.85
N THR D 392 -3.07 -21.09 -40.01
CA THR D 392 -2.59 -20.24 -41.08
C THR D 392 -2.94 -18.80 -40.74
N THR D 393 -2.38 -17.88 -41.53
CA THR D 393 -2.49 -16.45 -41.25
C THR D 393 -3.10 -15.68 -42.42
N ILE D 394 -2.29 -15.28 -43.38
CA ILE D 394 -2.77 -14.42 -44.46
C ILE D 394 -1.82 -14.54 -45.64
N GLY D 395 -2.29 -14.15 -46.82
CA GLY D 395 -1.56 -14.28 -48.06
C GLY D 395 -2.33 -15.11 -49.07
N LEU D 396 -1.80 -15.15 -50.30
CA LEU D 396 -2.37 -16.06 -51.28
C LEU D 396 -2.29 -17.48 -50.78
N SER D 397 -1.22 -17.81 -50.06
CA SER D 397 -1.09 -19.10 -49.39
C SER D 397 -2.32 -19.40 -48.55
N GLN D 398 -2.77 -18.42 -47.77
CA GLN D 398 -3.91 -18.61 -46.88
C GLN D 398 -5.25 -18.53 -47.63
N ILE D 399 -5.39 -17.59 -48.56
CA ILE D 399 -6.69 -17.45 -49.24
C ILE D 399 -7.02 -18.70 -50.03
N ALA D 400 -6.08 -19.18 -50.84
CA ALA D 400 -6.35 -20.40 -51.60
C ALA D 400 -6.52 -21.59 -50.67
N ALA D 401 -5.78 -21.61 -49.55
CA ALA D 401 -5.97 -22.70 -48.61
C ALA D 401 -7.41 -22.74 -48.12
N ALA D 402 -8.00 -21.58 -47.80
CA ALA D 402 -9.41 -21.55 -47.39
C ALA D 402 -10.35 -21.92 -48.52
N GLN D 403 -9.99 -21.60 -49.77
CA GLN D 403 -10.86 -21.95 -50.88
C GLN D 403 -10.87 -23.45 -51.17
N MET D 404 -9.79 -24.16 -50.83
CA MET D 404 -9.56 -25.50 -51.36
C MET D 404 -9.34 -26.60 -50.30
N LEU D 405 -8.94 -26.28 -49.08
CA LEU D 405 -8.82 -27.28 -48.02
C LEU D 405 -10.18 -27.55 -47.40
N HIS D 406 -10.27 -28.65 -46.65
CA HIS D 406 -11.50 -28.97 -45.94
C HIS D 406 -11.23 -29.40 -44.51
N VAL D 407 -12.16 -29.02 -43.62
CA VAL D 407 -12.06 -29.30 -42.19
C VAL D 407 -13.38 -29.89 -41.75
N PHE D 408 -13.32 -30.64 -40.64
CA PHE D 408 -14.44 -31.50 -40.26
C PHE D 408 -14.81 -31.40 -38.79
N LYS D 409 -14.24 -30.45 -38.05
CA LYS D 409 -14.57 -30.27 -36.65
C LYS D 409 -14.24 -28.83 -36.26
N ASP D 410 -14.98 -28.31 -35.28
CA ASP D 410 -14.72 -26.95 -34.84
C ASP D 410 -13.38 -26.89 -34.13
N ARG D 411 -12.73 -25.72 -34.25
CA ARG D 411 -11.37 -25.47 -33.78
C ARG D 411 -10.35 -26.32 -34.53
N HIS D 412 -10.68 -26.74 -35.74
CA HIS D 412 -9.69 -27.33 -36.63
C HIS D 412 -9.31 -26.40 -37.78
N TRP D 413 -9.82 -25.17 -37.79
CA TRP D 413 -9.30 -24.08 -38.61
C TRP D 413 -8.90 -22.95 -37.66
N ILE D 414 -7.59 -22.80 -37.43
CA ILE D 414 -7.03 -21.84 -36.47
C ILE D 414 -6.43 -20.71 -37.30
N ASN D 415 -7.13 -19.58 -37.38
CA ASN D 415 -6.82 -18.52 -38.33
C ASN D 415 -7.09 -17.18 -37.67
N CYS D 416 -6.15 -16.24 -37.78
CA CYS D 416 -6.38 -14.90 -37.22
C CYS D 416 -7.09 -14.05 -38.26
N GLY D 417 -8.41 -14.25 -38.37
CA GLY D 417 -9.13 -13.82 -39.55
C GLY D 417 -9.30 -12.32 -39.71
N GLN D 418 -9.33 -11.57 -38.59
CA GLN D 418 -9.57 -10.14 -38.68
C GLN D 418 -8.30 -9.29 -38.68
N ALA D 419 -7.23 -9.72 -37.99
CA ALA D 419 -6.00 -8.95 -37.90
C ALA D 419 -4.92 -9.38 -38.89
N GLY D 420 -4.73 -10.69 -39.11
CA GLY D 420 -3.81 -11.18 -40.13
C GLY D 420 -2.34 -10.80 -39.98
N PRO D 421 -1.81 -10.75 -38.76
CA PRO D 421 -0.40 -10.36 -38.58
C PRO D 421 0.56 -11.42 -39.10
N LEU D 422 1.45 -11.01 -40.00
CA LEU D 422 2.45 -11.93 -40.54
C LEU D 422 3.36 -12.42 -39.41
N GLY D 423 3.78 -13.70 -39.52
CA GLY D 423 4.53 -14.37 -38.48
C GLY D 423 3.67 -15.09 -37.44
N TRP D 424 2.35 -14.95 -37.53
CA TRP D 424 1.47 -15.58 -36.55
C TRP D 424 1.52 -17.11 -36.60
N THR D 425 1.81 -17.67 -37.78
CA THR D 425 1.50 -19.08 -38.04
C THR D 425 2.35 -20.02 -37.18
N ILE D 426 3.68 -19.86 -37.22
CA ILE D 426 4.54 -20.80 -36.48
C ILE D 426 4.23 -20.75 -34.99
N PRO D 427 4.27 -19.58 -34.34
CA PRO D 427 3.96 -19.57 -32.90
C PRO D 427 2.54 -20.02 -32.58
N ALA D 428 1.56 -19.71 -33.43
CA ALA D 428 0.20 -20.17 -33.14
C ALA D 428 0.13 -21.69 -33.20
N ALA D 429 0.84 -22.29 -34.18
CA ALA D 429 0.82 -23.74 -34.31
C ALA D 429 1.50 -24.40 -33.11
N LEU D 430 2.60 -23.81 -32.63
CA LEU D 430 3.21 -24.36 -31.43
C LEU D 430 2.28 -24.25 -30.24
N GLY D 431 1.46 -23.19 -30.20
CA GLY D 431 0.53 -23.04 -29.10
C GLY D 431 -0.60 -24.05 -29.12
N VAL D 432 -1.12 -24.35 -30.32
CA VAL D 432 -2.13 -25.40 -30.43
C VAL D 432 -1.54 -26.75 -30.02
N CYS D 433 -0.30 -27.02 -30.44
CA CYS D 433 0.33 -28.28 -30.07
C CYS D 433 0.50 -28.39 -28.56
N ALA D 434 0.84 -27.27 -27.91
CA ALA D 434 0.98 -27.26 -26.46
C ALA D 434 -0.36 -27.47 -25.78
N ALA D 435 -1.44 -26.93 -26.37
CA ALA D 435 -2.78 -27.15 -25.82
C ALA D 435 -3.20 -28.60 -25.93
N ASP D 436 -2.82 -29.28 -27.02
CA ASP D 436 -3.34 -30.61 -27.31
C ASP D 436 -2.29 -31.42 -28.07
N PRO D 437 -1.42 -32.12 -27.36
CA PRO D 437 -0.37 -32.93 -28.01
C PRO D 437 -0.93 -34.02 -28.91
N LYS D 438 -2.16 -34.45 -28.73
CA LYS D 438 -2.73 -35.43 -29.64
C LYS D 438 -3.29 -34.81 -30.91
N ARG D 439 -3.33 -33.48 -31.00
CA ARG D 439 -3.88 -32.81 -32.19
C ARG D 439 -2.93 -32.99 -33.39
N ASN D 440 -3.53 -33.26 -34.54
CA ASN D 440 -2.80 -33.44 -35.80
C ASN D 440 -2.68 -32.08 -36.49
N VAL D 441 -1.67 -31.31 -36.08
CA VAL D 441 -1.53 -29.92 -36.49
C VAL D 441 -0.74 -29.83 -37.79
N VAL D 442 -1.27 -29.09 -38.76
CA VAL D 442 -0.59 -28.81 -40.02
C VAL D 442 -0.74 -27.32 -40.33
N ALA D 443 0.37 -26.59 -40.35
CA ALA D 443 0.37 -25.17 -40.68
C ALA D 443 0.52 -24.95 -42.18
N ILE D 444 0.01 -23.82 -42.65
CA ILE D 444 0.25 -23.33 -44.00
C ILE D 444 0.76 -21.91 -43.91
N SER D 445 1.89 -21.65 -44.58
CA SER D 445 2.51 -20.34 -44.64
C SER D 445 3.01 -20.09 -46.06
N GLY D 446 3.01 -18.81 -46.48
CA GLY D 446 3.85 -18.38 -47.58
C GLY D 446 5.24 -18.04 -47.08
N ASP D 447 6.16 -17.76 -48.01
CA ASP D 447 7.54 -17.56 -47.58
C ASP D 447 7.68 -16.32 -46.70
N PHE D 448 6.92 -15.25 -46.99
CA PHE D 448 7.09 -14.02 -46.22
C PHE D 448 6.58 -14.19 -44.79
N ASP D 449 5.35 -14.72 -44.67
CA ASP D 449 4.82 -15.09 -43.35
C ASP D 449 5.81 -15.97 -42.60
N PHE D 450 6.38 -16.96 -43.27
CA PHE D 450 7.28 -17.91 -42.62
C PHE D 450 8.53 -17.25 -42.06
N GLN D 451 9.00 -16.17 -42.69
CA GLN D 451 10.26 -15.57 -42.26
C GLN D 451 10.10 -14.63 -41.08
N PHE D 452 8.92 -14.02 -40.89
CA PHE D 452 8.76 -13.01 -39.84
C PHE D 452 9.24 -13.52 -38.48
N LEU D 453 8.78 -14.70 -38.08
CA LEU D 453 9.12 -15.26 -36.77
C LEU D 453 9.71 -16.65 -36.96
N ILE D 454 10.57 -16.77 -37.98
CA ILE D 454 11.10 -18.06 -38.37
C ILE D 454 11.87 -18.71 -37.22
N GLU D 455 12.47 -17.90 -36.34
CA GLU D 455 13.27 -18.43 -35.24
C GLU D 455 12.43 -19.23 -34.25
N GLU D 456 11.10 -19.06 -34.26
CA GLU D 456 10.27 -19.82 -33.33
C GLU D 456 10.30 -21.32 -33.64
N LEU D 457 10.76 -21.72 -34.83
CA LEU D 457 10.98 -23.14 -35.10
C LEU D 457 11.93 -23.77 -34.09
N ALA D 458 12.93 -23.01 -33.61
CA ALA D 458 13.84 -23.53 -32.60
C ALA D 458 13.13 -23.78 -31.27
N VAL D 459 12.02 -23.09 -31.00
CA VAL D 459 11.22 -23.41 -29.83
C VAL D 459 10.64 -24.82 -29.95
N GLY D 460 10.18 -25.17 -31.15
CA GLY D 460 9.70 -26.52 -31.36
C GLY D 460 10.81 -27.54 -31.27
N ALA D 461 12.02 -27.17 -31.68
CA ALA D 461 13.15 -28.07 -31.55
C ALA D 461 13.51 -28.27 -30.08
N GLN D 462 13.62 -27.18 -29.32
CA GLN D 462 14.10 -27.28 -27.95
C GLN D 462 13.12 -28.06 -27.07
N PHE D 463 11.82 -27.84 -27.25
CA PHE D 463 10.80 -28.46 -26.42
C PHE D 463 10.18 -29.69 -27.09
N ASN D 464 10.70 -30.12 -28.24
CA ASN D 464 10.16 -31.26 -28.97
C ASN D 464 8.64 -31.15 -29.11
N ILE D 465 8.22 -30.14 -29.89
CA ILE D 465 6.80 -29.94 -30.16
C ILE D 465 6.59 -30.26 -31.64
N PRO D 466 6.10 -31.45 -31.98
CA PRO D 466 6.01 -31.82 -33.39
C PRO D 466 4.73 -31.36 -34.08
N TYR D 467 4.89 -30.86 -35.31
CA TYR D 467 3.80 -30.58 -36.23
C TYR D 467 4.41 -30.52 -37.62
N ILE D 468 3.55 -30.53 -38.64
CA ILE D 468 4.00 -30.37 -40.02
C ILE D 468 3.67 -28.96 -40.49
N HIS D 469 4.66 -28.28 -41.08
CA HIS D 469 4.46 -26.93 -41.60
C HIS D 469 4.60 -26.94 -43.12
N VAL D 470 3.48 -26.75 -43.82
CA VAL D 470 3.52 -26.67 -45.27
C VAL D 470 3.88 -25.24 -45.66
N LEU D 471 4.94 -25.09 -46.44
CA LEU D 471 5.47 -23.80 -46.84
C LEU D 471 5.40 -23.69 -48.36
N VAL D 472 4.61 -22.76 -48.87
CA VAL D 472 4.46 -22.57 -50.30
C VAL D 472 5.21 -21.30 -50.69
N ASN D 473 6.28 -21.45 -51.46
CA ASN D 473 7.30 -20.43 -51.63
C ASN D 473 7.31 -19.93 -53.07
N ASN D 474 6.79 -18.71 -53.27
CA ASN D 474 6.83 -18.02 -54.56
C ASN D 474 7.88 -16.91 -54.61
N ALA D 475 8.68 -16.75 -53.56
CA ALA D 475 9.69 -15.69 -53.51
C ALA D 475 9.05 -14.31 -53.72
N TYR D 476 7.87 -14.15 -53.14
CA TYR D 476 7.00 -13.01 -53.40
C TYR D 476 6.16 -12.72 -52.16
N LEU D 477 5.85 -11.44 -51.96
CA LEU D 477 4.65 -11.08 -51.20
C LEU D 477 3.50 -11.19 -52.20
N GLY D 478 3.05 -12.44 -52.42
CA GLY D 478 2.19 -12.69 -53.57
C GLY D 478 0.86 -11.96 -53.50
N LEU D 479 0.27 -11.88 -52.30
CA LEU D 479 -1.00 -11.18 -52.19
C LEU D 479 -0.86 -9.69 -52.46
N ILE D 480 0.26 -9.09 -52.07
CA ILE D 480 0.46 -7.67 -52.33
C ILE D 480 0.72 -7.44 -53.82
N ARG D 481 1.50 -8.34 -54.46
CA ARG D 481 1.69 -8.25 -55.90
C ARG D 481 0.36 -8.27 -56.63
N GLN D 482 -0.56 -9.16 -56.22
CA GLN D 482 -1.85 -9.18 -56.89
C GLN D 482 -2.60 -7.88 -56.69
N SER D 483 -2.55 -7.31 -55.48
CA SER D 483 -3.24 -6.05 -55.22
C SER D 483 -2.60 -4.87 -55.96
N GLN D 484 -1.31 -4.97 -56.27
CA GLN D 484 -0.66 -3.89 -57.01
C GLN D 484 -1.05 -3.86 -58.47
N MET D 485 -1.70 -4.91 -58.98
CA MET D 485 -2.07 -4.93 -60.38
C MET D 485 -2.97 -3.75 -60.74
N ALA D 486 -3.82 -3.31 -59.80
CA ALA D 486 -4.68 -2.17 -60.06
C ALA D 486 -3.89 -0.87 -60.17
N PHE D 487 -2.65 -0.85 -59.69
CA PHE D 487 -1.75 0.28 -59.82
C PHE D 487 -0.72 0.10 -60.94
N ASP D 488 -0.91 -0.91 -61.79
CA ASP D 488 -0.04 -1.16 -62.94
C ASP D 488 1.43 -1.21 -62.54
N MET D 489 1.70 -1.95 -61.46
CA MET D 489 3.06 -2.01 -60.95
C MET D 489 3.31 -3.34 -60.24
N ASP D 490 4.61 -3.62 -60.05
CA ASP D 490 5.12 -4.78 -59.32
C ASP D 490 6.34 -4.22 -58.60
N TYR D 491 6.13 -3.74 -57.38
CA TYR D 491 7.05 -2.80 -56.75
C TYR D 491 7.24 -3.18 -55.29
N CYS D 492 8.49 -3.47 -54.91
CA CYS D 492 8.85 -3.78 -53.53
C CYS D 492 8.14 -5.03 -53.00
N VAL D 493 7.85 -6.01 -53.85
CA VAL D 493 7.16 -7.20 -53.39
C VAL D 493 7.93 -8.48 -53.68
N GLN D 494 9.14 -8.40 -54.25
CA GLN D 494 9.93 -9.59 -54.55
C GLN D 494 10.95 -9.87 -53.46
N LEU D 495 11.11 -11.15 -53.13
CA LEU D 495 12.09 -11.61 -52.14
C LEU D 495 13.22 -12.41 -52.76
N ALA D 496 13.20 -12.62 -54.08
CA ALA D 496 14.18 -13.47 -54.75
C ALA D 496 15.56 -12.80 -54.81
N PHE D 497 16.59 -13.64 -54.76
CA PHE D 497 17.97 -13.23 -55.00
C PHE D 497 18.81 -14.49 -55.16
N GLU D 498 19.98 -14.34 -55.77
CA GLU D 498 20.90 -15.48 -55.95
C GLU D 498 21.57 -15.76 -54.62
N ASN D 499 21.13 -16.81 -53.93
CA ASN D 499 21.77 -17.19 -52.68
C ASN D 499 23.17 -17.73 -52.97
N ILE D 500 24.19 -17.04 -52.45
CA ILE D 500 25.59 -17.39 -52.73
C ILE D 500 26.00 -18.71 -52.09
N ASN D 501 25.18 -19.27 -51.19
CA ASN D 501 25.42 -20.54 -50.53
C ASN D 501 24.57 -21.68 -51.07
N SER D 502 23.55 -21.40 -51.89
CA SER D 502 22.58 -22.42 -52.28
C SER D 502 22.16 -22.18 -53.73
N SER D 503 22.93 -22.73 -54.67
CA SER D 503 22.50 -22.68 -56.06
C SER D 503 21.21 -23.46 -56.29
N GLU D 504 20.92 -24.45 -55.44
CA GLU D 504 19.78 -25.34 -55.68
C GLU D 504 18.43 -24.67 -55.45
N VAL D 505 18.38 -23.49 -54.80
CA VAL D 505 17.12 -22.75 -54.71
C VAL D 505 16.87 -21.87 -55.93
N ASN D 506 17.81 -21.84 -56.88
CA ASN D 506 17.56 -21.26 -58.20
C ASN D 506 17.12 -19.81 -58.12
N GLY D 507 17.74 -19.03 -57.24
CA GLY D 507 17.43 -17.62 -57.22
C GLY D 507 16.17 -17.25 -56.46
N TYR D 508 15.56 -18.19 -55.75
CA TYR D 508 14.39 -17.87 -54.93
C TYR D 508 14.78 -17.17 -53.63
N GLY D 509 16.07 -17.07 -53.33
CA GLY D 509 16.54 -16.32 -52.18
C GLY D 509 16.80 -17.19 -50.96
N VAL D 510 16.03 -16.99 -49.90
CA VAL D 510 16.26 -17.71 -48.67
C VAL D 510 16.14 -19.22 -48.92
N ASP D 511 17.08 -19.96 -48.34
CA ASP D 511 17.08 -21.43 -48.36
C ASP D 511 16.40 -21.90 -47.07
N HIS D 512 15.10 -22.21 -47.16
CA HIS D 512 14.35 -22.54 -45.95
C HIS D 512 14.73 -23.89 -45.36
N VAL D 513 15.28 -24.80 -46.18
CA VAL D 513 15.72 -26.08 -45.65
C VAL D 513 16.91 -25.90 -44.71
N LYS D 514 17.93 -25.17 -45.16
CA LYS D 514 19.09 -24.93 -44.30
C LYS D 514 18.71 -24.15 -43.05
N VAL D 515 17.78 -23.19 -43.19
CA VAL D 515 17.41 -22.40 -42.02
C VAL D 515 16.65 -23.28 -41.01
N ALA D 516 15.68 -24.05 -41.50
CA ALA D 516 14.94 -24.91 -40.58
C ALA D 516 15.85 -25.95 -39.93
N GLU D 517 16.79 -26.50 -40.69
CA GLU D 517 17.71 -27.48 -40.11
C GLU D 517 18.66 -26.82 -39.12
N GLY D 518 19.08 -25.59 -39.41
CA GLY D 518 19.95 -24.90 -38.47
C GLY D 518 19.22 -24.56 -37.19
N LEU D 519 17.91 -24.40 -37.25
CA LEU D 519 17.07 -24.16 -36.09
C LEU D 519 16.67 -25.45 -35.40
N GLY D 520 17.19 -26.59 -35.84
CA GLY D 520 16.99 -27.86 -35.17
C GLY D 520 15.81 -28.68 -35.66
N CYS D 521 15.15 -28.28 -36.73
CA CYS D 521 13.99 -28.99 -37.25
C CYS D 521 14.38 -29.83 -38.47
N LYS D 522 13.41 -30.59 -38.98
CA LYS D 522 13.55 -31.34 -40.22
C LYS D 522 12.88 -30.58 -41.36
N ALA D 523 13.36 -30.81 -42.59
CA ALA D 523 12.84 -30.05 -43.74
C ALA D 523 12.99 -30.85 -45.03
N ILE D 524 11.99 -30.72 -45.89
CA ILE D 524 11.96 -31.39 -47.20
C ILE D 524 11.52 -30.37 -48.23
N ARG D 525 12.31 -30.21 -49.29
CA ARG D 525 11.94 -29.35 -50.40
C ARG D 525 11.40 -30.18 -51.56
N VAL D 526 10.31 -29.69 -52.17
CA VAL D 526 9.64 -30.35 -53.29
C VAL D 526 9.60 -29.38 -54.47
N PHE D 527 10.02 -29.85 -55.65
CA PHE D 527 9.94 -29.11 -56.91
C PHE D 527 8.83 -29.57 -57.85
N LYS D 528 8.41 -30.85 -57.79
CA LYS D 528 7.47 -31.37 -58.77
C LYS D 528 6.19 -31.82 -58.08
N PRO D 529 5.04 -31.69 -58.75
CA PRO D 529 3.77 -31.99 -58.08
C PRO D 529 3.67 -33.42 -57.57
N GLU D 530 4.24 -34.38 -58.29
CA GLU D 530 4.10 -35.78 -57.94
C GLU D 530 4.95 -36.16 -56.73
N ASP D 531 5.88 -35.29 -56.32
CA ASP D 531 6.68 -35.48 -55.12
C ASP D 531 6.04 -34.94 -53.85
N ILE D 532 4.91 -34.22 -53.95
CA ILE D 532 4.30 -33.62 -52.76
C ILE D 532 3.78 -34.71 -51.82
N ALA D 533 2.99 -35.64 -52.35
CA ALA D 533 2.44 -36.71 -51.51
C ALA D 533 3.54 -37.51 -50.81
N PRO D 534 4.59 -37.99 -51.50
CA PRO D 534 5.66 -38.69 -50.78
C PRO D 534 6.31 -37.82 -49.72
N ALA D 535 6.40 -36.51 -49.93
CA ALA D 535 7.00 -35.63 -48.94
C ALA D 535 6.16 -35.56 -47.67
N PHE D 536 4.82 -35.51 -47.80
CA PHE D 536 3.98 -35.53 -46.62
C PHE D 536 4.09 -36.85 -45.87
N GLU D 537 4.22 -37.96 -46.61
CA GLU D 537 4.38 -39.24 -45.94
C GLU D 537 5.69 -39.30 -45.19
N GLN D 538 6.77 -38.85 -45.83
CA GLN D 538 8.05 -38.83 -45.14
C GLN D 538 8.02 -37.87 -43.95
N ALA D 539 7.27 -36.77 -44.09
CA ALA D 539 7.18 -35.81 -42.98
C ALA D 539 6.52 -36.45 -41.76
N LYS D 540 5.48 -37.28 -41.98
CA LYS D 540 4.86 -37.98 -40.87
C LYS D 540 5.85 -38.92 -40.19
N ALA D 541 6.70 -39.59 -40.99
CA ALA D 541 7.65 -40.52 -40.40
C ALA D 541 8.70 -39.80 -39.59
N LEU D 542 9.23 -38.68 -40.10
CA LEU D 542 10.24 -37.92 -39.38
C LEU D 542 9.67 -37.33 -38.10
N MET D 543 8.41 -36.87 -38.14
CA MET D 543 7.84 -36.26 -36.96
C MET D 543 7.67 -37.27 -35.83
N ALA D 544 7.22 -38.49 -36.19
CA ALA D 544 7.01 -39.53 -35.18
C ALA D 544 8.32 -39.92 -34.50
N GLN D 545 9.42 -39.93 -35.27
CA GLN D 545 10.70 -40.35 -34.73
C GLN D 545 11.40 -39.22 -33.98
N TYR D 546 11.46 -38.02 -34.57
CA TYR D 546 12.26 -36.95 -33.99
C TYR D 546 11.46 -36.01 -33.11
N ARG D 547 10.13 -35.94 -33.24
CA ARG D 547 9.33 -35.08 -32.38
C ARG D 547 9.77 -33.61 -32.45
N VAL D 548 10.03 -33.14 -33.66
CA VAL D 548 10.29 -31.71 -33.89
C VAL D 548 9.43 -31.27 -35.07
N PRO D 549 9.26 -29.96 -35.27
CA PRO D 549 8.53 -29.50 -36.46
C PRO D 549 9.22 -30.01 -37.71
N VAL D 550 8.42 -30.34 -38.72
CA VAL D 550 8.92 -30.79 -40.03
C VAL D 550 8.36 -29.84 -41.08
N VAL D 551 9.25 -29.13 -41.78
CA VAL D 551 8.85 -28.19 -42.83
C VAL D 551 8.85 -28.90 -44.17
N VAL D 552 7.74 -28.80 -44.90
CA VAL D 552 7.67 -29.26 -46.28
C VAL D 552 7.54 -28.02 -47.15
N GLU D 553 8.63 -27.60 -47.80
CA GLU D 553 8.62 -26.46 -48.70
C GLU D 553 8.32 -26.91 -50.12
N VAL D 554 7.31 -26.30 -50.74
CA VAL D 554 6.99 -26.54 -52.13
C VAL D 554 7.39 -25.31 -52.92
N ILE D 555 8.25 -25.49 -53.91
CA ILE D 555 8.66 -24.39 -54.77
C ILE D 555 7.54 -24.14 -55.77
N LEU D 556 6.95 -22.94 -55.72
CA LEU D 556 5.84 -22.58 -56.59
C LEU D 556 6.31 -21.78 -57.79
N GLU D 557 5.47 -21.75 -58.83
CA GLU D 557 5.66 -20.75 -59.87
C GLU D 557 5.59 -19.37 -59.21
N ARG D 558 6.34 -18.42 -59.78
CA ARG D 558 6.45 -17.11 -59.15
C ARG D 558 5.11 -16.37 -59.05
N VAL D 559 4.23 -16.53 -60.04
CA VAL D 559 3.03 -15.69 -60.14
C VAL D 559 1.80 -16.55 -60.39
N THR D 560 0.88 -16.56 -59.43
CA THR D 560 -0.45 -17.14 -59.54
C THR D 560 -1.46 -16.13 -59.03
N ASN D 561 -2.47 -15.82 -59.83
CA ASN D 561 -3.51 -14.88 -59.39
C ASN D 561 -4.68 -15.67 -58.82
N ILE D 562 -4.90 -15.56 -57.51
CA ILE D 562 -5.97 -16.27 -56.82
C ILE D 562 -7.29 -15.56 -57.03
N SER D 563 -8.38 -16.33 -57.08
CA SER D 563 -9.69 -15.75 -57.35
C SER D 563 -10.15 -14.85 -56.20
N MET D 564 -10.66 -13.67 -56.54
CA MET D 564 -11.15 -12.72 -55.55
C MET D 564 -11.82 -11.55 -56.28
N GLY D 565 -12.59 -10.77 -55.54
CA GLY D 565 -13.24 -9.61 -56.10
C GLY D 565 -13.66 -8.63 -55.04
N SER D 566 -14.40 -7.60 -55.48
CA SER D 566 -14.94 -6.58 -54.58
C SER D 566 -16.39 -6.82 -54.17
N GLU D 567 -17.11 -7.71 -54.86
CA GLU D 567 -18.50 -8.02 -54.55
C GLU D 567 -18.71 -9.52 -54.70
N LEU D 568 -19.78 -10.01 -54.08
CA LEU D 568 -20.09 -11.44 -54.17
C LEU D 568 -20.37 -11.86 -55.61
N ASP D 569 -21.00 -10.97 -56.39
CA ASP D 569 -21.34 -11.25 -57.78
C ASP D 569 -20.22 -10.86 -58.73
N ASN D 570 -19.03 -10.65 -58.18
CA ASN D 570 -17.94 -9.98 -58.86
C ASN D 570 -16.63 -10.75 -58.85
N VAL D 571 -16.53 -11.85 -58.09
CA VAL D 571 -15.24 -12.49 -57.86
C VAL D 571 -14.66 -12.94 -59.19
N MET D 572 -13.38 -12.62 -59.41
CA MET D 572 -12.71 -12.85 -60.69
C MET D 572 -11.97 -14.19 -60.65
N GLU D 573 -12.15 -14.98 -61.70
CA GLU D 573 -11.50 -16.29 -61.85
C GLU D 573 -10.35 -16.13 -62.85
N PHE D 574 -9.15 -15.90 -62.33
CA PHE D 574 -7.97 -15.82 -63.20
C PHE D 574 -7.50 -17.21 -63.62
N GLU D 575 -7.30 -18.09 -62.63
CA GLU D 575 -6.93 -19.47 -62.89
C GLU D 575 -8.14 -20.25 -63.39
N ASP D 576 -7.86 -21.42 -63.97
CA ASP D 576 -8.91 -22.24 -64.56
C ASP D 576 -9.95 -22.64 -63.52
N ILE D 577 -11.22 -22.47 -63.88
CA ILE D 577 -12.33 -23.00 -63.08
C ILE D 577 -12.42 -24.49 -63.38
N ALA D 578 -13.41 -25.16 -62.79
CA ALA D 578 -13.58 -26.59 -62.96
C ALA D 578 -15.04 -26.94 -62.72
N ASP D 579 -15.49 -28.05 -63.33
CA ASP D 579 -16.87 -28.48 -63.14
C ASP D 579 -17.00 -29.97 -62.89
N ASN D 580 -15.92 -30.66 -62.50
CA ASN D 580 -15.95 -32.11 -62.35
C ASN D 580 -14.75 -32.54 -61.51
N ALA D 581 -14.86 -33.75 -60.97
CA ALA D 581 -13.89 -34.25 -60.00
C ALA D 581 -12.49 -34.50 -60.59
N ALA D 582 -12.38 -34.70 -61.91
CA ALA D 582 -11.06 -34.92 -62.48
C ALA D 582 -10.18 -33.67 -62.38
N ASP D 583 -10.79 -32.48 -62.43
CA ASP D 583 -10.02 -31.24 -62.24
C ASP D 583 -9.95 -30.79 -60.79
N ALA D 584 -10.95 -31.12 -59.97
CA ALA D 584 -11.02 -30.73 -58.55
C ALA D 584 -11.38 -31.97 -57.73
N PRO D 585 -10.46 -32.92 -57.60
CA PRO D 585 -10.82 -34.24 -57.03
C PRO D 585 -11.13 -34.26 -55.55
N THR D 586 -10.74 -33.25 -54.76
CA THR D 586 -10.87 -33.38 -53.31
C THR D 586 -12.07 -32.64 -52.71
N GLU D 587 -13.01 -32.18 -53.53
CA GLU D 587 -14.29 -31.76 -52.97
C GLU D 587 -14.91 -32.93 -52.21
N THR D 588 -15.59 -32.62 -51.10
CA THR D 588 -16.08 -33.66 -50.22
C THR D 588 -17.13 -34.52 -50.91
N CYS D 589 -17.82 -33.98 -51.91
CA CYS D 589 -18.74 -34.79 -52.69
C CYS D 589 -18.02 -35.88 -53.46
N PHE D 590 -16.73 -35.65 -53.77
CA PHE D 590 -15.97 -36.48 -54.68
C PHE D 590 -15.08 -37.52 -54.00
N MET D 591 -14.79 -37.37 -52.70
CA MET D 591 -13.95 -38.35 -52.02
C MET D 591 -14.38 -38.47 -50.57
N HIS D 592 -14.15 -39.65 -50.00
CA HIS D 592 -14.43 -39.89 -48.60
C HIS D 592 -13.25 -39.43 -47.76
N TYR D 593 -13.53 -38.68 -46.70
CA TYR D 593 -12.48 -38.18 -45.81
C TYR D 593 -12.39 -39.12 -44.60
N GLU D 594 -11.27 -39.83 -44.51
CA GLU D 594 -11.00 -40.88 -43.51
C GLU D 594 -11.98 -42.04 -43.64
N GLY E 1 18.62 35.79 -4.67
CA GLY E 1 19.59 34.71 -4.88
C GLY E 1 19.04 33.34 -4.58
N MET E 2 19.89 32.32 -4.71
CA MET E 2 19.49 30.95 -4.43
C MET E 2 19.08 30.81 -2.96
N ALA E 3 17.94 30.15 -2.72
CA ALA E 3 17.42 30.02 -1.37
C ALA E 3 16.42 28.88 -1.32
N LYS E 4 16.35 28.23 -0.16
CA LYS E 4 15.32 27.23 0.10
C LYS E 4 13.96 27.88 0.24
N MET E 5 12.94 27.27 -0.37
CA MET E 5 11.57 27.77 -0.33
C MET E 5 10.65 26.65 -0.77
N ARG E 6 9.36 26.82 -0.51
CA ARG E 6 8.43 25.82 -0.99
C ARG E 6 8.32 25.91 -2.51
N ALA E 7 7.96 24.79 -3.14
CA ALA E 7 7.75 24.82 -4.58
C ALA E 7 6.70 25.86 -4.98
N VAL E 8 5.67 26.07 -4.13
CA VAL E 8 4.67 27.10 -4.45
C VAL E 8 5.26 28.50 -4.31
N ASP E 9 6.24 28.71 -3.40
CA ASP E 9 6.90 30.02 -3.36
C ASP E 9 7.69 30.27 -4.63
N ALA E 10 8.35 29.23 -5.15
CA ALA E 10 9.05 29.38 -6.42
C ALA E 10 8.07 29.65 -7.55
N ALA E 11 6.89 29.01 -7.49
CA ALA E 11 5.87 29.25 -8.51
C ALA E 11 5.44 30.72 -8.52
N MET E 12 5.36 31.34 -7.34
CA MET E 12 4.96 32.76 -7.31
C MET E 12 5.99 33.63 -8.01
N TYR E 13 7.29 33.32 -7.84
CA TYR E 13 8.31 34.07 -8.57
C TYR E 13 8.20 33.84 -10.06
N VAL E 14 7.89 32.61 -10.48
CA VAL E 14 7.76 32.33 -11.90
C VAL E 14 6.58 33.10 -12.48
N LEU E 15 5.43 33.09 -11.78
CA LEU E 15 4.27 33.81 -12.29
C LEU E 15 4.58 35.29 -12.41
N GLU E 16 5.27 35.86 -11.41
CA GLU E 16 5.64 37.26 -11.49
C GLU E 16 6.53 37.53 -12.70
N LYS E 17 7.55 36.69 -12.91
CA LYS E 17 8.47 36.92 -14.04
C LYS E 17 7.76 36.74 -15.37
N GLU E 18 6.70 35.95 -15.40
CA GLU E 18 5.91 35.73 -16.60
C GLU E 18 4.81 36.77 -16.79
N GLY E 19 4.76 37.80 -15.92
CA GLY E 19 3.85 38.91 -16.07
C GLY E 19 2.50 38.81 -15.37
N ILE E 20 2.24 37.72 -14.63
CA ILE E 20 0.95 37.59 -13.95
C ILE E 20 0.83 38.64 -12.86
N THR E 21 -0.33 39.31 -12.81
CA THR E 21 -0.65 40.24 -11.75
C THR E 21 -2.03 39.98 -11.14
N THR E 22 -2.80 39.04 -11.71
CA THR E 22 -4.19 38.83 -11.36
C THR E 22 -4.48 37.34 -11.41
N ALA E 23 -5.35 36.91 -10.52
CA ALA E 23 -5.82 35.53 -10.52
C ALA E 23 -7.27 35.54 -10.09
N PHE E 24 -8.04 34.62 -10.67
CA PHE E 24 -9.43 34.38 -10.30
C PHE E 24 -9.56 32.96 -9.79
N GLY E 25 -10.27 32.75 -8.69
CA GLY E 25 -10.30 31.40 -8.17
C GLY E 25 -11.21 31.24 -6.98
N VAL E 26 -11.17 30.01 -6.46
CA VAL E 26 -11.89 29.54 -5.30
C VAL E 26 -10.91 28.67 -4.51
N PRO E 27 -10.48 29.07 -3.31
CA PRO E 27 -9.58 28.24 -2.52
C PRO E 27 -10.25 26.98 -2.00
N GLY E 28 -9.41 25.98 -1.71
CA GLY E 28 -9.85 24.77 -1.04
C GLY E 28 -8.65 24.17 -0.32
N ALA E 29 -8.91 23.09 0.41
CA ALA E 29 -7.86 22.54 1.27
C ALA E 29 -6.65 22.10 0.45
N ALA E 30 -6.88 21.49 -0.72
CA ALA E 30 -5.76 20.92 -1.48
C ALA E 30 -4.90 21.99 -2.13
N ILE E 31 -5.42 23.20 -2.32
CA ILE E 31 -4.68 24.28 -2.96
C ILE E 31 -4.30 25.36 -1.96
N ASN E 32 -4.54 25.13 -0.67
CA ASN E 32 -4.16 26.12 0.34
C ASN E 32 -2.68 26.48 0.29
N PRO E 33 -1.74 25.54 0.14
CA PRO E 33 -0.32 25.96 0.10
C PRO E 33 -0.03 26.98 -0.99
N PHE E 34 -0.68 26.83 -2.15
CA PHE E 34 -0.52 27.83 -3.20
C PHE E 34 -1.05 29.18 -2.75
N TYR E 35 -2.22 29.21 -2.11
CA TYR E 35 -2.77 30.47 -1.64
C TYR E 35 -1.87 31.09 -0.57
N SER E 36 -1.29 30.24 0.29
CA SER E 36 -0.35 30.73 1.29
C SER E 36 0.86 31.40 0.64
N ALA E 37 1.36 30.81 -0.45
CA ALA E 37 2.50 31.41 -1.15
C ALA E 37 2.10 32.70 -1.85
N MET E 38 0.89 32.75 -2.40
CA MET E 38 0.41 33.95 -3.07
C MET E 38 0.22 35.10 -2.08
N ARG E 39 -0.30 34.80 -0.88
CA ARG E 39 -0.42 35.84 0.13
C ARG E 39 0.95 36.33 0.58
N LYS E 40 1.88 35.40 0.79
CA LYS E 40 3.21 35.79 1.25
C LYS E 40 3.93 36.63 0.20
N HIS E 41 3.72 36.29 -1.08
CA HIS E 41 4.44 36.97 -2.14
C HIS E 41 3.90 38.38 -2.37
N GLY E 42 2.58 38.56 -2.31
CA GLY E 42 1.99 39.82 -2.67
C GLY E 42 2.19 40.09 -4.15
N GLY E 43 1.47 41.01 -4.73
CA GLY E 43 1.67 41.28 -6.13
C GLY E 43 0.78 40.53 -7.09
N ILE E 44 0.05 39.50 -6.65
CA ILE E 44 -1.06 38.98 -7.44
C ILE E 44 -2.36 39.40 -6.74
N ARG E 45 -3.19 40.15 -7.45
CA ARG E 45 -4.53 40.45 -6.97
C ARG E 45 -5.45 39.27 -7.27
N HIS E 46 -6.03 38.67 -6.22
CA HIS E 46 -6.93 37.53 -6.37
C HIS E 46 -8.38 38.00 -6.25
N ILE E 47 -9.22 37.58 -7.20
CA ILE E 47 -10.65 37.83 -7.15
C ILE E 47 -11.35 36.51 -6.81
N LEU E 48 -12.08 36.50 -5.70
CA LEU E 48 -12.85 35.33 -5.31
C LEU E 48 -14.13 35.26 -6.13
N ALA E 49 -14.31 34.18 -6.87
CA ALA E 49 -15.53 33.96 -7.64
C ALA E 49 -16.55 33.22 -6.79
N ARG E 50 -17.81 33.21 -7.24
CA ARG E 50 -18.86 32.48 -6.55
C ARG E 50 -19.34 31.27 -7.35
N HIS E 51 -18.54 30.82 -8.31
CA HIS E 51 -18.62 29.51 -8.94
C HIS E 51 -17.24 29.26 -9.53
N VAL E 52 -16.75 28.03 -9.45
CA VAL E 52 -15.45 27.81 -10.07
C VAL E 52 -15.52 28.05 -11.57
N GLU E 53 -16.67 27.73 -12.20
CA GLU E 53 -16.84 28.07 -13.60
C GLU E 53 -16.78 29.59 -13.80
N GLY E 54 -17.25 30.36 -12.82
CA GLY E 54 -17.12 31.81 -12.94
C GLY E 54 -15.67 32.25 -12.97
N ALA E 55 -14.85 31.67 -12.10
CA ALA E 55 -13.44 32.03 -12.09
C ALA E 55 -12.80 31.71 -13.44
N SER E 56 -13.16 30.58 -14.03
CA SER E 56 -12.51 30.16 -15.27
C SER E 56 -12.90 31.06 -16.44
N HIS E 57 -14.15 31.53 -16.49
CA HIS E 57 -14.50 32.47 -17.55
C HIS E 57 -14.04 33.89 -17.26
N MET E 58 -13.86 34.26 -16.00
CA MET E 58 -13.18 35.53 -15.73
C MET E 58 -11.76 35.49 -16.28
N ALA E 59 -11.11 34.32 -16.21
CA ALA E 59 -9.76 34.22 -16.75
C ALA E 59 -9.77 34.37 -18.26
N GLU E 60 -10.75 33.75 -18.92
CA GLU E 60 -10.89 33.95 -20.36
C GLU E 60 -11.10 35.41 -20.72
N GLY E 61 -11.96 36.11 -19.98
CA GLY E 61 -12.21 37.51 -20.31
C GLY E 61 -10.97 38.35 -20.11
N TYR E 62 -10.19 38.05 -19.07
CA TYR E 62 -8.95 38.77 -18.80
C TYR E 62 -7.93 38.54 -19.91
N THR E 63 -7.81 37.31 -20.41
CA THR E 63 -6.92 37.07 -21.54
C THR E 63 -7.36 37.88 -22.76
N ARG E 64 -8.65 37.83 -23.10
CA ARG E 64 -9.13 38.42 -24.34
C ARG E 64 -9.10 39.94 -24.32
N ALA E 65 -9.07 40.57 -23.14
CA ALA E 65 -9.16 42.04 -23.04
C ALA E 65 -7.95 42.74 -23.67
N THR E 66 -6.75 42.15 -23.59
CA THR E 66 -5.51 42.86 -23.93
C THR E 66 -4.43 41.90 -24.41
N ALA E 67 -3.64 42.35 -25.40
CA ALA E 67 -2.86 41.43 -26.23
C ALA E 67 -1.90 40.57 -25.42
N GLY E 68 -1.27 41.11 -24.38
CA GLY E 68 -0.39 40.15 -23.72
C GLY E 68 -0.96 39.31 -22.57
N ASN E 69 -2.24 39.44 -22.25
CA ASN E 69 -2.76 38.91 -21.01
C ASN E 69 -2.88 37.39 -21.03
N ILE E 70 -2.70 36.79 -19.84
CA ILE E 70 -3.03 35.39 -19.62
C ILE E 70 -3.80 35.32 -18.30
N GLY E 71 -5.11 35.13 -18.39
CA GLY E 71 -5.92 34.98 -17.19
C GLY E 71 -5.59 33.68 -16.48
N VAL E 72 -5.63 33.73 -15.15
CA VAL E 72 -5.24 32.62 -14.28
C VAL E 72 -6.46 32.24 -13.44
N CYS E 73 -6.83 30.97 -13.51
CA CYS E 73 -7.92 30.38 -12.74
C CYS E 73 -7.33 29.40 -11.73
N LEU E 74 -7.69 29.55 -10.44
CA LEU E 74 -7.22 28.64 -9.40
C LEU E 74 -8.38 27.88 -8.78
N GLY E 75 -8.13 26.62 -8.43
CA GLY E 75 -9.14 25.84 -7.73
C GLY E 75 -8.53 24.69 -6.97
N THR E 76 -9.35 24.08 -6.12
CA THR E 76 -8.90 22.95 -5.31
C THR E 76 -8.94 21.67 -6.14
N SER E 77 -8.91 20.51 -5.48
CA SER E 77 -8.90 19.24 -6.18
C SER E 77 -10.31 18.84 -6.60
N GLY E 78 -10.43 17.65 -7.18
CA GLY E 78 -11.74 17.07 -7.39
C GLY E 78 -12.64 17.92 -8.26
N PRO E 79 -13.82 18.26 -7.76
CA PRO E 79 -14.83 18.94 -8.60
C PRO E 79 -14.38 20.30 -9.14
N ALA E 80 -13.46 20.99 -8.48
CA ALA E 80 -13.03 22.28 -9.02
C ALA E 80 -12.39 22.12 -10.39
N GLY E 81 -11.56 21.09 -10.57
CA GLY E 81 -10.99 20.87 -11.90
C GLY E 81 -12.06 20.57 -12.94
N THR E 82 -13.01 19.70 -12.59
CA THR E 82 -14.04 19.34 -13.56
C THR E 82 -14.95 20.53 -13.87
N ASP E 83 -15.06 21.49 -12.96
CA ASP E 83 -15.77 22.73 -13.21
C ASP E 83 -15.01 23.66 -14.15
N MET E 84 -13.74 23.39 -14.44
CA MET E 84 -12.95 24.24 -15.33
C MET E 84 -12.96 23.77 -16.78
N ILE E 85 -13.51 22.58 -17.05
CA ILE E 85 -13.40 21.97 -18.37
C ILE E 85 -14.11 22.82 -19.42
N THR E 86 -15.26 23.39 -19.07
CA THR E 86 -15.98 24.19 -20.07
C THR E 86 -15.14 25.40 -20.51
N ALA E 87 -14.41 26.04 -19.58
CA ALA E 87 -13.58 27.18 -19.97
C ALA E 87 -12.38 26.74 -20.79
N LEU E 88 -11.76 25.61 -20.41
CA LEU E 88 -10.64 25.11 -21.21
C LEU E 88 -11.08 24.82 -22.63
N TYR E 89 -12.27 24.25 -22.79
CA TYR E 89 -12.79 23.99 -24.12
C TYR E 89 -13.06 25.31 -24.85
N SER E 90 -13.68 26.27 -24.17
CA SER E 90 -13.98 27.56 -24.80
C SER E 90 -12.71 28.28 -25.21
N ALA E 91 -11.71 28.35 -24.31
CA ALA E 91 -10.47 29.06 -24.66
C ALA E 91 -9.72 28.33 -25.77
N SER E 92 -9.61 27.00 -25.63
CA SER E 92 -9.01 26.18 -26.66
C SER E 92 -9.68 26.39 -28.00
N ALA E 93 -11.02 26.41 -28.01
CA ALA E 93 -11.75 26.48 -29.27
C ALA E 93 -11.51 27.80 -30.00
N ASP E 94 -11.27 28.89 -29.25
CA ASP E 94 -11.00 30.20 -29.85
C ASP E 94 -9.51 30.49 -30.00
N SER E 95 -8.62 29.53 -29.70
CA SER E 95 -7.18 29.72 -29.81
C SER E 95 -6.66 30.80 -28.86
N ILE E 96 -7.17 30.81 -27.63
CA ILE E 96 -6.64 31.77 -26.66
C ILE E 96 -6.25 31.02 -25.40
N PRO E 97 -5.29 31.54 -24.62
CA PRO E 97 -4.85 30.84 -23.41
C PRO E 97 -5.51 31.29 -22.12
N ILE E 98 -5.70 30.34 -21.20
CA ILE E 98 -5.82 30.62 -19.78
C ILE E 98 -4.93 29.61 -19.08
N LEU E 99 -4.50 29.96 -17.88
CA LEU E 99 -3.70 29.03 -17.06
C LEU E 99 -4.57 28.59 -15.90
N CYS E 100 -4.94 27.32 -15.90
CA CYS E 100 -5.67 26.72 -14.79
C CYS E 100 -4.69 26.02 -13.87
N ILE E 101 -4.81 26.29 -12.57
CA ILE E 101 -3.98 25.67 -11.55
C ILE E 101 -4.91 25.04 -10.53
N THR E 102 -4.64 23.80 -10.20
CA THR E 102 -5.59 22.96 -9.49
C THR E 102 -4.83 22.20 -8.41
N GLY E 103 -5.39 22.13 -7.20
CA GLY E 103 -4.80 21.32 -6.17
C GLY E 103 -5.05 19.83 -6.42
N GLN E 104 -4.30 18.99 -5.71
CA GLN E 104 -4.41 17.55 -5.94
C GLN E 104 -4.02 16.81 -4.67
N ALA E 105 -4.40 15.54 -4.61
CA ALA E 105 -3.98 14.66 -3.54
C ALA E 105 -2.47 14.42 -3.63
N PRO E 106 -1.85 14.05 -2.51
CA PRO E 106 -0.40 13.78 -2.52
C PRO E 106 -0.07 12.64 -3.48
N ARG E 107 1.15 12.67 -4.05
CA ARG E 107 1.47 11.69 -5.08
C ARG E 107 1.26 10.26 -4.59
N ALA E 108 1.53 10.00 -3.31
CA ALA E 108 1.43 8.63 -2.81
C ALA E 108 -0.01 8.12 -2.85
N ARG E 109 -0.99 9.02 -2.78
CA ARG E 109 -2.39 8.63 -2.69
C ARG E 109 -3.14 8.77 -4.02
N LEU E 110 -2.44 8.95 -5.14
CA LEU E 110 -3.12 9.28 -6.39
C LEU E 110 -3.99 8.15 -6.92
N HIS E 111 -3.69 6.90 -6.57
CA HIS E 111 -4.51 5.80 -7.07
C HIS E 111 -5.30 5.10 -5.97
N LYS E 112 -5.21 5.58 -4.74
CA LYS E 112 -6.28 5.38 -3.78
C LYS E 112 -7.49 6.17 -4.23
N GLU E 113 -8.61 5.98 -3.55
CA GLU E 113 -9.77 6.82 -3.82
C GLU E 113 -9.82 7.98 -2.83
N ASP E 114 -8.77 8.80 -2.86
CA ASP E 114 -8.67 9.88 -1.90
C ASP E 114 -9.84 10.84 -2.05
N PHE E 115 -10.20 11.48 -0.94
CA PHE E 115 -11.34 12.39 -0.95
C PHE E 115 -11.13 13.47 -2.01
N GLN E 116 -12.16 13.72 -2.82
CA GLN E 116 -12.10 14.77 -3.83
C GLN E 116 -10.82 14.69 -4.68
N ALA E 117 -10.42 13.48 -5.07
CA ALA E 117 -9.30 13.31 -5.98
C ALA E 117 -9.80 12.71 -7.29
N VAL E 118 -9.41 13.31 -8.42
CA VAL E 118 -9.89 12.91 -9.73
C VAL E 118 -8.74 13.00 -10.73
N ASP E 119 -8.85 12.24 -11.82
CA ASP E 119 -7.80 12.23 -12.85
C ASP E 119 -8.02 13.39 -13.82
N ILE E 120 -7.77 14.60 -13.32
CA ILE E 120 -8.03 15.79 -14.13
C ILE E 120 -7.09 15.86 -15.32
N GLU E 121 -5.91 15.23 -15.21
CA GLU E 121 -4.98 15.19 -16.33
C GLU E 121 -5.60 14.54 -17.56
N ALA E 122 -6.31 13.41 -17.37
CA ALA E 122 -6.94 12.72 -18.48
C ALA E 122 -8.19 13.45 -18.96
N ILE E 123 -8.98 14.00 -18.04
CA ILE E 123 -10.21 14.68 -18.43
C ILE E 123 -9.92 15.91 -19.26
N ALA E 124 -8.84 16.64 -18.92
CA ALA E 124 -8.54 17.93 -19.54
C ALA E 124 -7.66 17.82 -20.77
N LYS E 125 -7.05 16.67 -21.02
CA LYS E 125 -6.18 16.52 -22.17
C LYS E 125 -6.86 16.89 -23.49
N PRO E 126 -8.10 16.46 -23.75
CA PRO E 126 -8.74 16.80 -25.03
C PRO E 126 -8.93 18.31 -25.24
N VAL E 127 -9.03 19.11 -24.18
CA VAL E 127 -9.30 20.53 -24.36
C VAL E 127 -8.15 21.40 -23.86
N SER E 128 -6.91 20.96 -24.02
CA SER E 128 -5.80 21.80 -23.61
C SER E 128 -4.54 21.49 -24.41
N LYS E 129 -3.65 22.49 -24.52
CA LYS E 129 -2.32 22.27 -25.10
C LYS E 129 -1.44 21.44 -24.19
N MET E 130 -1.65 21.52 -22.88
CA MET E 130 -0.92 20.69 -21.92
C MET E 130 -1.77 20.59 -20.66
N ALA E 131 -1.88 19.38 -20.12
CA ALA E 131 -2.53 19.14 -18.84
C ALA E 131 -1.67 18.13 -18.10
N VAL E 132 -1.05 18.56 -17.00
CA VAL E 132 -0.03 17.74 -16.35
C VAL E 132 -0.20 17.80 -14.84
N THR E 133 -0.18 16.62 -14.21
CA THR E 133 0.06 16.49 -12.78
C THR E 133 1.56 16.56 -12.54
N VAL E 134 2.01 17.53 -11.76
CA VAL E 134 3.44 17.70 -11.49
C VAL E 134 3.87 16.67 -10.45
N ARG E 135 4.90 15.88 -10.79
CA ARG E 135 5.34 14.75 -9.98
C ARG E 135 6.51 15.04 -9.04
N GLU E 136 7.24 16.15 -9.24
CA GLU E 136 8.34 16.51 -8.35
C GLU E 136 8.28 17.99 -8.04
N ALA E 137 8.61 18.34 -6.79
CA ALA E 137 8.53 19.73 -6.38
C ALA E 137 9.47 20.60 -7.22
N ALA E 138 10.64 20.09 -7.57
CA ALA E 138 11.57 20.90 -8.36
C ALA E 138 11.07 21.15 -9.78
N LEU E 139 10.16 20.31 -10.29
CA LEU E 139 9.59 20.51 -11.62
C LEU E 139 8.52 21.61 -11.68
N VAL E 140 8.00 22.06 -10.53
CA VAL E 140 6.91 23.03 -10.56
C VAL E 140 7.31 24.27 -11.35
N PRO E 141 8.43 24.95 -11.08
CA PRO E 141 8.84 26.06 -11.93
C PRO E 141 9.05 25.70 -13.39
N ARG E 142 9.53 24.48 -13.69
CA ARG E 142 9.78 24.11 -15.08
C ARG E 142 8.48 23.83 -15.83
N VAL E 143 7.50 23.20 -15.18
CA VAL E 143 6.21 23.00 -15.84
C VAL E 143 5.56 24.34 -16.15
N LEU E 144 5.58 25.27 -15.19
CA LEU E 144 5.05 26.60 -15.44
C LEU E 144 5.81 27.30 -16.56
N GLN E 145 7.13 27.09 -16.61
CA GLN E 145 7.95 27.69 -17.66
C GLN E 145 7.56 27.16 -19.03
N GLN E 146 7.39 25.84 -19.14
CA GLN E 146 6.90 25.26 -20.39
C GLN E 146 5.48 25.70 -20.68
N ALA E 147 4.64 25.84 -19.65
CA ALA E 147 3.25 26.21 -19.88
C ALA E 147 3.15 27.57 -20.56
N PHE E 148 3.96 28.53 -20.11
CA PHE E 148 3.90 29.86 -20.68
C PHE E 148 4.40 29.86 -22.12
N HIS E 149 5.39 29.02 -22.44
CA HIS E 149 5.83 28.94 -23.83
C HIS E 149 4.72 28.40 -24.72
N LEU E 150 3.98 27.38 -24.24
CA LEU E 150 2.90 26.79 -25.02
C LEU E 150 1.72 27.74 -25.18
N MET E 151 1.38 28.48 -24.12
CA MET E 151 0.25 29.40 -24.20
C MET E 151 0.51 30.53 -25.20
N ARG E 152 1.79 30.92 -25.40
CA ARG E 152 2.10 32.01 -26.32
C ARG E 152 2.49 31.57 -27.72
N SER E 153 2.90 30.31 -27.91
CA SER E 153 3.53 29.85 -29.14
C SER E 153 2.53 29.22 -30.10
N GLY E 154 2.89 29.22 -31.38
CA GLY E 154 2.08 28.52 -32.36
C GLY E 154 0.65 28.98 -32.31
N ARG E 155 -0.28 28.07 -32.50
CA ARG E 155 -1.67 28.37 -32.22
C ARG E 155 -1.86 28.40 -30.71
N PRO E 156 -2.26 29.52 -30.12
CA PRO E 156 -2.37 29.59 -28.66
C PRO E 156 -3.48 28.69 -28.13
N GLY E 157 -3.31 28.24 -26.88
CA GLY E 157 -4.29 27.45 -26.18
C GLY E 157 -4.02 27.37 -24.69
N PRO E 158 -4.97 26.86 -23.93
CA PRO E 158 -4.86 26.83 -22.48
C PRO E 158 -4.06 25.65 -21.95
N VAL E 159 -3.68 25.76 -20.68
CA VAL E 159 -2.90 24.75 -19.97
C VAL E 159 -3.52 24.57 -18.58
N LEU E 160 -3.54 23.33 -18.11
CA LEU E 160 -3.93 23.02 -16.74
C LEU E 160 -2.75 22.39 -16.01
N VAL E 161 -2.38 22.97 -14.88
CA VAL E 161 -1.32 22.45 -14.02
C VAL E 161 -1.97 21.96 -12.72
N ASP E 162 -1.75 20.68 -12.43
CA ASP E 162 -2.37 19.98 -11.31
C ASP E 162 -1.27 19.68 -10.28
N LEU E 163 -1.46 20.14 -9.04
CA LEU E 163 -0.39 20.20 -8.06
C LEU E 163 -0.67 19.33 -6.84
N PRO E 164 -0.03 18.18 -6.70
CA PRO E 164 -0.23 17.37 -5.50
C PRO E 164 0.17 18.15 -4.25
N PHE E 165 -0.62 17.98 -3.20
CA PHE E 165 -0.41 18.79 -1.99
C PHE E 165 1.02 18.68 -1.48
N ASP E 166 1.60 17.47 -1.50
CA ASP E 166 2.96 17.32 -1.00
C ASP E 166 3.98 17.94 -1.95
N VAL E 167 3.71 17.93 -3.25
CA VAL E 167 4.61 18.62 -4.17
C VAL E 167 4.58 20.13 -3.92
N GLN E 168 3.43 20.67 -3.49
CA GLN E 168 3.36 22.11 -3.28
C GLN E 168 4.25 22.55 -2.12
N VAL E 169 4.15 21.85 -0.99
CA VAL E 169 4.82 22.27 0.24
C VAL E 169 6.27 21.81 0.35
N ALA E 170 6.72 20.92 -0.54
CA ALA E 170 8.09 20.41 -0.47
C ALA E 170 9.12 21.51 -0.75
N GLU E 171 10.20 21.50 0.02
CA GLU E 171 11.29 22.46 -0.18
C GLU E 171 12.07 22.18 -1.45
N ILE E 172 12.43 23.25 -2.16
CA ILE E 172 13.39 23.21 -3.26
C ILE E 172 14.30 24.42 -3.15
N GLU E 173 15.41 24.39 -3.87
CA GLU E 173 16.31 25.52 -3.96
C GLU E 173 16.04 26.27 -5.26
N PHE E 174 15.83 27.58 -5.17
CA PHE E 174 15.38 28.35 -6.32
C PHE E 174 15.99 29.74 -6.29
N ASP E 175 16.35 30.23 -7.48
CA ASP E 175 16.96 31.55 -7.62
C ASP E 175 16.09 32.38 -8.57
N PRO E 176 15.20 33.22 -8.04
CA PRO E 176 14.33 34.01 -8.94
C PRO E 176 15.11 34.89 -9.90
N ASP E 177 16.27 35.40 -9.50
CA ASP E 177 17.06 36.26 -10.36
C ASP E 177 17.61 35.51 -11.58
N MET E 178 17.74 34.19 -11.51
CA MET E 178 18.21 33.41 -12.64
C MET E 178 17.10 32.90 -13.55
N TYR E 179 15.82 33.11 -13.21
CA TYR E 179 14.74 32.58 -14.02
C TYR E 179 14.49 33.44 -15.27
N GLU E 180 14.34 32.78 -16.41
CA GLU E 180 14.00 33.50 -17.62
C GLU E 180 12.89 32.78 -18.40
N PRO E 181 11.92 33.53 -18.92
CA PRO E 181 10.91 32.94 -19.80
C PRO E 181 11.56 32.38 -21.06
N LEU E 182 10.98 31.29 -21.56
CA LEU E 182 11.42 30.68 -22.81
C LEU E 182 11.07 31.55 -24.02
N PRO E 183 11.80 31.40 -25.11
CA PRO E 183 11.42 32.10 -26.35
C PRO E 183 10.07 31.61 -26.84
N VAL E 184 9.34 32.50 -27.49
CA VAL E 184 8.05 32.16 -28.09
C VAL E 184 8.28 31.72 -29.52
N TYR E 185 7.68 30.60 -29.91
CA TYR E 185 7.79 30.09 -31.28
C TYR E 185 6.65 30.64 -32.11
N LYS E 186 6.98 31.31 -33.22
CA LYS E 186 6.02 31.74 -34.21
C LYS E 186 6.62 31.62 -35.60
N PRO E 187 6.10 30.75 -36.47
CA PRO E 187 6.59 30.71 -37.84
C PRO E 187 6.22 31.98 -38.58
N ALA E 188 6.99 32.29 -39.62
CA ALA E 188 6.85 33.52 -40.38
C ALA E 188 6.90 33.24 -41.88
N ALA E 189 6.07 33.94 -42.63
CA ALA E 189 6.05 33.75 -44.07
C ALA E 189 7.33 34.27 -44.70
N SER E 190 7.85 33.54 -45.68
CA SER E 190 8.93 34.02 -46.52
C SER E 190 8.43 35.09 -47.49
N ARG E 191 9.36 35.93 -47.95
CA ARG E 191 9.02 36.87 -49.02
C ARG E 191 8.53 36.15 -50.27
N MET E 192 9.00 34.92 -50.53
CA MET E 192 8.50 34.20 -51.69
C MET E 192 7.00 33.92 -51.56
N GLN E 193 6.53 33.65 -50.33
CA GLN E 193 5.11 33.37 -50.12
C GLN E 193 4.28 34.64 -50.27
N ILE E 194 4.72 35.75 -49.65
CA ILE E 194 3.94 36.98 -49.65
C ILE E 194 3.85 37.57 -51.04
N GLU E 195 4.93 37.46 -51.83
CA GLU E 195 4.90 37.98 -53.20
C GLU E 195 3.93 37.19 -54.08
N LYS E 196 3.88 35.86 -53.93
CA LYS E 196 2.90 35.10 -54.70
C LYS E 196 1.48 35.49 -54.29
N ALA E 197 1.27 35.79 -53.02
CA ALA E 197 -0.07 36.14 -52.57
C ALA E 197 -0.49 37.50 -53.09
N VAL E 198 0.43 38.47 -53.05
CA VAL E 198 0.12 39.80 -53.57
C VAL E 198 -0.04 39.77 -55.09
N GLU E 199 0.66 38.85 -55.78
CA GLU E 199 0.43 38.70 -57.22
C GLU E 199 -0.99 38.21 -57.51
N MET E 200 -1.47 37.25 -56.72
CA MET E 200 -2.84 36.79 -56.90
C MET E 200 -3.85 37.88 -56.58
N LEU E 201 -3.54 38.74 -55.61
CA LEU E 201 -4.47 39.80 -55.22
C LEU E 201 -4.62 40.85 -56.31
N ILE E 202 -3.51 41.24 -56.95
CA ILE E 202 -3.61 42.23 -58.03
C ILE E 202 -4.27 41.62 -59.27
N GLN E 203 -4.15 40.29 -59.46
CA GLN E 203 -4.85 39.63 -60.55
C GLN E 203 -6.37 39.66 -60.36
N ALA E 204 -6.84 39.69 -59.11
CA ALA E 204 -8.27 39.65 -58.86
C ALA E 204 -8.93 40.97 -59.23
N GLU E 205 -10.14 40.88 -59.78
CA GLU E 205 -10.92 42.06 -60.09
C GLU E 205 -11.77 42.54 -58.92
N ARG E 206 -12.27 41.63 -58.07
CA ARG E 206 -13.14 41.99 -56.95
C ARG E 206 -12.70 41.24 -55.69
N PRO E 207 -11.49 41.51 -55.20
CA PRO E 207 -11.00 40.84 -54.00
C PRO E 207 -11.69 41.32 -52.73
N VAL E 208 -11.75 40.45 -51.73
CA VAL E 208 -12.04 40.86 -50.36
C VAL E 208 -11.01 40.21 -49.45
N ILE E 209 -10.66 40.92 -48.40
CA ILE E 209 -9.87 40.37 -47.30
C ILE E 209 -10.82 39.91 -46.21
N VAL E 210 -10.66 38.68 -45.75
CA VAL E 210 -11.37 38.19 -44.57
C VAL E 210 -10.36 38.15 -43.44
N ALA E 211 -10.53 39.05 -42.47
CA ALA E 211 -9.62 39.22 -41.33
C ALA E 211 -10.18 38.45 -40.12
N GLY E 212 -9.48 37.39 -39.71
CA GLY E 212 -9.93 36.53 -38.64
C GLY E 212 -9.35 36.90 -37.27
N GLY E 213 -9.69 36.08 -36.28
CA GLY E 213 -9.20 36.29 -34.93
C GLY E 213 -7.69 36.16 -34.80
N GLY E 214 -7.04 35.48 -35.75
CA GLY E 214 -5.59 35.42 -35.70
C GLY E 214 -4.93 36.77 -35.89
N VAL E 215 -5.59 37.70 -36.60
CA VAL E 215 -5.05 39.05 -36.71
C VAL E 215 -5.00 39.71 -35.34
N ILE E 216 -6.06 39.54 -34.55
CA ILE E 216 -6.13 40.15 -33.23
C ILE E 216 -5.26 39.36 -32.26
N ASN E 217 -5.22 38.04 -32.43
CA ASN E 217 -4.35 37.20 -31.63
C ASN E 217 -2.90 37.65 -31.77
N ALA E 218 -2.50 38.03 -32.99
CA ALA E 218 -1.16 38.49 -33.30
C ALA E 218 -0.92 39.96 -32.94
N ASP E 219 -1.96 40.67 -32.50
CA ASP E 219 -1.87 42.11 -32.20
C ASP E 219 -1.49 42.91 -33.44
N ALA E 220 -2.07 42.54 -34.58
CA ALA E 220 -1.71 43.06 -35.89
C ALA E 220 -2.82 43.88 -36.55
N ALA E 221 -3.75 44.41 -35.76
CA ALA E 221 -4.89 45.12 -36.34
C ALA E 221 -4.46 46.35 -37.15
N ALA E 222 -3.53 47.15 -36.62
CA ALA E 222 -3.14 48.36 -37.35
C ALA E 222 -2.46 47.99 -38.66
N LEU E 223 -1.65 46.93 -38.67
CA LEU E 223 -1.05 46.48 -39.93
C LEU E 223 -2.10 45.96 -40.89
N LEU E 224 -3.14 45.30 -40.36
CA LEU E 224 -4.18 44.79 -41.24
C LEU E 224 -4.91 45.94 -41.91
N GLN E 225 -5.23 46.98 -41.14
CA GLN E 225 -5.89 48.13 -41.71
C GLN E 225 -5.00 48.82 -42.75
N GLN E 226 -3.70 48.94 -42.44
CA GLN E 226 -2.79 49.60 -43.37
C GLN E 226 -2.64 48.82 -44.68
N PHE E 227 -2.68 47.49 -44.62
CA PHE E 227 -2.56 46.71 -45.85
C PHE E 227 -3.81 46.80 -46.71
N ALA E 228 -4.98 46.84 -46.08
CA ALA E 228 -6.21 47.05 -46.84
C ALA E 228 -6.21 48.44 -47.49
N GLU E 229 -5.66 49.44 -46.79
CA GLU E 229 -5.66 50.80 -47.32
C GLU E 229 -4.70 50.92 -48.51
N LEU E 230 -3.49 50.37 -48.39
CA LEU E 230 -2.55 50.43 -49.52
C LEU E 230 -3.12 49.76 -50.76
N THR E 231 -3.90 48.70 -50.58
CA THR E 231 -4.42 47.90 -51.68
C THR E 231 -5.82 48.29 -52.13
N SER E 232 -6.55 49.08 -51.33
CA SER E 232 -7.96 49.41 -51.58
C SER E 232 -8.82 48.15 -51.71
N VAL E 233 -8.59 47.17 -50.85
CA VAL E 233 -9.34 45.93 -50.86
C VAL E 233 -10.33 45.94 -49.70
N PRO E 234 -11.64 45.75 -49.94
CA PRO E 234 -12.59 45.72 -48.83
C PRO E 234 -12.29 44.60 -47.85
N VAL E 235 -12.50 44.88 -46.57
CA VAL E 235 -12.21 43.95 -45.47
C VAL E 235 -13.50 43.44 -44.89
N ILE E 236 -13.63 42.12 -44.81
CA ILE E 236 -14.76 41.48 -44.14
C ILE E 236 -14.20 40.86 -42.87
N PRO E 237 -14.39 41.46 -41.70
CA PRO E 237 -14.00 40.78 -40.47
C PRO E 237 -14.84 39.53 -40.27
N THR E 238 -14.17 38.50 -39.77
CA THR E 238 -14.77 37.37 -39.12
C THR E 238 -15.42 37.84 -37.81
N LEU E 239 -16.33 37.04 -37.25
CA LEU E 239 -16.85 37.42 -35.93
C LEU E 239 -15.71 37.55 -34.91
N MET E 240 -14.70 36.67 -35.00
CA MET E 240 -13.55 36.76 -34.11
C MET E 240 -12.56 37.85 -34.53
N GLY E 241 -12.59 38.28 -35.79
CA GLY E 241 -11.78 39.40 -36.22
C GLY E 241 -12.44 40.76 -36.05
N TRP E 242 -13.69 40.79 -35.59
CA TRP E 242 -14.45 42.02 -35.59
C TRP E 242 -13.76 43.07 -34.72
N GLY E 243 -13.63 44.28 -35.25
CA GLY E 243 -12.89 45.34 -34.60
C GLY E 243 -11.48 45.58 -35.12
N CYS E 244 -10.91 44.65 -35.90
CA CYS E 244 -9.53 44.85 -36.33
C CYS E 244 -9.42 45.95 -37.39
N ILE E 245 -10.53 46.32 -38.02
CA ILE E 245 -10.66 47.57 -38.76
C ILE E 245 -11.93 48.23 -38.25
N PRO E 246 -11.97 49.55 -38.06
CA PRO E 246 -13.19 50.15 -37.50
C PRO E 246 -14.38 49.96 -38.44
N ASP E 247 -15.56 49.77 -37.83
CA ASP E 247 -16.79 49.68 -38.62
C ASP E 247 -17.05 50.98 -39.37
N ASP E 248 -16.40 52.05 -38.92
CA ASP E 248 -16.38 53.36 -39.59
C ASP E 248 -15.77 53.32 -40.99
N HIS E 249 -14.80 52.44 -41.20
CA HIS E 249 -13.87 52.56 -42.31
C HIS E 249 -14.56 52.36 -43.66
N GLU E 250 -14.10 53.11 -44.67
CA GLU E 250 -14.72 53.00 -45.99
C GLU E 250 -14.56 51.60 -46.58
N LEU E 251 -13.50 50.89 -46.20
CA LEU E 251 -13.23 49.56 -46.73
C LEU E 251 -13.85 48.45 -45.89
N MET E 252 -14.40 48.78 -44.72
CA MET E 252 -15.08 47.79 -43.91
C MET E 252 -16.42 47.46 -44.58
N ALA E 253 -16.55 46.21 -45.03
CA ALA E 253 -17.64 45.81 -45.91
C ALA E 253 -18.69 44.95 -45.21
N GLY E 254 -18.66 44.89 -43.88
CA GLY E 254 -19.60 44.09 -43.12
C GLY E 254 -19.09 42.68 -42.84
N MET E 255 -19.86 41.95 -42.04
CA MET E 255 -19.56 40.56 -41.70
C MET E 255 -20.38 39.60 -42.56
N VAL E 256 -19.87 38.37 -42.66
CA VAL E 256 -20.37 37.33 -43.56
C VAL E 256 -20.74 36.10 -42.74
N GLY E 257 -21.78 35.38 -43.19
CA GLY E 257 -22.08 34.10 -42.57
C GLY E 257 -23.58 33.84 -42.48
N LEU E 258 -23.92 32.79 -41.76
CA LEU E 258 -25.27 32.28 -41.67
C LEU E 258 -26.11 32.96 -40.59
N GLN E 259 -25.49 33.57 -39.58
CA GLN E 259 -26.23 34.16 -38.47
C GLN E 259 -25.69 35.54 -38.09
N THR E 260 -24.50 35.63 -37.51
CA THR E 260 -23.95 36.94 -37.16
C THR E 260 -23.32 37.53 -38.42
N ALA E 261 -24.18 38.08 -39.27
CA ALA E 261 -23.75 38.52 -40.58
C ALA E 261 -24.69 39.60 -41.09
N HIS E 262 -24.19 40.40 -42.02
CA HIS E 262 -24.96 41.45 -42.67
C HIS E 262 -25.42 41.01 -44.06
N ARG E 263 -26.57 41.54 -44.48
CA ARG E 263 -27.02 41.28 -45.85
C ARG E 263 -26.02 41.80 -46.86
N TYR E 264 -25.47 43.01 -46.61
CA TYR E 264 -24.48 43.55 -47.53
C TYR E 264 -23.17 42.79 -47.47
N GLY E 265 -22.82 42.22 -46.31
CA GLY E 265 -21.60 41.45 -46.25
C GLY E 265 -21.70 40.17 -47.05
N ASN E 266 -22.83 39.46 -46.95
CA ASN E 266 -23.01 38.25 -47.72
C ASN E 266 -23.07 38.55 -49.21
N ALA E 267 -23.77 39.63 -49.59
CA ALA E 267 -23.86 39.96 -51.00
C ALA E 267 -22.51 40.37 -51.58
N THR E 268 -21.69 41.09 -50.81
CA THR E 268 -20.35 41.42 -51.27
C THR E 268 -19.48 40.18 -51.41
N LEU E 269 -19.61 39.23 -50.49
CA LEU E 269 -18.85 37.99 -50.61
C LEU E 269 -19.24 37.22 -51.87
N LEU E 270 -20.54 37.03 -52.08
CA LEU E 270 -20.99 36.23 -53.21
C LEU E 270 -20.60 36.86 -54.53
N ALA E 271 -20.44 38.20 -54.57
CA ALA E 271 -20.02 38.87 -55.79
C ALA E 271 -18.51 38.88 -56.02
N SER E 272 -17.72 38.57 -55.00
CA SER E 272 -16.27 38.68 -55.12
C SER E 272 -15.70 37.51 -55.91
N ASP E 273 -14.49 37.71 -56.47
CA ASP E 273 -13.75 36.66 -57.16
C ASP E 273 -12.50 36.22 -56.40
N MET E 274 -12.29 36.72 -55.18
CA MET E 274 -11.22 36.19 -54.35
C MET E 274 -11.47 36.53 -52.88
N VAL E 275 -11.12 35.58 -52.01
CA VAL E 275 -11.12 35.78 -50.57
C VAL E 275 -9.68 35.64 -50.09
N PHE E 276 -9.14 36.73 -49.55
CA PHE E 276 -7.78 36.78 -49.03
C PHE E 276 -7.88 36.64 -47.50
N GLY E 277 -7.78 35.38 -47.04
CA GLY E 277 -7.99 35.07 -45.62
C GLY E 277 -6.74 35.22 -44.77
N ILE E 278 -6.80 36.09 -43.76
CA ILE E 278 -5.67 36.36 -42.89
C ILE E 278 -6.09 36.07 -41.47
N GLY E 279 -5.60 34.97 -40.90
CA GLY E 279 -5.91 34.67 -39.52
C GLY E 279 -7.33 34.19 -39.29
N ASN E 280 -8.04 33.79 -40.35
CA ASN E 280 -9.33 33.13 -40.24
C ASN E 280 -9.15 31.63 -40.37
N ARG E 281 -10.26 30.89 -40.29
CA ARG E 281 -10.22 29.45 -40.50
C ARG E 281 -11.44 28.95 -41.27
N PHE E 282 -12.21 29.84 -41.90
CA PHE E 282 -13.37 29.45 -42.72
C PHE E 282 -14.32 28.55 -41.94
N ALA E 283 -14.83 29.07 -40.83
CA ALA E 283 -15.71 28.30 -39.96
C ALA E 283 -17.06 27.99 -40.63
N GLN E 284 -17.67 26.90 -40.17
CA GLN E 284 -18.94 26.44 -40.72
C GLN E 284 -19.98 27.55 -40.74
N ARG E 285 -20.13 28.25 -39.60
CA ARG E 285 -21.14 29.31 -39.50
C ARG E 285 -20.80 30.51 -40.37
N HIS E 286 -19.55 30.65 -40.80
CA HIS E 286 -19.14 31.74 -41.68
C HIS E 286 -19.37 31.43 -43.15
N THR E 287 -19.20 30.17 -43.56
CA THR E 287 -19.20 29.77 -44.97
C THR E 287 -20.50 29.15 -45.45
N GLY E 288 -21.27 28.52 -44.57
CA GLY E 288 -22.27 27.63 -45.12
C GLY E 288 -21.59 26.48 -45.85
N SER E 289 -22.27 25.95 -46.88
CA SER E 289 -21.65 24.92 -47.69
C SER E 289 -20.40 25.45 -48.37
N VAL E 290 -19.31 24.70 -48.21
CA VAL E 290 -18.01 25.19 -48.67
C VAL E 290 -17.99 25.33 -50.18
N GLU E 291 -18.72 24.47 -50.89
CA GLU E 291 -18.76 24.57 -52.34
C GLU E 291 -19.37 25.89 -52.79
N LYS E 292 -20.39 26.38 -52.07
CA LYS E 292 -21.00 27.65 -52.44
C LYS E 292 -20.10 28.83 -52.08
N TYR E 293 -19.42 28.74 -50.93
CA TYR E 293 -18.58 29.84 -50.48
C TYR E 293 -17.43 30.08 -51.45
N THR E 294 -16.84 29.01 -51.99
CA THR E 294 -15.66 29.12 -52.83
C THR E 294 -15.96 29.27 -54.31
N GLU E 295 -17.22 29.23 -54.72
CA GLU E 295 -17.53 29.16 -56.14
C GLU E 295 -17.03 30.40 -56.86
N GLY E 296 -16.22 30.19 -57.90
CA GLY E 296 -15.78 31.31 -58.73
C GLY E 296 -14.77 32.23 -58.06
N ARG E 297 -14.14 31.79 -56.98
CA ARG E 297 -13.25 32.63 -56.18
C ARG E 297 -11.92 31.94 -55.94
N LYS E 298 -10.83 32.68 -56.11
CA LYS E 298 -9.55 32.25 -55.56
C LYS E 298 -9.58 32.38 -54.04
N ILE E 299 -8.89 31.47 -53.36
CA ILE E 299 -8.81 31.48 -51.91
C ILE E 299 -7.35 31.49 -51.49
N VAL E 300 -6.97 32.45 -50.66
CA VAL E 300 -5.68 32.42 -49.99
C VAL E 300 -5.95 32.39 -48.48
N HIS E 301 -5.13 31.62 -47.77
CA HIS E 301 -5.34 31.37 -46.35
C HIS E 301 -3.99 31.44 -45.66
N ILE E 302 -3.79 32.46 -44.83
CA ILE E 302 -2.61 32.60 -44.00
C ILE E 302 -3.00 32.28 -42.57
N ASP E 303 -2.39 31.23 -42.01
CA ASP E 303 -2.74 30.74 -40.69
C ASP E 303 -1.45 30.33 -39.98
N ILE E 304 -1.43 30.52 -38.67
CA ILE E 304 -0.22 30.16 -37.94
C ILE E 304 -0.07 28.64 -37.78
N GLU E 305 -1.14 27.86 -37.97
CA GLU E 305 -1.16 26.42 -37.69
C GLU E 305 -1.23 25.62 -38.98
N PRO E 306 -0.20 24.82 -39.32
CA PRO E 306 -0.23 24.12 -40.61
C PRO E 306 -1.47 23.27 -40.84
N THR E 307 -1.97 22.60 -39.80
CA THR E 307 -3.06 21.65 -40.00
C THR E 307 -4.43 22.35 -40.03
N GLN E 308 -4.46 23.68 -39.90
CA GLN E 308 -5.67 24.46 -40.19
C GLN E 308 -5.85 24.76 -41.67
N ILE E 309 -4.82 24.56 -42.49
CA ILE E 309 -4.85 24.95 -43.89
C ILE E 309 -5.27 23.74 -44.73
N GLY E 310 -6.38 23.86 -45.44
CA GLY E 310 -6.95 22.72 -46.12
C GLY E 310 -7.86 21.85 -45.28
N ARG E 311 -8.15 22.26 -44.04
CA ARG E 311 -8.97 21.43 -43.15
C ARG E 311 -10.43 21.38 -43.60
N VAL E 312 -10.96 22.48 -44.10
CA VAL E 312 -12.36 22.54 -44.50
C VAL E 312 -12.55 22.86 -45.97
N LEU E 313 -11.53 23.37 -46.64
CA LEU E 313 -11.55 23.59 -48.09
C LEU E 313 -10.10 23.76 -48.52
N CYS E 314 -9.83 23.50 -49.81
CA CYS E 314 -8.46 23.58 -50.28
C CYS E 314 -8.21 25.00 -50.78
N PRO E 315 -7.34 25.78 -50.11
CA PRO E 315 -6.98 27.09 -50.63
C PRO E 315 -6.14 26.99 -51.90
N ASP E 316 -6.26 28.01 -52.74
CA ASP E 316 -5.37 28.13 -53.89
C ASP E 316 -3.93 28.44 -53.50
N LEU E 317 -3.72 29.09 -52.35
CA LEU E 317 -2.35 29.33 -51.88
C LEU E 317 -2.08 28.65 -50.54
N GLY E 318 -2.40 29.30 -49.44
CA GLY E 318 -2.13 28.65 -48.16
C GLY E 318 -0.73 28.81 -47.62
N ILE E 319 -0.58 29.61 -46.56
CA ILE E 319 0.74 30.00 -46.05
C ILE E 319 0.75 29.88 -44.53
N VAL E 320 1.76 29.18 -44.00
CA VAL E 320 1.92 29.05 -42.56
C VAL E 320 2.66 30.28 -42.03
N SER E 321 1.98 31.08 -41.20
CA SER E 321 2.64 32.28 -40.67
C SER E 321 1.80 32.89 -39.57
N ASP E 322 2.50 33.45 -38.57
CA ASP E 322 1.88 34.42 -37.68
C ASP E 322 1.35 35.60 -38.49
N ALA E 323 0.19 36.12 -38.07
CA ALA E 323 -0.46 37.19 -38.82
C ALA E 323 0.34 38.49 -38.79
N LYS E 324 0.98 38.82 -37.66
CA LYS E 324 1.75 40.05 -37.61
C LYS E 324 3.00 39.96 -38.46
N ALA E 325 3.70 38.82 -38.40
CA ALA E 325 4.85 38.65 -39.29
C ALA E 325 4.44 38.70 -40.75
N ALA E 326 3.32 38.05 -41.10
CA ALA E 326 2.84 38.07 -42.47
C ALA E 326 2.42 39.48 -42.89
N LEU E 327 1.66 40.18 -42.04
CA LEU E 327 1.15 41.48 -42.44
C LEU E 327 2.25 42.52 -42.57
N THR E 328 3.32 42.39 -41.78
CA THR E 328 4.45 43.29 -41.93
C THR E 328 5.04 43.16 -43.33
N LEU E 329 5.21 41.93 -43.79
CA LEU E 329 5.77 41.71 -45.12
C LEU E 329 4.75 42.03 -46.23
N LEU E 330 3.45 41.83 -45.98
CA LEU E 330 2.47 42.21 -46.99
C LEU E 330 2.45 43.73 -47.20
N VAL E 331 2.61 44.50 -46.13
CA VAL E 331 2.66 45.94 -46.28
C VAL E 331 3.90 46.37 -47.05
N GLU E 332 5.04 45.73 -46.78
CA GLU E 332 6.26 46.11 -47.48
C GLU E 332 6.20 45.74 -48.95
N VAL E 333 5.67 44.56 -49.28
CA VAL E 333 5.50 44.20 -50.69
C VAL E 333 4.45 45.08 -51.35
N ALA E 334 3.37 45.42 -50.63
CA ALA E 334 2.36 46.29 -51.22
C ALA E 334 2.95 47.65 -51.55
N GLN E 335 3.80 48.18 -50.67
CA GLN E 335 4.43 49.46 -50.92
C GLN E 335 5.36 49.39 -52.13
N GLU E 336 6.06 48.25 -52.29
CA GLU E 336 6.90 48.08 -53.48
C GLU E 336 6.06 48.00 -54.74
N MET E 337 4.91 47.32 -54.67
CA MET E 337 4.00 47.29 -55.80
C MET E 337 3.39 48.66 -56.08
N GLN E 338 3.24 49.48 -55.03
CA GLN E 338 2.71 50.83 -55.21
C GLN E 338 3.72 51.71 -55.94
N LYS E 339 4.99 51.68 -55.52
CA LYS E 339 6.00 52.50 -56.17
C LYS E 339 6.15 52.13 -57.63
N ALA E 340 5.92 50.88 -57.98
CA ALA E 340 6.03 50.39 -59.35
C ALA E 340 4.77 50.59 -60.16
N GLY E 341 3.69 51.13 -59.58
CA GLY E 341 2.47 51.30 -60.34
C GLY E 341 1.75 50.00 -60.65
N ARG E 342 2.07 48.93 -59.92
CA ARG E 342 1.48 47.62 -60.20
C ARG E 342 0.21 47.36 -59.40
N LEU E 343 -0.18 48.24 -58.51
CA LEU E 343 -1.43 48.04 -57.77
C LEU E 343 -2.58 48.58 -58.59
N PRO E 344 -3.53 47.74 -59.00
CA PRO E 344 -4.68 48.25 -59.77
C PRO E 344 -5.56 49.18 -58.95
N CYS E 345 -6.13 50.16 -59.63
CA CYS E 345 -7.19 50.96 -59.03
C CYS E 345 -8.43 50.12 -58.80
N ARG E 346 -9.14 50.39 -57.70
CA ARG E 346 -10.30 49.58 -57.37
C ARG E 346 -11.52 50.44 -57.02
N LYS E 347 -11.67 51.60 -57.66
CA LYS E 347 -12.76 52.53 -57.32
C LYS E 347 -14.13 51.90 -57.54
N GLU E 348 -14.34 51.26 -58.68
CA GLU E 348 -15.67 50.73 -58.99
C GLU E 348 -16.08 49.63 -58.04
N TRP E 349 -15.20 48.64 -57.80
CA TRP E 349 -15.56 47.54 -56.93
C TRP E 349 -15.82 48.02 -55.49
N VAL E 350 -15.02 48.97 -55.01
CA VAL E 350 -15.26 49.51 -53.67
C VAL E 350 -16.59 50.26 -53.64
N ALA E 351 -16.92 51.00 -54.69
CA ALA E 351 -18.20 51.69 -54.74
C ALA E 351 -19.36 50.69 -54.79
N ASP E 352 -19.16 49.57 -55.48
CA ASP E 352 -20.18 48.52 -55.50
C ASP E 352 -20.43 47.98 -54.09
N CYS E 353 -19.35 47.74 -53.34
CA CYS E 353 -19.50 47.25 -51.97
C CYS E 353 -20.11 48.31 -51.07
N GLN E 354 -19.77 49.58 -51.30
CA GLN E 354 -20.35 50.66 -50.52
C GLN E 354 -21.84 50.81 -50.83
N GLN E 355 -22.23 50.61 -52.08
CA GLN E 355 -23.63 50.70 -52.47
C GLN E 355 -24.46 49.60 -51.81
N ARG E 356 -23.90 48.39 -51.68
CA ARG E 356 -24.62 47.35 -50.95
C ARG E 356 -24.78 47.73 -49.49
N LYS E 357 -23.71 48.24 -48.87
CA LYS E 357 -23.76 48.59 -47.46
C LYS E 357 -24.74 49.73 -47.19
N ARG E 358 -24.92 50.62 -48.17
CA ARG E 358 -25.89 51.71 -48.02
C ARG E 358 -27.33 51.19 -48.00
N THR E 359 -27.64 50.12 -48.72
CA THR E 359 -29.03 49.79 -49.01
C THR E 359 -29.53 48.47 -48.41
N LEU E 360 -28.69 47.45 -48.24
CA LEU E 360 -29.15 46.13 -47.76
C LEU E 360 -29.15 46.08 -46.22
N LEU E 361 -30.13 46.76 -45.64
CA LEU E 361 -30.17 46.98 -44.20
C LEU E 361 -31.30 46.20 -43.56
N ARG E 362 -31.34 46.25 -42.22
CA ARG E 362 -32.42 45.66 -41.44
C ARG E 362 -32.95 46.72 -40.49
N LYS E 363 -34.27 46.79 -40.35
CA LYS E 363 -34.88 47.83 -39.54
C LYS E 363 -34.54 47.65 -38.06
N THR E 364 -34.28 48.76 -37.38
CA THR E 364 -34.07 48.78 -35.94
C THR E 364 -34.99 49.74 -35.20
N HIS E 365 -35.52 50.77 -35.85
CA HIS E 365 -36.27 51.81 -35.15
C HIS E 365 -37.74 51.41 -35.01
N PHE E 366 -37.99 50.49 -34.08
CA PHE E 366 -39.33 50.05 -33.72
C PHE E 366 -39.80 50.76 -32.45
N ASP E 367 -41.03 51.29 -32.46
CA ASP E 367 -41.63 51.84 -31.27
C ASP E 367 -42.61 50.88 -30.60
N ASN E 368 -42.59 49.61 -30.97
CA ASN E 368 -43.51 48.62 -30.42
C ASN E 368 -43.36 48.50 -28.91
N VAL E 369 -44.50 48.32 -28.24
CA VAL E 369 -44.57 47.83 -26.88
C VAL E 369 -45.37 46.53 -26.93
N PRO E 370 -44.82 45.39 -26.45
CA PRO E 370 -43.51 45.18 -25.82
C PRO E 370 -42.35 45.38 -26.81
N VAL E 371 -41.17 45.69 -26.27
CA VAL E 371 -40.04 46.14 -27.08
C VAL E 371 -39.58 45.07 -28.06
N LYS E 372 -39.22 45.51 -29.30
CA LYS E 372 -38.51 44.63 -30.23
C LYS E 372 -37.01 44.71 -29.97
N PRO E 373 -36.31 43.58 -29.92
CA PRO E 373 -34.88 43.63 -29.54
C PRO E 373 -34.04 44.50 -30.47
N GLN E 374 -34.40 44.61 -31.75
CA GLN E 374 -33.60 45.44 -32.66
C GLN E 374 -33.48 46.86 -32.13
N ARG E 375 -34.55 47.39 -31.54
CA ARG E 375 -34.53 48.76 -31.04
C ARG E 375 -33.55 48.92 -29.89
N VAL E 376 -33.30 47.84 -29.12
CA VAL E 376 -32.33 47.92 -28.03
C VAL E 376 -30.92 48.16 -28.57
N TYR E 377 -30.54 47.45 -29.64
CA TYR E 377 -29.19 47.63 -30.18
C TYR E 377 -29.02 49.01 -30.80
N GLU E 378 -30.09 49.54 -31.40
CA GLU E 378 -30.01 50.90 -31.91
C GLU E 378 -29.73 51.88 -30.78
N GLU E 379 -30.40 51.69 -29.63
CA GLU E 379 -30.18 52.60 -28.51
C GLU E 379 -28.80 52.43 -27.89
N MET E 380 -28.28 51.20 -27.88
CA MET E 380 -26.91 50.99 -27.39
C MET E 380 -25.91 51.72 -28.27
N ASN E 381 -26.13 51.73 -29.58
CA ASN E 381 -25.23 52.44 -30.47
C ASN E 381 -25.24 53.94 -30.18
N LYS E 382 -26.39 54.50 -29.80
CA LYS E 382 -26.45 55.93 -29.55
C LYS E 382 -25.94 56.31 -28.16
N ALA E 383 -26.07 55.42 -27.17
CA ALA E 383 -25.80 55.78 -25.78
C ALA E 383 -24.33 55.66 -25.41
N PHE E 384 -23.62 54.70 -26.01
CA PHE E 384 -22.24 54.44 -25.65
C PHE E 384 -21.30 55.02 -26.69
N GLY E 385 -20.07 55.31 -26.27
CA GLY E 385 -19.08 55.89 -27.15
C GLY E 385 -18.51 54.86 -28.10
N ARG E 386 -17.74 55.36 -29.07
CA ARG E 386 -17.07 54.45 -29.99
C ARG E 386 -16.05 53.58 -29.28
N ASP E 387 -15.63 53.96 -28.07
CA ASP E 387 -14.74 53.15 -27.27
C ASP E 387 -15.45 52.04 -26.49
N VAL E 388 -16.77 51.85 -26.68
CA VAL E 388 -17.46 50.80 -25.94
C VAL E 388 -16.84 49.44 -26.26
N CYS E 389 -16.77 48.59 -25.23
CA CYS E 389 -16.26 47.22 -25.36
C CYS E 389 -17.39 46.27 -24.97
N TYR E 390 -17.92 45.54 -25.96
CA TYR E 390 -19.02 44.63 -25.73
C TYR E 390 -18.53 43.23 -25.36
N VAL E 391 -19.22 42.61 -24.40
CA VAL E 391 -18.99 41.23 -24.00
C VAL E 391 -20.32 40.49 -24.12
N THR E 392 -20.30 39.36 -24.83
CA THR E 392 -21.53 38.60 -25.05
C THR E 392 -21.17 37.15 -25.33
N THR E 393 -22.19 36.31 -25.43
CA THR E 393 -22.00 34.86 -25.59
C THR E 393 -22.79 34.28 -26.75
N ILE E 394 -24.08 34.01 -26.55
CA ILE E 394 -24.87 33.25 -27.53
C ILE E 394 -26.35 33.44 -27.27
N GLY E 395 -27.15 33.24 -28.30
CA GLY E 395 -28.59 33.49 -28.24
C GLY E 395 -29.01 34.49 -29.30
N LEU E 396 -30.34 34.65 -29.42
CA LEU E 396 -30.83 35.69 -30.31
C LEU E 396 -30.36 37.05 -29.83
N SER E 397 -30.21 37.22 -28.51
CA SER E 397 -29.58 38.41 -27.95
C SER E 397 -28.26 38.70 -28.64
N GLN E 398 -27.40 37.69 -28.71
CA GLN E 398 -26.04 37.87 -29.22
C GLN E 398 -26.02 37.96 -30.74
N ILE E 399 -26.82 37.13 -31.43
CA ILE E 399 -26.82 37.16 -32.89
C ILE E 399 -27.32 38.51 -33.40
N ALA E 400 -28.46 38.97 -32.90
CA ALA E 400 -28.94 40.26 -33.39
C ALA E 400 -27.99 41.39 -32.98
N ALA E 401 -27.35 41.27 -31.81
CA ALA E 401 -26.37 42.26 -31.39
C ALA E 401 -25.21 42.34 -32.38
N ALA E 402 -24.77 41.18 -32.89
CA ALA E 402 -23.68 41.16 -33.86
C ALA E 402 -24.10 41.73 -35.21
N GLN E 403 -25.37 41.66 -35.56
CA GLN E 403 -25.75 42.24 -36.85
C GLN E 403 -26.13 43.70 -36.77
N MET E 404 -26.23 44.27 -35.57
CA MET E 404 -26.76 45.63 -35.44
C MET E 404 -25.93 46.56 -34.57
N LEU E 405 -25.12 46.05 -33.63
CA LEU E 405 -24.17 46.88 -32.90
C LEU E 405 -22.96 47.19 -33.78
N HIS E 406 -22.15 48.16 -33.34
CA HIS E 406 -20.96 48.51 -34.10
C HIS E 406 -19.76 48.72 -33.18
N VAL E 407 -18.60 48.33 -33.69
CA VAL E 407 -17.37 48.24 -32.92
C VAL E 407 -16.25 48.93 -33.70
N PHE E 408 -15.27 49.52 -32.99
CA PHE E 408 -14.30 50.39 -33.65
C PHE E 408 -12.85 50.17 -33.24
N LYS E 409 -12.57 49.16 -32.42
CA LYS E 409 -11.19 48.84 -32.08
C LYS E 409 -11.13 47.35 -31.81
N ASP E 410 -9.94 46.77 -32.03
CA ASP E 410 -9.79 45.35 -31.77
C ASP E 410 -9.88 45.09 -30.27
N ARG E 411 -10.41 43.92 -29.92
CA ARG E 411 -10.69 43.54 -28.54
C ARG E 411 -11.77 44.43 -27.91
N HIS E 412 -12.64 45.01 -28.74
CA HIS E 412 -13.87 45.62 -28.25
C HIS E 412 -15.12 44.80 -28.60
N TRP E 413 -14.95 43.65 -29.23
CA TRP E 413 -15.98 42.62 -29.31
C TRP E 413 -15.41 41.38 -28.62
N ILE E 414 -15.84 41.11 -27.39
CA ILE E 414 -15.29 40.01 -26.59
C ILE E 414 -16.36 38.94 -26.51
N ASN E 415 -16.14 37.83 -27.23
CA ASN E 415 -17.21 36.87 -27.48
C ASN E 415 -16.62 35.49 -27.70
N CYS E 416 -17.14 34.48 -27.00
CA CYS E 416 -16.70 33.09 -27.13
C CYS E 416 -17.37 32.47 -28.35
N GLY E 417 -16.79 32.72 -29.52
CA GLY E 417 -17.50 32.46 -30.77
C GLY E 417 -17.63 31.01 -31.17
N GLN E 418 -16.73 30.13 -30.71
CA GLN E 418 -16.79 28.73 -31.14
C GLN E 418 -17.49 27.78 -30.16
N ALA E 419 -17.38 28.02 -28.85
CA ALA E 419 -17.98 27.15 -27.85
C ALA E 419 -19.30 27.68 -27.26
N GLY E 420 -19.43 28.99 -27.04
CA GLY E 420 -20.69 29.56 -26.63
C GLY E 420 -21.31 29.04 -25.34
N PRO E 421 -20.51 28.82 -24.29
CA PRO E 421 -21.09 28.32 -23.02
C PRO E 421 -21.99 29.36 -22.38
N LEU E 422 -23.24 28.98 -22.14
CA LEU E 422 -24.16 29.87 -21.44
C LEU E 422 -23.63 30.19 -20.05
N GLY E 423 -23.87 31.43 -19.60
CA GLY E 423 -23.30 31.90 -18.35
C GLY E 423 -21.93 32.54 -18.49
N TRP E 424 -21.33 32.51 -19.68
CA TRP E 424 -20.00 33.07 -19.90
C TRP E 424 -19.97 34.58 -19.67
N THR E 425 -21.09 35.26 -19.92
CA THR E 425 -21.06 36.70 -20.15
C THR E 425 -20.69 37.48 -18.89
N ILE E 426 -21.38 37.23 -17.77
CA ILE E 426 -21.07 37.97 -16.53
C ILE E 426 -19.62 37.78 -16.09
N PRO E 427 -19.13 36.55 -15.88
CA PRO E 427 -17.72 36.41 -15.47
C PRO E 427 -16.72 36.95 -16.49
N ALA E 428 -16.99 36.78 -17.79
CA ALA E 428 -16.07 37.31 -18.79
C ALA E 428 -16.00 38.83 -18.69
N ALA E 429 -17.15 39.48 -18.50
CA ALA E 429 -17.16 40.93 -18.37
C ALA E 429 -16.36 41.36 -17.16
N LEU E 430 -16.51 40.67 -16.03
CA LEU E 430 -15.73 41.03 -14.84
C LEU E 430 -14.24 40.82 -15.10
N GLY E 431 -13.89 39.80 -15.89
CA GLY E 431 -12.49 39.57 -16.19
C GLY E 431 -11.91 40.67 -17.06
N VAL E 432 -12.71 41.17 -18.00
CA VAL E 432 -12.29 42.30 -18.83
C VAL E 432 -12.10 43.55 -17.96
N CYS E 433 -13.02 43.79 -17.03
CA CYS E 433 -12.88 44.95 -16.15
C CYS E 433 -11.65 44.81 -15.26
N ALA E 434 -11.35 43.59 -14.83
CA ALA E 434 -10.14 43.40 -14.03
C ALA E 434 -8.89 43.64 -14.85
N ALA E 435 -8.94 43.33 -16.15
CA ALA E 435 -7.80 43.58 -17.02
C ALA E 435 -7.59 45.07 -17.24
N ASP E 436 -8.68 45.83 -17.36
CA ASP E 436 -8.61 47.23 -17.79
C ASP E 436 -9.71 48.01 -17.09
N PRO E 437 -9.42 48.57 -15.91
CA PRO E 437 -10.44 49.33 -15.17
C PRO E 437 -10.92 50.57 -15.90
N LYS E 438 -10.19 51.06 -16.90
CA LYS E 438 -10.69 52.17 -17.69
C LYS E 438 -11.54 51.73 -18.89
N ARG E 439 -11.61 50.44 -19.19
CA ARG E 439 -12.40 49.96 -20.32
C ARG E 439 -13.87 50.26 -20.09
N ASN E 440 -14.56 50.68 -21.15
CA ASN E 440 -15.99 50.95 -21.12
C ASN E 440 -16.75 49.68 -21.50
N VAL E 441 -16.97 48.83 -20.50
CA VAL E 441 -17.47 47.47 -20.72
C VAL E 441 -19.00 47.46 -20.66
N VAL E 442 -19.62 46.96 -21.74
CA VAL E 442 -21.06 46.76 -21.81
C VAL E 442 -21.29 45.33 -22.27
N ALA E 443 -21.88 44.50 -21.40
CA ALA E 443 -22.25 43.13 -21.69
C ALA E 443 -23.66 43.07 -22.25
N ILE E 444 -23.95 41.99 -22.98
CA ILE E 444 -25.25 41.73 -23.58
C ILE E 444 -25.61 40.27 -23.32
N SER E 445 -26.73 40.04 -22.62
CA SER E 445 -27.25 38.70 -22.35
C SER E 445 -28.73 38.63 -22.68
N GLY E 446 -29.17 37.43 -23.09
CA GLY E 446 -30.56 37.06 -22.91
C GLY E 446 -30.78 36.57 -21.49
N ASP E 447 -32.05 36.36 -21.13
CA ASP E 447 -32.35 36.01 -19.74
C ASP E 447 -31.76 34.65 -19.34
N PHE E 448 -31.77 33.68 -20.24
CA PHE E 448 -31.28 32.35 -19.88
C PHE E 448 -29.78 32.39 -19.62
N ASP E 449 -29.03 32.99 -20.54
CA ASP E 449 -27.60 33.22 -20.35
C ASP E 449 -27.35 33.91 -19.02
N PHE E 450 -28.14 34.95 -18.74
CA PHE E 450 -27.93 35.74 -17.53
C PHE E 450 -28.11 34.91 -16.27
N GLN E 451 -28.99 33.91 -16.29
CA GLN E 451 -29.29 33.17 -15.07
C GLN E 451 -28.27 32.10 -14.75
N PHE E 452 -27.56 31.56 -15.75
CA PHE E 452 -26.63 30.44 -15.51
C PHE E 452 -25.66 30.72 -14.37
N LEU E 453 -24.96 31.85 -14.43
CA LEU E 453 -23.95 32.23 -13.44
C LEU E 453 -24.30 33.56 -12.80
N ILE E 454 -25.59 33.75 -12.54
CA ILE E 454 -26.09 35.04 -12.08
C ILE E 454 -25.45 35.44 -10.74
N GLU E 455 -25.02 34.46 -9.95
CA GLU E 455 -24.40 34.77 -8.66
C GLU E 455 -23.09 35.54 -8.80
N GLU E 456 -22.46 35.49 -9.98
CA GLU E 456 -21.22 36.24 -10.16
C GLU E 456 -21.42 37.75 -10.06
N LEU E 457 -22.66 38.25 -10.13
CA LEU E 457 -22.87 39.67 -9.89
C LEU E 457 -22.39 40.08 -8.50
N ALA E 458 -22.51 39.18 -7.51
CA ALA E 458 -22.04 39.48 -6.17
C ALA E 458 -20.51 39.63 -6.11
N VAL E 459 -19.78 39.01 -7.04
CA VAL E 459 -18.34 39.27 -7.15
C VAL E 459 -18.11 40.72 -7.54
N GLY E 460 -18.87 41.22 -8.52
CA GLY E 460 -18.72 42.59 -8.89
C GLY E 460 -19.14 43.55 -7.80
N ALA E 461 -20.02 43.12 -6.90
CA ALA E 461 -20.42 43.97 -5.79
C ALA E 461 -19.39 43.93 -4.67
N GLN E 462 -18.92 42.73 -4.30
CA GLN E 462 -17.99 42.61 -3.18
C GLN E 462 -16.69 43.35 -3.49
N PHE E 463 -16.06 43.00 -4.59
CA PHE E 463 -15.05 43.83 -5.18
C PHE E 463 -15.82 44.91 -5.91
N ASN E 464 -15.23 46.05 -6.13
CA ASN E 464 -16.08 47.07 -6.74
C ASN E 464 -15.70 47.15 -8.22
N ILE E 465 -16.40 46.35 -9.03
CA ILE E 465 -16.02 46.17 -10.43
C ILE E 465 -17.19 46.62 -11.30
N PRO E 466 -17.35 47.93 -11.50
CA PRO E 466 -18.48 48.44 -12.28
C PRO E 466 -18.41 48.09 -13.77
N TYR E 467 -19.59 47.84 -14.34
CA TYR E 467 -19.81 47.76 -15.79
C TYR E 467 -21.32 47.77 -15.99
N ILE E 468 -21.75 47.91 -17.23
CA ILE E 468 -23.18 47.94 -17.56
C ILE E 468 -23.56 46.63 -18.25
N HIS E 469 -24.57 45.94 -17.71
CA HIS E 469 -25.03 44.69 -18.29
C HIS E 469 -26.43 44.87 -18.86
N VAL E 470 -26.55 44.76 -20.18
CA VAL E 470 -27.83 44.86 -20.86
C VAL E 470 -28.47 43.47 -20.93
N LEU E 471 -29.67 43.35 -20.36
CA LEU E 471 -30.39 42.09 -20.22
C LEU E 471 -31.68 42.18 -21.03
N VAL E 472 -31.74 41.49 -22.16
CA VAL E 472 -32.92 41.51 -23.02
C VAL E 472 -33.72 40.24 -22.73
N ASN E 473 -34.88 40.42 -22.07
CA ASN E 473 -35.63 39.35 -21.42
C ASN E 473 -36.88 39.01 -22.23
N ASN E 474 -36.90 37.83 -22.85
CA ASN E 474 -38.10 37.34 -23.54
C ASN E 474 -38.75 36.14 -22.84
N ALA E 475 -38.27 35.79 -21.64
CA ALA E 475 -38.76 34.61 -20.92
C ALA E 475 -38.71 33.35 -21.80
N TYR E 476 -37.65 33.24 -22.61
CA TYR E 476 -37.51 32.17 -23.58
C TYR E 476 -36.04 31.81 -23.74
N LEU E 477 -35.77 30.54 -24.04
CA LEU E 477 -34.55 30.19 -24.76
C LEU E 477 -34.86 30.51 -26.22
N GLY E 478 -34.74 31.79 -26.56
CA GLY E 478 -35.32 32.26 -27.81
C GLY E 478 -34.71 31.59 -29.03
N LEU E 479 -33.38 31.47 -29.04
CA LEU E 479 -32.73 30.84 -30.18
C LEU E 479 -33.14 29.39 -30.34
N ILE E 480 -33.41 28.69 -29.23
CA ILE E 480 -33.81 27.29 -29.35
C ILE E 480 -35.25 27.20 -29.81
N ARG E 481 -36.10 28.15 -29.40
CA ARG E 481 -37.45 28.21 -29.95
C ARG E 481 -37.41 28.39 -31.47
N GLN E 482 -36.56 29.30 -31.95
CA GLN E 482 -36.50 29.51 -33.40
C GLN E 482 -36.00 28.26 -34.11
N SER E 483 -35.02 27.56 -33.54
CA SER E 483 -34.49 26.35 -34.19
C SER E 483 -35.52 25.23 -34.18
N GLN E 484 -36.44 25.22 -33.21
CA GLN E 484 -37.49 24.22 -33.12
C GLN E 484 -38.61 24.41 -34.14
N MET E 485 -38.66 25.57 -34.81
CA MET E 485 -39.72 25.78 -35.80
C MET E 485 -39.65 24.73 -36.91
N ALA E 486 -38.46 24.28 -37.28
CA ALA E 486 -38.34 23.25 -38.30
C ALA E 486 -38.95 21.92 -37.84
N PHE E 487 -39.09 21.71 -36.53
CA PHE E 487 -39.72 20.54 -35.97
C PHE E 487 -41.18 20.77 -35.63
N ASP E 488 -41.73 21.92 -36.02
CA ASP E 488 -43.12 22.29 -35.79
C ASP E 488 -43.49 22.16 -34.32
N MET E 489 -42.66 22.75 -33.45
CA MET E 489 -42.88 22.62 -32.01
C MET E 489 -42.30 23.82 -31.28
N ASP E 490 -42.78 23.99 -30.04
CA ASP E 490 -42.32 25.01 -29.10
C ASP E 490 -42.33 24.27 -27.76
N TYR E 491 -41.20 23.66 -27.42
CA TYR E 491 -41.19 22.57 -26.45
C TYR E 491 -39.98 22.70 -25.54
N CYS E 492 -40.22 22.86 -24.23
CA CYS E 492 -39.18 22.94 -23.22
C CYS E 492 -38.25 24.14 -23.43
N VAL E 493 -38.77 25.27 -23.90
CA VAL E 493 -37.95 26.44 -24.13
C VAL E 493 -38.46 27.69 -23.43
N GLN E 494 -39.55 27.59 -22.66
CA GLN E 494 -40.15 28.75 -22.01
C GLN E 494 -39.74 28.82 -20.55
N LEU E 495 -39.42 30.03 -20.11
CA LEU E 495 -39.01 30.29 -18.74
C LEU E 495 -40.05 31.04 -17.92
N ALA E 496 -41.19 31.38 -18.54
CA ALA E 496 -42.19 32.23 -17.90
C ALA E 496 -42.92 31.51 -16.78
N PHE E 497 -43.30 32.27 -15.75
CA PHE E 497 -44.21 31.79 -14.71
C PHE E 497 -44.69 33.01 -13.93
N GLU E 498 -45.86 32.89 -13.31
CA GLU E 498 -46.36 33.97 -12.46
C GLU E 498 -45.53 34.01 -11.19
N ASN E 499 -44.81 35.11 -10.99
CA ASN E 499 -43.92 35.23 -9.84
C ASN E 499 -44.73 35.66 -8.63
N ILE E 500 -44.82 34.77 -7.63
CA ILE E 500 -45.69 35.00 -6.49
C ILE E 500 -45.28 36.24 -5.70
N ASN E 501 -44.05 36.72 -5.88
CA ASN E 501 -43.56 37.92 -5.21
C ASN E 501 -43.55 39.16 -6.08
N SER E 502 -43.73 39.04 -7.39
CA SER E 502 -43.55 40.20 -8.30
C SER E 502 -44.63 40.15 -9.38
N SER E 503 -45.77 40.79 -9.11
CA SER E 503 -46.80 40.92 -10.14
C SER E 503 -46.31 41.78 -11.30
N GLU E 504 -45.35 42.67 -11.05
CA GLU E 504 -44.93 43.66 -12.05
C GLU E 504 -44.18 43.05 -13.23
N VAL E 505 -43.65 41.83 -13.12
CA VAL E 505 -42.99 41.21 -14.27
C VAL E 505 -43.97 40.55 -15.22
N ASN E 506 -45.27 40.58 -14.91
CA ASN E 506 -46.31 40.19 -15.87
C ASN E 506 -46.17 38.74 -16.32
N GLY E 507 -45.79 37.86 -15.40
CA GLY E 507 -45.67 36.45 -15.75
C GLY E 507 -44.42 36.07 -16.51
N TYR E 508 -43.42 36.94 -16.56
CA TYR E 508 -42.16 36.60 -17.23
C TYR E 508 -41.26 35.71 -16.37
N GLY E 509 -41.64 35.46 -15.12
CA GLY E 509 -40.88 34.54 -14.27
C GLY E 509 -39.95 35.24 -13.30
N VAL E 510 -38.64 35.03 -13.49
CA VAL E 510 -37.65 35.58 -12.57
C VAL E 510 -37.69 37.10 -12.59
N ASP E 511 -37.59 37.69 -11.39
CA ASP E 511 -37.51 39.14 -11.22
C ASP E 511 -36.03 39.52 -11.17
N HIS E 512 -35.50 39.94 -12.33
CA HIS E 512 -34.06 40.17 -12.44
C HIS E 512 -33.61 41.41 -11.65
N VAL E 513 -34.50 42.38 -11.46
CA VAL E 513 -34.18 43.52 -10.62
C VAL E 513 -33.99 43.08 -9.18
N LYS E 514 -34.93 42.29 -8.65
CA LYS E 514 -34.80 41.86 -7.26
C LYS E 514 -33.58 40.98 -7.06
N VAL E 515 -33.25 40.14 -8.05
CA VAL E 515 -32.09 39.27 -7.90
C VAL E 515 -30.80 40.08 -7.94
N ALA E 516 -30.67 40.96 -8.94
CA ALA E 516 -29.47 41.78 -9.03
C ALA E 516 -29.29 42.63 -7.77
N GLU E 517 -30.37 43.24 -7.27
CA GLU E 517 -30.23 44.05 -6.05
C GLU E 517 -29.87 43.19 -4.86
N GLY E 518 -30.47 42.00 -4.73
CA GLY E 518 -30.11 41.14 -3.62
C GLY E 518 -28.67 40.70 -3.67
N LEU E 519 -28.10 40.62 -4.87
CA LEU E 519 -26.69 40.32 -5.06
C LEU E 519 -25.79 41.52 -4.84
N GLY E 520 -26.35 42.67 -4.46
CA GLY E 520 -25.56 43.84 -4.15
C GLY E 520 -25.34 44.80 -5.28
N CYS E 521 -26.00 44.60 -6.42
CA CYS E 521 -25.83 45.45 -7.59
C CYS E 521 -26.98 46.44 -7.71
N LYS E 522 -26.96 47.21 -8.80
CA LYS E 522 -28.06 48.09 -9.15
C LYS E 522 -28.71 47.59 -10.42
N ALA E 523 -29.99 47.92 -10.61
CA ALA E 523 -30.72 47.40 -11.75
C ALA E 523 -31.88 48.33 -12.10
N ILE E 524 -32.24 48.32 -13.38
CA ILE E 524 -33.31 49.14 -13.95
C ILE E 524 -34.09 48.27 -14.92
N ARG E 525 -35.43 48.28 -14.81
CA ARG E 525 -36.28 47.59 -15.77
C ARG E 525 -36.99 48.59 -16.69
N VAL E 526 -37.00 48.26 -17.99
CA VAL E 526 -37.52 49.12 -19.04
C VAL E 526 -38.62 48.35 -19.78
N PHE E 527 -39.78 48.98 -19.92
CA PHE E 527 -40.91 48.40 -20.64
C PHE E 527 -41.20 49.05 -21.97
N LYS E 528 -40.89 50.34 -22.13
CA LYS E 528 -41.25 51.04 -23.35
C LYS E 528 -40.00 51.49 -24.10
N PRO E 529 -40.01 51.44 -25.43
CA PRO E 529 -38.76 51.70 -26.18
C PRO E 529 -38.17 53.09 -25.93
N GLU E 530 -39.00 54.10 -25.68
CA GLU E 530 -38.49 55.44 -25.43
C GLU E 530 -37.82 55.57 -24.05
N ASP E 531 -38.00 54.59 -23.17
CA ASP E 531 -37.36 54.60 -21.87
C ASP E 531 -35.97 53.98 -21.87
N ILE E 532 -35.51 53.45 -23.00
CA ILE E 532 -34.20 52.78 -23.04
C ILE E 532 -33.07 53.80 -22.84
N ALA E 533 -33.06 54.86 -23.65
CA ALA E 533 -31.96 55.83 -23.58
C ALA E 533 -31.83 56.44 -22.19
N PRO E 534 -32.89 56.96 -21.57
CA PRO E 534 -32.74 57.44 -20.18
C PRO E 534 -32.27 56.34 -19.23
N ALA E 535 -32.67 55.08 -19.45
CA ALA E 535 -32.20 54.01 -18.59
C ALA E 535 -30.70 53.80 -18.71
N PHE E 536 -30.17 53.86 -19.93
CA PHE E 536 -28.73 53.76 -20.11
C PHE E 536 -28.02 54.94 -19.45
N GLU E 537 -28.65 56.11 -19.50
CA GLU E 537 -28.07 57.29 -18.84
C GLU E 537 -28.13 57.16 -17.31
N GLN E 538 -29.23 56.66 -16.76
CA GLN E 538 -29.24 56.45 -15.31
C GLN E 538 -28.22 55.40 -14.91
N ALA E 539 -28.01 54.40 -15.77
CA ALA E 539 -27.08 53.32 -15.42
C ALA E 539 -25.65 53.85 -15.32
N LYS E 540 -25.27 54.75 -16.23
CA LYS E 540 -23.95 55.36 -16.12
C LYS E 540 -23.81 56.12 -14.80
N ALA E 541 -24.87 56.80 -14.37
CA ALA E 541 -24.81 57.56 -13.12
C ALA E 541 -24.72 56.62 -11.92
N LEU E 542 -25.56 55.58 -11.89
CA LEU E 542 -25.47 54.63 -10.78
C LEU E 542 -24.11 53.96 -10.75
N MET E 543 -23.51 53.71 -11.90
CA MET E 543 -22.22 53.05 -11.93
C MET E 543 -21.15 53.94 -11.31
N ALA E 544 -21.11 55.20 -11.71
CA ALA E 544 -20.14 56.12 -11.13
C ALA E 544 -20.39 56.31 -9.64
N GLN E 545 -21.65 56.27 -9.22
CA GLN E 545 -21.98 56.57 -7.83
C GLN E 545 -21.67 55.38 -6.91
N TYR E 546 -22.08 54.18 -7.31
CA TYR E 546 -21.94 53.01 -6.45
C TYR E 546 -20.78 52.10 -6.84
N ARG E 547 -20.22 52.23 -8.04
CA ARG E 547 -19.08 51.43 -8.47
C ARG E 547 -19.36 49.93 -8.29
N VAL E 548 -20.49 49.49 -8.84
CA VAL E 548 -20.87 48.08 -8.90
C VAL E 548 -21.45 47.82 -10.29
N PRO E 549 -21.69 46.56 -10.67
CA PRO E 549 -22.41 46.33 -11.93
C PRO E 549 -23.80 46.94 -11.88
N VAL E 550 -24.24 47.47 -13.02
CA VAL E 550 -25.60 47.99 -13.19
C VAL E 550 -26.28 47.20 -14.31
N VAL E 551 -27.36 46.49 -13.97
CA VAL E 551 -28.14 45.74 -14.94
C VAL E 551 -29.28 46.62 -15.46
N VAL E 552 -29.38 46.74 -16.78
CA VAL E 552 -30.52 47.36 -17.46
C VAL E 552 -31.32 46.25 -18.12
N GLU E 553 -32.47 45.89 -17.55
CA GLU E 553 -33.31 44.84 -18.11
C GLU E 553 -34.37 45.45 -19.01
N VAL E 554 -34.38 45.03 -20.27
CA VAL E 554 -35.42 45.43 -21.21
C VAL E 554 -36.35 44.26 -21.44
N ILE E 555 -37.64 44.49 -21.23
CA ILE E 555 -38.66 43.46 -21.40
C ILE E 555 -39.03 43.42 -22.89
N LEU E 556 -38.60 42.36 -23.57
CA LEU E 556 -38.90 42.16 -24.98
C LEU E 556 -40.26 41.51 -25.18
N GLU E 557 -40.78 41.63 -26.41
CA GLU E 557 -41.84 40.73 -26.84
C GLU E 557 -41.35 39.29 -26.76
N ARG E 558 -42.28 38.37 -26.49
CA ARG E 558 -41.88 36.98 -26.23
C ARG E 558 -41.20 36.34 -27.45
N VAL E 559 -41.62 36.68 -28.66
CA VAL E 559 -41.19 35.97 -29.86
C VAL E 559 -40.74 36.97 -30.91
N THR E 560 -39.47 36.88 -31.31
CA THR E 560 -38.93 37.60 -32.46
C THR E 560 -37.97 36.67 -33.19
N ASN E 561 -38.14 36.52 -34.50
CA ASN E 561 -37.31 35.61 -35.28
C ASN E 561 -36.18 36.39 -35.96
N ILE E 562 -34.93 36.12 -35.54
CA ILE E 562 -33.75 36.82 -36.05
C ILE E 562 -33.37 36.25 -37.41
N SER E 563 -32.82 37.11 -38.26
CA SER E 563 -32.45 36.68 -39.61
C SER E 563 -31.32 35.64 -39.54
N MET E 564 -31.47 34.59 -40.33
CA MET E 564 -30.47 33.52 -40.41
C MET E 564 -30.91 32.54 -41.47
N GLY E 565 -29.96 31.73 -41.94
CA GLY E 565 -30.22 30.76 -42.99
C GLY E 565 -29.16 29.69 -42.98
N SER E 566 -29.26 28.77 -43.94
CA SER E 566 -28.31 27.68 -44.06
C SER E 566 -27.21 27.92 -45.09
N GLU E 567 -27.31 29.00 -45.86
CA GLU E 567 -26.33 29.35 -46.88
C GLU E 567 -26.28 30.88 -46.96
N LEU E 568 -25.16 31.39 -47.49
CA LEU E 568 -25.03 32.83 -47.62
C LEU E 568 -26.11 33.41 -48.52
N ASP E 569 -26.55 32.66 -49.53
CA ASP E 569 -27.60 33.11 -50.45
C ASP E 569 -29.00 32.75 -49.93
N ASN E 570 -29.09 32.31 -48.68
CA ASN E 570 -30.27 31.66 -48.14
C ASN E 570 -30.85 32.35 -46.91
N VAL E 571 -30.17 33.35 -46.35
CA VAL E 571 -30.56 33.87 -45.05
C VAL E 571 -31.98 34.42 -45.12
N MET E 572 -32.84 33.92 -44.25
CA MET E 572 -34.24 34.32 -44.26
C MET E 572 -34.44 35.58 -43.43
N GLU E 573 -35.19 36.52 -44.00
CA GLU E 573 -35.47 37.81 -43.37
C GLU E 573 -36.90 37.75 -42.85
N PHE E 574 -37.06 37.47 -41.55
CA PHE E 574 -38.39 37.38 -40.99
C PHE E 574 -38.94 38.76 -40.65
N GLU E 575 -38.14 39.57 -39.97
CA GLU E 575 -38.51 40.92 -39.57
C GLU E 575 -38.31 41.89 -40.73
N ASP E 576 -38.82 43.10 -40.56
CA ASP E 576 -38.75 44.07 -41.65
C ASP E 576 -37.29 44.36 -42.01
N ILE E 577 -37.01 44.35 -43.30
CA ILE E 577 -35.74 44.87 -43.81
C ILE E 577 -35.89 46.38 -43.97
N ALA E 578 -34.80 47.06 -44.30
CA ALA E 578 -34.84 48.49 -44.53
C ALA E 578 -33.81 48.85 -45.59
N ASP E 579 -34.09 49.95 -46.31
CA ASP E 579 -33.18 50.45 -47.35
C ASP E 579 -32.90 51.94 -47.19
N ASN E 580 -33.20 52.50 -46.02
CA ASN E 580 -33.15 53.93 -45.78
C ASN E 580 -32.70 54.15 -44.34
N ALA E 581 -32.11 55.32 -44.09
CA ALA E 581 -31.54 55.59 -42.77
C ALA E 581 -32.61 55.63 -41.68
N ALA E 582 -33.82 56.11 -42.00
CA ALA E 582 -34.79 56.31 -40.93
C ALA E 582 -35.17 55.01 -40.25
N ASP E 583 -35.22 53.90 -41.00
CA ASP E 583 -35.48 52.61 -40.38
C ASP E 583 -34.27 52.06 -39.64
N ALA E 584 -33.07 52.34 -40.12
CA ALA E 584 -31.84 51.82 -39.50
C ALA E 584 -30.89 53.00 -39.29
N PRO E 585 -31.22 53.88 -38.35
CA PRO E 585 -30.50 55.17 -38.26
C PRO E 585 -29.10 55.05 -37.68
N THR E 586 -28.74 53.87 -37.20
CA THR E 586 -27.50 53.67 -36.48
C THR E 586 -26.39 53.05 -37.32
N GLU E 587 -26.62 52.83 -38.62
CA GLU E 587 -25.54 52.39 -39.49
C GLU E 587 -24.45 53.47 -39.57
N THR E 588 -23.19 53.04 -39.68
CA THR E 588 -22.09 54.00 -39.69
C THR E 588 -22.15 54.93 -40.90
N CYS E 589 -22.79 54.50 -41.99
CA CYS E 589 -22.97 55.38 -43.13
C CYS E 589 -23.79 56.62 -42.77
N PHE E 590 -24.73 56.48 -41.83
CA PHE E 590 -25.65 57.56 -41.51
C PHE E 590 -25.35 58.25 -40.19
N MET E 591 -24.49 57.67 -39.35
CA MET E 591 -24.27 58.18 -38.01
C MET E 591 -22.78 58.27 -37.72
N HIS E 592 -22.36 59.41 -37.17
CA HIS E 592 -20.99 59.61 -36.73
C HIS E 592 -20.84 59.11 -35.30
N TYR E 593 -19.88 58.22 -35.08
CA TYR E 593 -19.69 57.57 -33.79
C TYR E 593 -18.62 58.29 -32.99
N GLU E 594 -19.04 58.97 -31.92
CA GLU E 594 -18.16 59.68 -30.98
C GLU E 594 -17.18 60.59 -31.70
N GLY F 1 -1.24 24.57 -55.87
CA GLY F 1 -1.86 25.08 -57.08
C GLY F 1 -1.24 24.61 -58.40
N MET F 2 0.08 24.42 -58.42
CA MET F 2 0.76 24.29 -59.70
C MET F 2 0.24 23.12 -60.53
N ALA F 3 -0.24 22.04 -59.89
CA ALA F 3 -0.75 20.92 -60.68
C ALA F 3 -1.60 20.01 -59.80
N LYS F 4 -2.65 19.45 -60.40
CA LYS F 4 -3.43 18.41 -59.74
C LYS F 4 -2.64 17.11 -59.65
N MET F 5 -2.77 16.43 -58.52
CA MET F 5 -2.06 15.19 -58.25
C MET F 5 -2.70 14.55 -57.03
N ARG F 6 -2.47 13.26 -56.86
CA ARG F 6 -2.96 12.56 -55.68
C ARG F 6 -2.27 13.10 -54.43
N ALA F 7 -2.95 12.97 -53.29
CA ALA F 7 -2.32 13.42 -52.05
C ALA F 7 -0.99 12.72 -51.81
N VAL F 8 -0.86 11.45 -52.20
CA VAL F 8 0.42 10.77 -52.00
C VAL F 8 1.51 11.33 -52.92
N ASP F 9 1.15 11.79 -54.13
CA ASP F 9 2.15 12.44 -54.98
C ASP F 9 2.66 13.73 -54.34
N ALA F 10 1.75 14.52 -53.76
CA ALA F 10 2.18 15.70 -53.03
C ALA F 10 3.03 15.31 -51.82
N ALA F 11 2.69 14.18 -51.19
CA ALA F 11 3.50 13.72 -50.07
C ALA F 11 4.92 13.38 -50.50
N MET F 12 5.10 12.86 -51.73
CA MET F 12 6.47 12.56 -52.19
C MET F 12 7.29 13.82 -52.38
N TYR F 13 6.70 14.89 -52.93
CA TYR F 13 7.44 16.14 -53.04
C TYR F 13 7.78 16.71 -51.67
N VAL F 14 6.88 16.56 -50.70
CA VAL F 14 7.17 17.06 -49.36
C VAL F 14 8.33 16.28 -48.76
N LEU F 15 8.30 14.95 -48.87
CA LEU F 15 9.38 14.15 -48.32
C LEU F 15 10.71 14.51 -48.96
N GLU F 16 10.69 14.80 -50.26
CA GLU F 16 11.93 15.14 -50.96
C GLU F 16 12.47 16.48 -50.47
N LYS F 17 11.61 17.49 -50.36
CA LYS F 17 12.05 18.78 -49.87
C LYS F 17 12.52 18.72 -48.42
N GLU F 18 12.02 17.76 -47.64
CA GLU F 18 12.44 17.63 -46.25
C GLU F 18 13.70 16.78 -46.11
N GLY F 19 14.32 16.38 -47.23
CA GLY F 19 15.59 15.68 -47.23
C GLY F 19 15.54 14.16 -47.19
N ILE F 20 14.36 13.56 -47.34
CA ILE F 20 14.25 12.11 -47.36
C ILE F 20 14.80 11.55 -48.66
N THR F 21 15.62 10.51 -48.55
CA THR F 21 16.15 9.79 -49.70
C THR F 21 16.00 8.28 -49.56
N THR F 22 15.51 7.80 -48.42
CA THR F 22 15.53 6.38 -48.09
C THR F 22 14.29 6.04 -47.27
N ALA F 23 13.77 4.84 -47.48
CA ALA F 23 12.67 4.33 -46.67
C ALA F 23 12.88 2.84 -46.46
N PHE F 24 12.40 2.37 -45.31
CA PHE F 24 12.37 0.95 -44.96
C PHE F 24 10.91 0.58 -44.73
N GLY F 25 10.45 -0.51 -45.34
CA GLY F 25 9.04 -0.76 -45.23
C GLY F 25 8.64 -2.16 -45.65
N VAL F 26 7.34 -2.43 -45.45
CA VAL F 26 6.68 -3.63 -45.95
C VAL F 26 5.37 -3.19 -46.58
N PRO F 27 5.19 -3.36 -47.90
CA PRO F 27 3.94 -2.90 -48.53
C PRO F 27 2.74 -3.76 -48.15
N GLY F 28 1.56 -3.15 -48.30
CA GLY F 28 0.30 -3.85 -48.18
C GLY F 28 -0.77 -3.11 -48.96
N ALA F 29 -1.94 -3.73 -49.04
CA ALA F 29 -3.00 -3.18 -49.89
C ALA F 29 -3.41 -1.77 -49.43
N ALA F 30 -3.43 -1.53 -48.12
CA ALA F 30 -3.90 -0.23 -47.64
C ALA F 30 -2.89 0.89 -47.85
N ILE F 31 -1.63 0.57 -48.14
CA ILE F 31 -0.58 1.56 -48.35
C ILE F 31 -0.04 1.53 -49.78
N ASN F 32 -0.66 0.74 -50.67
CA ASN F 32 -0.24 0.70 -52.06
C ASN F 32 -0.23 2.06 -52.75
N PRO F 33 -1.24 2.93 -52.61
CA PRO F 33 -1.16 4.23 -53.31
C PRO F 33 0.07 5.02 -52.94
N PHE F 34 0.51 4.95 -51.68
CA PHE F 34 1.74 5.61 -51.30
C PHE F 34 2.92 5.00 -52.04
N TYR F 35 2.96 3.66 -52.10
CA TYR F 35 4.07 3.00 -52.78
C TYR F 35 4.08 3.35 -54.27
N SER F 36 2.89 3.41 -54.88
CA SER F 36 2.81 3.77 -56.28
C SER F 36 3.35 5.18 -56.50
N ALA F 37 2.99 6.12 -55.64
CA ALA F 37 3.51 7.48 -55.76
C ALA F 37 5.01 7.52 -55.49
N MET F 38 5.50 6.68 -54.58
CA MET F 38 6.94 6.60 -54.35
C MET F 38 7.65 6.05 -55.59
N ARG F 39 7.03 5.08 -56.28
CA ARG F 39 7.62 4.59 -57.52
C ARG F 39 7.64 5.65 -58.59
N LYS F 40 6.52 6.35 -58.79
CA LYS F 40 6.45 7.36 -59.85
C LYS F 40 7.45 8.48 -59.61
N HIS F 41 7.54 8.96 -58.37
CA HIS F 41 8.46 10.05 -58.06
C HIS F 41 9.92 9.64 -58.23
N GLY F 42 10.25 8.38 -57.94
CA GLY F 42 11.64 7.96 -57.94
C GLY F 42 12.42 8.74 -56.89
N GLY F 43 13.68 8.41 -56.66
CA GLY F 43 14.46 9.24 -55.78
C GLY F 43 14.33 8.95 -54.29
N ILE F 44 13.45 8.05 -53.87
CA ILE F 44 13.55 7.44 -52.55
C ILE F 44 13.94 5.99 -52.77
N ARG F 45 15.05 5.58 -52.17
CA ARG F 45 15.44 4.18 -52.20
C ARG F 45 14.65 3.44 -51.13
N HIS F 46 13.88 2.44 -51.53
CA HIS F 46 13.12 1.62 -50.58
C HIS F 46 13.85 0.32 -50.32
N ILE F 47 13.97 -0.04 -49.04
CA ILE F 47 14.52 -1.32 -48.61
C ILE F 47 13.38 -2.16 -48.03
N LEU F 48 13.20 -3.36 -48.56
CA LEU F 48 12.14 -4.27 -48.13
C LEU F 48 12.63 -5.09 -46.94
N ALA F 49 12.02 -4.88 -45.77
CA ALA F 49 12.33 -5.65 -44.59
C ALA F 49 11.57 -6.98 -44.60
N ARG F 50 12.01 -7.91 -43.75
CA ARG F 50 11.36 -9.20 -43.62
C ARG F 50 10.63 -9.33 -42.29
N HIS F 51 10.35 -8.19 -41.65
CA HIS F 51 9.46 -8.06 -40.52
C HIS F 51 9.23 -6.56 -40.36
N VAL F 52 7.98 -6.17 -40.10
CA VAL F 52 7.71 -4.74 -39.92
C VAL F 52 8.55 -4.18 -38.77
N GLU F 53 8.76 -4.96 -37.72
CA GLU F 53 9.64 -4.47 -36.67
C GLU F 53 11.05 -4.26 -37.20
N GLY F 54 11.47 -5.08 -38.19
CA GLY F 54 12.76 -4.86 -38.79
C GLY F 54 12.85 -3.52 -39.50
N ALA F 55 11.80 -3.17 -40.25
CA ALA F 55 11.82 -1.88 -40.94
C ALA F 55 11.89 -0.73 -39.94
N SER F 56 11.13 -0.82 -38.85
CA SER F 56 11.10 0.27 -37.88
C SER F 56 12.45 0.46 -37.19
N HIS F 57 13.19 -0.63 -36.92
CA HIS F 57 14.50 -0.46 -36.27
C HIS F 57 15.58 -0.08 -37.28
N MET F 58 15.39 -0.44 -38.54
CA MET F 58 16.25 0.09 -39.60
C MET F 58 16.14 1.60 -39.67
N ALA F 59 14.91 2.12 -39.55
CA ALA F 59 14.71 3.55 -39.54
C ALA F 59 15.40 4.19 -38.33
N GLU F 60 15.34 3.52 -37.18
CA GLU F 60 16.04 4.04 -36.01
C GLU F 60 17.53 4.16 -36.27
N GLY F 61 18.13 3.10 -36.80
CA GLY F 61 19.56 3.13 -37.06
C GLY F 61 19.93 4.14 -38.12
N TYR F 62 19.07 4.34 -39.12
CA TYR F 62 19.33 5.36 -40.13
C TYR F 62 19.36 6.76 -39.50
N THR F 63 18.42 7.06 -38.62
CA THR F 63 18.43 8.35 -37.93
C THR F 63 19.70 8.53 -37.14
N ARG F 64 20.05 7.51 -36.34
CA ARG F 64 21.16 7.67 -35.40
C ARG F 64 22.50 7.77 -36.10
N ALA F 65 22.61 7.28 -37.33
CA ALA F 65 23.91 7.20 -37.98
C ALA F 65 24.50 8.58 -38.25
N THR F 66 23.66 9.56 -38.61
CA THR F 66 24.16 10.84 -39.13
C THR F 66 23.23 11.97 -38.73
N ALA F 67 23.80 13.06 -38.23
CA ALA F 67 23.00 14.19 -37.77
C ALA F 67 22.13 14.73 -38.90
N GLY F 68 20.89 15.07 -38.56
CA GLY F 68 19.93 15.53 -39.54
C GLY F 68 19.16 14.43 -40.27
N ASN F 69 19.63 13.18 -40.21
CA ASN F 69 18.90 12.07 -40.83
C ASN F 69 17.55 11.83 -40.16
N ILE F 70 16.57 11.43 -40.96
CA ILE F 70 15.33 10.94 -40.37
C ILE F 70 14.90 9.67 -41.08
N GLY F 71 15.08 8.52 -40.42
CA GLY F 71 14.66 7.27 -41.03
C GLY F 71 13.14 7.20 -41.15
N VAL F 72 12.68 6.58 -42.25
CA VAL F 72 11.27 6.46 -42.57
C VAL F 72 10.88 4.99 -42.61
N CYS F 73 9.81 4.64 -41.92
CA CYS F 73 9.31 3.27 -41.82
C CYS F 73 7.90 3.23 -42.37
N LEU F 74 7.67 2.40 -43.39
CA LEU F 74 6.39 2.30 -44.10
C LEU F 74 5.70 0.97 -43.76
N GLY F 75 4.38 1.01 -43.61
CA GLY F 75 3.66 -0.24 -43.47
C GLY F 75 2.20 -0.08 -43.85
N THR F 76 1.47 -1.19 -43.82
CA THR F 76 0.08 -1.17 -44.19
C THR F 76 -0.79 -0.92 -42.95
N SER F 77 -2.09 -1.20 -43.03
CA SER F 77 -2.96 -0.96 -41.90
C SER F 77 -2.85 -2.11 -40.89
N GLY F 78 -3.67 -2.05 -39.84
CA GLY F 78 -3.77 -3.15 -38.91
C GLY F 78 -2.46 -3.49 -38.22
N PRO F 79 -2.05 -4.76 -38.32
CA PRO F 79 -0.89 -5.24 -37.55
C PRO F 79 0.43 -4.57 -37.92
N ALA F 80 0.55 -3.99 -39.11
CA ALA F 80 1.77 -3.25 -39.41
C ALA F 80 2.03 -2.18 -38.36
N GLY F 81 0.99 -1.37 -38.05
CA GLY F 81 1.19 -0.29 -37.11
C GLY F 81 1.47 -0.75 -35.70
N THR F 82 0.80 -1.82 -35.26
CA THR F 82 1.10 -2.33 -33.92
C THR F 82 2.49 -2.97 -33.87
N ASP F 83 3.03 -3.41 -35.01
CA ASP F 83 4.41 -3.89 -35.06
C ASP F 83 5.44 -2.76 -35.00
N MET F 84 5.02 -1.51 -35.13
CA MET F 84 5.95 -0.40 -35.02
C MET F 84 6.03 0.19 -33.62
N ILE F 85 5.16 -0.24 -32.70
CA ILE F 85 5.08 0.46 -31.42
C ILE F 85 6.40 0.36 -30.68
N THR F 86 7.08 -0.78 -30.77
CA THR F 86 8.32 -0.96 -30.03
C THR F 86 9.39 0.02 -30.52
N ALA F 87 9.46 0.26 -31.85
CA ALA F 87 10.45 1.23 -32.37
C ALA F 87 10.09 2.65 -31.97
N LEU F 88 8.79 2.97 -31.96
CA LEU F 88 8.38 4.31 -31.54
C LEU F 88 8.72 4.56 -30.08
N TYR F 89 8.55 3.54 -29.22
CA TYR F 89 8.95 3.69 -27.84
C TYR F 89 10.47 3.86 -27.73
N SER F 90 11.22 3.04 -28.47
CA SER F 90 12.68 3.12 -28.42
C SER F 90 13.17 4.48 -28.92
N ALA F 91 12.62 4.97 -30.02
CA ALA F 91 13.01 6.28 -30.53
C ALA F 91 12.65 7.37 -29.53
N SER F 92 11.39 7.40 -29.07
CA SER F 92 10.98 8.41 -28.09
C SER F 92 11.87 8.38 -26.87
N ALA F 93 12.18 7.17 -26.37
CA ALA F 93 12.90 7.05 -25.10
C ALA F 93 14.32 7.61 -25.21
N ASP F 94 14.89 7.61 -26.41
CA ASP F 94 16.24 8.12 -26.63
C ASP F 94 16.24 9.53 -27.23
N SER F 95 15.07 10.16 -27.32
CA SER F 95 14.97 11.52 -27.87
C SER F 95 15.45 11.59 -29.32
N ILE F 96 15.09 10.59 -30.12
CA ILE F 96 15.42 10.66 -31.56
C ILE F 96 14.18 10.37 -32.41
N PRO F 97 14.12 10.94 -33.62
CA PRO F 97 12.95 10.76 -34.49
C PRO F 97 13.03 9.57 -35.44
N ILE F 98 11.85 9.01 -35.71
CA ILE F 98 11.60 8.27 -36.94
C ILE F 98 10.22 8.71 -37.41
N LEU F 99 10.00 8.63 -38.71
CA LEU F 99 8.67 8.88 -39.29
C LEU F 99 8.08 7.55 -39.69
N CYS F 100 7.01 7.13 -39.02
CA CYS F 100 6.24 5.96 -39.43
C CYS F 100 5.01 6.42 -40.20
N ILE F 101 4.76 5.79 -41.34
CA ILE F 101 3.60 6.05 -42.18
C ILE F 101 2.89 4.73 -42.38
N THR F 102 1.62 4.67 -42.00
CA THR F 102 0.81 3.47 -42.15
C THR F 102 -0.38 3.75 -43.05
N GLY F 103 -0.76 2.75 -43.84
CA GLY F 103 -2.04 2.80 -44.49
C GLY F 103 -3.18 2.57 -43.51
N GLN F 104 -4.39 2.93 -43.93
CA GLN F 104 -5.53 2.83 -43.04
C GLN F 104 -6.80 2.64 -43.88
N ALA F 105 -7.85 2.20 -43.21
CA ALA F 105 -9.14 2.07 -43.88
C ALA F 105 -9.62 3.46 -44.33
N PRO F 106 -10.53 3.50 -45.31
CA PRO F 106 -11.11 4.79 -45.72
C PRO F 106 -11.90 5.45 -44.60
N ARG F 107 -11.95 6.79 -44.63
CA ARG F 107 -12.60 7.54 -43.57
C ARG F 107 -13.99 7.00 -43.24
N ALA F 108 -14.80 6.68 -44.25
CA ALA F 108 -16.17 6.27 -44.00
C ALA F 108 -16.24 4.97 -43.21
N ARG F 109 -15.16 4.18 -43.22
CA ARG F 109 -15.14 2.86 -42.64
C ARG F 109 -14.43 2.80 -41.28
N LEU F 110 -14.05 3.94 -40.71
CA LEU F 110 -13.13 3.91 -39.57
C LEU F 110 -13.74 3.22 -38.34
N HIS F 111 -15.06 3.22 -38.20
CA HIS F 111 -15.69 2.67 -37.01
C HIS F 111 -16.50 1.40 -37.30
N LYS F 112 -16.23 0.75 -38.43
CA LYS F 112 -17.01 -0.37 -38.92
C LYS F 112 -16.31 -1.73 -38.78
N GLU F 113 -15.22 -1.82 -38.02
CA GLU F 113 -14.54 -3.11 -37.89
C GLU F 113 -14.07 -3.63 -39.24
N ASP F 114 -13.57 -2.72 -40.08
CA ASP F 114 -13.06 -3.13 -41.38
C ASP F 114 -11.84 -4.04 -41.23
N PHE F 115 -11.63 -4.87 -42.24
CA PHE F 115 -10.52 -5.80 -42.23
C PHE F 115 -9.20 -5.07 -41.99
N GLN F 116 -8.44 -5.54 -41.00
CA GLN F 116 -7.12 -4.99 -40.66
C GLN F 116 -7.16 -3.48 -40.43
N ALA F 117 -8.23 -2.99 -39.79
CA ALA F 117 -8.32 -1.59 -39.37
C ALA F 117 -8.18 -1.50 -37.87
N VAL F 118 -7.24 -0.69 -37.38
CA VAL F 118 -7.00 -0.54 -35.95
C VAL F 118 -6.87 0.93 -35.62
N ASP F 119 -7.14 1.26 -34.36
CA ASP F 119 -7.02 2.64 -33.89
C ASP F 119 -5.55 2.91 -33.52
N ILE F 120 -4.71 2.96 -34.55
CA ILE F 120 -3.27 3.14 -34.33
C ILE F 120 -3.01 4.50 -33.70
N GLU F 121 -3.84 5.49 -33.99
CA GLU F 121 -3.69 6.82 -33.39
C GLU F 121 -3.65 6.73 -31.86
N ALA F 122 -4.60 6.02 -31.26
CA ALA F 122 -4.65 5.90 -29.80
C ALA F 122 -3.52 5.03 -29.27
N ILE F 123 -3.16 3.96 -29.98
CA ILE F 123 -2.11 3.08 -29.49
C ILE F 123 -0.76 3.78 -29.48
N ALA F 124 -0.48 4.59 -30.49
CA ALA F 124 0.84 5.19 -30.64
C ALA F 124 1.01 6.51 -29.89
N LYS F 125 -0.07 7.13 -29.41
CA LYS F 125 0.07 8.44 -28.78
C LYS F 125 1.04 8.45 -27.60
N PRO F 126 1.02 7.48 -26.68
CA PRO F 126 1.98 7.50 -25.55
C PRO F 126 3.44 7.45 -25.97
N VAL F 127 3.75 6.93 -27.16
CA VAL F 127 5.16 6.78 -27.55
C VAL F 127 5.52 7.59 -28.78
N SER F 128 4.90 8.76 -28.97
CA SER F 128 5.24 9.61 -30.10
C SER F 128 4.99 11.07 -29.76
N LYS F 129 5.74 11.96 -30.44
CA LYS F 129 5.44 13.39 -30.36
C LYS F 129 4.14 13.73 -31.08
N MET F 130 3.80 12.95 -32.11
CA MET F 130 2.51 13.11 -32.77
C MET F 130 2.17 11.79 -33.43
N ALA F 131 0.89 11.40 -33.32
CA ALA F 131 0.33 10.27 -34.04
C ALA F 131 -1.05 10.68 -34.52
N VAL F 132 -1.25 10.75 -35.82
CA VAL F 132 -2.47 11.35 -36.34
C VAL F 132 -2.94 10.58 -37.56
N THR F 133 -4.25 10.34 -37.62
CA THR F 133 -4.92 9.88 -38.84
C THR F 133 -5.34 11.11 -39.63
N VAL F 134 -4.84 11.24 -40.85
CA VAL F 134 -5.12 12.40 -41.69
C VAL F 134 -6.53 12.25 -42.26
N ARG F 135 -7.38 13.26 -42.02
CA ARG F 135 -8.80 13.21 -42.36
C ARG F 135 -9.15 13.84 -43.69
N GLU F 136 -8.23 14.58 -44.32
CA GLU F 136 -8.49 15.26 -45.58
C GLU F 136 -7.26 15.14 -46.47
N ALA F 137 -7.48 14.98 -47.78
CA ALA F 137 -6.35 14.86 -48.69
C ALA F 137 -5.50 16.12 -48.66
N ALA F 138 -6.13 17.29 -48.55
CA ALA F 138 -5.36 18.53 -48.56
C ALA F 138 -4.48 18.67 -47.34
N LEU F 139 -4.79 17.99 -46.24
CA LEU F 139 -3.99 18.06 -45.03
C LEU F 139 -2.74 17.18 -45.07
N VAL F 140 -2.63 16.24 -46.01
CA VAL F 140 -1.47 15.34 -46.01
C VAL F 140 -0.16 16.12 -46.07
N PRO F 141 0.04 17.06 -46.99
CA PRO F 141 1.29 17.84 -46.94
C PRO F 141 1.46 18.61 -45.63
N ARG F 142 0.37 19.11 -45.05
CA ARG F 142 0.48 19.92 -43.85
C ARG F 142 0.81 19.08 -42.63
N VAL F 143 0.23 17.87 -42.55
CA VAL F 143 0.59 17.00 -41.43
C VAL F 143 2.07 16.62 -41.52
N LEU F 144 2.53 16.28 -42.72
CA LEU F 144 3.94 15.96 -42.88
C LEU F 144 4.80 17.18 -42.58
N GLN F 145 4.32 18.37 -42.95
CA GLN F 145 5.05 19.58 -42.66
C GLN F 145 5.19 19.78 -41.16
N GLN F 146 4.10 19.59 -40.43
CA GLN F 146 4.17 19.69 -38.98
C GLN F 146 5.02 18.58 -38.38
N ALA F 147 5.02 17.38 -38.99
CA ALA F 147 5.75 16.26 -38.41
C ALA F 147 7.26 16.53 -38.40
N PHE F 148 7.79 17.05 -39.51
CA PHE F 148 9.23 17.32 -39.56
C PHE F 148 9.62 18.42 -38.60
N HIS F 149 8.73 19.41 -38.39
CA HIS F 149 9.01 20.39 -37.36
C HIS F 149 9.08 19.74 -35.98
N LEU F 150 8.13 18.85 -35.68
CA LEU F 150 8.15 18.19 -34.37
C LEU F 150 9.34 17.25 -34.23
N MET F 151 9.74 16.59 -35.33
CA MET F 151 10.82 15.63 -35.19
C MET F 151 12.17 16.30 -35.00
N ARG F 152 12.29 17.58 -35.37
CA ARG F 152 13.55 18.29 -35.23
C ARG F 152 13.60 19.25 -34.05
N SER F 153 12.44 19.69 -33.53
CA SER F 153 12.37 20.78 -32.56
C SER F 153 12.41 20.27 -31.12
N GLY F 154 12.83 21.15 -30.20
CA GLY F 154 12.77 20.82 -28.79
C GLY F 154 13.51 19.53 -28.49
N ARG F 155 12.90 18.70 -27.64
CA ARG F 155 13.39 17.34 -27.48
C ARG F 155 12.88 16.51 -28.64
N PRO F 156 13.76 15.97 -29.48
CA PRO F 156 13.29 15.24 -30.68
C PRO F 156 12.55 13.96 -30.32
N GLY F 157 11.69 13.54 -31.24
CA GLY F 157 10.91 12.34 -31.06
C GLY F 157 10.22 11.90 -32.33
N PRO F 158 9.75 10.65 -32.34
CA PRO F 158 9.13 10.09 -33.54
C PRO F 158 7.71 10.60 -33.76
N VAL F 159 7.26 10.44 -35.00
CA VAL F 159 5.89 10.75 -35.40
C VAL F 159 5.33 9.57 -36.21
N LEU F 160 4.05 9.28 -36.01
CA LEU F 160 3.34 8.31 -36.84
C LEU F 160 2.24 9.04 -37.59
N VAL F 161 2.22 8.86 -38.91
CA VAL F 161 1.21 9.46 -39.79
C VAL F 161 0.41 8.31 -40.38
N ASP F 162 -0.89 8.29 -40.10
CA ASP F 162 -1.79 7.23 -40.51
C ASP F 162 -2.66 7.75 -41.66
N LEU F 163 -2.70 7.01 -42.77
CA LEU F 163 -3.26 7.51 -44.04
C LEU F 163 -4.42 6.67 -44.53
N PRO F 164 -5.68 7.13 -44.39
CA PRO F 164 -6.79 6.39 -44.97
C PRO F 164 -6.65 6.26 -46.49
N PHE F 165 -7.10 5.12 -47.01
CA PHE F 165 -6.89 4.81 -48.41
C PHE F 165 -7.47 5.90 -49.32
N ASP F 166 -8.71 6.31 -49.06
CA ASP F 166 -9.33 7.33 -49.90
C ASP F 166 -8.63 8.67 -49.79
N VAL F 167 -8.07 8.98 -48.61
CA VAL F 167 -7.31 10.22 -48.47
C VAL F 167 -6.03 10.16 -49.30
N GLN F 168 -5.42 8.98 -49.41
CA GLN F 168 -4.18 8.87 -50.19
C GLN F 168 -4.42 9.15 -51.66
N VAL F 169 -5.50 8.60 -52.22
CA VAL F 169 -5.73 8.68 -53.67
C VAL F 169 -6.51 9.91 -54.12
N ALA F 170 -7.10 10.66 -53.19
CA ALA F 170 -7.88 11.83 -53.60
C ALA F 170 -6.99 12.87 -54.27
N GLU F 171 -7.52 13.50 -55.33
CA GLU F 171 -6.80 14.55 -56.01
C GLU F 171 -6.80 15.85 -55.21
N ILE F 172 -5.68 16.56 -55.27
CA ILE F 172 -5.55 17.88 -54.66
C ILE F 172 -4.72 18.72 -55.60
N GLU F 173 -4.80 20.04 -55.42
CA GLU F 173 -3.94 20.96 -56.14
C GLU F 173 -2.74 21.28 -55.25
N PHE F 174 -1.54 21.06 -55.76
CA PHE F 174 -0.36 21.23 -54.94
C PHE F 174 0.80 21.73 -55.80
N ASP F 175 1.57 22.65 -55.24
CA ASP F 175 2.70 23.26 -55.94
C ASP F 175 3.99 22.91 -55.23
N PRO F 176 4.78 21.97 -55.74
CA PRO F 176 6.04 21.62 -55.06
C PRO F 176 6.99 22.79 -54.92
N ASP F 177 6.96 23.75 -55.85
CA ASP F 177 7.90 24.87 -55.78
C ASP F 177 7.55 25.88 -54.69
N MET F 178 6.34 25.86 -54.14
CA MET F 178 5.98 26.79 -53.07
C MET F 178 6.11 26.20 -51.67
N TYR F 179 6.50 24.93 -51.53
CA TYR F 179 6.58 24.32 -50.20
C TYR F 179 7.87 24.71 -49.52
N GLU F 180 7.78 25.12 -48.25
CA GLU F 180 8.96 25.33 -47.45
C GLU F 180 8.81 24.63 -46.11
N PRO F 181 9.86 23.99 -45.63
CA PRO F 181 9.84 23.43 -44.27
C PRO F 181 9.70 24.53 -43.24
N LEU F 182 9.01 24.23 -42.14
CA LEU F 182 8.91 25.28 -41.14
C LEU F 182 10.20 25.39 -40.32
N PRO F 183 10.39 26.54 -39.66
CA PRO F 183 11.57 26.73 -38.83
C PRO F 183 11.60 25.73 -37.68
N VAL F 184 12.80 25.37 -37.29
CA VAL F 184 13.01 24.45 -36.18
C VAL F 184 13.10 25.26 -34.89
N TYR F 185 12.35 24.86 -33.88
CA TYR F 185 12.39 25.53 -32.58
C TYR F 185 13.49 24.94 -31.72
N LYS F 186 14.40 25.79 -31.22
CA LYS F 186 15.49 25.40 -30.34
C LYS F 186 15.81 26.50 -29.34
N PRO F 187 15.47 26.34 -28.07
CA PRO F 187 15.81 27.37 -27.08
C PRO F 187 17.32 27.49 -26.92
N ALA F 188 17.78 28.70 -26.57
CA ALA F 188 19.19 28.98 -26.40
C ALA F 188 19.44 29.61 -25.04
N ALA F 189 20.52 29.18 -24.40
CA ALA F 189 20.93 29.77 -23.14
C ALA F 189 21.35 31.23 -23.33
N SER F 190 21.01 32.06 -22.36
CA SER F 190 21.49 33.44 -22.33
C SER F 190 22.93 33.52 -21.82
N ARG F 191 23.59 34.63 -22.14
CA ARG F 191 24.93 34.87 -21.61
C ARG F 191 24.92 34.90 -20.08
N MET F 192 23.86 35.40 -19.46
CA MET F 192 23.80 35.39 -18.01
C MET F 192 23.80 33.96 -17.46
N GLN F 193 23.07 33.05 -18.11
CA GLN F 193 23.10 31.66 -17.68
C GLN F 193 24.50 31.08 -17.83
N ILE F 194 25.11 31.29 -18.99
CA ILE F 194 26.39 30.65 -19.27
C ILE F 194 27.48 31.21 -18.37
N GLU F 195 27.44 32.53 -18.11
CA GLU F 195 28.47 33.10 -17.23
C GLU F 195 28.34 32.55 -15.83
N LYS F 196 27.11 32.30 -15.37
CA LYS F 196 26.93 31.71 -14.04
C LYS F 196 27.46 30.28 -13.98
N ALA F 197 27.26 29.52 -15.06
CA ALA F 197 27.77 28.15 -15.11
C ALA F 197 29.29 28.15 -15.10
N VAL F 198 29.91 28.96 -15.95
CA VAL F 198 31.37 29.00 -16.01
C VAL F 198 31.93 29.49 -14.68
N GLU F 199 31.21 30.40 -14.02
CA GLU F 199 31.65 30.86 -12.71
C GLU F 199 31.67 29.72 -11.70
N MET F 200 30.64 28.88 -11.69
CA MET F 200 30.61 27.73 -10.78
C MET F 200 31.70 26.72 -11.13
N LEU F 201 31.99 26.54 -12.42
CA LEU F 201 33.06 25.64 -12.82
C LEU F 201 34.41 26.13 -12.34
N ILE F 202 34.62 27.45 -12.36
CA ILE F 202 35.90 27.99 -11.92
C ILE F 202 36.10 27.75 -10.43
N GLN F 203 35.03 27.75 -9.64
CA GLN F 203 35.15 27.56 -8.21
C GLN F 203 35.38 26.10 -7.82
N ALA F 204 34.93 25.16 -8.65
CA ALA F 204 35.13 23.75 -8.34
C ALA F 204 36.62 23.42 -8.37
N GLU F 205 37.03 22.53 -7.46
CA GLU F 205 38.41 22.07 -7.43
C GLU F 205 38.63 20.75 -8.16
N ARG F 206 37.60 19.89 -8.28
CA ARG F 206 37.71 18.66 -9.06
C ARG F 206 36.45 18.48 -9.93
N PRO F 207 36.25 19.37 -10.90
CA PRO F 207 35.07 19.27 -11.78
C PRO F 207 35.16 18.12 -12.78
N VAL F 208 34.00 17.60 -13.16
CA VAL F 208 33.86 16.76 -14.35
C VAL F 208 32.71 17.29 -15.19
N ILE F 209 32.86 17.18 -16.51
CA ILE F 209 31.76 17.34 -17.46
C ILE F 209 31.13 15.99 -17.73
N VAL F 210 29.81 15.88 -17.60
CA VAL F 210 29.10 14.69 -18.07
C VAL F 210 28.44 15.06 -19.40
N ALA F 211 28.96 14.50 -20.49
CA ALA F 211 28.50 14.83 -21.84
C ALA F 211 27.48 13.77 -22.27
N GLY F 212 26.20 14.17 -22.30
CA GLY F 212 25.11 13.26 -22.60
C GLY F 212 24.75 13.19 -24.09
N GLY F 213 23.70 12.44 -24.38
CA GLY F 213 23.30 12.25 -25.77
C GLY F 213 22.76 13.51 -26.43
N GLY F 214 22.34 14.50 -25.64
CA GLY F 214 21.94 15.77 -26.23
C GLY F 214 23.07 16.47 -26.95
N VAL F 215 24.33 16.22 -26.53
CA VAL F 215 25.48 16.77 -27.24
C VAL F 215 25.51 16.24 -28.67
N ILE F 216 25.38 14.91 -28.83
CA ILE F 216 25.38 14.29 -30.15
C ILE F 216 24.13 14.66 -30.92
N ASN F 217 22.98 14.70 -30.22
CA ASN F 217 21.71 15.08 -30.84
C ASN F 217 21.80 16.49 -31.43
N ALA F 218 22.48 17.40 -30.74
CA ALA F 218 22.68 18.76 -31.23
C ALA F 218 23.82 18.87 -32.24
N ASP F 219 24.58 17.81 -32.48
CA ASP F 219 25.73 17.85 -33.39
C ASP F 219 26.78 18.83 -32.88
N ALA F 220 27.07 18.74 -31.59
CA ALA F 220 27.95 19.69 -30.92
C ALA F 220 29.19 19.00 -30.35
N ALA F 221 29.57 17.85 -30.93
CA ALA F 221 30.70 17.09 -30.38
C ALA F 221 32.00 17.87 -30.41
N ALA F 222 32.28 18.56 -31.53
CA ALA F 222 33.53 19.31 -31.60
C ALA F 222 33.55 20.44 -30.57
N LEU F 223 32.40 21.09 -30.35
CA LEU F 223 32.32 22.13 -29.35
C LEU F 223 32.46 21.58 -27.94
N LEU F 224 31.99 20.35 -27.70
CA LEU F 224 32.14 19.76 -26.37
C LEU F 224 33.61 19.53 -26.06
N GLN F 225 34.34 18.92 -27.01
CA GLN F 225 35.76 18.69 -26.83
C GLN F 225 36.54 20.00 -26.71
N GLN F 226 36.15 21.01 -27.49
CA GLN F 226 36.85 22.30 -27.42
C GLN F 226 36.64 22.98 -26.08
N PHE F 227 35.44 22.85 -25.50
CA PHE F 227 35.17 23.46 -24.21
C PHE F 227 35.89 22.73 -23.08
N ALA F 228 35.96 21.40 -23.15
CA ALA F 228 36.73 20.68 -22.15
C ALA F 228 38.23 20.97 -22.29
N GLU F 229 38.71 21.18 -23.53
CA GLU F 229 40.11 21.51 -23.73
C GLU F 229 40.45 22.90 -23.19
N LEU F 230 39.56 23.87 -23.38
CA LEU F 230 39.85 25.23 -22.92
C LEU F 230 39.89 25.30 -21.40
N THR F 231 39.01 24.57 -20.72
CA THR F 231 38.95 24.59 -19.26
C THR F 231 39.76 23.48 -18.61
N SER F 232 40.32 22.56 -19.39
CA SER F 232 41.09 21.44 -18.85
C SER F 232 40.26 20.61 -17.87
N VAL F 233 39.01 20.33 -18.23
CA VAL F 233 38.06 19.61 -17.38
C VAL F 233 37.85 18.22 -17.96
N PRO F 234 38.06 17.15 -17.19
CA PRO F 234 37.85 15.79 -17.71
C PRO F 234 36.39 15.55 -18.09
N VAL F 235 36.20 14.72 -19.12
CA VAL F 235 34.87 14.41 -19.64
C VAL F 235 34.49 12.98 -19.32
N ILE F 236 33.27 12.79 -18.80
CA ILE F 236 32.64 11.49 -18.63
C ILE F 236 31.40 11.45 -19.51
N PRO F 237 31.49 10.83 -20.69
CA PRO F 237 30.26 10.65 -21.49
C PRO F 237 29.28 9.73 -20.78
N THR F 238 27.99 10.03 -20.93
CA THR F 238 27.00 8.99 -20.64
C THR F 238 27.11 7.93 -21.72
N LEU F 239 26.39 6.83 -21.54
CA LEU F 239 26.41 5.83 -22.59
C LEU F 239 25.91 6.42 -23.90
N MET F 240 24.95 7.35 -23.84
CA MET F 240 24.44 7.97 -25.05
C MET F 240 25.31 9.11 -25.56
N GLY F 241 26.15 9.68 -24.70
CA GLY F 241 27.13 10.63 -25.20
C GLY F 241 28.43 10.00 -25.68
N TRP F 242 28.55 8.67 -25.56
CA TRP F 242 29.84 8.02 -25.83
C TRP F 242 30.30 8.29 -27.24
N GLY F 243 31.55 8.74 -27.37
CA GLY F 243 32.10 9.13 -28.65
C GLY F 243 32.06 10.61 -28.96
N CYS F 244 31.44 11.44 -28.11
CA CYS F 244 31.45 12.88 -28.36
C CYS F 244 32.81 13.51 -28.09
N ILE F 245 33.68 12.82 -27.35
CA ILE F 245 35.10 13.12 -27.32
C ILE F 245 35.81 11.78 -27.49
N PRO F 246 36.90 11.70 -28.23
CA PRO F 246 37.51 10.39 -28.51
C PRO F 246 38.00 9.69 -27.25
N ASP F 247 37.91 8.36 -27.25
CA ASP F 247 38.29 7.58 -26.08
C ASP F 247 39.78 7.69 -25.77
N ASP F 248 40.61 8.10 -26.71
CA ASP F 248 42.04 8.32 -26.44
C ASP F 248 42.38 9.77 -26.14
N HIS F 249 41.39 10.66 -26.02
CA HIS F 249 41.67 12.04 -25.61
C HIS F 249 42.15 12.08 -24.17
N GLU F 250 43.12 12.96 -23.90
CA GLU F 250 43.71 13.01 -22.56
C GLU F 250 42.70 13.38 -21.48
N LEU F 251 41.59 14.05 -21.84
CA LEU F 251 40.56 14.39 -20.85
C LEU F 251 39.42 13.37 -20.78
N MET F 252 39.36 12.39 -21.66
CA MET F 252 38.28 11.40 -21.56
C MET F 252 38.50 10.54 -20.32
N ALA F 253 37.60 10.66 -19.34
CA ALA F 253 37.80 10.09 -18.01
C ALA F 253 37.12 8.74 -17.82
N GLY F 254 36.54 8.15 -18.87
CA GLY F 254 35.78 6.92 -18.76
C GLY F 254 34.28 7.17 -18.63
N MET F 255 33.53 6.07 -18.51
CA MET F 255 32.08 6.13 -18.28
C MET F 255 31.71 5.74 -16.86
N VAL F 256 30.55 6.21 -16.43
CA VAL F 256 30.06 6.10 -15.05
C VAL F 256 28.74 5.34 -15.05
N GLY F 257 28.50 4.56 -14.02
CA GLY F 257 27.19 3.95 -13.84
C GLY F 257 27.25 2.57 -13.22
N LEU F 258 26.08 1.92 -13.23
CA LEU F 258 25.86 0.64 -12.57
C LEU F 258 26.27 -0.57 -13.41
N GLN F 259 26.35 -0.45 -14.74
CA GLN F 259 26.66 -1.59 -15.58
C GLN F 259 27.65 -1.20 -16.69
N THR F 260 27.22 -0.35 -17.64
CA THR F 260 28.12 0.04 -18.73
C THR F 260 28.98 1.20 -18.24
N ALA F 261 29.99 0.85 -17.44
CA ALA F 261 30.83 1.86 -16.82
C ALA F 261 32.18 1.25 -16.49
N HIS F 262 33.13 2.14 -16.22
CA HIS F 262 34.49 1.76 -15.87
C HIS F 262 34.73 1.95 -14.38
N ARG F 263 35.58 1.08 -13.83
CA ARG F 263 35.99 1.27 -12.44
C ARG F 263 36.64 2.63 -12.26
N TYR F 264 37.44 3.06 -13.23
CA TYR F 264 38.08 4.38 -13.11
C TYR F 264 37.08 5.51 -13.33
N GLY F 265 36.04 5.29 -14.13
CA GLY F 265 35.01 6.30 -14.27
C GLY F 265 34.27 6.52 -12.97
N ASN F 266 33.79 5.44 -12.35
CA ASN F 266 33.04 5.59 -11.10
C ASN F 266 33.90 6.19 -10.00
N ALA F 267 35.18 5.79 -9.93
CA ALA F 267 36.06 6.36 -8.91
C ALA F 267 36.26 7.86 -9.15
N THR F 268 36.41 8.27 -10.41
CA THR F 268 36.64 9.68 -10.69
C THR F 268 35.42 10.52 -10.35
N LEU F 269 34.22 10.02 -10.65
CA LEU F 269 33.03 10.80 -10.33
C LEU F 269 32.86 10.94 -8.82
N LEU F 270 33.08 9.85 -8.08
CA LEU F 270 32.98 9.90 -6.63
C LEU F 270 34.03 10.81 -6.01
N ALA F 271 35.18 11.00 -6.67
CA ALA F 271 36.18 11.93 -6.16
C ALA F 271 35.91 13.39 -6.53
N SER F 272 35.02 13.64 -7.49
CA SER F 272 34.79 14.99 -7.98
C SER F 272 33.93 15.80 -7.01
N ASP F 273 34.06 17.12 -7.10
CA ASP F 273 33.23 18.04 -6.34
C ASP F 273 32.22 18.78 -7.20
N MET F 274 32.17 18.52 -8.51
CA MET F 274 31.13 19.10 -9.35
C MET F 274 30.91 18.23 -10.58
N VAL F 275 29.65 18.18 -11.01
CA VAL F 275 29.24 17.50 -12.24
C VAL F 275 28.60 18.55 -13.12
N PHE F 276 29.27 18.88 -14.22
CA PHE F 276 28.78 19.81 -15.23
C PHE F 276 28.09 19.01 -16.34
N GLY F 277 26.78 18.80 -16.18
CA GLY F 277 26.01 18.00 -17.13
C GLY F 277 25.53 18.75 -18.36
N ILE F 278 25.94 18.31 -19.55
CA ILE F 278 25.56 18.93 -20.82
C ILE F 278 24.80 17.89 -21.65
N GLY F 279 23.50 18.09 -21.81
CA GLY F 279 22.78 17.20 -22.70
C GLY F 279 22.52 15.82 -22.15
N ASN F 280 22.66 15.64 -20.84
CA ASN F 280 22.40 14.38 -20.17
C ASN F 280 21.09 14.50 -19.40
N ARG F 281 20.66 13.40 -18.79
CA ARG F 281 19.46 13.47 -17.97
C ARG F 281 19.62 12.70 -16.66
N PHE F 282 20.83 12.28 -16.30
CA PHE F 282 21.08 11.63 -15.01
C PHE F 282 20.21 10.40 -14.82
N ALA F 283 20.29 9.48 -15.78
CA ALA F 283 19.48 8.25 -15.76
C ALA F 283 19.88 7.38 -14.57
N GLN F 284 18.91 6.58 -14.11
CA GLN F 284 19.12 5.76 -12.92
C GLN F 284 20.28 4.77 -13.12
N ARG F 285 20.42 4.22 -14.32
CA ARG F 285 21.55 3.31 -14.59
C ARG F 285 22.90 4.04 -14.53
N HIS F 286 22.91 5.35 -14.72
CA HIS F 286 24.12 6.15 -14.63
C HIS F 286 24.42 6.61 -13.20
N THR F 287 23.40 6.93 -12.40
CA THR F 287 23.60 7.54 -11.09
C THR F 287 23.54 6.56 -9.92
N GLY F 288 22.81 5.45 -10.02
CA GLY F 288 22.43 4.78 -8.79
C GLY F 288 21.49 5.66 -7.98
N SER F 289 21.57 5.55 -6.65
CA SER F 289 20.80 6.47 -5.82
C SER F 289 21.32 7.89 -6.01
N VAL F 290 20.39 8.83 -6.24
CA VAL F 290 20.82 10.20 -6.53
C VAL F 290 21.47 10.83 -5.32
N GLU F 291 21.09 10.38 -4.11
CA GLU F 291 21.68 10.94 -2.90
C GLU F 291 23.18 10.66 -2.84
N LYS F 292 23.61 9.47 -3.29
CA LYS F 292 25.03 9.14 -3.33
C LYS F 292 25.74 9.84 -4.49
N TYR F 293 25.09 9.88 -5.65
CA TYR F 293 25.69 10.52 -6.81
C TYR F 293 25.89 12.01 -6.57
N THR F 294 25.02 12.65 -5.80
CA THR F 294 25.09 14.09 -5.62
C THR F 294 25.88 14.53 -4.38
N GLU F 295 26.26 13.59 -3.51
CA GLU F 295 26.84 13.95 -2.22
C GLU F 295 28.15 14.70 -2.40
N GLY F 296 28.22 15.93 -1.86
CA GLY F 296 29.45 16.70 -1.93
C GLY F 296 29.77 17.29 -3.27
N ARG F 297 28.82 17.34 -4.19
CA ARG F 297 29.05 17.81 -5.55
C ARG F 297 28.01 18.86 -5.91
N LYS F 298 28.47 19.97 -6.49
CA LYS F 298 27.58 20.88 -7.20
C LYS F 298 27.19 20.28 -8.55
N ILE F 299 25.97 20.57 -8.98
CA ILE F 299 25.41 19.97 -10.20
C ILE F 299 24.90 21.07 -11.12
N VAL F 300 25.48 21.15 -12.33
CA VAL F 300 24.93 21.94 -13.43
C VAL F 300 24.23 20.98 -14.39
N HIS F 301 23.15 21.43 -15.02
CA HIS F 301 22.40 20.59 -15.96
C HIS F 301 21.88 21.46 -17.09
N ILE F 302 22.41 21.25 -18.29
CA ILE F 302 21.92 21.93 -19.49
C ILE F 302 21.15 20.91 -20.31
N ASP F 303 19.92 21.25 -20.68
CA ASP F 303 19.01 20.34 -21.34
C ASP F 303 18.04 21.15 -22.18
N ILE F 304 17.70 20.64 -23.37
CA ILE F 304 16.80 21.39 -24.23
C ILE F 304 15.36 21.38 -23.72
N GLU F 305 15.02 20.45 -22.83
CA GLU F 305 13.64 20.22 -22.42
C GLU F 305 13.43 20.68 -20.99
N PRO F 306 12.59 21.69 -20.74
CA PRO F 306 12.48 22.22 -19.37
C PRO F 306 12.08 21.18 -18.34
N THR F 307 11.22 20.23 -18.67
CA THR F 307 10.73 19.29 -17.67
C THR F 307 11.67 18.12 -17.46
N GLN F 308 12.79 18.06 -18.19
CA GLN F 308 13.86 17.17 -17.83
C GLN F 308 14.72 17.69 -16.67
N ILE F 309 14.61 18.97 -16.34
CA ILE F 309 15.48 19.60 -15.35
C ILE F 309 14.81 19.54 -13.99
N GLY F 310 15.42 18.81 -13.05
CA GLY F 310 14.81 18.54 -11.77
C GLY F 310 13.92 17.32 -11.74
N ARG F 311 13.82 16.58 -12.85
CA ARG F 311 12.94 15.42 -12.89
C ARG F 311 13.42 14.31 -11.95
N VAL F 312 14.74 14.15 -11.80
CA VAL F 312 15.27 13.11 -10.95
C VAL F 312 16.16 13.64 -9.82
N LEU F 313 16.68 14.86 -9.95
CA LEU F 313 17.40 15.52 -8.87
C LEU F 313 17.34 17.02 -9.12
N CYS F 314 17.56 17.80 -8.07
CA CYS F 314 17.49 19.25 -8.21
C CYS F 314 18.90 19.75 -8.51
N PRO F 315 19.16 20.26 -9.71
CA PRO F 315 20.46 20.87 -9.99
C PRO F 315 20.67 22.14 -9.18
N ASP F 316 21.94 22.41 -8.87
CA ASP F 316 22.27 23.73 -8.34
C ASP F 316 22.03 24.82 -9.36
N LEU F 317 22.20 24.50 -10.64
CA LEU F 317 21.92 25.43 -11.72
C LEU F 317 21.39 24.64 -12.90
N GLY F 318 20.14 24.90 -13.28
CA GLY F 318 19.52 24.26 -14.43
C GLY F 318 19.31 25.28 -15.52
N ILE F 319 19.66 24.90 -16.75
CA ILE F 319 19.61 25.81 -17.89
C ILE F 319 18.90 25.13 -19.03
N VAL F 320 17.83 25.74 -19.53
CA VAL F 320 17.15 25.26 -20.72
C VAL F 320 17.90 25.76 -21.94
N SER F 321 18.38 24.84 -22.77
CA SER F 321 19.14 25.26 -23.94
C SER F 321 19.45 24.07 -24.84
N ASP F 322 19.40 24.29 -26.14
CA ASP F 322 20.03 23.37 -27.08
C ASP F 322 21.52 23.27 -26.78
N ALA F 323 22.07 22.07 -26.87
CA ALA F 323 23.45 21.85 -26.44
C ALA F 323 24.44 22.58 -27.34
N LYS F 324 24.14 22.71 -28.63
CA LYS F 324 25.07 23.42 -29.51
C LYS F 324 25.05 24.92 -29.24
N ALA F 325 23.87 25.49 -29.03
CA ALA F 325 23.82 26.90 -28.67
C ALA F 325 24.52 27.14 -27.34
N ALA F 326 24.31 26.25 -26.38
CA ALA F 326 24.97 26.39 -25.09
C ALA F 326 26.49 26.29 -25.22
N LEU F 327 26.97 25.26 -25.93
CA LEU F 327 28.43 25.06 -26.02
C LEU F 327 29.11 26.18 -26.81
N THR F 328 28.43 26.73 -27.82
CA THR F 328 29.00 27.87 -28.54
C THR F 328 29.26 29.03 -27.59
N LEU F 329 28.30 29.33 -26.72
CA LEU F 329 28.48 30.39 -25.73
C LEU F 329 29.48 30.00 -24.65
N LEU F 330 29.48 28.72 -24.26
CA LEU F 330 30.44 28.28 -23.26
C LEU F 330 31.86 28.44 -23.77
N VAL F 331 32.08 28.16 -25.05
CA VAL F 331 33.42 28.33 -25.59
C VAL F 331 33.82 29.80 -25.60
N GLU F 332 32.88 30.68 -25.98
CA GLU F 332 33.20 32.10 -26.03
C GLU F 332 33.52 32.62 -24.63
N VAL F 333 32.73 32.24 -23.63
CA VAL F 333 32.96 32.71 -22.27
C VAL F 333 34.25 32.12 -21.70
N ALA F 334 34.55 30.86 -22.04
CA ALA F 334 35.79 30.25 -21.59
C ALA F 334 37.00 30.97 -22.15
N GLN F 335 36.94 31.36 -23.43
CA GLN F 335 38.04 32.09 -24.04
C GLN F 335 38.21 33.46 -23.41
N GLU F 336 37.10 34.09 -23.00
CA GLU F 336 37.19 35.35 -22.27
C GLU F 336 37.83 35.14 -20.91
N MET F 337 37.44 34.08 -20.21
CA MET F 337 38.04 33.79 -18.91
C MET F 337 39.51 33.39 -19.06
N GLN F 338 39.89 32.86 -20.21
CA GLN F 338 41.31 32.58 -20.47
C GLN F 338 42.09 33.87 -20.68
N LYS F 339 41.55 34.81 -21.48
CA LYS F 339 42.22 36.09 -21.68
C LYS F 339 42.34 36.88 -20.38
N ALA F 340 41.38 36.72 -19.48
CA ALA F 340 41.45 37.39 -18.19
C ALA F 340 42.30 36.64 -17.18
N GLY F 341 42.80 35.45 -17.52
CA GLY F 341 43.58 34.69 -16.57
C GLY F 341 42.77 34.12 -15.43
N ARG F 342 41.46 33.97 -15.61
CA ARG F 342 40.56 33.50 -14.57
C ARG F 342 40.33 31.99 -14.59
N LEU F 343 40.92 31.25 -15.53
CA LEU F 343 40.71 29.80 -15.60
C LEU F 343 41.76 29.11 -14.74
N PRO F 344 41.38 28.43 -13.66
CA PRO F 344 42.38 27.77 -12.82
C PRO F 344 43.08 26.65 -13.56
N CYS F 345 44.36 26.45 -13.23
CA CYS F 345 45.07 25.29 -13.72
C CYS F 345 44.55 24.04 -13.02
N ARG F 346 44.53 22.92 -13.76
CA ARG F 346 43.91 21.71 -13.23
C ARG F 346 44.78 20.47 -13.45
N LYS F 347 46.10 20.62 -13.65
CA LYS F 347 46.88 19.44 -14.00
C LYS F 347 46.95 18.44 -12.85
N GLU F 348 46.85 18.88 -11.60
CA GLU F 348 46.81 17.92 -10.50
C GLU F 348 45.56 17.04 -10.55
N TRP F 349 44.40 17.65 -10.83
CA TRP F 349 43.16 16.88 -10.88
C TRP F 349 43.11 16.01 -12.13
N VAL F 350 43.57 16.54 -13.26
CA VAL F 350 43.61 15.76 -14.49
C VAL F 350 44.51 14.54 -14.32
N ALA F 351 45.69 14.74 -13.74
CA ALA F 351 46.62 13.63 -13.54
C ALA F 351 46.03 12.59 -12.61
N ASP F 352 45.27 13.01 -11.60
CA ASP F 352 44.63 12.03 -10.71
C ASP F 352 43.68 11.14 -11.50
N CYS F 353 42.87 11.74 -12.38
CA CYS F 353 41.93 10.95 -13.16
C CYS F 353 42.67 10.03 -14.15
N GLN F 354 43.76 10.54 -14.75
CA GLN F 354 44.54 9.69 -15.65
C GLN F 354 45.18 8.54 -14.89
N GLN F 355 45.55 8.75 -13.63
CA GLN F 355 46.17 7.67 -12.87
C GLN F 355 45.18 6.54 -12.61
N ARG F 356 43.91 6.87 -12.36
CA ARG F 356 42.90 5.83 -12.19
C ARG F 356 42.74 5.02 -13.47
N LYS F 357 42.90 5.66 -14.63
CA LYS F 357 42.82 4.95 -15.91
C LYS F 357 43.99 4.00 -16.12
N ARG F 358 45.13 4.24 -15.46
CA ARG F 358 46.23 3.29 -15.54
C ARG F 358 46.06 2.09 -14.61
N THR F 359 45.19 2.19 -13.61
CA THR F 359 45.18 1.26 -12.48
C THR F 359 43.92 0.42 -12.37
N LEU F 360 42.73 1.04 -12.47
CA LEU F 360 41.48 0.37 -12.10
C LEU F 360 40.84 -0.25 -13.34
N LEU F 361 41.32 -1.42 -13.73
CA LEU F 361 40.94 -2.05 -14.99
C LEU F 361 40.30 -3.42 -14.74
N ARG F 362 39.92 -4.07 -15.84
CA ARG F 362 39.37 -5.42 -15.82
C ARG F 362 40.14 -6.26 -16.84
N LYS F 363 40.42 -7.50 -16.48
CA LYS F 363 41.17 -8.38 -17.37
C LYS F 363 40.35 -8.67 -18.62
N THR F 364 41.03 -8.67 -19.77
CA THR F 364 40.44 -9.14 -21.02
C THR F 364 41.26 -10.22 -21.70
N HIS F 365 42.54 -10.37 -21.36
CA HIS F 365 43.43 -11.29 -22.07
C HIS F 365 43.35 -12.69 -21.44
N PHE F 366 42.26 -13.40 -21.77
CA PHE F 366 42.01 -14.77 -21.32
C PHE F 366 42.34 -15.76 -22.44
N ASP F 367 43.08 -16.80 -22.10
CA ASP F 367 43.38 -17.87 -23.04
C ASP F 367 42.41 -19.04 -22.93
N ASN F 368 41.39 -18.91 -22.09
CA ASN F 368 40.51 -20.03 -21.76
C ASN F 368 39.81 -20.58 -22.99
N VAL F 369 39.57 -21.90 -22.96
CA VAL F 369 38.65 -22.56 -23.87
C VAL F 369 37.65 -23.32 -23.01
N PRO F 370 36.34 -23.08 -23.13
CA PRO F 370 35.65 -22.14 -24.02
C PRO F 370 35.97 -20.66 -23.73
N VAL F 371 35.81 -19.84 -24.76
CA VAL F 371 36.25 -18.45 -24.75
C VAL F 371 35.55 -17.63 -23.67
N LYS F 372 36.32 -16.78 -23.00
CA LYS F 372 35.75 -15.76 -22.13
C LYS F 372 35.31 -14.57 -22.98
N PRO F 373 34.10 -14.03 -22.77
CA PRO F 373 33.64 -12.94 -23.64
C PRO F 373 34.59 -11.73 -23.65
N GLN F 374 35.23 -11.41 -22.53
CA GLN F 374 36.03 -10.19 -22.53
C GLN F 374 37.20 -10.28 -23.49
N ARG F 375 37.67 -11.49 -23.82
CA ARG F 375 38.70 -11.64 -24.83
C ARG F 375 38.19 -11.25 -26.22
N VAL F 376 36.90 -11.43 -26.49
CA VAL F 376 36.37 -11.04 -27.80
C VAL F 376 36.48 -9.53 -27.99
N TYR F 377 36.17 -8.75 -26.96
CA TYR F 377 36.23 -7.31 -27.11
C TYR F 377 37.67 -6.83 -27.25
N GLU F 378 38.61 -7.53 -26.60
CA GLU F 378 40.02 -7.21 -26.82
C GLU F 378 40.41 -7.42 -28.27
N GLU F 379 40.02 -8.55 -28.87
CA GLU F 379 40.37 -8.77 -30.27
C GLU F 379 39.66 -7.78 -31.19
N MET F 380 38.44 -7.35 -30.83
CA MET F 380 37.74 -6.36 -31.64
C MET F 380 38.48 -5.03 -31.67
N ASN F 381 38.96 -4.58 -30.51
CA ASN F 381 39.73 -3.33 -30.47
C ASN F 381 40.98 -3.44 -31.34
N LYS F 382 41.59 -4.63 -31.39
CA LYS F 382 42.82 -4.79 -32.15
C LYS F 382 42.55 -4.90 -33.65
N ALA F 383 41.49 -5.61 -34.03
CA ALA F 383 41.27 -5.93 -35.44
C ALA F 383 40.65 -4.78 -36.23
N PHE F 384 39.71 -4.05 -35.63
CA PHE F 384 39.00 -3.05 -36.39
C PHE F 384 39.66 -1.68 -36.21
N GLY F 385 39.41 -0.80 -37.16
CA GLY F 385 40.09 0.47 -37.19
C GLY F 385 39.53 1.45 -36.16
N ARG F 386 40.19 2.59 -36.09
CA ARG F 386 39.77 3.69 -35.24
C ARG F 386 38.43 4.27 -35.66
N ASP F 387 38.04 4.11 -36.92
CA ASP F 387 36.78 4.62 -37.44
C ASP F 387 35.65 3.61 -37.31
N VAL F 388 35.85 2.53 -36.55
CA VAL F 388 34.81 1.52 -36.42
C VAL F 388 33.55 2.13 -35.82
N CYS F 389 32.38 1.64 -36.25
CA CYS F 389 31.09 2.08 -35.74
C CYS F 389 30.34 0.87 -35.20
N TYR F 390 30.16 0.82 -33.88
CA TYR F 390 29.55 -0.33 -33.23
C TYR F 390 28.03 -0.15 -33.08
N VAL F 391 27.32 -1.26 -33.19
CA VAL F 391 25.87 -1.29 -33.10
C VAL F 391 25.48 -2.46 -32.20
N THR F 392 24.68 -2.19 -31.17
CA THR F 392 24.37 -3.22 -30.19
C THR F 392 23.13 -2.80 -29.42
N THR F 393 22.56 -3.75 -28.67
CA THR F 393 21.32 -3.53 -27.95
C THR F 393 21.46 -3.75 -26.45
N ILE F 394 21.39 -5.00 -25.99
CA ILE F 394 21.28 -5.28 -24.56
C ILE F 394 21.68 -6.73 -24.32
N GLY F 395 22.11 -7.02 -23.10
CA GLY F 395 22.61 -8.32 -22.71
C GLY F 395 24.01 -8.21 -22.12
N LEU F 396 24.46 -9.34 -21.56
CA LEU F 396 25.85 -9.38 -21.15
C LEU F 396 26.75 -9.09 -22.33
N SER F 397 26.28 -9.45 -23.53
CA SER F 397 26.98 -9.13 -24.77
C SER F 397 27.31 -7.64 -24.88
N GLN F 398 26.32 -6.77 -24.64
CA GLN F 398 26.55 -5.33 -24.80
C GLN F 398 27.06 -4.64 -23.55
N ILE F 399 26.76 -5.16 -22.35
CA ILE F 399 27.28 -4.51 -21.15
C ILE F 399 28.79 -4.65 -21.10
N ALA F 400 29.29 -5.86 -21.29
CA ALA F 400 30.75 -6.06 -21.36
C ALA F 400 31.35 -5.36 -22.56
N ALA F 401 30.61 -5.30 -23.67
CA ALA F 401 31.12 -4.59 -24.83
C ALA F 401 31.31 -3.11 -24.53
N ALA F 402 30.35 -2.51 -23.82
CA ALA F 402 30.47 -1.11 -23.42
C ALA F 402 31.58 -0.89 -22.41
N GLN F 403 31.85 -1.89 -21.55
CA GLN F 403 32.95 -1.79 -20.57
C GLN F 403 34.33 -1.86 -21.21
N MET F 404 34.45 -2.45 -22.40
CA MET F 404 35.75 -2.89 -22.90
C MET F 404 36.05 -2.46 -24.32
N LEU F 405 35.06 -2.12 -25.13
CA LEU F 405 35.33 -1.60 -26.46
C LEU F 405 35.66 -0.12 -26.38
N HIS F 406 36.21 0.42 -27.46
CA HIS F 406 36.51 1.84 -27.51
C HIS F 406 36.06 2.44 -28.84
N VAL F 407 35.59 3.69 -28.75
CA VAL F 407 35.07 4.43 -29.90
C VAL F 407 35.69 5.81 -29.89
N PHE F 408 35.83 6.38 -31.09
CA PHE F 408 36.67 7.56 -31.28
C PHE F 408 35.96 8.67 -32.05
N LYS F 409 34.64 8.59 -32.22
CA LYS F 409 33.87 9.57 -32.99
C LYS F 409 32.42 9.51 -32.54
N ASP F 410 31.73 10.66 -32.56
CA ASP F 410 30.32 10.66 -32.23
C ASP F 410 29.52 9.90 -33.30
N ARG F 411 28.45 9.24 -32.84
CA ARG F 411 27.64 8.35 -33.68
C ARG F 411 28.44 7.15 -34.19
N HIS F 412 29.48 6.76 -33.45
CA HIS F 412 30.11 5.47 -33.66
C HIS F 412 29.80 4.49 -32.53
N TRP F 413 28.99 4.88 -31.54
CA TRP F 413 28.32 3.95 -30.65
C TRP F 413 26.82 4.10 -30.91
N ILE F 414 26.23 3.11 -31.59
CA ILE F 414 24.81 3.14 -31.95
C ILE F 414 24.08 2.12 -31.09
N ASN F 415 23.30 2.60 -30.12
CA ASN F 415 22.79 1.74 -29.08
C ASN F 415 21.47 2.32 -28.57
N CYS F 416 20.44 1.48 -28.53
CA CYS F 416 19.12 1.88 -28.03
C CYS F 416 19.16 1.82 -26.51
N GLY F 417 19.71 2.88 -25.91
CA GLY F 417 20.14 2.81 -24.52
C GLY F 417 19.03 2.73 -23.50
N GLN F 418 17.87 3.34 -23.77
CA GLN F 418 16.83 3.40 -22.75
C GLN F 418 15.79 2.28 -22.85
N ALA F 419 15.48 1.79 -24.06
CA ALA F 419 14.46 0.76 -24.20
C ALA F 419 15.04 -0.64 -24.44
N GLY F 420 16.15 -0.74 -25.18
CA GLY F 420 16.85 -2.00 -25.35
C GLY F 420 16.05 -3.20 -25.83
N PRO F 421 15.19 -3.04 -26.84
CA PRO F 421 14.44 -4.20 -27.35
C PRO F 421 15.34 -5.24 -28.01
N LEU F 422 15.13 -6.51 -27.66
CA LEU F 422 15.85 -7.60 -28.32
C LEU F 422 15.46 -7.66 -29.79
N GLY F 423 16.42 -8.00 -30.65
CA GLY F 423 16.24 -7.99 -32.10
C GLY F 423 16.56 -6.66 -32.77
N TRP F 424 16.88 -5.63 -32.00
CA TRP F 424 17.17 -4.31 -32.57
C TRP F 424 18.45 -4.31 -33.40
N THR F 425 19.41 -5.17 -33.07
CA THR F 425 20.78 -4.98 -33.56
C THR F 425 20.89 -5.17 -35.05
N ILE F 426 20.39 -6.29 -35.58
CA ILE F 426 20.58 -6.55 -37.02
C ILE F 426 19.92 -5.45 -37.85
N PRO F 427 18.62 -5.18 -37.69
CA PRO F 427 18.01 -4.11 -38.50
C PRO F 427 18.64 -2.74 -38.27
N ALA F 428 19.03 -2.42 -37.03
CA ALA F 428 19.62 -1.10 -36.81
C ALA F 428 20.95 -1.00 -37.53
N ALA F 429 21.73 -2.08 -37.50
CA ALA F 429 23.01 -2.07 -38.23
C ALA F 429 22.77 -1.90 -39.71
N LEU F 430 21.79 -2.62 -40.26
CA LEU F 430 21.47 -2.42 -41.67
C LEU F 430 21.04 -0.98 -41.95
N GLY F 431 20.33 -0.35 -41.00
CA GLY F 431 19.93 1.03 -41.20
C GLY F 431 21.10 2.00 -41.22
N VAL F 432 22.10 1.78 -40.36
CA VAL F 432 23.29 2.62 -40.39
C VAL F 432 24.03 2.45 -41.71
N CYS F 433 24.12 1.20 -42.20
CA CYS F 433 24.81 0.95 -43.47
C CYS F 433 24.12 1.65 -44.62
N ALA F 434 22.79 1.62 -44.63
CA ALA F 434 22.04 2.34 -45.66
C ALA F 434 22.25 3.84 -45.56
N ALA F 435 22.38 4.37 -44.34
CA ALA F 435 22.66 5.80 -44.19
C ALA F 435 24.06 6.15 -44.69
N ASP F 436 25.03 5.27 -44.48
CA ASP F 436 26.43 5.56 -44.79
C ASP F 436 27.13 4.29 -45.25
N PRO F 437 27.09 4.03 -46.56
CA PRO F 437 27.80 2.85 -47.11
C PRO F 437 29.30 2.82 -46.84
N LYS F 438 29.94 3.98 -46.65
CA LYS F 438 31.35 4.02 -46.27
C LYS F 438 31.61 3.69 -44.80
N ARG F 439 30.57 3.66 -43.97
CA ARG F 439 30.74 3.41 -42.54
C ARG F 439 31.22 1.99 -42.27
N ASN F 440 32.19 1.86 -41.37
CA ASN F 440 32.78 0.59 -40.98
C ASN F 440 31.95 0.01 -39.84
N VAL F 441 30.82 -0.61 -40.18
CA VAL F 441 29.84 -1.02 -39.18
C VAL F 441 30.17 -2.42 -38.67
N VAL F 442 30.20 -2.58 -37.34
CA VAL F 442 30.42 -3.86 -36.67
C VAL F 442 29.39 -3.98 -35.57
N ALA F 443 28.55 -5.00 -35.64
CA ALA F 443 27.51 -5.23 -34.64
C ALA F 443 28.00 -6.20 -33.56
N ILE F 444 27.38 -6.11 -32.37
CA ILE F 444 27.57 -7.08 -31.29
C ILE F 444 26.21 -7.54 -30.77
N SER F 445 26.01 -8.86 -30.71
CA SER F 445 24.79 -9.45 -30.18
C SER F 445 25.15 -10.69 -29.37
N GLY F 446 24.35 -10.98 -28.34
CA GLY F 446 24.28 -12.32 -27.81
C GLY F 446 23.35 -13.18 -28.65
N ASP F 447 23.31 -14.48 -28.36
CA ASP F 447 22.53 -15.37 -29.21
C ASP F 447 21.02 -15.06 -29.14
N PHE F 448 20.50 -14.67 -27.97
CA PHE F 448 19.05 -14.42 -27.90
C PHE F 448 18.66 -13.19 -28.73
N ASP F 449 19.38 -12.08 -28.54
CA ASP F 449 19.16 -10.87 -29.34
C ASP F 449 19.23 -11.20 -30.82
N PHE F 450 20.22 -12.00 -31.21
CA PHE F 450 20.43 -12.36 -32.61
C PHE F 450 19.25 -13.11 -33.20
N GLN F 451 18.54 -13.91 -32.40
CA GLN F 451 17.49 -14.74 -32.96
C GLN F 451 16.17 -14.02 -33.15
N PHE F 452 15.89 -12.99 -32.32
CA PHE F 452 14.58 -12.33 -32.36
C PHE F 452 14.20 -11.93 -33.78
N LEU F 453 15.09 -11.21 -34.46
CA LEU F 453 14.87 -10.75 -35.83
C LEU F 453 15.97 -11.29 -36.76
N ILE F 454 16.30 -12.58 -36.61
CA ILE F 454 17.39 -13.17 -37.38
C ILE F 454 17.12 -13.10 -38.87
N GLU F 455 15.84 -13.15 -39.28
CA GLU F 455 15.51 -13.16 -40.70
C GLU F 455 15.97 -11.89 -41.42
N GLU F 456 16.23 -10.79 -40.70
CA GLU F 456 16.64 -9.57 -41.36
C GLU F 456 18.00 -9.69 -42.03
N LEU F 457 18.78 -10.73 -41.67
CA LEU F 457 20.03 -10.97 -42.39
C LEU F 457 19.78 -11.15 -43.87
N ALA F 458 18.64 -11.73 -44.24
CA ALA F 458 18.31 -11.90 -45.64
C ALA F 458 18.09 -10.56 -46.35
N VAL F 459 17.70 -9.52 -45.60
CA VAL F 459 17.62 -8.20 -46.22
C VAL F 459 19.02 -7.75 -46.64
N GLY F 460 20.02 -8.01 -45.78
CA GLY F 460 21.38 -7.68 -46.16
C GLY F 460 21.89 -8.50 -47.33
N ALA F 461 21.39 -9.73 -47.49
CA ALA F 461 21.80 -10.51 -48.64
C ALA F 461 21.12 -10.02 -49.92
N GLN F 462 19.81 -9.75 -49.85
CA GLN F 462 19.07 -9.39 -51.06
C GLN F 462 19.51 -8.03 -51.59
N PHE F 463 19.57 -7.04 -50.73
CA PHE F 463 20.19 -5.76 -51.03
C PHE F 463 21.61 -5.92 -50.49
N ASN F 464 22.60 -5.66 -51.30
CA ASN F 464 23.92 -6.13 -50.89
C ASN F 464 24.46 -5.13 -49.87
N ILE F 465 24.13 -5.36 -48.60
CA ILE F 465 24.43 -4.43 -47.51
C ILE F 465 25.42 -5.09 -46.55
N PRO F 466 26.72 -4.87 -46.73
CA PRO F 466 27.70 -5.60 -45.92
C PRO F 466 28.04 -4.93 -44.60
N TYR F 467 28.15 -5.74 -43.56
CA TYR F 467 28.73 -5.34 -42.29
C TYR F 467 29.16 -6.63 -41.60
N ILE F 468 29.84 -6.49 -40.48
CA ILE F 468 30.31 -7.65 -39.72
C ILE F 468 29.50 -7.73 -38.44
N HIS F 469 28.88 -8.88 -38.20
CA HIS F 469 28.12 -9.12 -36.98
C HIS F 469 28.90 -10.06 -36.07
N VAL F 470 29.40 -9.53 -34.96
CA VAL F 470 30.02 -10.37 -33.94
C VAL F 470 28.92 -10.95 -33.05
N LEU F 471 28.81 -12.27 -33.04
CA LEU F 471 27.80 -12.99 -32.28
C LEU F 471 28.50 -13.78 -31.17
N VAL F 472 28.21 -13.43 -29.92
CA VAL F 472 28.79 -14.14 -28.78
C VAL F 472 27.71 -15.03 -28.18
N ASN F 473 27.93 -16.35 -28.29
CA ASN F 473 26.92 -17.39 -28.08
C ASN F 473 27.23 -18.15 -26.81
N ASN F 474 26.46 -17.90 -25.74
CA ASN F 474 26.53 -18.70 -24.53
C ASN F 474 25.36 -19.67 -24.38
N ALA F 475 24.50 -19.78 -25.40
CA ALA F 475 23.25 -20.58 -25.32
C ALA F 475 22.43 -20.22 -24.08
N TYR F 476 22.34 -18.92 -23.79
CA TYR F 476 21.75 -18.44 -22.54
C TYR F 476 21.10 -17.08 -22.77
N LEU F 477 20.08 -16.79 -21.97
CA LEU F 477 19.69 -15.41 -21.71
C LEU F 477 20.61 -14.93 -20.59
N GLY F 478 21.85 -14.63 -20.97
CA GLY F 478 22.90 -14.54 -19.95
C GLY F 478 22.63 -13.47 -18.92
N LEU F 479 22.16 -12.30 -19.36
CA LEU F 479 21.89 -11.22 -18.42
C LEU F 479 20.78 -11.62 -17.45
N ILE F 480 19.77 -12.34 -17.94
CA ILE F 480 18.68 -12.72 -17.05
C ILE F 480 19.14 -13.79 -16.08
N ARG F 481 19.97 -14.73 -16.54
CA ARG F 481 20.54 -15.72 -15.63
C ARG F 481 21.28 -15.03 -14.48
N GLN F 482 22.12 -14.04 -14.81
CA GLN F 482 22.82 -13.31 -13.76
C GLN F 482 21.83 -12.56 -12.89
N SER F 483 20.77 -12.02 -13.49
CA SER F 483 19.74 -11.34 -12.72
C SER F 483 19.05 -12.28 -11.73
N GLN F 484 18.93 -13.56 -12.10
CA GLN F 484 18.18 -14.52 -11.27
C GLN F 484 18.99 -15.07 -10.11
N MET F 485 20.28 -14.75 -10.01
CA MET F 485 21.07 -15.21 -8.88
C MET F 485 20.50 -14.67 -7.56
N ALA F 486 19.93 -13.47 -7.59
CA ALA F 486 19.28 -12.93 -6.40
C ALA F 486 18.09 -13.78 -5.98
N PHE F 487 17.51 -14.55 -6.90
CA PHE F 487 16.37 -15.40 -6.60
C PHE F 487 16.76 -16.87 -6.42
N ASP F 488 18.06 -17.18 -6.36
CA ASP F 488 18.55 -18.55 -6.14
C ASP F 488 17.96 -19.51 -7.16
N MET F 489 17.96 -19.11 -8.43
CA MET F 489 17.39 -19.96 -9.47
C MET F 489 18.09 -19.66 -10.79
N ASP F 490 17.99 -20.64 -11.69
CA ASP F 490 18.41 -20.54 -13.09
C ASP F 490 17.26 -21.17 -13.87
N TYR F 491 16.27 -20.35 -14.23
CA TYR F 491 14.94 -20.82 -14.61
C TYR F 491 14.48 -20.12 -15.89
N CYS F 492 14.18 -20.92 -16.92
CA CYS F 492 13.65 -20.43 -18.19
C CYS F 492 14.61 -19.49 -18.92
N VAL F 493 15.92 -19.66 -18.73
CA VAL F 493 16.89 -18.80 -19.40
C VAL F 493 17.85 -19.57 -20.29
N GLN F 494 17.72 -20.89 -20.39
CA GLN F 494 18.64 -21.67 -21.20
C GLN F 494 18.06 -21.90 -22.59
N LEU F 495 18.91 -21.72 -23.60
CA LEU F 495 18.55 -21.95 -24.99
C LEU F 495 19.18 -23.21 -25.57
N ALA F 496 19.95 -23.97 -24.78
CA ALA F 496 20.67 -25.12 -25.29
C ALA F 496 19.75 -26.30 -25.58
N PHE F 497 20.09 -27.05 -26.63
CA PHE F 497 19.49 -28.35 -26.90
C PHE F 497 20.41 -29.08 -27.88
N GLU F 498 20.28 -30.40 -27.91
CA GLU F 498 21.04 -31.18 -28.89
C GLU F 498 20.41 -30.98 -30.27
N ASN F 499 21.08 -30.23 -31.12
CA ASN F 499 20.58 -30.00 -32.47
C ASN F 499 20.76 -31.28 -33.28
N ILE F 500 19.64 -31.88 -33.70
CA ILE F 500 19.70 -33.18 -34.37
C ILE F 500 20.37 -33.11 -35.73
N ASN F 501 20.59 -31.92 -36.25
CA ASN F 501 21.26 -31.75 -37.53
C ASN F 501 22.70 -31.28 -37.41
N SER F 502 23.20 -31.01 -36.19
CA SER F 502 24.49 -30.33 -36.02
C SER F 502 25.11 -30.78 -34.70
N SER F 503 25.82 -31.91 -34.75
CA SER F 503 26.61 -32.32 -33.60
C SER F 503 27.71 -31.32 -33.28
N GLU F 504 28.15 -30.52 -34.27
CA GLU F 504 29.30 -29.64 -34.10
C GLU F 504 29.00 -28.42 -33.22
N VAL F 505 27.74 -28.10 -32.96
CA VAL F 505 27.43 -27.05 -31.98
C VAL F 505 27.44 -27.58 -30.55
N ASN F 506 27.62 -28.89 -30.36
CA ASN F 506 27.88 -29.47 -29.04
C ASN F 506 26.75 -29.18 -28.05
N GLY F 507 25.51 -29.26 -28.51
CA GLY F 507 24.39 -29.05 -27.62
C GLY F 507 24.09 -27.60 -27.30
N TYR F 508 24.66 -26.66 -28.05
CA TYR F 508 24.32 -25.25 -27.85
C TYR F 508 23.00 -24.87 -28.51
N GLY F 509 22.35 -25.79 -29.21
CA GLY F 509 21.06 -25.48 -29.82
C GLY F 509 21.13 -24.97 -31.24
N VAL F 510 20.73 -23.72 -31.46
CA VAL F 510 20.65 -23.22 -32.82
C VAL F 510 22.04 -23.21 -33.46
N ASP F 511 22.09 -23.64 -34.72
CA ASP F 511 23.31 -23.59 -35.52
C ASP F 511 23.30 -22.28 -36.31
N HIS F 512 23.96 -21.25 -35.78
CA HIS F 512 23.89 -19.91 -36.37
C HIS F 512 24.60 -19.83 -37.73
N VAL F 513 25.62 -20.66 -37.96
CA VAL F 513 26.29 -20.65 -39.26
C VAL F 513 25.35 -21.18 -40.35
N LYS F 514 24.65 -22.28 -40.06
CA LYS F 514 23.69 -22.80 -41.05
C LYS F 514 22.55 -21.83 -41.29
N VAL F 515 22.02 -21.20 -40.23
CA VAL F 515 20.92 -20.27 -40.42
C VAL F 515 21.39 -19.06 -41.22
N ALA F 516 22.55 -18.51 -40.87
CA ALA F 516 23.00 -17.30 -41.56
C ALA F 516 23.30 -17.58 -43.03
N GLU F 517 23.88 -18.75 -43.31
CA GLU F 517 24.14 -19.14 -44.70
C GLU F 517 22.84 -19.40 -45.46
N GLY F 518 21.86 -20.00 -44.80
CA GLY F 518 20.57 -20.19 -45.45
C GLY F 518 19.90 -18.87 -45.78
N LEU F 519 20.13 -17.83 -44.96
CA LEU F 519 19.63 -16.50 -45.25
C LEU F 519 20.47 -15.76 -46.29
N GLY F 520 21.51 -16.40 -46.82
CA GLY F 520 22.31 -15.80 -47.88
C GLY F 520 23.54 -15.05 -47.44
N CYS F 521 23.91 -15.12 -46.16
CA CYS F 521 25.07 -14.39 -45.68
C CYS F 521 26.25 -15.35 -45.52
N LYS F 522 27.37 -14.82 -45.06
CA LYS F 522 28.52 -15.63 -44.71
C LYS F 522 28.67 -15.71 -43.20
N ALA F 523 29.31 -16.77 -42.73
CA ALA F 523 29.44 -16.96 -41.30
C ALA F 523 30.66 -17.83 -41.00
N ILE F 524 31.28 -17.55 -39.85
CA ILE F 524 32.46 -18.24 -39.35
C ILE F 524 32.21 -18.53 -37.88
N ARG F 525 32.47 -19.77 -37.45
CA ARG F 525 32.37 -20.14 -36.05
C ARG F 525 33.75 -20.28 -35.44
N VAL F 526 33.91 -19.78 -34.22
CA VAL F 526 35.19 -19.70 -33.54
C VAL F 526 35.07 -20.37 -32.17
N PHE F 527 35.98 -21.30 -31.87
CA PHE F 527 36.01 -22.00 -30.60
C PHE F 527 37.17 -21.61 -29.71
N LYS F 528 38.29 -21.17 -30.27
CA LYS F 528 39.47 -20.91 -29.46
C LYS F 528 39.85 -19.44 -29.52
N PRO F 529 40.35 -18.86 -28.43
CA PRO F 529 40.62 -17.41 -28.43
C PRO F 529 41.58 -16.99 -29.51
N GLU F 530 42.58 -17.82 -29.83
CA GLU F 530 43.59 -17.44 -30.81
C GLU F 530 43.07 -17.44 -32.23
N ASP F 531 41.89 -18.02 -32.47
CA ASP F 531 41.25 -18.00 -33.78
C ASP F 531 40.36 -16.78 -34.01
N ILE F 532 40.15 -15.93 -33.00
CA ILE F 532 39.26 -14.79 -33.19
C ILE F 532 39.86 -13.80 -34.18
N ALA F 533 41.12 -13.41 -33.96
CA ALA F 533 41.75 -12.40 -34.82
C ALA F 533 41.79 -12.82 -36.29
N PRO F 534 42.25 -14.02 -36.65
CA PRO F 534 42.12 -14.46 -38.05
C PRO F 534 40.69 -14.48 -38.55
N ALA F 535 39.73 -14.78 -37.69
CA ALA F 535 38.33 -14.82 -38.12
C ALA F 535 37.85 -13.43 -38.53
N PHE F 536 38.20 -12.40 -37.76
CA PHE F 536 37.82 -11.05 -38.16
C PHE F 536 38.47 -10.67 -39.49
N GLU F 537 39.75 -11.05 -39.67
CA GLU F 537 40.40 -10.76 -40.95
C GLU F 537 39.74 -11.52 -42.08
N GLN F 538 39.31 -12.76 -41.82
CA GLN F 538 38.50 -13.49 -42.80
C GLN F 538 37.23 -12.74 -43.14
N ALA F 539 36.56 -12.21 -42.12
CA ALA F 539 35.27 -11.56 -42.33
C ALA F 539 35.41 -10.32 -43.20
N LYS F 540 36.48 -9.55 -43.00
CA LYS F 540 36.69 -8.38 -43.85
C LYS F 540 36.87 -8.78 -45.30
N ALA F 541 37.48 -9.95 -45.54
CA ALA F 541 37.71 -10.40 -46.92
C ALA F 541 36.44 -10.92 -47.55
N LEU F 542 35.67 -11.74 -46.81
CA LEU F 542 34.40 -12.23 -47.34
C LEU F 542 33.43 -11.08 -47.56
N MET F 543 33.47 -10.08 -46.69
CA MET F 543 32.60 -8.93 -46.84
C MET F 543 32.96 -8.12 -48.08
N ALA F 544 34.26 -7.97 -48.36
CA ALA F 544 34.68 -7.31 -49.59
C ALA F 544 34.31 -8.13 -50.83
N GLN F 545 34.39 -9.45 -50.73
CA GLN F 545 34.15 -10.27 -51.92
C GLN F 545 32.68 -10.44 -52.21
N TYR F 546 31.84 -10.55 -51.18
CA TYR F 546 30.44 -10.88 -51.41
C TYR F 546 29.47 -9.74 -51.15
N ARG F 547 29.89 -8.67 -50.45
CA ARG F 547 29.03 -7.53 -50.19
C ARG F 547 27.71 -7.99 -49.55
N VAL F 548 27.82 -8.86 -48.55
CA VAL F 548 26.71 -9.33 -47.72
C VAL F 548 27.17 -9.32 -46.27
N PRO F 549 26.23 -9.37 -45.33
CA PRO F 549 26.62 -9.46 -43.92
C PRO F 549 27.43 -10.72 -43.65
N VAL F 550 28.41 -10.61 -42.74
CA VAL F 550 29.27 -11.72 -42.33
C VAL F 550 29.18 -11.85 -40.82
N VAL F 551 28.70 -13.00 -40.34
CA VAL F 551 28.57 -13.27 -38.91
C VAL F 551 29.81 -14.01 -38.43
N VAL F 552 30.41 -13.52 -37.36
CA VAL F 552 31.49 -14.22 -36.68
C VAL F 552 30.92 -14.67 -35.34
N GLU F 553 30.63 -15.96 -35.23
CA GLU F 553 30.08 -16.52 -34.00
C GLU F 553 31.20 -17.03 -33.11
N VAL F 554 31.24 -16.56 -31.87
CA VAL F 554 32.22 -16.99 -30.89
C VAL F 554 31.51 -17.80 -29.82
N ILE F 555 31.90 -19.06 -29.67
CA ILE F 555 31.32 -19.96 -28.69
C ILE F 555 31.91 -19.58 -27.33
N LEU F 556 31.06 -19.06 -26.45
CA LEU F 556 31.49 -18.63 -25.13
C LEU F 556 31.37 -19.77 -24.13
N GLU F 557 32.09 -19.65 -23.03
CA GLU F 557 31.72 -20.44 -21.88
C GLU F 557 30.29 -20.09 -21.50
N ARG F 558 29.56 -21.07 -20.95
CA ARG F 558 28.12 -20.88 -20.77
C ARG F 558 27.80 -19.79 -19.76
N VAL F 559 28.65 -19.56 -18.78
CA VAL F 559 28.31 -18.72 -17.63
C VAL F 559 29.47 -17.78 -17.34
N THR F 560 29.23 -16.48 -17.54
CA THR F 560 30.19 -15.43 -17.17
C THR F 560 29.41 -14.31 -16.51
N ASN F 561 29.75 -14.01 -15.25
CA ASN F 561 29.09 -12.92 -14.53
C ASN F 561 29.85 -11.63 -14.79
N ILE F 562 29.17 -10.65 -15.40
CA ILE F 562 29.75 -9.35 -15.75
C ILE F 562 29.66 -8.41 -14.56
N SER F 563 30.65 -7.53 -14.43
CA SER F 563 30.68 -6.61 -13.31
C SER F 563 29.51 -5.63 -13.36
N MET F 564 28.88 -5.40 -12.21
CA MET F 564 27.72 -4.51 -12.10
C MET F 564 27.34 -4.42 -10.64
N GLY F 565 26.52 -3.41 -10.31
CA GLY F 565 26.13 -3.18 -8.94
C GLY F 565 24.92 -2.27 -8.89
N SER F 566 24.49 -1.96 -7.66
CA SER F 566 23.33 -1.11 -7.45
C SER F 566 23.69 0.34 -7.13
N GLU F 567 24.96 0.61 -6.84
CA GLU F 567 25.44 1.95 -6.56
C GLU F 567 26.83 2.09 -7.16
N LEU F 568 27.27 3.34 -7.31
CA LEU F 568 28.57 3.59 -7.93
C LEU F 568 29.70 3.00 -7.10
N ASP F 569 29.56 2.97 -5.78
CA ASP F 569 30.58 2.41 -4.90
C ASP F 569 30.33 0.94 -4.63
N ASN F 570 29.43 0.32 -5.39
CA ASN F 570 28.89 -1.00 -5.14
C ASN F 570 29.24 -2.01 -6.22
N VAL F 571 29.81 -1.60 -7.35
CA VAL F 571 29.90 -2.50 -8.49
C VAL F 571 30.73 -3.71 -8.09
N MET F 572 30.24 -4.90 -8.41
CA MET F 572 30.87 -6.15 -8.02
C MET F 572 31.71 -6.69 -9.17
N GLU F 573 32.96 -7.04 -8.87
CA GLU F 573 33.89 -7.59 -9.85
C GLU F 573 33.92 -9.10 -9.66
N PHE F 574 33.06 -9.80 -10.41
CA PHE F 574 33.10 -11.27 -10.40
C PHE F 574 34.34 -11.78 -11.12
N GLU F 575 34.59 -11.31 -12.33
CA GLU F 575 35.72 -11.78 -13.10
C GLU F 575 36.97 -11.01 -12.67
N ASP F 576 38.13 -11.55 -13.03
CA ASP F 576 39.38 -10.99 -12.54
C ASP F 576 39.52 -9.54 -12.97
N ILE F 577 39.92 -8.69 -12.03
CA ILE F 577 40.28 -7.30 -12.31
C ILE F 577 41.67 -7.32 -12.91
N ALA F 578 42.15 -6.15 -13.33
CA ALA F 578 43.50 -6.01 -13.87
C ALA F 578 44.06 -4.67 -13.40
N ASP F 579 45.40 -4.56 -13.42
CA ASP F 579 46.01 -3.28 -13.11
C ASP F 579 47.17 -2.96 -14.05
N ASN F 580 47.27 -3.65 -15.18
CA ASN F 580 48.37 -3.38 -16.11
C ASN F 580 48.00 -3.86 -17.49
N ALA F 581 48.75 -3.37 -18.48
CA ALA F 581 48.48 -3.61 -19.88
C ALA F 581 48.57 -5.08 -20.30
N ALA F 582 49.35 -5.90 -19.59
CA ALA F 582 49.44 -7.30 -20.00
C ALA F 582 48.10 -8.01 -19.83
N ASP F 583 47.33 -7.65 -18.81
CA ASP F 583 46.01 -8.22 -18.58
C ASP F 583 44.89 -7.47 -19.30
N ALA F 584 45.07 -6.16 -19.52
CA ALA F 584 44.07 -5.34 -20.22
C ALA F 584 44.79 -4.58 -21.32
N PRO F 585 45.25 -5.28 -22.36
CA PRO F 585 46.09 -4.66 -23.40
C PRO F 585 45.45 -3.50 -24.16
N THR F 586 44.12 -3.44 -24.31
CA THR F 586 43.55 -2.56 -25.32
C THR F 586 43.00 -1.24 -24.75
N GLU F 587 43.26 -0.92 -23.49
CA GLU F 587 42.99 0.46 -23.04
C GLU F 587 43.77 1.43 -23.92
N THR F 588 43.18 2.61 -24.18
CA THR F 588 43.79 3.56 -25.11
C THR F 588 45.12 4.10 -24.59
N CYS F 589 45.35 4.06 -23.27
CA CYS F 589 46.66 4.42 -22.74
C CYS F 589 47.74 3.45 -23.21
N PHE F 590 47.35 2.21 -23.52
CA PHE F 590 48.27 1.10 -23.72
C PHE F 590 48.51 0.76 -25.19
N MET F 591 47.65 1.19 -26.11
CA MET F 591 47.87 0.96 -27.53
C MET F 591 47.36 2.17 -28.32
N HIS F 592 48.00 2.39 -29.46
CA HIS F 592 47.61 3.44 -30.39
C HIS F 592 46.53 2.89 -31.31
N TYR F 593 45.43 3.62 -31.43
CA TYR F 593 44.32 3.16 -32.24
C TYR F 593 44.43 3.74 -33.65
N GLU F 594 44.52 2.85 -34.64
CA GLU F 594 44.64 3.21 -36.05
C GLU F 594 45.79 4.17 -36.27
#